data_7KZF
#
_entry.id   7KZF
#
_cell.length_a   1.00
_cell.length_b   1.00
_cell.length_c   1.00
_cell.angle_alpha   90.00
_cell.angle_beta   90.00
_cell.angle_gamma   90.00
#
_symmetry.space_group_name_H-M   'P 1'
#
_entity_poly.entity_id   1
_entity_poly.type   'polypeptide(L)'
_entity_poly.pdbx_seq_one_letter_code
;MSLWLPSEATVYLPPVPVSKVVSTDEYVARTNIYYHAGTSRLLAVGHPYFPIKKPNNNKILVPKVSGLQYRVFRIHLPDP
NKFGFPDTSFYNPDTQRLVWACVGVEVGRGQPLGVGISGHPLLNKLDDTENASAYAANAGVDNRECISMDYKQTQLCLIG
CKPPIGEHWGKGSPCTNVAVNPGDCPPLELINTVIQDGDMVDTGFGAMDFTTLQANKSEVPLDICTSICKYPDYIKMVSE
PYGDSLFFYLRREQMFVRHLFNRAGAVGENVPDDLYIKGSGSTANLASSNYFPTPSGSMVTSDAQIFNKPYWLQRAQGHN
NGICWGNQLFVTVVDTTRSTNMSLCAAISTSETTYKNTNFKEYLRHGEEYDLQFIFQLCKITLTADVMTYIHSMNSTILE
DWNFGLQPPPGGTLEDTYRFVTSQAIACQKHTPPAPKEDPLKKYTFWEVNLKEKFSADLDQFPLGRKFLLQAGLKAKPKF
TLGKRKATPTTSSTSTTAKRKKR
;
_entity_poly.pdbx_strand_id   F,B,C,D,E,A
#
# COMPACT_ATOMS: atom_id res chain seq x y z
N MET A 1 56.63 -62.82 0.36
CA MET A 1 57.23 -61.59 -0.16
C MET A 1 56.58 -60.36 0.48
N SER A 2 55.63 -59.75 -0.23
CA SER A 2 55.14 -58.43 0.10
C SER A 2 54.16 -58.51 1.26
N LEU A 3 54.46 -57.79 2.34
CA LEU A 3 53.46 -57.51 3.36
C LEU A 3 52.54 -56.40 2.86
N TRP A 4 51.25 -56.54 3.13
CA TRP A 4 50.31 -55.49 2.74
C TRP A 4 50.17 -54.46 3.84
N LEU A 5 50.90 -53.34 3.73
CA LEU A 5 50.86 -52.31 4.76
C LEU A 5 49.86 -51.24 4.36
N PRO A 6 49.14 -50.62 5.30
CA PRO A 6 48.10 -49.67 4.94
C PRO A 6 48.66 -48.34 4.44
N SER A 7 47.77 -47.54 3.89
CA SER A 7 48.08 -46.20 3.42
C SER A 7 46.85 -45.32 3.59
N GLU A 8 47.07 -44.06 3.95
CA GLU A 8 45.98 -43.16 4.28
C GLU A 8 46.08 -41.89 3.45
N ALA A 9 44.93 -41.30 3.17
CA ALA A 9 44.84 -40.01 2.50
C ALA A 9 43.40 -39.52 2.62
N THR A 10 43.26 -38.20 2.76
CA THR A 10 41.94 -37.63 2.91
C THR A 10 41.23 -37.56 1.56
N VAL A 11 40.01 -38.09 1.50
CA VAL A 11 39.22 -38.12 0.27
C VAL A 11 37.78 -37.82 0.62
N TYR A 12 37.05 -37.19 -0.30
CA TYR A 12 35.63 -36.93 -0.12
C TYR A 12 34.86 -37.98 -0.90
N LEU A 13 34.76 -39.19 -0.33
CA LEU A 13 34.11 -40.31 -1.00
C LEU A 13 32.63 -40.04 -1.18
N PRO A 14 31.97 -40.69 -2.14
CA PRO A 14 30.54 -40.45 -2.34
C PRO A 14 29.77 -40.69 -1.06
N PRO A 15 28.86 -39.80 -0.71
CA PRO A 15 28.15 -39.92 0.56
C PRO A 15 27.29 -41.18 0.60
N VAL A 16 27.10 -41.70 1.81
CA VAL A 16 26.13 -42.77 2.02
C VAL A 16 24.75 -42.21 1.70
N PRO A 17 23.98 -42.83 0.82
CA PRO A 17 22.71 -42.24 0.39
C PRO A 17 21.79 -41.99 1.57
N VAL A 18 20.82 -41.10 1.37
CA VAL A 18 19.92 -40.65 2.43
C VAL A 18 18.49 -40.65 1.89
N SER A 19 17.54 -40.58 2.80
CA SER A 19 16.14 -40.46 2.40
C SER A 19 15.91 -39.12 1.74
N LYS A 20 15.13 -39.11 0.68
CA LYS A 20 14.95 -37.94 -0.17
C LYS A 20 13.50 -37.49 -0.10
N VAL A 21 13.29 -36.18 0.02
CA VAL A 21 11.95 -35.61 0.03
C VAL A 21 11.54 -35.33 -1.41
N VAL A 22 10.46 -35.96 -1.86
CA VAL A 22 9.96 -35.77 -3.21
C VAL A 22 8.79 -34.80 -3.18
N SER A 23 8.55 -34.17 -4.31
CA SER A 23 7.43 -33.25 -4.42
C SER A 23 6.11 -34.01 -4.37
N THR A 24 5.11 -33.42 -3.73
CA THR A 24 3.80 -34.05 -3.65
C THR A 24 3.21 -34.29 -5.03
N ASP A 25 3.75 -33.64 -6.04
CA ASP A 25 3.37 -33.84 -7.43
C ASP A 25 3.71 -35.22 -7.94
N GLU A 26 4.29 -36.09 -7.11
CA GLU A 26 4.73 -37.41 -7.56
C GLU A 26 3.84 -38.54 -7.07
N TYR A 27 3.19 -38.37 -5.92
CA TYR A 27 2.32 -39.40 -5.38
C TYR A 27 0.90 -38.91 -5.06
N VAL A 28 0.65 -37.60 -5.11
CA VAL A 28 -0.69 -37.07 -4.92
C VAL A 28 -1.26 -36.71 -6.28
N ALA A 29 -2.36 -37.35 -6.66
CA ALA A 29 -2.97 -37.15 -7.97
C ALA A 29 -4.13 -36.18 -7.85
N ARG A 30 -4.13 -35.18 -8.73
CA ARG A 30 -5.14 -34.12 -8.66
C ARG A 30 -6.40 -34.52 -9.42
N THR A 31 -7.55 -34.33 -8.80
CA THR A 31 -8.83 -34.51 -9.44
C THR A 31 -9.41 -33.14 -9.82
N ASN A 32 -10.31 -33.13 -10.79
CA ASN A 32 -10.87 -31.88 -11.29
C ASN A 32 -12.13 -31.47 -10.53
N ILE A 33 -12.23 -31.84 -9.26
CA ILE A 33 -13.36 -31.46 -8.41
C ILE A 33 -12.90 -30.33 -7.50
N TYR A 34 -13.40 -29.13 -7.73
CA TYR A 34 -13.03 -27.96 -6.95
C TYR A 34 -14.18 -27.55 -6.03
N TYR A 35 -13.83 -26.96 -4.89
CA TYR A 35 -14.81 -26.56 -3.90
C TYR A 35 -14.45 -25.18 -3.34
N HIS A 36 -15.48 -24.37 -3.12
CA HIS A 36 -15.33 -23.06 -2.51
C HIS A 36 -15.56 -23.16 -1.01
N ALA A 37 -14.83 -22.36 -0.25
CA ALA A 37 -14.95 -22.37 1.20
C ALA A 37 -14.65 -20.98 1.72
N GLY A 38 -15.64 -20.35 2.36
CA GLY A 38 -15.47 -19.01 2.86
C GLY A 38 -16.05 -18.78 4.23
N THR A 39 -15.43 -17.89 5.00
CA THR A 39 -15.93 -17.52 6.32
C THR A 39 -16.97 -16.42 6.20
N SER A 40 -17.85 -16.34 7.19
CA SER A 40 -18.94 -15.38 7.09
C SER A 40 -18.43 -13.95 7.07
N ARG A 41 -17.97 -13.47 8.21
CA ARG A 41 -17.24 -12.23 8.33
C ARG A 41 -16.70 -12.17 9.75
N LEU A 42 -15.39 -12.00 9.90
CA LEU A 42 -14.75 -12.20 11.19
C LEU A 42 -14.49 -10.85 11.85
N LEU A 43 -15.24 -10.55 12.89
CA LEU A 43 -15.18 -9.28 13.61
C LEU A 43 -14.51 -9.49 14.96
N ALA A 44 -13.85 -8.44 15.46
CA ALA A 44 -13.22 -8.49 16.77
C ALA A 44 -13.03 -7.07 17.28
N VAL A 45 -13.66 -6.76 18.41
CA VAL A 45 -13.54 -5.45 19.04
C VAL A 45 -12.83 -5.62 20.38
N GLY A 46 -11.92 -4.71 20.69
CA GLY A 46 -11.22 -4.76 21.94
C GLY A 46 -10.43 -3.50 22.20
N HIS A 47 -9.61 -3.55 23.24
CA HIS A 47 -8.73 -2.43 23.52
C HIS A 47 -7.42 -2.60 22.78
N PRO A 48 -6.81 -1.53 22.28
CA PRO A 48 -5.58 -1.68 21.48
C PRO A 48 -4.33 -1.92 22.29
N TYR A 49 -4.31 -1.57 23.57
CA TYR A 49 -3.07 -1.58 24.35
C TYR A 49 -2.99 -2.72 25.35
N PHE A 50 -4.05 -2.97 26.10
CA PHE A 50 -4.05 -3.99 27.13
C PHE A 50 -5.43 -4.62 27.20
N PRO A 51 -5.53 -5.83 27.75
CA PRO A 51 -6.86 -6.40 28.02
C PRO A 51 -7.45 -5.84 29.30
N ILE A 52 -8.70 -5.41 29.21
CA ILE A 52 -9.41 -4.88 30.35
C ILE A 52 -9.87 -6.02 31.24
N LYS A 53 -9.70 -5.85 32.55
CA LYS A 53 -10.19 -6.83 33.52
C LYS A 53 -10.47 -6.11 34.83
N LYS A 54 -11.56 -6.51 35.48
CA LYS A 54 -11.95 -5.90 36.74
C LYS A 54 -10.97 -6.35 37.83
N PRO A 55 -10.46 -5.42 38.65
CA PRO A 55 -9.30 -5.75 39.50
C PRO A 55 -9.55 -6.84 40.53
N ASN A 56 -10.72 -6.85 41.17
CA ASN A 56 -10.97 -7.84 42.21
C ASN A 56 -11.13 -9.24 41.63
N ASN A 57 -11.63 -9.36 40.40
CA ASN A 57 -11.68 -10.60 39.67
C ASN A 57 -10.46 -10.70 38.75
N ASN A 58 -10.45 -11.73 37.91
CA ASN A 58 -9.45 -11.86 36.85
C ASN A 58 -10.07 -12.33 35.54
N LYS A 59 -11.26 -11.84 35.23
CA LYS A 59 -11.96 -12.20 34.00
C LYS A 59 -11.79 -11.08 32.98
N ILE A 60 -11.56 -11.45 31.73
CA ILE A 60 -11.31 -10.46 30.68
C ILE A 60 -12.64 -9.92 30.19
N LEU A 61 -12.86 -8.62 30.36
CA LEU A 61 -14.07 -7.97 29.91
C LEU A 61 -13.93 -7.49 28.46
N VAL A 62 -12.81 -6.85 28.15
CA VAL A 62 -12.49 -6.39 26.81
C VAL A 62 -11.13 -6.97 26.45
N PRO A 63 -11.03 -7.81 25.42
CA PRO A 63 -9.72 -8.35 25.04
C PRO A 63 -8.86 -7.29 24.39
N LYS A 64 -7.62 -7.68 24.05
CA LYS A 64 -6.67 -6.77 23.43
C LYS A 64 -6.64 -7.05 21.93
N VAL A 65 -7.09 -6.09 21.13
CA VAL A 65 -7.19 -6.24 19.68
C VAL A 65 -6.54 -5.00 19.06
N SER A 66 -5.27 -5.10 18.70
CA SER A 66 -4.56 -4.03 18.03
C SER A 66 -4.26 -4.44 16.59
N GLY A 67 -3.90 -3.45 15.78
CA GLY A 67 -3.51 -3.72 14.41
C GLY A 67 -2.18 -4.42 14.27
N LEU A 68 -1.38 -4.43 15.34
CA LEU A 68 -0.02 -4.95 15.30
C LEU A 68 0.11 -6.33 15.92
N GLN A 69 -0.93 -7.15 15.85
CA GLN A 69 -0.87 -8.52 16.32
C GLN A 69 -0.86 -9.48 15.14
N TYR A 70 -0.33 -10.68 15.38
CA TYR A 70 -0.47 -11.75 14.40
C TYR A 70 -1.88 -12.30 14.45
N ARG A 71 -2.47 -12.49 13.27
CA ARG A 71 -3.77 -13.14 13.13
C ARG A 71 -3.53 -14.49 12.50
N VAL A 72 -3.28 -15.50 13.34
CA VAL A 72 -3.04 -16.86 12.86
C VAL A 72 -4.37 -17.59 12.90
N PHE A 73 -4.96 -17.81 11.72
CA PHE A 73 -6.20 -18.55 11.59
C PHE A 73 -5.86 -20.01 11.44
N ARG A 74 -6.63 -20.86 12.09
CA ARG A 74 -6.44 -22.31 12.00
C ARG A 74 -7.68 -22.88 11.33
N ILE A 75 -7.69 -22.90 10.01
CA ILE A 75 -8.84 -23.36 9.25
C ILE A 75 -9.04 -24.85 9.52
N HIS A 76 -10.30 -25.28 9.51
CA HIS A 76 -10.64 -26.69 9.66
C HIS A 76 -11.46 -27.13 8.46
N LEU A 77 -10.93 -28.07 7.70
CA LEU A 77 -11.59 -28.52 6.50
C LEU A 77 -12.34 -29.82 6.76
N PRO A 78 -13.42 -30.07 6.03
CA PRO A 78 -14.13 -31.34 6.21
C PRO A 78 -13.27 -32.51 5.76
N ASP A 79 -13.44 -33.62 6.45
CA ASP A 79 -12.70 -34.83 6.14
C ASP A 79 -13.14 -35.34 4.78
N PRO A 80 -12.29 -35.30 3.74
CA PRO A 80 -12.75 -35.70 2.41
C PRO A 80 -13.05 -37.18 2.28
N ASN A 81 -12.61 -38.01 3.23
CA ASN A 81 -12.95 -39.43 3.22
C ASN A 81 -14.34 -39.71 3.76
N LYS A 82 -15.05 -38.68 4.22
CA LYS A 82 -16.44 -38.81 4.68
C LYS A 82 -17.34 -37.81 3.97
N PHE A 83 -17.20 -37.66 2.66
CA PHE A 83 -17.85 -36.59 1.91
C PHE A 83 -18.77 -37.15 0.83
N GLY A 84 -19.76 -36.34 0.44
CA GLY A 84 -20.63 -36.67 -0.67
C GLY A 84 -20.37 -35.81 -1.89
N PHE A 85 -19.72 -36.38 -2.89
CA PHE A 85 -19.43 -35.68 -4.13
C PHE A 85 -20.51 -35.97 -5.16
N PRO A 86 -20.44 -35.36 -6.34
CA PRO A 86 -21.34 -35.81 -7.43
C PRO A 86 -21.31 -37.31 -7.64
N ASP A 87 -20.14 -37.93 -7.51
CA ASP A 87 -20.00 -39.37 -7.44
C ASP A 87 -18.85 -39.70 -6.49
N THR A 88 -18.99 -40.82 -5.77
CA THR A 88 -18.10 -41.12 -4.66
C THR A 88 -17.22 -42.35 -4.88
N SER A 89 -17.73 -43.33 -5.63
CA SER A 89 -16.97 -44.54 -5.90
C SER A 89 -15.84 -44.31 -6.89
N PHE A 90 -15.28 -43.10 -6.86
CA PHE A 90 -14.17 -42.76 -7.74
C PHE A 90 -12.83 -43.15 -7.11
N TYR A 91 -12.87 -43.48 -5.83
CA TYR A 91 -11.67 -43.88 -5.10
C TYR A 91 -11.99 -44.99 -4.10
N ASN A 92 -11.28 -46.10 -4.21
CA ASN A 92 -11.48 -47.24 -3.33
C ASN A 92 -10.98 -46.93 -1.91
N PRO A 93 -11.89 -46.98 -0.93
CA PRO A 93 -11.53 -46.72 0.47
C PRO A 93 -10.55 -47.72 1.07
N ASP A 94 -10.26 -48.83 0.39
CA ASP A 94 -9.39 -49.85 0.96
C ASP A 94 -7.95 -49.75 0.46
N THR A 95 -7.71 -48.96 -0.58
CA THR A 95 -6.37 -48.76 -1.10
C THR A 95 -6.08 -47.32 -1.48
N GLN A 96 -6.90 -46.37 -1.04
CA GLN A 96 -6.72 -44.96 -1.40
C GLN A 96 -7.22 -44.09 -0.27
N ARG A 97 -6.81 -42.83 -0.31
CA ARG A 97 -7.28 -41.82 0.62
C ARG A 97 -7.34 -40.48 -0.10
N LEU A 98 -8.20 -39.59 0.38
CA LEU A 98 -8.39 -38.29 -0.22
C LEU A 98 -7.76 -37.21 0.66
N VAL A 99 -7.54 -36.05 0.05
CA VAL A 99 -6.98 -34.90 0.76
C VAL A 99 -7.30 -33.66 -0.07
N TRP A 100 -7.31 -32.51 0.57
CA TRP A 100 -7.57 -31.25 -0.10
C TRP A 100 -6.25 -30.58 -0.48
N ALA A 101 -6.30 -29.73 -1.49
CA ALA A 101 -5.18 -28.91 -1.89
C ALA A 101 -5.65 -27.48 -2.10
N CYS A 102 -4.94 -26.52 -1.53
CA CYS A 102 -5.29 -25.12 -1.67
C CYS A 102 -4.87 -24.65 -3.06
N VAL A 103 -5.84 -24.16 -3.84
CA VAL A 103 -5.62 -23.77 -5.22
C VAL A 103 -5.69 -22.26 -5.32
N GLY A 104 -6.44 -21.64 -4.43
CA GLY A 104 -6.58 -20.20 -4.42
C GLY A 104 -7.05 -19.73 -3.06
N VAL A 105 -6.75 -18.48 -2.75
CA VAL A 105 -7.04 -17.91 -1.45
C VAL A 105 -7.22 -16.41 -1.60
N GLU A 106 -8.09 -15.83 -0.78
CA GLU A 106 -8.29 -14.39 -0.75
C GLU A 106 -8.60 -13.99 0.68
N VAL A 107 -7.84 -13.03 1.21
CA VAL A 107 -8.04 -12.52 2.56
C VAL A 107 -8.78 -11.20 2.44
N GLY A 108 -10.06 -11.21 2.74
CA GLY A 108 -10.81 -9.97 2.74
C GLY A 108 -10.45 -9.11 3.95
N ARG A 109 -10.58 -7.80 3.76
CA ARG A 109 -10.32 -6.84 4.82
C ARG A 109 -11.36 -5.75 4.74
N GLY A 110 -11.93 -5.38 5.87
CA GLY A 110 -13.13 -4.57 5.85
C GLY A 110 -12.99 -3.11 6.21
N GLN A 111 -12.22 -2.79 7.23
CA GLN A 111 -12.24 -1.43 7.75
C GLN A 111 -11.48 -0.48 6.82
N PRO A 112 -11.72 0.82 6.94
CA PRO A 112 -10.98 1.77 6.12
C PRO A 112 -9.51 1.81 6.50
N LEU A 113 -8.69 2.23 5.54
CA LEU A 113 -7.27 2.36 5.80
C LEU A 113 -7.02 3.40 6.89
N GLY A 114 -5.88 3.29 7.55
CA GLY A 114 -5.57 4.21 8.61
C GLY A 114 -4.43 3.75 9.50
N VAL A 115 -3.76 4.69 10.14
CA VAL A 115 -2.63 4.40 11.01
C VAL A 115 -3.03 4.78 12.44
N GLY A 116 -2.77 3.87 13.37
CA GLY A 116 -3.01 4.13 14.77
C GLY A 116 -1.70 4.18 15.55
N ILE A 117 -1.68 5.05 16.55
CA ILE A 117 -0.46 5.35 17.30
C ILE A 117 -0.59 4.82 18.71
N SER A 118 0.54 4.49 19.31
CA SER A 118 0.58 4.02 20.69
C SER A 118 1.76 4.67 21.39
N GLY A 119 1.83 4.47 22.70
CA GLY A 119 2.90 5.07 23.48
C GLY A 119 2.78 4.68 24.93
N HIS A 120 3.73 5.16 25.72
CA HIS A 120 3.79 4.90 27.14
C HIS A 120 3.51 6.20 27.89
N PRO A 121 2.72 6.17 28.97
CA PRO A 121 2.59 7.38 29.80
C PRO A 121 3.86 7.72 30.53
N LEU A 122 4.72 6.73 30.80
CA LEU A 122 6.03 6.94 31.41
C LEU A 122 7.04 6.21 30.55
N LEU A 123 7.54 6.87 29.50
CA LEU A 123 8.52 6.27 28.61
C LEU A 123 9.90 6.79 28.95
N ASN A 124 10.87 5.88 29.00
CA ASN A 124 12.22 6.23 29.44
C ASN A 124 12.93 6.99 28.34
N LYS A 125 12.73 8.30 28.30
CA LYS A 125 13.51 9.18 27.44
C LYS A 125 14.14 10.25 28.31
N LEU A 126 15.42 10.54 28.06
CA LEU A 126 16.12 11.56 28.83
C LEU A 126 16.04 12.91 28.13
N ASP A 127 16.56 13.01 26.91
CA ASP A 127 16.51 14.25 26.17
C ASP A 127 16.54 13.96 24.68
N ASP A 128 16.02 14.90 23.90
CA ASP A 128 16.02 14.82 22.45
C ASP A 128 17.43 15.10 21.94
N THR A 129 18.07 14.10 21.35
CA THR A 129 19.43 14.24 20.87
C THR A 129 19.51 14.51 19.38
N GLU A 130 18.37 14.70 18.71
CA GLU A 130 18.39 15.03 17.29
C GLU A 130 19.04 16.38 17.06
N ASN A 131 18.46 17.43 17.66
CA ASN A 131 19.05 18.77 17.65
C ASN A 131 18.91 19.32 19.06
N ALA A 132 20.03 19.44 19.77
CA ALA A 132 20.05 19.94 21.14
C ALA A 132 20.80 21.26 21.15
N SER A 133 20.15 22.32 21.63
CA SER A 133 20.78 23.64 21.64
C SER A 133 22.02 23.68 22.51
N ALA A 134 21.97 23.07 23.69
CA ALA A 134 23.12 23.07 24.59
C ALA A 134 23.02 21.85 25.50
N TYR A 135 24.01 21.71 26.38
CA TYR A 135 24.04 20.59 27.31
C TYR A 135 22.90 20.71 28.31
N ALA A 136 22.23 19.59 28.56
CA ALA A 136 21.09 19.59 29.47
C ALA A 136 21.58 19.51 30.92
N ALA A 137 20.63 19.30 31.83
CA ALA A 137 20.95 19.10 33.24
C ALA A 137 21.38 17.65 33.44
N ASN A 138 21.51 17.23 34.69
CA ASN A 138 21.84 15.84 35.00
C ASN A 138 20.57 15.10 35.39
N ALA A 139 20.51 13.82 35.02
CA ALA A 139 19.34 13.01 35.29
C ALA A 139 19.08 12.90 36.78
N GLY A 140 17.90 13.36 37.20
CA GLY A 140 17.49 13.22 38.58
C GLY A 140 16.93 11.83 38.83
N VAL A 141 15.80 11.76 39.52
CA VAL A 141 15.09 10.51 39.74
C VAL A 141 13.82 10.53 38.92
N ASP A 142 13.57 9.46 38.17
CA ASP A 142 12.34 9.30 37.40
C ASP A 142 12.16 10.42 36.38
N ASN A 143 13.05 10.45 35.39
CA ASN A 143 13.00 11.38 34.27
C ASN A 143 12.05 10.93 33.15
N ARG A 144 11.13 10.02 33.43
CA ARG A 144 10.30 9.46 32.38
C ARG A 144 9.29 10.48 31.85
N GLU A 145 8.78 10.21 30.65
CA GLU A 145 7.90 11.12 29.94
C GLU A 145 6.77 10.35 29.28
N CYS A 146 5.75 11.09 28.84
CA CYS A 146 4.63 10.54 28.11
C CYS A 146 4.89 10.78 26.62
N ILE A 147 5.08 9.70 25.87
CA ILE A 147 5.51 9.78 24.48
C ILE A 147 4.79 8.71 23.69
N SER A 148 4.20 9.12 22.55
CA SER A 148 3.51 8.21 21.65
C SER A 148 4.26 8.14 20.33
N MET A 149 3.94 7.12 19.53
CA MET A 149 4.65 6.91 18.28
C MET A 149 3.83 5.99 17.38
N ASP A 150 3.86 6.30 16.10
CA ASP A 150 3.30 5.40 15.09
C ASP A 150 4.36 4.38 14.72
N TYR A 151 3.96 3.13 14.55
CA TYR A 151 4.91 2.03 14.48
C TYR A 151 5.43 1.84 13.07
N LYS A 152 6.14 0.75 12.86
CA LYS A 152 6.61 0.35 11.55
C LYS A 152 5.50 -0.36 10.79
N GLN A 153 5.28 0.06 9.55
CA GLN A 153 4.20 -0.49 8.74
C GLN A 153 4.59 -1.88 8.25
N THR A 154 3.64 -2.81 8.32
CA THR A 154 3.92 -4.21 8.02
C THR A 154 2.68 -4.87 7.44
N GLN A 155 2.87 -5.70 6.42
CA GLN A 155 1.84 -6.58 5.90
C GLN A 155 2.50 -7.90 5.57
N LEU A 156 1.84 -9.01 5.92
CA LEU A 156 2.34 -10.31 5.49
C LEU A 156 1.19 -11.29 5.48
N CYS A 157 1.38 -12.37 4.73
CA CYS A 157 0.35 -13.41 4.59
C CYS A 157 1.07 -14.73 4.35
N LEU A 158 1.15 -15.56 5.39
CA LEU A 158 1.73 -16.89 5.28
C LEU A 158 0.61 -17.92 5.21
N ILE A 159 0.82 -18.96 4.41
CA ILE A 159 -0.15 -20.04 4.26
C ILE A 159 0.59 -21.36 4.29
N GLY A 160 0.10 -22.28 5.10
CA GLY A 160 0.73 -23.60 5.21
C GLY A 160 -0.18 -24.52 5.97
N CYS A 161 0.19 -25.80 5.98
CA CYS A 161 -0.56 -26.80 6.72
C CYS A 161 -0.01 -27.03 8.11
N LYS A 162 0.98 -26.24 8.53
CA LYS A 162 1.55 -26.26 9.87
C LYS A 162 1.63 -24.84 10.40
N PRO A 163 1.59 -24.66 11.72
CA PRO A 163 1.68 -23.32 12.27
C PRO A 163 3.01 -22.68 11.93
N PRO A 164 3.04 -21.38 11.72
CA PRO A 164 4.28 -20.72 11.35
C PRO A 164 5.26 -20.66 12.51
N ILE A 165 6.52 -20.38 12.18
CA ILE A 165 7.60 -20.32 13.15
C ILE A 165 8.13 -18.90 13.20
N GLY A 166 8.19 -18.35 14.41
CA GLY A 166 8.69 -17.00 14.59
C GLY A 166 9.97 -16.97 15.40
N GLU A 167 10.76 -15.91 15.24
CA GLU A 167 12.03 -15.79 15.93
C GLU A 167 12.04 -14.52 16.76
N HIS A 168 12.70 -14.58 17.92
CA HIS A 168 12.88 -13.40 18.74
C HIS A 168 14.12 -13.57 19.59
N TRP A 169 14.74 -12.46 19.94
CA TRP A 169 15.88 -12.46 20.85
C TRP A 169 15.37 -12.55 22.28
N GLY A 170 15.87 -13.54 23.03
CA GLY A 170 15.43 -13.74 24.39
C GLY A 170 16.61 -13.90 25.32
N LYS A 171 16.32 -13.83 26.62
CA LYS A 171 17.37 -13.98 27.62
C LYS A 171 17.86 -15.42 27.67
N GLY A 172 19.19 -15.60 27.67
CA GLY A 172 19.80 -16.89 27.77
C GLY A 172 20.51 -17.07 29.10
N SER A 173 21.00 -18.27 29.32
CA SER A 173 21.72 -18.56 30.54
C SER A 173 23.21 -18.32 30.33
N PRO A 174 23.86 -17.54 31.18
CA PRO A 174 25.30 -17.28 31.00
C PRO A 174 26.13 -18.49 31.33
N CYS A 175 27.37 -18.48 30.84
CA CYS A 175 28.30 -19.56 31.12
C CYS A 175 28.71 -19.54 32.59
N THR A 176 29.05 -20.72 33.12
CA THR A 176 29.42 -20.81 34.52
C THR A 176 30.90 -20.47 34.71
N ASN A 177 31.33 -19.35 34.14
CA ASN A 177 32.68 -18.83 34.31
C ASN A 177 32.68 -17.38 34.76
N VAL A 178 31.65 -16.62 34.37
CA VAL A 178 31.54 -15.21 34.68
C VAL A 178 30.84 -15.04 36.01
N ALA A 179 31.24 -14.01 36.76
CA ALA A 179 30.51 -13.64 37.97
C ALA A 179 29.37 -12.71 37.60
N VAL A 180 28.13 -13.17 37.78
CA VAL A 180 26.96 -12.45 37.34
C VAL A 180 26.61 -11.43 38.43
N ASN A 181 27.22 -10.26 38.34
CA ASN A 181 26.95 -9.20 39.29
C ASN A 181 25.48 -8.79 39.21
N PRO A 182 24.89 -8.40 40.34
CA PRO A 182 23.49 -7.94 40.33
C PRO A 182 23.36 -6.68 39.48
N GLY A 183 22.62 -6.80 38.38
CA GLY A 183 22.43 -5.70 37.46
C GLY A 183 23.20 -5.79 36.17
N ASP A 184 23.73 -6.95 35.80
CA ASP A 184 24.51 -7.11 34.59
C ASP A 184 23.61 -7.28 33.37
N CYS A 185 24.20 -7.13 32.21
CA CYS A 185 23.45 -7.24 30.96
C CYS A 185 23.09 -8.69 30.71
N PRO A 186 21.84 -9.00 30.38
CA PRO A 186 21.44 -10.39 30.17
C PRO A 186 22.01 -10.92 28.85
N PRO A 187 22.55 -12.14 28.86
CA PRO A 187 23.07 -12.72 27.61
C PRO A 187 21.95 -13.04 26.64
N LEU A 188 22.15 -12.67 25.39
CA LEU A 188 21.14 -12.81 24.34
C LEU A 188 21.19 -14.20 23.72
N GLU A 189 20.06 -14.58 23.12
CA GLU A 189 19.91 -15.88 22.49
C GLU A 189 18.74 -15.81 21.53
N LEU A 190 18.90 -16.40 20.35
CA LEU A 190 17.82 -16.41 19.37
C LEU A 190 16.91 -17.59 19.64
N ILE A 191 15.65 -17.30 19.95
CA ILE A 191 14.67 -18.31 20.32
C ILE A 191 13.71 -18.51 19.16
N ASN A 192 13.37 -19.76 18.87
CA ASN A 192 12.40 -20.11 17.85
C ASN A 192 11.13 -20.62 18.51
N THR A 193 10.00 -20.02 18.14
CA THR A 193 8.72 -20.41 18.70
C THR A 193 7.69 -20.50 17.58
N VAL A 194 6.51 -20.98 17.93
CA VAL A 194 5.38 -21.02 17.00
C VAL A 194 4.59 -19.74 17.17
N ILE A 195 4.31 -19.06 16.07
CA ILE A 195 3.54 -17.83 16.12
C ILE A 195 2.08 -18.17 16.40
N GLN A 196 1.51 -17.54 17.42
CA GLN A 196 0.13 -17.76 17.82
C GLN A 196 -0.68 -16.50 17.58
N ASP A 197 -2.00 -16.69 17.48
CA ASP A 197 -2.90 -15.55 17.27
C ASP A 197 -2.92 -14.68 18.51
N GLY A 198 -2.46 -13.44 18.36
CA GLY A 198 -2.31 -12.53 19.46
C GLY A 198 -0.88 -12.15 19.77
N ASP A 199 0.09 -12.81 19.15
CA ASP A 199 1.47 -12.41 19.29
C ASP A 199 1.70 -11.06 18.62
N MET A 200 2.51 -10.23 19.25
CA MET A 200 2.79 -8.90 18.74
C MET A 200 3.90 -8.97 17.70
N VAL A 201 3.69 -8.29 16.59
CA VAL A 201 4.67 -8.26 15.50
C VAL A 201 5.76 -7.26 15.87
N ASP A 202 6.90 -7.39 15.22
CA ASP A 202 7.98 -6.43 15.42
C ASP A 202 7.53 -5.05 14.93
N THR A 203 7.94 -4.02 15.66
CA THR A 203 7.37 -2.69 15.49
C THR A 203 8.41 -1.61 15.23
N GLY A 204 9.66 -1.99 14.99
CA GLY A 204 10.73 -1.04 14.88
C GLY A 204 11.63 -0.96 16.09
N PHE A 205 11.35 -1.74 17.12
CA PHE A 205 12.17 -1.81 18.32
C PHE A 205 12.89 -3.14 18.44
N GLY A 206 12.85 -3.96 17.40
CA GLY A 206 13.50 -5.25 17.40
C GLY A 206 12.53 -6.39 17.64
N ALA A 207 12.99 -7.59 17.30
CA ALA A 207 12.23 -8.81 17.55
C ALA A 207 12.81 -9.42 18.84
N MET A 208 12.41 -8.87 19.98
CA MET A 208 12.99 -9.27 21.25
C MET A 208 11.89 -9.53 22.25
N ASP A 209 12.28 -10.10 23.39
CA ASP A 209 11.37 -10.40 24.50
C ASP A 209 11.48 -9.25 25.51
N PHE A 210 10.51 -8.34 25.49
CA PHE A 210 10.60 -7.15 26.32
C PHE A 210 10.31 -7.43 27.79
N THR A 211 9.64 -8.54 28.10
CA THR A 211 9.30 -8.81 29.50
C THR A 211 10.54 -9.14 30.31
N THR A 212 11.48 -9.89 29.74
CA THR A 212 12.65 -10.35 30.46
C THR A 212 13.90 -9.55 30.15
N LEU A 213 14.01 -9.00 28.94
CA LEU A 213 15.21 -8.28 28.55
C LEU A 213 15.20 -6.83 29.00
N GLN A 214 14.06 -6.30 29.44
CA GLN A 214 13.94 -4.91 29.88
C GLN A 214 13.16 -4.88 31.19
N ALA A 215 13.87 -4.97 32.31
CA ALA A 215 13.24 -4.82 33.61
C ALA A 215 12.78 -3.39 33.87
N ASN A 216 13.19 -2.44 33.03
CA ASN A 216 12.75 -1.06 33.16
C ASN A 216 11.23 -0.95 33.07
N LYS A 217 10.62 -1.73 32.19
CA LYS A 217 9.18 -1.68 31.90
C LYS A 217 8.74 -0.33 31.38
N SER A 218 9.68 0.48 30.88
CA SER A 218 9.35 1.82 30.41
C SER A 218 10.10 2.22 29.16
N GLU A 219 10.71 1.27 28.44
CA GLU A 219 11.52 1.62 27.28
C GLU A 219 10.71 1.63 25.99
N VAL A 220 9.66 0.82 25.92
CA VAL A 220 8.86 0.68 24.71
C VAL A 220 7.40 0.93 25.07
N PRO A 221 6.55 1.22 24.08
CA PRO A 221 5.15 1.58 24.38
C PRO A 221 4.36 0.50 25.11
N LEU A 222 3.13 0.84 25.48
CA LEU A 222 2.26 -0.10 26.18
C LEU A 222 1.84 -1.24 25.26
N ASP A 223 1.95 -1.01 23.95
CA ASP A 223 1.59 -2.03 22.97
C ASP A 223 2.47 -3.27 23.11
N ILE A 224 3.75 -3.06 23.36
CA ILE A 224 4.70 -4.16 23.51
C ILE A 224 5.59 -3.96 24.72
N CYS A 225 5.02 -3.48 25.83
CA CYS A 225 5.79 -3.27 27.05
C CYS A 225 6.12 -4.58 27.74
N THR A 226 5.18 -5.52 27.78
CA THR A 226 5.42 -6.82 28.38
C THR A 226 5.16 -7.97 27.42
N SER A 227 5.18 -7.73 26.12
CA SER A 227 4.91 -8.78 25.15
C SER A 227 6.22 -9.26 24.52
N ILE A 228 6.10 -10.25 23.65
CA ILE A 228 7.21 -10.75 22.85
C ILE A 228 6.94 -10.35 21.41
N CYS A 229 7.85 -9.59 20.81
CA CYS A 229 7.73 -9.21 19.41
C CYS A 229 8.42 -10.26 18.55
N LYS A 230 7.64 -11.00 17.76
CA LYS A 230 8.14 -12.10 16.96
C LYS A 230 8.15 -11.72 15.48
N TYR A 231 9.22 -12.08 14.81
CA TYR A 231 9.37 -11.94 13.38
C TYR A 231 9.33 -13.31 12.73
N PRO A 232 8.61 -13.47 11.61
CA PRO A 232 8.57 -14.78 10.96
C PRO A 232 9.96 -15.24 10.54
N ASP A 233 10.27 -16.49 10.85
CA ASP A 233 11.57 -17.07 10.51
C ASP A 233 11.48 -17.66 9.12
N TYR A 234 11.68 -16.79 8.12
CA TYR A 234 11.63 -17.27 6.74
C TYR A 234 12.80 -18.18 6.42
N ILE A 235 13.98 -17.87 6.97
CA ILE A 235 15.17 -18.67 6.68
C ILE A 235 14.98 -20.10 7.14
N LYS A 236 14.24 -20.30 8.23
CA LYS A 236 14.03 -21.65 8.76
C LYS A 236 12.79 -22.30 8.17
N MET A 237 11.73 -21.52 7.93
CA MET A 237 10.52 -22.08 7.36
C MET A 237 10.73 -22.50 5.92
N VAL A 238 11.66 -21.86 5.21
CA VAL A 238 11.92 -22.22 3.82
C VAL A 238 12.86 -23.42 3.74
N SER A 239 13.87 -23.46 4.61
CA SER A 239 14.83 -24.55 4.62
C SER A 239 14.28 -25.83 5.22
N GLU A 240 12.98 -25.89 5.54
CA GLU A 240 12.42 -27.11 6.08
C GLU A 240 12.34 -28.18 4.99
N PRO A 241 12.61 -29.44 5.32
CA PRO A 241 12.64 -30.47 4.26
C PRO A 241 11.34 -30.64 3.52
N TYR A 242 10.22 -30.74 4.22
CA TYR A 242 8.94 -31.03 3.57
C TYR A 242 8.21 -29.79 3.11
N GLY A 243 8.59 -28.61 3.56
CA GLY A 243 7.91 -27.40 3.15
C GLY A 243 6.47 -27.33 3.60
N ASP A 244 6.16 -27.88 4.77
CA ASP A 244 4.79 -27.87 5.26
C ASP A 244 4.44 -26.55 5.95
N SER A 245 5.38 -25.97 6.69
CA SER A 245 5.05 -24.84 7.56
C SER A 245 4.65 -23.61 6.76
N LEU A 246 5.17 -23.49 5.54
CA LEU A 246 4.81 -22.39 4.66
C LEU A 246 5.04 -22.81 3.22
N PHE A 247 4.06 -22.56 2.37
CA PHE A 247 4.24 -22.79 0.94
C PHE A 247 3.75 -21.61 0.09
N PHE A 248 3.57 -20.44 0.71
CA PHE A 248 3.24 -19.21 0.01
C PHE A 248 3.34 -18.08 1.01
N TYR A 249 3.98 -16.98 0.62
CA TYR A 249 4.08 -15.86 1.55
C TYR A 249 4.28 -14.56 0.79
N LEU A 250 3.74 -13.49 1.36
CA LEU A 250 3.94 -12.13 0.90
C LEU A 250 4.38 -11.29 2.08
N ARG A 251 5.01 -10.15 1.79
CA ARG A 251 5.39 -9.25 2.87
C ARG A 251 5.71 -7.88 2.31
N ARG A 252 5.23 -6.85 3.00
CA ARG A 252 5.69 -5.49 2.84
C ARG A 252 5.99 -4.94 4.22
N GLU A 253 7.06 -4.17 4.34
CA GLU A 253 7.38 -3.54 5.62
C GLU A 253 8.25 -2.33 5.35
N GLN A 254 7.79 -1.17 5.80
CA GLN A 254 8.54 0.07 5.64
C GLN A 254 8.61 0.80 6.97
N MET A 255 9.66 1.60 7.13
CA MET A 255 9.92 2.29 8.38
C MET A 255 10.99 3.34 8.15
N PHE A 256 10.82 4.51 8.78
CA PHE A 256 11.89 5.49 8.86
C PHE A 256 11.99 5.99 10.30
N VAL A 257 13.10 6.64 10.60
CA VAL A 257 13.35 7.11 11.96
C VAL A 257 12.78 8.53 12.07
N ARG A 258 11.72 8.67 12.87
CA ARG A 258 11.08 9.97 13.01
C ARG A 258 11.82 10.86 13.99
N HIS A 259 11.96 10.43 15.24
CA HIS A 259 12.68 11.18 16.25
C HIS A 259 13.80 10.34 16.82
N LEU A 260 14.83 11.03 17.30
CA LEU A 260 16.02 10.41 17.88
C LEU A 260 16.13 10.87 19.32
N PHE A 261 16.18 9.90 20.25
CA PHE A 261 16.11 10.23 21.66
C PHE A 261 17.28 9.66 22.44
N ASN A 262 17.19 9.74 23.77
CA ASN A 262 18.17 9.18 24.69
C ASN A 262 17.48 8.22 25.65
N ARG A 263 18.27 7.61 26.52
CA ARG A 263 17.76 6.77 27.60
C ARG A 263 18.32 7.25 28.92
N ALA A 264 17.48 7.26 29.95
CA ALA A 264 17.91 7.58 31.29
C ALA A 264 18.20 6.30 32.06
N GLY A 265 19.08 6.39 33.03
CA GLY A 265 19.44 5.24 33.85
C GLY A 265 20.93 5.18 34.04
N ALA A 266 21.34 4.25 34.90
CA ALA A 266 22.76 4.07 35.15
C ALA A 266 23.43 3.50 33.91
N VAL A 267 24.53 4.13 33.50
CA VAL A 267 25.25 3.66 32.32
C VAL A 267 25.79 2.26 32.59
N GLY A 268 25.48 1.33 31.70
CA GLY A 268 25.86 -0.05 31.89
C GLY A 268 27.27 -0.34 31.43
N GLU A 269 27.66 0.23 30.30
CA GLU A 269 29.01 0.10 29.77
C GLU A 269 29.51 1.49 29.42
N ASN A 270 30.60 1.89 30.06
CA ASN A 270 31.11 3.24 29.88
C ASN A 270 31.77 3.39 28.53
N VAL A 271 31.71 4.61 27.99
CA VAL A 271 32.43 4.93 26.75
C VAL A 271 33.92 4.79 26.99
N PRO A 272 34.64 4.01 26.19
CA PRO A 272 36.09 3.91 26.37
C PRO A 272 36.74 5.28 26.23
N ASP A 273 37.73 5.53 27.07
CA ASP A 273 38.28 6.88 27.17
C ASP A 273 39.18 7.23 26.00
N ASP A 274 39.46 6.29 25.10
CA ASP A 274 40.19 6.59 23.87
C ASP A 274 39.27 6.85 22.70
N LEU A 275 37.97 7.02 22.95
CA LEU A 275 37.02 7.40 21.91
C LEU A 275 36.69 8.88 21.93
N TYR A 276 36.89 9.56 23.05
CA TYR A 276 36.58 10.99 23.18
C TYR A 276 37.68 11.65 23.98
N ILE A 277 37.69 12.99 23.95
CA ILE A 277 38.61 13.81 24.74
C ILE A 277 37.84 14.36 25.93
N LYS A 278 38.38 14.14 27.13
CA LYS A 278 37.65 14.47 28.35
C LYS A 278 37.42 15.98 28.46
N GLY A 279 36.16 16.35 28.73
CA GLY A 279 35.81 17.74 28.94
C GLY A 279 35.92 18.14 30.39
N SER A 280 35.49 19.38 30.67
CA SER A 280 35.51 19.92 32.01
C SER A 280 34.46 21.00 32.14
N GLY A 281 33.66 20.92 33.21
CA GLY A 281 32.56 21.84 33.40
C GLY A 281 31.23 21.13 33.38
N SER A 282 30.26 21.67 32.63
CA SER A 282 29.01 20.96 32.43
C SER A 282 29.25 19.64 31.71
N THR A 283 30.17 19.63 30.75
CA THR A 283 30.50 18.46 29.96
C THR A 283 31.54 17.56 30.63
N ALA A 284 31.72 17.66 31.94
CA ALA A 284 32.64 16.78 32.64
C ALA A 284 32.04 15.41 32.89
N ASN A 285 30.72 15.32 32.93
CA ASN A 285 30.01 14.05 33.03
C ASN A 285 29.21 13.81 31.74
N LEU A 286 29.38 12.62 31.17
CA LEU A 286 28.88 12.35 29.84
C LEU A 286 27.37 12.17 29.83
N ALA A 287 26.71 12.75 28.83
CA ALA A 287 25.34 12.40 28.57
C ALA A 287 25.26 10.94 28.12
N SER A 288 24.11 10.33 28.35
CA SER A 288 23.96 8.90 28.09
C SER A 288 23.99 8.66 26.59
N SER A 289 24.84 7.72 26.16
CA SER A 289 24.94 7.36 24.76
C SER A 289 24.11 6.13 24.41
N ASN A 290 22.99 5.93 25.10
CA ASN A 290 22.07 4.84 24.79
C ASN A 290 20.92 5.45 24.00
N TYR A 291 21.11 5.55 22.69
CA TYR A 291 20.14 6.18 21.81
C TYR A 291 19.10 5.17 21.37
N PHE A 292 17.88 5.65 21.12
CA PHE A 292 16.86 4.80 20.56
C PHE A 292 16.01 5.64 19.62
N PRO A 293 15.67 5.14 18.45
CA PRO A 293 14.87 5.91 17.50
C PRO A 293 13.39 5.62 17.63
N THR A 294 12.60 6.66 17.46
CA THR A 294 11.16 6.50 17.40
C THR A 294 10.79 6.08 15.99
N PRO A 295 10.23 4.89 15.80
CA PRO A 295 9.93 4.41 14.45
C PRO A 295 8.77 5.18 13.84
N SER A 296 8.62 5.02 12.53
CA SER A 296 7.49 5.63 11.83
C SER A 296 7.26 4.87 10.53
N GLY A 297 6.13 4.16 10.46
CA GLY A 297 5.68 3.67 9.17
C GLY A 297 4.98 4.78 8.42
N SER A 298 5.42 5.01 7.19
CA SER A 298 5.00 6.20 6.47
C SER A 298 3.61 6.01 5.87
N MET A 299 3.25 6.88 4.94
CA MET A 299 1.94 6.87 4.30
C MET A 299 1.47 5.47 3.94
N VAL A 300 0.24 5.15 4.34
CA VAL A 300 -0.44 3.97 3.84
C VAL A 300 -1.13 4.33 2.53
N THR A 301 -1.23 3.38 1.62
CA THR A 301 -1.85 3.66 0.33
C THR A 301 -2.68 2.46 -0.10
N SER A 302 -3.68 2.73 -0.94
CA SER A 302 -4.50 1.67 -1.49
C SER A 302 -3.79 0.90 -2.59
N ASP A 303 -2.71 1.44 -3.15
CA ASP A 303 -2.02 0.75 -4.23
C ASP A 303 -1.11 -0.34 -3.70
N ALA A 304 -0.45 -0.09 -2.57
CA ALA A 304 0.51 -1.02 -2.00
C ALA A 304 -0.13 -2.10 -1.15
N GLN A 305 -1.43 -2.36 -1.34
CA GLN A 305 -2.13 -3.31 -0.50
C GLN A 305 -1.87 -4.75 -0.96
N ILE A 306 -1.68 -5.64 0.02
CA ILE A 306 -1.51 -7.06 -0.25
C ILE A 306 -2.83 -7.80 -0.26
N PHE A 307 -3.85 -7.28 0.42
CA PHE A 307 -5.08 -8.01 0.69
C PHE A 307 -6.16 -7.63 -0.31
N ASN A 308 -7.31 -8.27 -0.16
CA ASN A 308 -8.47 -8.10 -1.05
C ASN A 308 -8.17 -8.55 -2.47
N LYS A 309 -7.16 -9.39 -2.66
CA LYS A 309 -6.77 -9.90 -3.96
C LYS A 309 -6.72 -11.41 -3.94
N PRO A 310 -7.09 -12.07 -5.04
CA PRO A 310 -6.99 -13.53 -5.08
C PRO A 310 -5.58 -13.98 -5.40
N TYR A 311 -5.17 -15.06 -4.74
CA TYR A 311 -3.81 -15.59 -4.87
C TYR A 311 -3.90 -17.05 -5.31
N TRP A 312 -3.59 -17.31 -6.57
CA TRP A 312 -3.69 -18.66 -7.13
C TRP A 312 -2.37 -19.38 -6.90
N LEU A 313 -2.38 -20.37 -6.04
CA LEU A 313 -1.19 -21.15 -5.71
C LEU A 313 -0.94 -22.13 -6.83
N GLN A 314 -0.23 -21.68 -7.86
CA GLN A 314 0.07 -22.53 -9.00
C GLN A 314 1.21 -23.51 -8.71
N ARG A 315 2.24 -23.07 -8.01
CA ARG A 315 3.31 -23.94 -7.56
C ARG A 315 3.90 -23.41 -6.26
N ALA A 316 3.91 -24.25 -5.24
CA ALA A 316 4.38 -23.85 -3.93
C ALA A 316 5.89 -23.65 -3.93
N GLN A 317 6.39 -23.10 -2.82
CA GLN A 317 7.82 -22.82 -2.73
C GLN A 317 8.64 -24.10 -2.51
N GLY A 318 8.12 -25.04 -1.72
CA GLY A 318 8.85 -26.23 -1.37
C GLY A 318 8.32 -27.47 -2.07
N HIS A 319 8.34 -28.56 -1.32
CA HIS A 319 7.91 -29.85 -1.88
C HIS A 319 6.44 -30.11 -1.65
N ASN A 320 5.87 -29.57 -0.58
CA ASN A 320 4.44 -29.66 -0.32
C ASN A 320 3.73 -28.63 -1.19
N ASN A 321 3.22 -29.08 -2.34
CA ASN A 321 2.62 -28.17 -3.31
C ASN A 321 1.16 -27.92 -2.94
N GLY A 322 0.98 -27.27 -1.81
CA GLY A 322 -0.34 -26.82 -1.41
C GLY A 322 -1.25 -27.87 -0.83
N ILE A 323 -0.71 -29.00 -0.40
CA ILE A 323 -1.53 -30.08 0.14
C ILE A 323 -1.79 -29.82 1.60
N CYS A 324 -3.06 -29.71 1.97
CA CYS A 324 -3.47 -29.44 3.34
C CYS A 324 -3.56 -30.77 4.07
N TRP A 325 -2.43 -31.20 4.63
CA TRP A 325 -2.38 -32.46 5.35
C TRP A 325 -3.17 -32.38 6.65
N GLY A 326 -3.75 -33.51 7.04
CA GLY A 326 -4.52 -33.55 8.26
C GLY A 326 -5.76 -32.71 8.26
N ASN A 327 -6.24 -32.30 7.08
CA ASN A 327 -7.43 -31.46 6.94
C ASN A 327 -7.27 -30.18 7.77
N GLN A 328 -6.28 -29.38 7.40
CA GLN A 328 -5.85 -28.25 8.21
C GLN A 328 -5.19 -27.22 7.31
N LEU A 329 -5.36 -25.95 7.67
CA LEU A 329 -4.71 -24.86 6.97
C LEU A 329 -4.52 -23.71 7.93
N PHE A 330 -3.39 -23.04 7.81
CA PHE A 330 -3.04 -21.92 8.69
C PHE A 330 -2.81 -20.68 7.83
N VAL A 331 -3.53 -19.61 8.14
CA VAL A 331 -3.39 -18.35 7.43
C VAL A 331 -2.93 -17.31 8.42
N THR A 332 -1.67 -16.92 8.36
CA THR A 332 -1.12 -15.88 9.21
C THR A 332 -1.21 -14.55 8.49
N VAL A 333 -1.71 -13.53 9.19
CA VAL A 333 -1.98 -12.24 8.59
C VAL A 333 -1.57 -11.15 9.55
N VAL A 334 -0.76 -10.20 9.08
CA VAL A 334 -0.47 -8.96 9.79
C VAL A 334 -0.85 -7.82 8.87
N ASP A 335 -1.55 -6.82 9.41
CA ASP A 335 -2.00 -5.69 8.61
C ASP A 335 -1.97 -4.46 9.49
N THR A 336 -0.85 -3.73 9.43
CA THR A 336 -0.70 -2.48 10.17
C THR A 336 -1.18 -1.28 9.37
N THR A 337 -1.93 -1.51 8.30
CA THR A 337 -2.46 -0.44 7.48
C THR A 337 -3.94 -0.19 7.73
N ARG A 338 -4.51 -0.84 8.75
CA ARG A 338 -5.90 -0.62 9.14
C ARG A 338 -6.00 -0.56 10.66
N SER A 339 -5.01 0.02 11.32
CA SER A 339 -4.93 0.02 12.78
C SER A 339 -5.49 1.28 13.40
N THR A 340 -6.52 1.87 12.80
CA THR A 340 -7.15 3.05 13.37
C THR A 340 -7.84 2.70 14.68
N ASN A 341 -7.39 3.33 15.76
CA ASN A 341 -8.01 3.16 17.07
C ASN A 341 -9.09 4.23 17.23
N MET A 342 -10.34 3.80 17.34
CA MET A 342 -11.45 4.74 17.44
C MET A 342 -11.60 5.18 18.90
N SER A 343 -11.33 6.46 19.14
CA SER A 343 -11.44 7.04 20.47
C SER A 343 -12.87 7.47 20.71
N LEU A 344 -13.49 6.93 21.74
CA LEU A 344 -14.90 7.18 22.03
C LEU A 344 -15.06 7.49 23.52
N CYS A 345 -15.95 8.43 23.82
CA CYS A 345 -16.11 8.90 25.19
C CYS A 345 -17.56 8.76 25.61
N ALA A 346 -17.78 8.86 26.92
CA ALA A 346 -19.11 8.83 27.49
C ALA A 346 -19.26 9.94 28.51
N ALA A 347 -20.46 10.47 28.61
CA ALA A 347 -20.78 11.55 29.55
C ALA A 347 -21.45 10.98 30.78
N ILE A 348 -20.90 11.27 31.96
CA ILE A 348 -21.50 10.80 33.20
C ILE A 348 -22.67 11.66 33.64
N SER A 349 -22.79 12.88 33.11
CA SER A 349 -23.88 13.78 33.48
C SER A 349 -24.36 14.48 32.22
N THR A 350 -25.58 14.15 31.78
CA THR A 350 -26.15 14.74 30.58
C THR A 350 -26.77 16.12 30.83
N SER A 351 -26.81 16.57 32.09
CA SER A 351 -27.44 17.84 32.42
C SER A 351 -26.51 19.02 32.20
N GLU A 352 -25.21 18.83 32.45
CA GLU A 352 -24.26 19.93 32.41
C GLU A 352 -24.22 20.59 31.04
N THR A 353 -24.25 21.92 31.04
CA THR A 353 -24.12 22.70 29.82
C THR A 353 -22.83 23.51 29.77
N THR A 354 -21.84 23.15 30.58
CA THR A 354 -20.50 23.73 30.50
C THR A 354 -19.49 22.59 30.54
N TYR A 355 -18.55 22.61 29.59
CA TYR A 355 -17.63 21.49 29.45
C TYR A 355 -16.73 21.39 30.67
N LYS A 356 -16.64 20.19 31.24
CA LYS A 356 -15.77 19.92 32.37
C LYS A 356 -15.05 18.61 32.13
N ASN A 357 -13.71 18.63 32.23
CA ASN A 357 -12.92 17.43 31.96
C ASN A 357 -13.32 16.27 32.86
N THR A 358 -13.74 16.56 34.09
CA THR A 358 -14.14 15.53 35.03
C THR A 358 -15.50 14.92 34.72
N ASN A 359 -16.17 15.39 33.67
CA ASN A 359 -17.50 14.92 33.32
C ASN A 359 -17.49 13.80 32.29
N PHE A 360 -16.49 13.76 31.41
CA PHE A 360 -16.46 12.83 30.29
C PHE A 360 -15.36 11.80 30.53
N LYS A 361 -15.73 10.52 30.41
CA LYS A 361 -14.80 9.42 30.57
C LYS A 361 -14.37 8.92 29.19
N GLU A 362 -13.07 8.95 28.93
CA GLU A 362 -12.53 8.61 27.62
C GLU A 362 -12.14 7.14 27.55
N TYR A 363 -12.28 6.57 26.35
CA TYR A 363 -11.96 5.18 26.11
C TYR A 363 -11.26 5.05 24.76
N LEU A 364 -10.74 3.85 24.51
CA LEU A 364 -10.11 3.51 23.23
C LEU A 364 -10.64 2.17 22.78
N ARG A 365 -10.93 2.06 21.48
CA ARG A 365 -11.43 0.83 20.91
C ARG A 365 -10.77 0.59 19.56
N HIS A 366 -10.83 -0.67 19.11
CA HIS A 366 -10.31 -1.06 17.82
C HIS A 366 -11.08 -2.26 17.32
N GLY A 367 -11.48 -2.23 16.05
CA GLY A 367 -12.26 -3.29 15.46
C GLY A 367 -11.63 -3.79 14.17
N GLU A 368 -11.45 -5.10 14.09
CA GLU A 368 -10.92 -5.76 12.91
C GLU A 368 -12.05 -6.43 12.16
N GLU A 369 -11.91 -6.51 10.84
CA GLU A 369 -12.87 -7.21 10.00
C GLU A 369 -12.12 -8.06 9.00
N TYR A 370 -12.38 -9.36 8.99
CA TYR A 370 -11.74 -10.28 8.07
C TYR A 370 -12.81 -11.07 7.32
N ASP A 371 -12.41 -11.62 6.19
CA ASP A 371 -13.26 -12.56 5.45
C ASP A 371 -12.37 -13.38 4.54
N LEU A 372 -12.22 -14.67 4.86
CA LEU A 372 -11.31 -15.54 4.14
C LEU A 372 -12.09 -16.40 3.16
N GLN A 373 -11.60 -16.48 1.93
CA GLN A 373 -12.19 -17.32 0.90
C GLN A 373 -11.10 -18.19 0.28
N PHE A 374 -11.42 -19.47 0.08
CA PHE A 374 -10.47 -20.41 -0.48
C PHE A 374 -11.11 -21.18 -1.61
N ILE A 375 -10.27 -21.72 -2.50
CA ILE A 375 -10.68 -22.67 -3.51
C ILE A 375 -9.84 -23.93 -3.32
N PHE A 376 -10.47 -25.00 -2.86
CA PHE A 376 -9.78 -26.25 -2.60
C PHE A 376 -10.03 -27.23 -3.73
N GLN A 377 -9.10 -28.16 -3.90
CA GLN A 377 -9.18 -29.16 -4.95
C GLN A 377 -9.01 -30.54 -4.34
N LEU A 378 -9.91 -31.45 -4.69
CA LEU A 378 -9.86 -32.81 -4.16
C LEU A 378 -8.76 -33.60 -4.84
N CYS A 379 -7.87 -34.18 -4.05
CA CYS A 379 -6.78 -35.00 -4.56
C CYS A 379 -6.81 -36.36 -3.89
N LYS A 380 -6.52 -37.40 -4.67
CA LYS A 380 -6.53 -38.76 -4.17
C LYS A 380 -5.13 -39.34 -4.17
N ILE A 381 -4.81 -40.09 -3.12
CA ILE A 381 -3.48 -40.65 -2.89
C ILE A 381 -3.64 -42.16 -2.80
N THR A 382 -2.97 -42.89 -3.70
CA THR A 382 -3.02 -44.34 -3.65
C THR A 382 -1.88 -44.87 -2.78
N LEU A 383 -2.24 -45.36 -1.60
CA LEU A 383 -1.25 -45.75 -0.59
C LEU A 383 -0.76 -47.16 -0.86
N THR A 384 0.33 -47.27 -1.62
CA THR A 384 1.06 -48.52 -1.75
C THR A 384 2.07 -48.61 -0.61
N ALA A 385 2.94 -49.62 -0.69
CA ALA A 385 3.94 -49.80 0.36
C ALA A 385 4.91 -48.62 0.41
N ASP A 386 5.39 -48.20 -0.76
CA ASP A 386 6.35 -47.09 -0.83
C ASP A 386 5.73 -45.80 -0.31
N VAL A 387 4.55 -45.45 -0.82
CA VAL A 387 3.91 -44.21 -0.40
C VAL A 387 3.54 -44.27 1.07
N MET A 388 3.14 -45.44 1.56
CA MET A 388 2.78 -45.56 2.96
C MET A 388 3.97 -45.36 3.87
N THR A 389 5.11 -45.97 3.54
CA THR A 389 6.29 -45.78 4.38
C THR A 389 6.84 -44.37 4.26
N TYR A 390 6.74 -43.76 3.07
CA TYR A 390 7.20 -42.38 2.92
C TYR A 390 6.33 -41.43 3.76
N ILE A 391 5.02 -41.64 3.75
CA ILE A 391 4.14 -40.78 4.54
C ILE A 391 4.36 -41.02 6.03
N HIS A 392 4.57 -42.28 6.43
CA HIS A 392 4.86 -42.57 7.83
C HIS A 392 6.19 -41.95 8.26
N SER A 393 7.11 -41.77 7.32
CA SER A 393 8.35 -41.07 7.64
C SER A 393 8.13 -39.56 7.71
N MET A 394 7.28 -39.03 6.84
CA MET A 394 7.01 -37.59 6.84
C MET A 394 6.27 -37.16 8.09
N ASN A 395 5.15 -37.83 8.39
CA ASN A 395 4.33 -37.47 9.54
C ASN A 395 3.47 -38.69 9.87
N SER A 396 3.69 -39.28 11.05
CA SER A 396 2.98 -40.50 11.39
C SER A 396 1.51 -40.23 11.71
N THR A 397 1.22 -39.02 12.21
CA THR A 397 -0.16 -38.65 12.52
C THR A 397 -1.06 -38.73 11.29
N ILE A 398 -0.52 -38.53 10.09
CA ILE A 398 -1.32 -38.59 8.87
C ILE A 398 -1.96 -39.96 8.73
N LEU A 399 -1.14 -41.01 8.78
CA LEU A 399 -1.65 -42.37 8.68
C LEU A 399 -2.39 -42.80 9.94
N GLU A 400 -1.94 -42.37 11.12
CA GLU A 400 -2.67 -42.68 12.34
C GLU A 400 -4.05 -42.03 12.37
N ASP A 401 -4.29 -41.06 11.49
CA ASP A 401 -5.57 -40.38 11.47
C ASP A 401 -6.52 -40.99 10.45
N TRP A 402 -5.99 -41.55 9.36
CA TRP A 402 -6.89 -42.22 8.45
C TRP A 402 -7.16 -43.67 8.86
N ASN A 403 -6.19 -44.54 8.59
CA ASN A 403 -6.33 -46.00 8.65
C ASN A 403 -5.03 -46.68 8.27
N PHE A 404 -5.15 -47.91 7.75
CA PHE A 404 -4.05 -48.66 7.14
C PHE A 404 -3.05 -49.19 8.16
N GLY A 405 -3.52 -50.13 8.97
CA GLY A 405 -2.66 -50.85 9.87
C GLY A 405 -3.33 -51.23 11.18
N LEU A 406 -4.58 -50.81 11.36
CA LEU A 406 -5.24 -50.92 12.65
C LEU A 406 -6.38 -51.95 12.59
N GLN A 407 -6.05 -53.17 13.04
CA GLN A 407 -7.09 -54.02 13.59
C GLN A 407 -7.34 -53.40 14.96
N PRO A 408 -8.42 -52.63 15.12
CA PRO A 408 -8.29 -51.30 15.75
C PRO A 408 -7.68 -51.37 17.15
N PRO A 409 -8.35 -51.91 18.17
CA PRO A 409 -7.63 -52.70 19.17
C PRO A 409 -7.89 -54.18 18.97
N PRO A 410 -7.22 -55.04 19.73
CA PRO A 410 -7.73 -56.39 19.93
C PRO A 410 -8.84 -56.41 20.96
N GLY A 411 -8.92 -55.34 21.76
CA GLY A 411 -9.95 -55.25 22.77
C GLY A 411 -11.04 -54.25 22.36
N GLY A 412 -12.20 -54.35 23.00
CA GLY A 412 -13.32 -53.49 22.68
C GLY A 412 -13.06 -52.01 22.88
N THR A 413 -13.65 -51.17 22.03
CA THR A 413 -13.55 -49.73 22.15
C THR A 413 -14.90 -49.06 22.42
N LEU A 414 -15.84 -49.80 23.01
CA LEU A 414 -17.17 -49.26 23.31
C LEU A 414 -17.13 -48.50 24.63
N GLU A 415 -17.36 -47.20 24.56
CA GLU A 415 -17.46 -46.35 25.73
C GLU A 415 -18.92 -46.14 26.10
N ASP A 416 -19.22 -46.38 27.37
CA ASP A 416 -20.58 -46.28 27.89
C ASP A 416 -20.74 -44.89 28.48
N THR A 417 -21.55 -44.06 27.83
CA THR A 417 -21.79 -42.69 28.26
C THR A 417 -23.03 -42.61 29.14
N TYR A 418 -22.95 -41.80 30.19
CA TYR A 418 -24.03 -41.65 31.16
C TYR A 418 -25.01 -40.56 30.73
N ARG A 419 -26.24 -40.71 31.17
CA ARG A 419 -27.22 -39.66 31.03
C ARG A 419 -27.30 -38.84 32.32
N PHE A 420 -27.65 -37.57 32.18
CA PHE A 420 -27.58 -36.62 33.27
C PHE A 420 -26.20 -36.63 33.91
N VAL A 421 -25.17 -36.39 33.09
CA VAL A 421 -23.83 -36.39 33.67
C VAL A 421 -23.51 -34.96 34.11
N THR A 422 -24.15 -34.54 35.20
CA THR A 422 -23.74 -33.38 35.98
C THR A 422 -24.02 -33.69 37.43
N SER A 423 -24.83 -34.74 37.66
CA SER A 423 -25.42 -35.00 38.97
C SER A 423 -24.43 -35.68 39.89
N GLN A 424 -24.86 -35.96 41.12
CA GLN A 424 -23.97 -36.51 42.14
C GLN A 424 -24.46 -37.89 42.57
N ALA A 425 -24.96 -38.65 41.61
CA ALA A 425 -25.45 -40.00 41.88
C ALA A 425 -24.55 -41.05 41.27
N ILE A 426 -23.65 -40.61 40.39
CA ILE A 426 -22.71 -41.52 39.75
C ILE A 426 -21.32 -41.40 40.36
N ALA A 427 -20.30 -41.82 39.61
CA ALA A 427 -18.93 -41.75 40.09
C ALA A 427 -18.29 -40.42 39.72
N CYS A 428 -17.20 -40.46 38.97
CA CYS A 428 -16.50 -39.25 38.55
C CYS A 428 -16.41 -39.18 37.03
N GLN A 429 -17.47 -38.70 36.40
CA GLN A 429 -17.51 -38.57 34.95
C GLN A 429 -17.32 -37.14 34.50
N LYS A 430 -16.06 -36.70 34.46
CA LYS A 430 -15.72 -35.34 34.03
C LYS A 430 -14.23 -35.28 33.69
N HIS A 431 -13.92 -35.53 32.41
CA HIS A 431 -12.66 -35.08 31.82
C HIS A 431 -11.41 -35.71 32.44
N THR A 432 -11.59 -36.64 33.39
CA THR A 432 -10.45 -37.13 34.14
C THR A 432 -9.49 -37.95 33.28
N PRO A 433 -9.94 -38.96 32.53
CA PRO A 433 -9.03 -39.63 31.60
C PRO A 433 -9.10 -39.01 30.23
N PRO A 434 -7.97 -38.84 29.54
CA PRO A 434 -8.01 -38.27 28.19
C PRO A 434 -8.46 -39.28 27.14
N ALA A 435 -8.68 -38.78 25.92
CA ALA A 435 -9.24 -39.52 24.81
C ALA A 435 -8.43 -39.16 23.56
N PRO A 436 -8.74 -39.71 22.37
CA PRO A 436 -8.09 -39.15 21.16
C PRO A 436 -8.54 -37.71 20.89
N LYS A 437 -8.31 -36.86 21.90
CA LYS A 437 -8.59 -35.44 21.86
C LYS A 437 -7.27 -34.71 21.63
N GLU A 438 -6.19 -35.47 21.53
CA GLU A 438 -4.85 -34.91 21.58
C GLU A 438 -4.47 -34.20 20.30
N ASP A 439 -4.79 -32.91 20.23
CA ASP A 439 -4.19 -32.07 19.20
C ASP A 439 -2.79 -31.67 19.66
N PRO A 440 -1.75 -31.95 18.85
CA PRO A 440 -0.41 -31.51 19.23
C PRO A 440 -0.27 -30.00 19.30
N LEU A 441 -1.22 -29.26 18.73
CA LEU A 441 -1.25 -27.81 18.79
C LEU A 441 -2.26 -27.30 19.80
N LYS A 442 -2.44 -28.00 20.91
CA LYS A 442 -3.41 -27.57 21.91
C LYS A 442 -2.83 -26.53 22.86
N LYS A 443 -1.51 -26.53 23.05
CA LYS A 443 -0.89 -25.53 23.89
C LYS A 443 -0.81 -24.17 23.20
N TYR A 444 -1.28 -24.07 21.97
CA TYR A 444 -1.25 -22.81 21.22
C TYR A 444 -2.66 -22.31 20.99
N THR A 445 -2.80 -20.99 20.91
CA THR A 445 -4.09 -20.34 20.74
C THR A 445 -4.14 -19.66 19.37
N PHE A 446 -4.93 -20.23 18.46
CA PHE A 446 -5.15 -19.64 17.15
C PHE A 446 -6.58 -19.17 17.04
N TRP A 447 -6.84 -18.31 16.07
CA TRP A 447 -8.22 -17.95 15.74
C TRP A 447 -8.85 -19.08 14.94
N GLU A 448 -9.65 -19.90 15.60
CA GLU A 448 -10.23 -21.07 14.97
C GLU A 448 -11.26 -20.65 13.92
N VAL A 449 -11.30 -21.40 12.82
CA VAL A 449 -12.28 -21.20 11.76
C VAL A 449 -12.74 -22.57 11.30
N ASN A 450 -14.03 -22.84 11.44
CA ASN A 450 -14.60 -24.15 11.12
C ASN A 450 -15.33 -24.05 9.79
N LEU A 451 -14.67 -24.53 8.73
CA LEU A 451 -15.27 -24.56 7.39
C LEU A 451 -15.83 -25.92 7.03
N LYS A 452 -16.09 -26.77 8.02
CA LYS A 452 -16.59 -28.11 7.74
C LYS A 452 -17.96 -28.09 7.08
N GLU A 453 -18.76 -27.06 7.35
CA GLU A 453 -20.10 -26.95 6.80
C GLU A 453 -20.21 -25.86 5.74
N LYS A 454 -19.10 -25.26 5.32
CA LYS A 454 -19.14 -24.15 4.38
C LYS A 454 -18.60 -24.51 3.01
N PHE A 455 -18.40 -25.79 2.71
CA PHE A 455 -17.93 -26.20 1.40
C PHE A 455 -19.09 -26.22 0.41
N SER A 456 -18.80 -25.89 -0.84
CA SER A 456 -19.83 -25.75 -1.86
C SER A 456 -19.20 -25.90 -3.23
N ALA A 457 -19.77 -26.79 -4.04
CA ALA A 457 -19.25 -27.05 -5.38
C ALA A 457 -19.80 -26.09 -6.42
N ASP A 458 -20.74 -25.24 -6.07
CA ASP A 458 -21.29 -24.22 -6.99
C ASP A 458 -20.35 -23.03 -6.94
N LEU A 459 -19.29 -23.08 -7.75
CA LEU A 459 -18.23 -22.09 -7.65
C LEU A 459 -18.68 -20.69 -8.04
N ASP A 460 -19.48 -20.56 -9.11
CA ASP A 460 -19.77 -19.22 -9.63
C ASP A 460 -20.71 -18.44 -8.74
N GLN A 461 -21.11 -18.99 -7.59
CA GLN A 461 -22.01 -18.30 -6.68
C GLN A 461 -21.28 -17.40 -5.69
N PHE A 462 -19.96 -17.43 -5.65
CA PHE A 462 -19.17 -16.66 -4.70
C PHE A 462 -18.12 -15.85 -5.44
N PRO A 463 -17.76 -14.68 -4.92
CA PRO A 463 -16.81 -13.81 -5.64
C PRO A 463 -15.50 -14.50 -5.99
N LEU A 464 -14.87 -15.19 -5.04
CA LEU A 464 -13.64 -15.91 -5.36
C LEU A 464 -13.90 -17.10 -6.27
N GLY A 465 -15.06 -17.73 -6.16
CA GLY A 465 -15.35 -18.85 -7.06
C GLY A 465 -15.46 -18.43 -8.50
N ARG A 466 -16.17 -17.34 -8.77
CA ARG A 466 -16.27 -16.88 -10.15
C ARG A 466 -15.02 -16.15 -10.60
N LYS A 467 -14.21 -15.62 -9.68
CA LYS A 467 -12.87 -15.17 -10.05
C LYS A 467 -12.00 -16.34 -10.51
N PHE A 468 -12.06 -17.46 -9.79
CA PHE A 468 -11.31 -18.65 -10.19
C PHE A 468 -11.79 -19.17 -11.53
N LEU A 469 -13.11 -19.20 -11.74
CA LEU A 469 -13.63 -19.60 -13.04
C LEU A 469 -13.11 -18.69 -14.14
N LEU A 470 -13.33 -17.38 -14.01
CA LEU A 470 -12.85 -16.42 -15.00
C LEU A 470 -11.36 -16.56 -15.26
N GLN A 471 -10.58 -16.96 -14.25
CA GLN A 471 -9.15 -17.16 -14.46
C GLN A 471 -8.90 -18.42 -15.27
N ALA A 472 -9.63 -19.48 -14.99
CA ALA A 472 -9.47 -20.74 -15.71
C ALA A 472 -10.35 -20.85 -16.94
N GLY A 473 -11.04 -19.78 -17.34
CA GLY A 473 -12.02 -19.91 -18.41
C GLY A 473 -13.27 -20.54 -17.83
N LEU A 474 -13.46 -21.83 -18.16
CA LEU A 474 -14.26 -22.76 -17.37
C LEU A 474 -15.57 -22.16 -16.88
N LYS A 475 -16.24 -21.41 -17.74
CA LYS A 475 -17.49 -20.78 -17.34
C LYS A 475 -18.57 -21.81 -17.17
N ALA A 476 -19.59 -21.47 -16.36
CA ALA A 476 -20.70 -22.37 -16.11
C ALA A 476 -21.58 -22.47 -17.36
N LYS A 477 -22.21 -23.63 -17.54
CA LYS A 477 -23.08 -23.86 -18.69
C LYS A 477 -24.40 -23.12 -18.56
N PRO A 478 -24.70 -22.24 -19.53
CA PRO A 478 -25.94 -21.46 -19.58
C PRO A 478 -27.15 -22.36 -19.82
N LYS A 479 -28.12 -22.31 -18.91
CA LYS A 479 -29.32 -23.14 -19.05
C LYS A 479 -30.45 -22.36 -19.70
N PHE A 480 -30.59 -21.09 -19.34
CA PHE A 480 -31.64 -20.24 -19.89
C PHE A 480 -31.47 -20.05 -21.39
N THR A 481 -32.36 -20.69 -22.16
CA THR A 481 -32.45 -20.68 -23.63
C THR A 481 -31.38 -19.93 -24.45
N LEU A 482 -31.73 -18.73 -24.89
CA LEU A 482 -30.80 -17.91 -25.68
C LEU A 482 -30.54 -16.58 -24.98
N GLY A 483 -29.30 -16.12 -25.06
CA GLY A 483 -28.92 -14.87 -24.43
C GLY A 483 -28.56 -13.81 -25.44
N VAL B 16 -38.95 -25.83 -7.02
CA VAL B 16 -39.43 -26.06 -8.37
C VAL B 16 -38.66 -25.24 -9.42
N PRO B 17 -38.72 -23.89 -9.35
CA PRO B 17 -38.23 -23.09 -10.48
C PRO B 17 -36.75 -23.24 -10.81
N VAL B 18 -35.88 -22.80 -9.91
CA VAL B 18 -34.45 -22.73 -10.19
C VAL B 18 -33.72 -22.45 -8.88
N SER B 19 -32.42 -22.74 -8.87
CA SER B 19 -31.51 -22.20 -7.86
C SER B 19 -30.34 -21.54 -8.60
N LYS B 20 -29.29 -21.16 -7.87
CA LYS B 20 -28.00 -20.83 -8.48
C LYS B 20 -28.12 -19.68 -9.48
N VAL B 21 -28.18 -18.47 -8.91
CA VAL B 21 -28.24 -17.22 -9.67
C VAL B 21 -27.35 -17.27 -10.90
N VAL B 22 -27.90 -16.95 -12.07
CA VAL B 22 -27.19 -17.06 -13.34
C VAL B 22 -26.83 -15.67 -13.85
N SER B 23 -25.85 -15.65 -14.74
CA SER B 23 -25.40 -14.39 -15.32
C SER B 23 -26.49 -13.80 -16.22
N THR B 24 -26.50 -12.47 -16.31
CA THR B 24 -27.47 -11.83 -17.19
C THR B 24 -27.20 -12.15 -18.65
N ASP B 25 -25.99 -12.61 -18.97
CA ASP B 25 -25.64 -12.97 -20.33
C ASP B 25 -26.40 -14.18 -20.85
N GLU B 26 -27.32 -14.74 -20.06
CA GLU B 26 -28.02 -15.95 -20.45
C GLU B 26 -29.47 -15.70 -20.84
N TYR B 27 -30.14 -14.74 -20.19
CA TYR B 27 -31.49 -14.38 -20.57
C TYR B 27 -31.62 -12.98 -21.14
N VAL B 28 -30.59 -12.15 -21.02
CA VAL B 28 -30.61 -10.81 -21.56
C VAL B 28 -29.82 -10.79 -22.86
N ALA B 29 -30.50 -10.56 -23.97
CA ALA B 29 -29.89 -10.57 -25.30
C ALA B 29 -29.53 -9.15 -25.70
N ARG B 30 -28.27 -8.94 -26.08
CA ARG B 30 -27.81 -7.62 -26.45
C ARG B 30 -28.18 -7.29 -27.89
N THR B 31 -28.28 -6.00 -28.18
CA THR B 31 -28.42 -5.49 -29.54
C THR B 31 -27.17 -4.69 -29.89
N ASN B 32 -27.17 -4.13 -31.09
CA ASN B 32 -26.09 -3.24 -31.51
C ASN B 32 -26.50 -1.78 -31.51
N ILE B 33 -27.52 -1.42 -30.74
CA ILE B 33 -28.02 -0.05 -30.69
C ILE B 33 -27.47 0.61 -29.44
N TYR B 34 -26.63 1.63 -29.61
CA TYR B 34 -26.03 2.35 -28.49
C TYR B 34 -26.57 3.77 -28.45
N TYR B 35 -26.77 4.27 -27.24
CA TYR B 35 -27.24 5.63 -27.01
C TYR B 35 -26.28 6.36 -26.10
N HIS B 36 -26.21 7.67 -26.25
CA HIS B 36 -25.39 8.52 -25.38
C HIS B 36 -26.30 9.39 -24.54
N ALA B 37 -26.04 9.47 -23.25
CA ALA B 37 -26.76 10.34 -22.34
C ALA B 37 -25.76 11.04 -21.44
N GLY B 38 -26.02 12.31 -21.14
CA GLY B 38 -25.11 13.06 -20.31
C GLY B 38 -25.74 14.29 -19.68
N THR B 39 -25.42 14.54 -18.42
CA THR B 39 -25.88 15.74 -17.74
C THR B 39 -25.17 16.96 -18.30
N SER B 40 -25.83 18.11 -18.21
CA SER B 40 -25.23 19.34 -18.71
C SER B 40 -23.98 19.70 -17.92
N ARG B 41 -24.18 20.11 -16.66
CA ARG B 41 -23.08 20.38 -15.75
C ARG B 41 -23.65 20.55 -14.35
N LEU B 42 -23.16 19.80 -13.38
CA LEU B 42 -23.73 19.74 -12.05
C LEU B 42 -22.86 20.54 -11.10
N LEU B 43 -23.36 21.69 -10.65
CA LEU B 43 -22.65 22.56 -9.74
C LEU B 43 -23.35 22.55 -8.39
N ALA B 44 -22.60 22.84 -7.32
CA ALA B 44 -23.13 22.90 -5.97
C ALA B 44 -22.21 23.74 -5.11
N VAL B 45 -22.73 24.85 -4.58
CA VAL B 45 -22.00 25.73 -3.69
C VAL B 45 -22.58 25.56 -2.29
N GLY B 46 -21.76 25.80 -1.28
CA GLY B 46 -22.23 25.69 0.08
C GLY B 46 -21.13 25.94 1.08
N HIS B 47 -21.41 25.57 2.32
CA HIS B 47 -20.44 25.74 3.40
C HIS B 47 -19.74 24.41 3.71
N PRO B 48 -18.43 24.42 3.92
CA PRO B 48 -17.72 23.14 4.07
C PRO B 48 -18.03 22.40 5.36
N TYR B 49 -18.28 23.11 6.46
CA TYR B 49 -18.39 22.44 7.75
C TYR B 49 -19.84 22.14 8.15
N PHE B 50 -20.71 23.14 8.13
CA PHE B 50 -22.07 22.99 8.63
C PHE B 50 -23.02 23.76 7.72
N PRO B 51 -24.30 23.41 7.72
CA PRO B 51 -25.27 24.19 6.95
C PRO B 51 -25.74 25.41 7.72
N ILE B 52 -25.83 26.53 7.01
CA ILE B 52 -26.33 27.78 7.58
C ILE B 52 -27.85 27.74 7.58
N LYS B 53 -28.45 28.18 8.68
CA LYS B 53 -29.90 28.26 8.78
C LYS B 53 -30.29 29.48 9.62
N LYS B 54 -31.48 30.01 9.34
CA LYS B 54 -31.97 31.16 10.07
C LYS B 54 -32.16 30.81 11.54
N PRO B 55 -32.07 31.81 12.43
CA PRO B 55 -32.24 31.50 13.87
C PRO B 55 -33.64 31.03 14.22
N ASN B 56 -34.67 31.75 13.81
CA ASN B 56 -36.04 31.37 14.14
C ASN B 56 -36.50 30.17 13.33
N ASN B 57 -36.39 30.24 12.01
CA ASN B 57 -36.71 29.12 11.14
C ASN B 57 -35.65 28.04 11.26
N ASN B 58 -35.82 26.97 10.48
CA ASN B 58 -34.76 26.02 10.21
C ASN B 58 -34.62 25.74 8.72
N LYS B 59 -35.18 26.60 7.88
CA LYS B 59 -34.89 26.55 6.45
C LYS B 59 -33.40 26.74 6.22
N ILE B 60 -32.85 25.97 5.29
CA ILE B 60 -31.41 25.98 5.05
C ILE B 60 -31.09 27.10 4.07
N LEU B 61 -30.32 28.09 4.53
CA LEU B 61 -29.92 29.19 3.66
C LEU B 61 -28.74 28.80 2.79
N VAL B 62 -27.71 28.20 3.40
CA VAL B 62 -26.54 27.73 2.68
C VAL B 62 -26.30 26.28 3.10
N PRO B 63 -26.47 25.30 2.22
CA PRO B 63 -26.28 23.91 2.62
C PRO B 63 -24.82 23.59 2.91
N LYS B 64 -24.59 22.36 3.35
CA LYS B 64 -23.26 21.88 3.66
C LYS B 64 -22.73 21.11 2.46
N VAL B 65 -21.83 21.73 1.71
CA VAL B 65 -21.22 21.10 0.54
C VAL B 65 -19.73 20.98 0.81
N SER B 66 -19.32 19.84 1.34
CA SER B 66 -17.93 19.58 1.67
C SER B 66 -17.29 18.74 0.58
N GLY B 67 -15.96 18.69 0.60
CA GLY B 67 -15.24 17.83 -0.32
C GLY B 67 -15.11 16.41 0.14
N LEU B 68 -15.60 16.09 1.34
CA LEU B 68 -15.49 14.75 1.91
C LEU B 68 -16.83 14.06 2.04
N GLN B 69 -17.84 14.50 1.29
CA GLN B 69 -19.14 13.86 1.31
C GLN B 69 -19.25 12.85 0.19
N TYR B 70 -20.17 11.92 0.34
CA TYR B 70 -20.51 11.02 -0.75
C TYR B 70 -21.44 11.73 -1.72
N ARG B 71 -21.14 11.64 -3.00
CA ARG B 71 -22.02 12.13 -4.05
C ARG B 71 -22.66 10.91 -4.69
N VAL B 72 -23.89 10.61 -4.28
CA VAL B 72 -24.60 9.43 -4.76
C VAL B 72 -25.66 9.90 -5.74
N PHE B 73 -25.34 9.87 -7.02
CA PHE B 73 -26.24 10.31 -8.07
C PHE B 73 -27.21 9.19 -8.39
N ARG B 74 -28.51 9.51 -8.39
CA ARG B 74 -29.52 8.57 -8.84
C ARG B 74 -29.95 8.97 -10.24
N ILE B 75 -29.53 8.17 -11.22
CA ILE B 75 -29.76 8.48 -12.63
C ILE B 75 -31.08 7.89 -13.04
N HIS B 76 -31.87 8.63 -13.81
CA HIS B 76 -33.16 8.19 -14.28
C HIS B 76 -33.13 8.04 -15.79
N LEU B 77 -33.35 6.87 -16.25
CA LEU B 77 -33.29 6.58 -17.67
C LEU B 77 -34.70 6.49 -18.24
N PRO B 78 -34.87 6.82 -19.52
CA PRO B 78 -36.20 6.68 -20.12
C PRO B 78 -36.54 5.22 -20.34
N ASP B 79 -37.81 4.91 -20.14
CA ASP B 79 -38.28 3.54 -20.30
C ASP B 79 -38.06 3.10 -21.74
N PRO B 80 -37.16 2.17 -22.02
CA PRO B 80 -36.89 1.80 -23.42
C PRO B 80 -38.03 1.05 -24.08
N ASN B 81 -39.06 0.67 -23.33
CA ASN B 81 -40.20 -0.01 -23.94
C ASN B 81 -41.17 0.98 -24.54
N LYS B 82 -41.14 2.24 -24.12
CA LYS B 82 -41.93 3.29 -24.74
C LYS B 82 -41.09 4.18 -25.65
N PHE B 83 -40.01 3.65 -26.21
CA PHE B 83 -39.29 4.30 -27.29
C PHE B 83 -39.98 3.93 -28.60
N GLY B 84 -40.24 4.92 -29.43
CA GLY B 84 -40.80 4.62 -30.73
C GLY B 84 -39.72 4.39 -31.75
N PHE B 85 -39.36 3.13 -31.97
CA PHE B 85 -38.33 2.88 -32.97
C PHE B 85 -38.95 2.83 -34.36
N PRO B 86 -38.21 3.21 -35.40
CA PRO B 86 -38.81 3.20 -36.75
C PRO B 86 -39.28 1.83 -37.18
N ASP B 87 -38.41 0.82 -37.19
CA ASP B 87 -38.79 -0.57 -37.45
C ASP B 87 -38.60 -1.39 -36.17
N THR B 88 -39.67 -1.47 -35.37
CA THR B 88 -39.65 -2.24 -34.14
C THR B 88 -39.71 -3.74 -34.38
N SER B 89 -39.48 -4.20 -35.61
CA SER B 89 -39.53 -5.61 -35.94
C SER B 89 -38.41 -6.42 -35.32
N PHE B 90 -37.51 -5.80 -34.55
CA PHE B 90 -36.42 -6.53 -33.91
C PHE B 90 -36.79 -7.04 -32.52
N TYR B 91 -37.94 -6.66 -31.99
CA TYR B 91 -38.44 -7.22 -30.75
C TYR B 91 -39.96 -7.26 -30.79
N ASN B 92 -40.53 -8.20 -30.06
CA ASN B 92 -41.98 -8.39 -30.05
C ASN B 92 -42.53 -8.01 -28.68
N PRO B 93 -43.21 -6.86 -28.54
CA PRO B 93 -43.69 -6.47 -27.21
C PRO B 93 -44.70 -7.42 -26.60
N ASP B 94 -45.13 -8.45 -27.32
CA ASP B 94 -46.03 -9.44 -26.74
C ASP B 94 -45.27 -10.46 -25.90
N THR B 95 -44.05 -10.81 -26.30
CA THR B 95 -43.25 -11.78 -25.57
C THR B 95 -41.87 -11.26 -25.18
N GLN B 96 -41.57 -9.99 -25.42
CA GLN B 96 -40.25 -9.44 -25.13
C GLN B 96 -40.38 -8.08 -24.47
N ARG B 97 -39.35 -7.73 -23.68
CA ARG B 97 -39.25 -6.41 -23.08
C ARG B 97 -37.80 -5.95 -23.18
N LEU B 98 -37.60 -4.64 -23.10
CA LEU B 98 -36.29 -4.04 -23.31
C LEU B 98 -35.76 -3.46 -22.00
N VAL B 99 -34.44 -3.27 -21.95
CA VAL B 99 -33.74 -2.75 -20.79
C VAL B 99 -32.48 -2.05 -21.27
N TRP B 100 -31.88 -1.25 -20.39
CA TRP B 100 -30.67 -0.51 -20.69
C TRP B 100 -29.48 -1.14 -19.99
N ALA B 101 -28.40 -1.35 -20.74
CA ALA B 101 -27.14 -1.81 -20.19
C ALA B 101 -26.11 -0.70 -20.26
N CYS B 102 -25.42 -0.45 -19.15
CA CYS B 102 -24.42 0.61 -19.09
C CYS B 102 -23.10 0.06 -19.64
N VAL B 103 -22.67 0.57 -20.79
CA VAL B 103 -21.47 0.10 -21.45
C VAL B 103 -20.28 1.01 -21.18
N GLY B 104 -20.52 2.30 -21.07
CA GLY B 104 -19.45 3.24 -20.77
C GLY B 104 -19.92 4.25 -19.73
N VAL B 105 -18.95 4.93 -19.14
CA VAL B 105 -19.23 5.95 -18.15
C VAL B 105 -18.01 6.84 -18.02
N GLU B 106 -18.25 8.12 -17.76
CA GLU B 106 -17.19 9.05 -17.44
C GLU B 106 -17.72 10.02 -16.39
N VAL B 107 -16.99 10.13 -15.28
CA VAL B 107 -17.35 11.06 -14.21
C VAL B 107 -16.45 12.27 -14.31
N GLY B 108 -16.91 13.31 -15.00
CA GLY B 108 -16.09 14.50 -15.18
C GLY B 108 -16.06 15.34 -13.92
N ARG B 109 -14.89 15.89 -13.64
CA ARG B 109 -14.67 16.78 -12.52
C ARG B 109 -14.14 18.11 -13.01
N GLY B 110 -14.58 19.19 -12.39
CA GLY B 110 -14.33 20.51 -12.94
C GLY B 110 -13.32 21.38 -12.23
N GLN B 111 -13.32 21.38 -10.91
CA GLN B 111 -12.51 22.34 -10.17
C GLN B 111 -11.04 21.92 -10.14
N PRO B 112 -10.14 22.83 -9.80
CA PRO B 112 -8.73 22.47 -9.74
C PRO B 112 -8.42 21.56 -8.57
N LEU B 113 -7.26 20.93 -8.65
CA LEU B 113 -6.80 20.06 -7.58
C LEU B 113 -6.41 20.89 -6.37
N GLY B 114 -6.86 20.49 -5.19
CA GLY B 114 -6.52 21.22 -3.99
C GLY B 114 -6.91 20.42 -2.77
N VAL B 115 -6.33 20.81 -1.64
CA VAL B 115 -6.61 20.17 -0.35
C VAL B 115 -7.17 21.23 0.58
N GLY B 116 -8.33 20.95 1.16
CA GLY B 116 -8.90 21.80 2.19
C GLY B 116 -8.80 21.15 3.55
N ILE B 117 -8.80 22.01 4.58
CA ILE B 117 -8.58 21.55 5.94
C ILE B 117 -9.82 21.86 6.76
N SER B 118 -10.09 21.02 7.76
CA SER B 118 -11.16 21.25 8.71
C SER B 118 -10.58 21.24 10.11
N GLY B 119 -11.36 21.75 11.07
CA GLY B 119 -10.91 21.80 12.43
C GLY B 119 -12.04 22.09 13.38
N HIS B 120 -11.69 22.15 14.66
CA HIS B 120 -12.62 22.44 15.73
C HIS B 120 -12.07 23.62 16.53
N PRO B 121 -12.90 24.61 16.88
CA PRO B 121 -12.40 25.67 17.77
C PRO B 121 -12.12 25.18 19.17
N LEU B 122 -12.82 24.14 19.63
CA LEU B 122 -12.59 23.53 20.93
C LEU B 122 -12.43 22.03 20.71
N LEU B 123 -11.21 21.60 20.40
CA LEU B 123 -10.94 20.19 20.18
C LEU B 123 -10.32 19.58 21.44
N ASN B 124 -10.79 18.39 21.80
CA ASN B 124 -10.32 17.75 23.02
C ASN B 124 -8.90 17.23 22.85
N LYS B 125 -7.91 18.11 22.96
CA LYS B 125 -6.51 17.73 22.83
C LYS B 125 -5.78 18.26 24.06
N LEU B 126 -5.08 17.38 24.75
CA LEU B 126 -4.35 17.77 25.96
C LEU B 126 -3.02 18.42 25.63
N ASP B 127 -2.12 17.67 24.98
CA ASP B 127 -0.81 18.19 24.63
C ASP B 127 -0.29 17.43 23.41
N ASP B 128 0.94 17.75 23.02
CA ASP B 128 1.61 17.10 21.90
C ASP B 128 2.57 16.07 22.45
N THR B 129 2.17 14.80 22.43
CA THR B 129 2.98 13.72 22.97
C THR B 129 3.95 13.13 21.96
N GLU B 130 4.20 13.83 20.85
CA GLU B 130 5.21 13.38 19.91
C GLU B 130 6.60 13.43 20.55
N ASN B 131 6.91 14.55 21.20
CA ASN B 131 8.21 14.74 21.84
C ASN B 131 8.03 15.76 22.94
N ALA B 132 8.01 15.30 24.19
CA ALA B 132 7.71 16.14 25.33
C ALA B 132 9.00 16.60 25.99
N SER B 133 9.13 17.91 26.19
CA SER B 133 10.33 18.47 26.82
C SER B 133 10.35 18.24 28.32
N ALA B 134 9.19 18.08 28.94
CA ALA B 134 9.09 17.80 30.36
C ALA B 134 7.72 17.21 30.64
N TYR B 135 7.60 16.51 31.76
CA TYR B 135 6.33 15.88 32.11
C TYR B 135 5.24 16.93 32.26
N ALA B 136 4.11 16.69 31.62
CA ALA B 136 3.04 17.68 31.54
C ALA B 136 2.60 18.13 32.93
N ALA B 137 2.28 19.41 33.04
CA ALA B 137 1.86 20.00 34.30
C ALA B 137 0.43 19.56 34.63
N ASN B 138 -0.16 20.16 35.66
CA ASN B 138 -1.47 19.75 36.13
C ASN B 138 -2.51 19.86 35.03
N ALA B 139 -3.48 18.94 35.06
CA ALA B 139 -4.64 19.06 34.20
C ALA B 139 -5.76 19.79 34.94
N GLY B 140 -6.38 20.75 34.27
CA GLY B 140 -7.44 21.52 34.89
C GLY B 140 -8.80 21.20 34.33
N VAL B 141 -9.56 22.24 33.99
CA VAL B 141 -10.88 22.10 33.38
C VAL B 141 -10.85 22.84 32.05
N ASP B 142 -11.40 22.20 31.02
CA ASP B 142 -11.46 22.76 29.67
C ASP B 142 -10.06 23.06 29.11
N ASN B 143 -9.31 21.98 28.91
CA ASN B 143 -8.02 22.04 28.22
C ASN B 143 -8.17 21.98 26.70
N ARG B 144 -9.35 22.28 26.17
CA ARG B 144 -9.60 22.16 24.75
C ARG B 144 -8.89 23.26 23.96
N GLU B 145 -8.36 22.89 22.80
CA GLU B 145 -7.63 23.79 21.93
C GLU B 145 -8.38 23.97 20.61
N CYS B 146 -7.86 24.86 19.78
CA CYS B 146 -8.38 25.08 18.43
C CYS B 146 -7.39 24.45 17.45
N ILE B 147 -7.74 23.27 16.94
CA ILE B 147 -6.84 22.46 16.12
C ILE B 147 -7.52 22.13 14.80
N SER B 148 -6.78 22.30 13.71
CA SER B 148 -7.26 21.95 12.39
C SER B 148 -6.38 20.88 11.78
N MET B 149 -6.88 20.23 10.74
CA MET B 149 -6.18 19.12 10.11
C MET B 149 -6.76 18.87 8.73
N ASP B 150 -5.90 18.52 7.79
CA ASP B 150 -6.33 18.03 6.50
C ASP B 150 -6.52 16.53 6.61
N TYR B 151 -7.60 16.02 6.00
CA TYR B 151 -8.01 14.66 6.26
C TYR B 151 -7.28 13.67 5.35
N LYS B 152 -7.64 12.40 5.51
CA LYS B 152 -7.17 11.35 4.63
C LYS B 152 -7.69 11.56 3.21
N GLN B 153 -6.83 11.27 2.23
CA GLN B 153 -7.19 11.42 0.83
C GLN B 153 -7.98 10.21 0.36
N THR B 154 -9.00 10.44 -0.46
CA THR B 154 -9.89 9.36 -0.88
C THR B 154 -10.48 9.69 -2.24
N GLN B 155 -10.54 8.70 -3.11
CA GLN B 155 -11.32 8.74 -4.33
C GLN B 155 -12.00 7.40 -4.51
N LEU B 156 -13.27 7.41 -4.91
CA LEU B 156 -13.93 6.18 -5.26
C LEU B 156 -15.08 6.46 -6.21
N CYS B 157 -15.42 5.46 -7.01
CA CYS B 157 -16.53 5.55 -7.95
C CYS B 157 -17.20 4.19 -8.02
N LEU B 158 -18.37 4.07 -7.41
CA LEU B 158 -19.17 2.85 -7.46
C LEU B 158 -20.34 3.06 -8.39
N ILE B 159 -20.63 2.07 -9.22
CA ILE B 159 -21.73 2.13 -10.17
C ILE B 159 -22.53 0.84 -10.05
N GLY B 160 -23.85 0.96 -10.02
CA GLY B 160 -24.74 -0.18 -9.92
C GLY B 160 -26.16 0.26 -10.13
N CYS B 161 -27.07 -0.70 -10.10
CA CYS B 161 -28.49 -0.41 -10.26
C CYS B 161 -29.24 -0.36 -8.94
N LYS B 162 -28.57 -0.63 -7.82
CA LYS B 162 -29.09 -0.46 -6.48
C LYS B 162 -28.22 0.52 -5.72
N PRO B 163 -28.74 1.17 -4.69
CA PRO B 163 -27.92 2.11 -3.93
C PRO B 163 -26.80 1.38 -3.23
N PRO B 164 -25.69 2.05 -2.97
CA PRO B 164 -24.56 1.39 -2.30
C PRO B 164 -24.87 1.10 -0.85
N ILE B 165 -24.03 0.26 -0.26
CA ILE B 165 -24.17 -0.15 1.14
C ILE B 165 -22.92 0.27 1.89
N GLY B 166 -23.11 1.00 2.99
CA GLY B 166 -22.01 1.46 3.81
C GLY B 166 -21.90 0.66 5.09
N GLU B 167 -20.81 0.92 5.81
CA GLU B 167 -20.57 0.30 7.11
C GLU B 167 -19.99 1.33 8.05
N HIS B 168 -20.38 1.24 9.32
CA HIS B 168 -19.79 2.05 10.36
C HIS B 168 -20.00 1.35 11.69
N TRP B 169 -19.27 1.79 12.71
CA TRP B 169 -19.44 1.29 14.07
C TRP B 169 -20.41 2.20 14.81
N GLY B 170 -21.36 1.58 15.52
CA GLY B 170 -22.34 2.34 16.24
C GLY B 170 -22.51 1.80 17.65
N LYS B 171 -23.33 2.50 18.43
CA LYS B 171 -23.62 2.08 19.78
C LYS B 171 -24.72 1.02 19.77
N GLY B 172 -24.48 -0.08 20.48
CA GLY B 172 -25.45 -1.14 20.63
C GLY B 172 -25.99 -1.20 22.04
N SER B 173 -27.05 -1.98 22.21
CA SER B 173 -27.63 -2.19 23.51
C SER B 173 -26.86 -3.28 24.26
N PRO B 174 -26.35 -3.01 25.46
CA PRO B 174 -25.63 -4.05 26.20
C PRO B 174 -26.56 -5.14 26.67
N CYS B 175 -25.98 -6.24 27.12
CA CYS B 175 -26.75 -7.41 27.52
C CYS B 175 -27.55 -7.11 28.79
N THR B 176 -28.39 -8.07 29.16
CA THR B 176 -29.09 -8.02 30.45
C THR B 176 -28.29 -8.77 31.50
N ASN B 177 -27.02 -8.44 31.59
CA ASN B 177 -26.07 -9.08 32.50
C ASN B 177 -25.28 -8.08 33.32
N VAL B 178 -24.94 -6.94 32.74
CA VAL B 178 -24.03 -5.98 33.35
C VAL B 178 -24.77 -4.71 33.71
N ALA B 179 -24.53 -4.21 34.92
CA ALA B 179 -25.12 -2.95 35.34
C ALA B 179 -24.37 -1.78 34.72
N VAL B 180 -25.07 -1.00 33.90
CA VAL B 180 -24.46 0.15 33.22
C VAL B 180 -24.46 1.33 34.18
N ASN B 181 -23.28 1.81 34.52
CA ASN B 181 -23.13 3.04 35.28
C ASN B 181 -23.01 4.22 34.34
N PRO B 182 -23.34 5.43 34.80
CA PRO B 182 -23.16 6.61 33.95
C PRO B 182 -21.69 6.81 33.62
N GLY B 183 -21.40 6.97 32.33
CA GLY B 183 -20.04 7.15 31.87
C GLY B 183 -19.34 5.90 31.39
N ASP B 184 -20.05 4.78 31.28
CA ASP B 184 -19.44 3.56 30.80
C ASP B 184 -19.20 3.63 29.30
N CYS B 185 -18.27 2.81 28.83
CA CYS B 185 -17.92 2.77 27.42
C CYS B 185 -19.07 2.19 26.62
N PRO B 186 -19.55 2.85 25.57
CA PRO B 186 -20.66 2.30 24.78
C PRO B 186 -20.20 1.13 23.94
N PRO B 187 -20.95 0.03 23.92
CA PRO B 187 -20.56 -1.12 23.12
C PRO B 187 -20.71 -0.84 21.64
N LEU B 188 -19.81 -1.43 20.85
CA LEU B 188 -19.75 -1.18 19.42
C LEU B 188 -20.52 -2.25 18.65
N GLU B 189 -20.84 -1.92 17.40
CA GLU B 189 -21.60 -2.81 16.52
C GLU B 189 -21.46 -2.31 15.10
N LEU B 190 -21.11 -3.22 14.18
CA LEU B 190 -20.96 -2.86 12.77
C LEU B 190 -22.36 -2.76 12.15
N ILE B 191 -22.75 -1.54 11.80
CA ILE B 191 -24.08 -1.26 11.26
C ILE B 191 -23.95 -0.98 9.77
N ASN B 192 -24.78 -1.65 8.98
CA ASN B 192 -24.84 -1.43 7.54
C ASN B 192 -25.96 -0.47 7.19
N THR B 193 -25.68 0.43 6.26
CA THR B 193 -26.66 1.44 5.86
C THR B 193 -26.48 1.71 4.38
N VAL B 194 -27.51 2.31 3.79
CA VAL B 194 -27.41 2.80 2.42
C VAL B 194 -26.68 4.12 2.41
N ILE B 195 -25.59 4.20 1.67
CA ILE B 195 -24.86 5.46 1.53
C ILE B 195 -25.73 6.44 0.76
N GLN B 196 -25.85 7.66 1.28
CA GLN B 196 -26.71 8.66 0.68
C GLN B 196 -25.89 9.87 0.27
N ASP B 197 -26.52 10.75 -0.50
CA ASP B 197 -25.85 11.98 -0.92
C ASP B 197 -25.75 12.94 0.25
N GLY B 198 -24.51 13.22 0.65
CA GLY B 198 -24.26 14.06 1.81
C GLY B 198 -23.77 13.32 3.03
N ASP B 199 -23.60 12.01 2.96
CA ASP B 199 -22.97 11.28 4.04
C ASP B 199 -21.46 11.49 3.98
N MET B 200 -20.85 11.60 5.15
CA MET B 200 -19.44 11.92 5.24
C MET B 200 -18.61 10.65 5.05
N VAL B 201 -17.58 10.74 4.23
CA VAL B 201 -16.65 9.62 4.07
C VAL B 201 -15.74 9.56 5.29
N ASP B 202 -15.19 8.38 5.54
CA ASP B 202 -14.22 8.25 6.61
C ASP B 202 -13.01 9.14 6.34
N THR B 203 -12.48 9.74 7.40
CA THR B 203 -11.49 10.80 7.28
C THR B 203 -10.18 10.49 7.99
N GLY B 204 -9.97 9.26 8.43
CA GLY B 204 -8.82 8.90 9.22
C GLY B 204 -9.10 8.72 10.69
N PHE B 205 -10.31 9.04 11.15
CA PHE B 205 -10.72 8.81 12.52
C PHE B 205 -11.59 7.57 12.65
N GLY B 206 -11.78 6.83 11.57
CA GLY B 206 -12.56 5.61 11.58
C GLY B 206 -13.93 5.80 10.97
N ALA B 207 -14.62 4.69 10.79
CA ALA B 207 -16.00 4.67 10.33
C ALA B 207 -16.87 4.44 11.55
N MET B 208 -17.18 5.51 12.27
CA MET B 208 -17.94 5.41 13.50
C MET B 208 -19.02 6.48 13.53
N ASP B 209 -19.97 6.29 14.44
CA ASP B 209 -21.10 7.19 14.63
C ASP B 209 -20.71 8.21 15.69
N PHE B 210 -20.22 9.37 15.24
CA PHE B 210 -19.68 10.36 16.16
C PHE B 210 -20.77 11.03 17.00
N THR B 211 -22.03 10.95 16.59
CA THR B 211 -23.09 11.57 17.36
C THR B 211 -23.38 10.79 18.64
N THR B 212 -23.31 9.46 18.56
CA THR B 212 -23.60 8.59 19.70
C THR B 212 -22.35 8.11 20.42
N LEU B 213 -21.28 7.82 19.70
CA LEU B 213 -20.11 7.20 20.31
C LEU B 213 -19.22 8.20 21.03
N GLN B 214 -19.40 9.50 20.81
CA GLN B 214 -18.59 10.52 21.45
C GLN B 214 -19.52 11.64 21.94
N ALA B 215 -19.95 11.54 23.19
CA ALA B 215 -20.79 12.59 23.77
C ALA B 215 -20.00 13.86 24.09
N ASN B 216 -18.66 13.80 23.97
CA ASN B 216 -17.84 14.99 24.19
C ASN B 216 -18.22 16.10 23.22
N LYS B 217 -18.57 15.75 21.98
CA LYS B 217 -18.83 16.68 20.90
C LYS B 217 -17.61 17.54 20.57
N SER B 218 -16.43 17.12 21.03
CA SER B 218 -15.22 17.92 20.82
C SER B 218 -14.01 17.05 20.51
N GLU B 219 -14.20 15.86 19.96
CA GLU B 219 -13.08 14.95 19.73
C GLU B 219 -12.59 14.95 18.30
N VAL B 220 -13.46 15.29 17.34
CA VAL B 220 -13.11 15.34 15.93
C VAL B 220 -13.56 16.69 15.38
N PRO B 221 -13.09 17.08 14.19
CA PRO B 221 -13.40 18.43 13.70
C PRO B 221 -14.87 18.68 13.43
N LEU B 222 -15.18 19.89 12.96
CA LEU B 222 -16.56 20.37 12.99
C LEU B 222 -17.46 19.63 12.00
N ASP B 223 -16.91 19.25 10.84
CA ASP B 223 -17.78 18.68 9.81
C ASP B 223 -18.15 17.23 10.09
N ILE B 224 -17.43 16.55 10.98
CA ILE B 224 -17.72 15.17 11.31
C ILE B 224 -17.99 14.96 12.79
N CYS B 225 -18.15 16.05 13.56
CA CYS B 225 -18.36 15.90 14.99
C CYS B 225 -19.76 15.41 15.31
N THR B 226 -20.73 15.65 14.42
CA THR B 226 -22.09 15.17 14.59
C THR B 226 -22.52 14.21 13.50
N SER B 227 -21.71 14.04 12.47
CA SER B 227 -22.05 13.22 11.32
C SER B 227 -21.75 11.75 11.58
N ILE B 228 -21.98 10.92 10.57
CA ILE B 228 -21.68 9.50 10.61
C ILE B 228 -20.76 9.21 9.45
N CYS B 229 -19.47 9.05 9.71
CA CYS B 229 -18.52 8.71 8.66
C CYS B 229 -18.69 7.24 8.28
N LYS B 230 -19.08 6.99 7.04
CA LYS B 230 -19.30 5.64 6.54
C LYS B 230 -18.20 5.24 5.58
N TYR B 231 -17.96 3.93 5.51
CA TYR B 231 -17.06 3.34 4.53
C TYR B 231 -17.85 2.39 3.64
N PRO B 232 -17.54 2.33 2.34
CA PRO B 232 -18.27 1.41 1.47
C PRO B 232 -17.99 -0.02 1.85
N ASP B 233 -19.04 -0.81 1.96
CA ASP B 233 -18.91 -2.21 2.39
C ASP B 233 -18.70 -3.07 1.16
N TYR B 234 -17.44 -3.21 0.75
CA TYR B 234 -17.15 -4.02 -0.42
C TYR B 234 -17.32 -5.51 -0.14
N ILE B 235 -17.01 -5.94 1.08
CA ILE B 235 -17.13 -7.35 1.45
C ILE B 235 -18.56 -7.82 1.28
N LYS B 236 -19.51 -6.95 1.63
CA LYS B 236 -20.92 -7.32 1.52
C LYS B 236 -21.50 -7.00 0.15
N MET B 237 -20.96 -5.98 -0.52
CA MET B 237 -21.51 -5.58 -1.82
C MET B 237 -21.10 -6.55 -2.92
N VAL B 238 -19.88 -7.08 -2.87
CA VAL B 238 -19.49 -8.06 -3.86
C VAL B 238 -20.04 -9.45 -3.55
N SER B 239 -20.43 -9.71 -2.31
CA SER B 239 -20.89 -11.04 -1.92
C SER B 239 -22.39 -11.19 -1.94
N GLU B 240 -23.14 -10.13 -2.24
CA GLU B 240 -24.57 -10.28 -2.39
C GLU B 240 -24.87 -11.12 -3.63
N PRO B 241 -25.97 -11.88 -3.63
CA PRO B 241 -26.16 -12.91 -4.65
C PRO B 241 -26.20 -12.39 -6.08
N TYR B 242 -27.00 -11.36 -6.35
CA TYR B 242 -27.27 -10.95 -7.72
C TYR B 242 -26.28 -9.92 -8.25
N GLY B 243 -25.49 -9.29 -7.39
CA GLY B 243 -24.48 -8.37 -7.85
C GLY B 243 -25.03 -7.07 -8.41
N ASP B 244 -25.99 -6.47 -7.74
CA ASP B 244 -26.64 -5.26 -8.24
C ASP B 244 -26.08 -3.98 -7.63
N SER B 245 -25.66 -4.02 -6.36
CA SER B 245 -25.26 -2.80 -5.68
C SER B 245 -24.04 -2.17 -6.34
N LEU B 246 -23.11 -2.99 -6.82
CA LEU B 246 -22.00 -2.50 -7.62
C LEU B 246 -21.64 -3.53 -8.67
N PHE B 247 -21.45 -3.09 -9.90
CA PHE B 247 -20.79 -3.91 -10.90
C PHE B 247 -19.56 -3.24 -11.48
N PHE B 248 -19.01 -2.26 -10.77
CA PHE B 248 -17.75 -1.61 -11.11
C PHE B 248 -17.36 -0.70 -9.96
N TYR B 249 -16.08 -0.66 -9.62
CA TYR B 249 -15.64 0.27 -8.59
C TYR B 249 -14.13 0.47 -8.67
N LEU B 250 -13.72 1.70 -8.41
CA LEU B 250 -12.31 2.07 -8.29
C LEU B 250 -12.14 2.81 -6.98
N ARG B 251 -10.93 2.76 -6.41
CA ARG B 251 -10.69 3.46 -5.15
C ARG B 251 -9.20 3.71 -4.96
N ARG B 252 -8.89 4.89 -4.45
CA ARG B 252 -7.54 5.27 -4.03
C ARG B 252 -7.67 6.01 -2.70
N GLU B 253 -6.77 5.70 -1.77
CA GLU B 253 -6.81 6.37 -0.48
C GLU B 253 -5.44 6.28 0.17
N GLN B 254 -4.95 7.42 0.65
CA GLN B 254 -3.66 7.47 1.32
C GLN B 254 -3.75 8.34 2.56
N MET B 255 -2.90 8.04 3.53
CA MET B 255 -2.93 8.72 4.82
C MET B 255 -1.64 8.42 5.57
N PHE B 256 -1.06 9.45 6.18
CA PHE B 256 0.01 9.25 7.15
C PHE B 256 -0.29 10.07 8.39
N VAL B 257 0.36 9.70 9.49
CA VAL B 257 0.17 10.38 10.76
C VAL B 257 1.03 11.64 10.77
N ARG B 258 0.38 12.80 10.84
CA ARG B 258 1.10 14.07 10.84
C ARG B 258 1.54 14.47 12.25
N HIS B 259 0.61 14.48 13.20
CA HIS B 259 0.91 14.83 14.58
C HIS B 259 0.31 13.78 15.51
N LEU B 260 0.93 13.62 16.66
CA LEU B 260 0.52 12.63 17.66
C LEU B 260 0.15 13.38 18.92
N PHE B 261 -1.09 13.20 19.37
CA PHE B 261 -1.66 14.03 20.42
C PHE B 261 -2.11 13.17 21.60
N ASN B 262 -2.79 13.81 22.54
CA ASN B 262 -3.28 13.20 23.77
C ASN B 262 -4.71 13.66 24.02
N ARG B 263 -5.47 12.86 24.74
CA ARG B 263 -6.82 13.25 25.09
C ARG B 263 -6.88 13.80 26.50
N ALA B 264 -8.00 14.44 26.83
CA ALA B 264 -8.22 15.03 28.14
C ALA B 264 -9.57 14.59 28.65
N GLY B 265 -9.62 14.17 29.90
CA GLY B 265 -10.84 13.67 30.49
C GLY B 265 -10.54 12.64 31.54
N ALA B 266 -11.59 12.25 32.26
CA ALA B 266 -11.45 11.21 33.25
C ALA B 266 -11.11 9.89 32.56
N VAL B 267 -9.96 9.32 32.90
CA VAL B 267 -9.50 8.09 32.26
C VAL B 267 -10.51 6.99 32.56
N GLY B 268 -11.17 6.49 31.52
CA GLY B 268 -12.23 5.51 31.72
C GLY B 268 -11.74 4.12 32.00
N GLU B 269 -10.54 3.78 31.50
CA GLU B 269 -9.91 2.49 31.78
C GLU B 269 -8.48 2.75 32.20
N ASN B 270 -8.14 2.38 33.43
CA ASN B 270 -6.81 2.66 33.94
C ASN B 270 -5.80 1.70 33.32
N VAL B 271 -4.56 2.15 33.25
CA VAL B 271 -3.47 1.28 32.82
C VAL B 271 -3.25 0.20 33.87
N PRO B 272 -3.22 -1.08 33.51
CA PRO B 272 -2.97 -2.12 34.52
C PRO B 272 -1.65 -1.87 35.22
N ASP B 273 -1.64 -2.14 36.53
CA ASP B 273 -0.49 -1.77 37.35
C ASP B 273 0.73 -2.63 37.05
N ASP B 274 0.58 -3.72 36.31
CA ASP B 274 1.72 -4.58 35.98
C ASP B 274 2.34 -4.23 34.63
N LEU B 275 1.93 -3.12 34.02
CA LEU B 275 2.52 -2.69 32.75
C LEU B 275 3.64 -1.68 32.95
N TYR B 276 3.56 -0.87 34.00
CA TYR B 276 4.53 0.19 34.27
C TYR B 276 5.03 0.05 35.69
N ILE B 277 5.94 0.94 36.07
CA ILE B 277 6.47 1.02 37.43
C ILE B 277 6.06 2.36 38.01
N LYS B 278 5.41 2.32 39.17
CA LYS B 278 4.83 3.52 39.77
C LYS B 278 5.86 4.62 39.90
N GLY B 279 5.44 5.85 39.62
CA GLY B 279 6.32 7.00 39.67
C GLY B 279 6.50 7.53 41.07
N SER B 280 6.99 8.77 41.14
CA SER B 280 7.22 9.42 42.42
C SER B 280 7.31 10.92 42.21
N GLY B 281 6.34 11.66 42.74
CA GLY B 281 6.37 13.10 42.67
C GLY B 281 5.77 13.65 41.39
N SER B 282 6.63 14.16 40.51
CA SER B 282 6.16 14.70 39.24
C SER B 282 5.44 13.64 38.42
N THR B 283 5.94 12.40 38.46
CA THR B 283 5.40 11.32 37.65
C THR B 283 4.52 10.35 38.45
N ALA B 284 3.87 10.84 39.50
CA ALA B 284 2.98 9.98 40.27
C ALA B 284 1.63 9.82 39.60
N ASN B 285 1.03 10.93 39.18
CA ASN B 285 -0.21 10.89 38.42
C ASN B 285 0.09 10.54 36.97
N LEU B 286 -0.52 9.47 36.47
CA LEU B 286 -0.26 9.03 35.11
C LEU B 286 -0.87 10.00 34.12
N ALA B 287 -0.04 10.47 33.20
CA ALA B 287 -0.54 11.28 32.09
C ALA B 287 -1.52 10.45 31.25
N SER B 288 -2.35 11.14 30.49
CA SER B 288 -3.38 10.46 29.71
C SER B 288 -2.76 9.49 28.71
N SER B 289 -3.26 8.26 28.74
CA SER B 289 -2.85 7.23 27.79
C SER B 289 -3.86 7.03 26.68
N ASN B 290 -4.70 8.02 26.40
CA ASN B 290 -5.60 7.99 25.26
C ASN B 290 -5.00 8.86 24.17
N TYR B 291 -4.49 8.24 23.12
CA TYR B 291 -3.80 8.93 22.06
C TYR B 291 -4.66 8.98 20.80
N PHE B 292 -4.43 10.00 19.98
CA PHE B 292 -5.08 10.08 18.69
C PHE B 292 -4.16 10.84 17.76
N PRO B 293 -3.93 10.35 16.56
CA PRO B 293 -3.16 11.11 15.57
C PRO B 293 -4.06 11.95 14.69
N THR B 294 -3.51 13.08 14.24
CA THR B 294 -4.20 13.88 13.24
C THR B 294 -3.86 13.32 11.87
N PRO B 295 -4.83 12.93 11.06
CA PRO B 295 -4.52 12.37 9.75
C PRO B 295 -3.98 13.42 8.82
N SER B 296 -3.47 12.96 7.67
CA SER B 296 -3.06 13.88 6.63
C SER B 296 -2.95 13.07 5.34
N GLY B 297 -3.73 13.47 4.32
CA GLY B 297 -3.53 12.94 2.99
C GLY B 297 -2.53 13.80 2.28
N SER B 298 -1.38 13.23 1.93
CA SER B 298 -0.26 14.00 1.45
C SER B 298 -0.52 14.44 0.02
N MET B 299 0.53 14.84 -0.69
CA MET B 299 0.45 15.44 -2.02
C MET B 299 -0.63 14.82 -2.89
N VAL B 300 -1.49 15.66 -3.43
CA VAL B 300 -2.43 15.25 -4.46
C VAL B 300 -1.80 15.51 -5.81
N THR B 301 -2.03 14.61 -6.76
CA THR B 301 -1.37 14.70 -8.05
C THR B 301 -2.38 14.42 -9.15
N SER B 302 -2.14 15.01 -10.32
CA SER B 302 -2.96 14.73 -11.49
C SER B 302 -2.64 13.38 -12.11
N ASP B 303 -1.54 12.76 -11.72
CA ASP B 303 -1.18 11.45 -12.27
C ASP B 303 -1.96 10.33 -11.60
N ALA B 304 -2.38 10.54 -10.35
CA ALA B 304 -3.12 9.56 -9.60
C ALA B 304 -4.62 9.80 -9.63
N GLN B 305 -5.14 10.39 -10.70
CA GLN B 305 -6.54 10.77 -10.75
C GLN B 305 -7.40 9.63 -11.28
N ILE B 306 -8.49 9.36 -10.59
CA ILE B 306 -9.44 8.33 -11.02
C ILE B 306 -10.42 8.90 -12.03
N PHE B 307 -10.80 10.17 -11.88
CA PHE B 307 -11.89 10.73 -12.65
C PHE B 307 -11.39 11.36 -13.94
N ASN B 308 -12.32 11.89 -14.73
CA ASN B 308 -12.04 12.48 -16.04
C ASN B 308 -11.48 11.45 -17.02
N LYS B 309 -11.87 10.19 -16.85
CA LYS B 309 -11.45 9.11 -17.72
C LYS B 309 -12.65 8.24 -18.07
N PRO B 310 -12.72 7.73 -19.30
CA PRO B 310 -13.84 6.85 -19.68
C PRO B 310 -13.62 5.43 -19.19
N TYR B 311 -14.68 4.85 -18.62
CA TYR B 311 -14.64 3.48 -18.12
C TYR B 311 -15.59 2.65 -18.96
N TRP B 312 -15.05 1.61 -19.59
CA TRP B 312 -15.83 0.70 -20.41
C TRP B 312 -16.12 -0.56 -19.60
N LEU B 313 -17.40 -0.80 -19.32
CA LEU B 313 -17.82 -1.89 -18.45
C LEU B 313 -18.10 -3.10 -19.32
N GLN B 314 -17.04 -3.88 -19.57
CA GLN B 314 -17.16 -5.07 -20.42
C GLN B 314 -17.63 -6.29 -19.63
N ARG B 315 -16.93 -6.62 -18.55
CA ARG B 315 -17.26 -7.76 -17.71
C ARG B 315 -17.45 -7.27 -16.28
N ALA B 316 -18.70 -7.23 -15.85
CA ALA B 316 -19.01 -6.77 -14.50
C ALA B 316 -18.49 -7.75 -13.46
N GLN B 317 -18.41 -7.29 -12.21
CA GLN B 317 -17.85 -8.13 -11.16
C GLN B 317 -18.80 -9.26 -10.76
N GLY B 318 -20.11 -9.02 -10.82
CA GLY B 318 -21.09 -10.00 -10.41
C GLY B 318 -21.83 -10.62 -11.57
N HIS B 319 -23.01 -11.15 -11.28
CA HIS B 319 -23.83 -11.76 -12.31
C HIS B 319 -24.63 -10.74 -13.09
N ASN B 320 -24.81 -9.54 -12.54
CA ASN B 320 -25.48 -8.46 -13.26
C ASN B 320 -24.43 -7.75 -14.10
N ASN B 321 -24.36 -8.10 -15.39
CA ASN B 321 -23.33 -7.56 -16.27
C ASN B 321 -23.73 -6.18 -16.79
N GLY B 322 -23.98 -5.27 -15.85
CA GLY B 322 -24.25 -3.90 -16.20
C GLY B 322 -25.66 -3.61 -16.66
N ILE B 323 -26.61 -4.47 -16.35
CA ILE B 323 -28.00 -4.24 -16.72
C ILE B 323 -28.63 -3.30 -15.70
N CYS B 324 -29.20 -2.20 -16.19
CA CYS B 324 -29.83 -1.20 -15.35
C CYS B 324 -31.29 -1.56 -15.19
N TRP B 325 -31.58 -2.48 -14.28
CA TRP B 325 -32.95 -2.90 -14.02
C TRP B 325 -33.76 -1.74 -13.47
N GLY B 326 -35.03 -1.69 -13.85
CA GLY B 326 -35.91 -0.66 -13.35
C GLY B 326 -35.61 0.74 -13.86
N ASN B 327 -34.80 0.85 -14.91
CA ASN B 327 -34.41 2.13 -15.50
C ASN B 327 -33.80 3.04 -14.44
N GLN B 328 -32.70 2.58 -13.86
CA GLN B 328 -32.07 3.26 -12.76
C GLN B 328 -30.57 3.01 -12.81
N LEU B 329 -29.81 3.87 -12.13
CA LEU B 329 -28.37 3.76 -12.07
C LEU B 329 -27.88 4.67 -10.97
N PHE B 330 -27.01 4.14 -10.11
CA PHE B 330 -26.49 4.88 -8.97
C PHE B 330 -24.99 5.02 -9.13
N VAL B 331 -24.51 6.25 -9.22
CA VAL B 331 -23.09 6.55 -9.34
C VAL B 331 -22.66 7.23 -8.05
N THR B 332 -21.87 6.53 -7.24
CA THR B 332 -21.37 7.07 -5.98
C THR B 332 -19.94 7.54 -6.20
N VAL B 333 -19.64 8.76 -5.76
CA VAL B 333 -18.36 9.40 -6.01
C VAL B 333 -17.87 10.07 -4.74
N VAL B 334 -16.61 9.83 -4.39
CA VAL B 334 -15.91 10.60 -3.38
C VAL B 334 -14.65 11.15 -4.03
N ASP B 335 -14.40 12.44 -3.83
CA ASP B 335 -13.22 13.09 -4.41
C ASP B 335 -12.69 14.08 -3.38
N THR B 336 -11.75 13.62 -2.55
CA THR B 336 -11.08 14.47 -1.58
C THR B 336 -9.86 15.16 -2.19
N THR B 337 -9.82 15.26 -3.51
CA THR B 337 -8.70 15.85 -4.23
C THR B 337 -9.02 17.24 -4.75
N ARG B 338 -10.28 17.64 -4.73
CA ARG B 338 -10.71 18.98 -5.10
C ARG B 338 -11.52 19.61 -3.98
N SER B 339 -11.01 19.53 -2.75
CA SER B 339 -11.72 20.02 -1.57
C SER B 339 -11.24 21.40 -1.13
N THR B 340 -10.79 22.24 -2.06
CA THR B 340 -10.35 23.57 -1.72
C THR B 340 -11.53 24.43 -1.28
N ASN B 341 -11.50 24.86 -0.02
CA ASN B 341 -12.53 25.75 0.52
C ASN B 341 -12.08 27.19 0.31
N MET B 342 -12.86 27.96 -0.44
CA MET B 342 -12.50 29.33 -0.74
C MET B 342 -12.94 30.24 0.40
N SER B 343 -12.04 31.10 0.85
CA SER B 343 -12.30 32.01 1.95
C SER B 343 -12.72 33.36 1.40
N LEU B 344 -13.98 33.72 1.62
CA LEU B 344 -14.55 34.98 1.18
C LEU B 344 -14.45 35.99 2.30
N CYS B 345 -14.77 37.25 2.00
CA CYS B 345 -14.81 38.28 3.02
C CYS B 345 -15.62 39.45 2.50
N ALA B 346 -16.33 40.11 3.40
CA ALA B 346 -17.12 41.28 3.08
C ALA B 346 -16.78 42.41 4.03
N ALA B 347 -16.78 43.63 3.51
CA ALA B 347 -16.49 44.81 4.30
C ALA B 347 -17.79 45.40 4.82
N ILE B 348 -17.85 45.64 6.13
CA ILE B 348 -19.06 46.20 6.72
C ILE B 348 -19.23 47.66 6.31
N SER B 349 -18.12 48.39 6.17
CA SER B 349 -18.15 49.76 5.69
C SER B 349 -17.00 49.97 4.72
N THR B 350 -17.32 50.51 3.55
CA THR B 350 -16.34 50.71 2.49
C THR B 350 -15.73 52.11 2.50
N SER B 351 -15.68 52.76 3.66
CA SER B 351 -15.16 54.12 3.74
C SER B 351 -13.77 54.18 4.35
N GLU B 352 -13.52 53.36 5.37
CA GLU B 352 -12.33 53.49 6.19
C GLU B 352 -11.04 53.37 5.36
N THR B 353 -9.98 53.97 5.90
CA THR B 353 -8.65 53.94 5.28
C THR B 353 -7.64 53.22 6.15
N THR B 354 -8.10 52.40 7.10
CA THR B 354 -7.24 51.66 8.01
C THR B 354 -7.87 50.30 8.30
N TYR B 355 -7.03 49.28 8.41
CA TYR B 355 -7.55 47.93 8.56
C TYR B 355 -7.96 47.68 10.01
N LYS B 356 -9.18 47.15 10.19
CA LYS B 356 -9.67 46.75 11.50
C LYS B 356 -10.30 45.38 11.38
N ASN B 357 -9.95 44.47 12.30
CA ASN B 357 -10.52 43.13 12.27
C ASN B 357 -12.04 43.14 12.42
N THR B 358 -12.59 44.14 13.11
CA THR B 358 -14.02 44.25 13.28
C THR B 358 -14.72 44.80 12.05
N ASN B 359 -13.97 45.16 11.01
CA ASN B 359 -14.54 45.78 9.82
C ASN B 359 -14.88 44.77 8.73
N PHE B 360 -14.39 43.54 8.84
CA PHE B 360 -14.53 42.55 7.78
C PHE B 360 -15.16 41.28 8.34
N LYS B 361 -16.12 40.74 7.60
CA LYS B 361 -16.80 39.50 7.98
C LYS B 361 -16.25 38.37 7.12
N GLU B 362 -15.55 37.43 7.74
CA GLU B 362 -14.96 36.30 7.06
C GLU B 362 -15.99 35.22 6.83
N TYR B 363 -15.87 34.52 5.70
CA TYR B 363 -16.77 33.44 5.35
C TYR B 363 -15.97 32.29 4.75
N LEU B 364 -16.65 31.15 4.58
CA LEU B 364 -16.10 30.00 3.88
C LEU B 364 -17.12 29.51 2.87
N ARG B 365 -16.64 29.11 1.70
CA ARG B 365 -17.50 28.56 0.67
C ARG B 365 -16.74 27.46 -0.06
N HIS B 366 -17.48 26.43 -0.46
CA HIS B 366 -16.93 25.32 -1.24
C HIS B 366 -17.83 25.08 -2.43
N GLY B 367 -17.23 24.97 -3.61
CA GLY B 367 -17.96 24.72 -4.84
C GLY B 367 -17.52 23.43 -5.49
N GLU B 368 -18.49 22.59 -5.86
CA GLU B 368 -18.22 21.34 -6.54
C GLU B 368 -18.75 21.43 -7.97
N GLU B 369 -18.17 20.63 -8.87
CA GLU B 369 -18.56 20.65 -10.27
C GLU B 369 -18.43 19.25 -10.84
N TYR B 370 -19.52 18.71 -11.35
CA TYR B 370 -19.57 17.37 -11.92
C TYR B 370 -20.11 17.43 -13.34
N ASP B 371 -19.84 16.37 -14.09
CA ASP B 371 -20.40 16.20 -15.43
C ASP B 371 -20.33 14.72 -15.79
N LEU B 372 -21.49 14.08 -15.86
CA LEU B 372 -21.57 12.65 -16.10
C LEU B 372 -21.96 12.38 -17.55
N GLN B 373 -21.40 11.30 -18.10
CA GLN B 373 -21.76 10.85 -19.44
C GLN B 373 -21.75 9.33 -19.43
N PHE B 374 -22.72 8.74 -20.13
CA PHE B 374 -22.85 7.28 -20.18
C PHE B 374 -23.10 6.86 -21.62
N ILE B 375 -22.72 5.64 -21.95
CA ILE B 375 -23.09 5.01 -23.20
C ILE B 375 -23.91 3.77 -22.88
N PHE B 376 -25.19 3.80 -23.21
CA PHE B 376 -26.12 2.73 -22.89
C PHE B 376 -26.35 1.87 -24.12
N GLN B 377 -26.42 0.56 -23.91
CA GLN B 377 -26.72 -0.41 -24.95
C GLN B 377 -28.10 -0.99 -24.72
N LEU B 378 -28.91 -1.04 -25.77
CA LEU B 378 -30.25 -1.59 -25.67
C LEU B 378 -30.19 -3.11 -25.70
N CYS B 379 -30.94 -3.74 -24.80
CA CYS B 379 -30.98 -5.19 -24.68
C CYS B 379 -32.41 -5.67 -24.58
N LYS B 380 -32.71 -6.80 -25.20
CA LYS B 380 -34.05 -7.36 -25.24
C LYS B 380 -34.11 -8.61 -24.37
N ILE B 381 -35.10 -8.66 -23.49
CA ILE B 381 -35.32 -9.80 -22.61
C ILE B 381 -36.56 -10.52 -23.11
N THR B 382 -36.39 -11.75 -23.60
CA THR B 382 -37.52 -12.55 -24.05
C THR B 382 -38.12 -13.32 -22.89
N LEU B 383 -39.27 -12.86 -22.42
CA LEU B 383 -39.88 -13.37 -21.21
C LEU B 383 -40.60 -14.68 -21.51
N THR B 384 -39.92 -15.80 -21.31
CA THR B 384 -40.53 -17.11 -21.29
C THR B 384 -40.97 -17.42 -19.87
N ALA B 385 -41.48 -18.64 -19.65
CA ALA B 385 -42.01 -18.99 -18.34
C ALA B 385 -40.92 -19.00 -17.28
N ASP B 386 -39.81 -19.69 -17.55
CA ASP B 386 -38.76 -19.80 -16.54
C ASP B 386 -38.01 -18.49 -16.37
N VAL B 387 -37.83 -17.75 -17.47
CA VAL B 387 -37.25 -16.42 -17.35
C VAL B 387 -38.15 -15.53 -16.50
N MET B 388 -39.46 -15.62 -16.70
CA MET B 388 -40.40 -14.84 -15.90
C MET B 388 -40.31 -15.21 -14.43
N THR B 389 -40.26 -16.51 -14.13
CA THR B 389 -40.18 -16.94 -12.73
C THR B 389 -38.88 -16.50 -12.09
N TYR B 390 -37.77 -16.61 -12.82
CA TYR B 390 -36.47 -16.18 -12.30
C TYR B 390 -36.46 -14.70 -12.01
N ILE B 391 -36.94 -13.88 -12.96
CA ILE B 391 -36.94 -12.43 -12.76
C ILE B 391 -37.88 -12.06 -11.63
N HIS B 392 -39.00 -12.78 -11.49
CA HIS B 392 -39.93 -12.48 -10.41
C HIS B 392 -39.33 -12.83 -9.06
N SER B 393 -38.55 -13.91 -8.98
CA SER B 393 -37.88 -14.22 -7.74
C SER B 393 -36.79 -13.20 -7.42
N MET B 394 -36.05 -12.78 -8.46
CA MET B 394 -34.97 -11.81 -8.26
C MET B 394 -35.52 -10.46 -7.81
N ASN B 395 -36.52 -9.95 -8.52
CA ASN B 395 -37.08 -8.63 -8.22
C ASN B 395 -38.49 -8.57 -8.79
N SER B 396 -39.47 -8.25 -7.95
CA SER B 396 -40.86 -8.27 -8.42
C SER B 396 -41.25 -6.95 -9.06
N THR B 397 -40.71 -5.85 -8.55
CA THR B 397 -41.01 -4.55 -9.14
C THR B 397 -40.53 -4.44 -10.58
N ILE B 398 -39.64 -5.33 -11.02
CA ILE B 398 -39.30 -5.41 -12.45
C ILE B 398 -40.51 -5.85 -13.24
N LEU B 399 -41.02 -7.03 -12.95
CA LEU B 399 -42.18 -7.56 -13.66
C LEU B 399 -43.47 -6.81 -13.33
N GLU B 400 -43.44 -5.86 -12.40
CA GLU B 400 -44.56 -4.93 -12.27
C GLU B 400 -44.35 -3.65 -13.09
N ASP B 401 -43.12 -3.16 -13.19
CA ASP B 401 -42.84 -1.99 -14.00
C ASP B 401 -43.11 -2.27 -15.48
N TRP B 402 -42.82 -3.50 -15.91
CA TRP B 402 -43.05 -3.91 -17.28
C TRP B 402 -44.40 -4.63 -17.36
N ASN B 403 -45.38 -3.99 -17.99
CA ASN B 403 -46.71 -4.56 -18.13
C ASN B 403 -46.69 -5.98 -18.70
N PHE B 404 -46.88 -6.97 -17.82
CA PHE B 404 -46.88 -8.37 -18.23
C PHE B 404 -47.58 -9.26 -17.21
N GLY B 405 -47.19 -9.12 -15.94
CA GLY B 405 -47.76 -9.92 -14.88
C GLY B 405 -49.04 -9.36 -14.30
N LEU B 406 -49.46 -9.91 -13.16
CA LEU B 406 -50.68 -9.48 -12.47
C LEU B 406 -51.88 -9.40 -13.41
N GLN B 407 -52.30 -10.55 -13.92
CA GLN B 407 -53.43 -10.62 -14.83
C GLN B 407 -54.71 -10.38 -14.01
N PRO B 408 -55.74 -9.78 -14.61
CA PRO B 408 -56.75 -9.03 -13.83
C PRO B 408 -57.71 -9.95 -13.09
N PRO B 409 -57.42 -10.28 -11.83
CA PRO B 409 -58.21 -11.31 -11.12
C PRO B 409 -59.69 -11.03 -11.11
N PRO B 410 -60.17 -9.88 -10.56
CA PRO B 410 -61.59 -9.81 -10.20
C PRO B 410 -62.50 -9.51 -11.37
N GLY B 411 -63.80 -9.42 -11.08
CA GLY B 411 -64.75 -8.96 -12.07
C GLY B 411 -65.28 -7.58 -11.74
N GLY B 412 -66.34 -7.18 -12.45
CA GLY B 412 -66.96 -5.89 -12.23
C GLY B 412 -67.92 -5.91 -11.05
N THR B 413 -68.15 -4.72 -10.49
CA THR B 413 -69.01 -4.53 -9.34
C THR B 413 -69.63 -3.13 -9.42
N LEU B 414 -70.95 -3.08 -9.23
CA LEU B 414 -71.68 -1.82 -9.25
C LEU B 414 -71.27 -0.91 -8.09
N GLU B 415 -71.24 0.40 -8.33
CA GLU B 415 -70.84 1.35 -7.30
C GLU B 415 -71.99 2.26 -6.91
N ASP B 416 -73.07 2.22 -7.71
CA ASP B 416 -74.36 2.81 -7.42
C ASP B 416 -74.39 4.34 -7.51
N THR B 417 -73.23 4.98 -7.64
CA THR B 417 -73.09 6.34 -8.18
C THR B 417 -74.24 7.28 -7.84
N TYR B 418 -74.47 7.54 -6.55
CA TYR B 418 -75.54 8.45 -6.15
C TYR B 418 -75.44 9.78 -6.91
N ARG B 419 -76.57 10.26 -7.41
CA ARG B 419 -76.57 11.39 -8.32
C ARG B 419 -76.12 12.68 -7.63
N PHE B 420 -76.87 13.12 -6.64
CA PHE B 420 -76.54 14.34 -5.89
C PHE B 420 -75.74 13.94 -4.66
N VAL B 421 -74.42 14.06 -4.75
CA VAL B 421 -73.52 13.55 -3.73
C VAL B 421 -73.44 14.46 -2.51
N THR B 422 -73.72 15.76 -2.65
CA THR B 422 -73.59 16.72 -1.56
C THR B 422 -74.94 17.15 -0.99
N SER B 423 -75.90 16.24 -0.95
CA SER B 423 -77.21 16.51 -0.40
C SER B 423 -77.33 15.83 0.98
N GLN B 424 -78.38 16.22 1.70
CA GLN B 424 -78.62 15.67 3.03
C GLN B 424 -79.84 14.75 3.06
N ALA B 425 -80.17 14.11 1.94
CA ALA B 425 -81.21 13.09 1.92
C ALA B 425 -80.62 11.69 1.79
N ILE B 426 -79.32 11.60 1.53
CA ILE B 426 -78.60 10.34 1.42
C ILE B 426 -77.48 10.31 2.45
N ALA B 427 -76.71 9.23 2.49
CA ALA B 427 -75.57 9.14 3.38
C ALA B 427 -74.41 9.94 2.82
N CYS B 428 -73.22 9.79 3.40
CA CYS B 428 -72.06 10.56 2.97
C CYS B 428 -71.27 9.72 1.96
N GLN B 429 -71.02 10.30 0.80
CA GLN B 429 -70.20 9.68 -0.25
C GLN B 429 -68.88 10.43 -0.24
N LYS B 430 -67.82 9.76 0.19
CA LYS B 430 -66.57 10.44 0.55
C LYS B 430 -65.37 9.88 -0.21
N HIS B 431 -65.46 8.62 -0.64
CA HIS B 431 -64.32 7.71 -0.54
C HIS B 431 -63.00 8.30 -1.02
N THR B 432 -62.80 8.35 -2.34
CA THR B 432 -61.62 8.88 -3.06
C THR B 432 -60.36 8.81 -2.18
N PRO B 433 -60.01 7.65 -1.61
CA PRO B 433 -59.02 7.64 -0.51
C PRO B 433 -57.58 7.85 -0.97
N PRO B 434 -57.08 7.11 -1.99
CA PRO B 434 -55.64 6.85 -2.03
C PRO B 434 -54.80 8.00 -2.57
N ALA B 435 -53.69 8.28 -1.90
CA ALA B 435 -52.62 9.08 -2.48
C ALA B 435 -51.66 8.12 -3.17
N PRO B 436 -50.91 8.56 -4.18
CA PRO B 436 -50.01 7.63 -4.88
C PRO B 436 -48.93 7.10 -3.94
N LYS B 437 -48.75 5.78 -3.97
CA LYS B 437 -47.76 5.11 -3.12
C LYS B 437 -46.86 4.27 -4.04
N GLU B 438 -45.76 4.87 -4.50
CA GLU B 438 -44.86 4.18 -5.41
C GLU B 438 -43.46 4.02 -4.83
N ASP B 439 -42.85 5.12 -4.40
CA ASP B 439 -41.41 5.17 -4.17
C ASP B 439 -40.99 4.35 -2.95
N PRO B 440 -40.23 3.27 -3.14
CA PRO B 440 -39.67 2.56 -1.98
C PRO B 440 -38.36 3.17 -1.48
N LEU B 441 -37.64 3.91 -2.32
CA LEU B 441 -36.45 4.64 -1.91
C LEU B 441 -36.74 6.10 -1.62
N LYS B 442 -37.94 6.40 -1.13
CA LYS B 442 -38.31 7.79 -0.85
C LYS B 442 -37.62 8.30 0.41
N LYS B 443 -37.33 7.41 1.36
CA LYS B 443 -36.71 7.83 2.62
C LYS B 443 -35.29 8.32 2.43
N TYR B 444 -34.62 7.87 1.37
CA TYR B 444 -33.22 8.21 1.13
C TYR B 444 -33.12 9.48 0.29
N THR B 445 -32.00 10.19 0.43
CA THR B 445 -31.75 11.42 -0.31
C THR B 445 -30.56 11.22 -1.24
N PHE B 446 -30.81 11.35 -2.54
CA PHE B 446 -29.78 11.22 -3.56
C PHE B 446 -29.76 12.47 -4.43
N TRP B 447 -28.65 12.67 -5.13
CA TRP B 447 -28.58 13.72 -6.13
C TRP B 447 -29.23 13.24 -7.41
N GLU B 448 -30.56 13.28 -7.46
CA GLU B 448 -31.31 12.66 -8.54
C GLU B 448 -31.07 13.38 -9.86
N VAL B 449 -30.50 12.65 -10.81
CA VAL B 449 -30.19 13.15 -12.15
C VAL B 449 -31.20 12.56 -13.11
N ASN B 450 -31.81 13.42 -13.92
CA ASN B 450 -32.89 13.01 -14.81
C ASN B 450 -32.35 12.99 -16.25
N LEU B 451 -32.11 11.80 -16.77
CA LEU B 451 -31.64 11.61 -18.14
C LEU B 451 -32.73 11.08 -19.06
N LYS B 452 -33.98 11.49 -18.85
CA LYS B 452 -35.06 10.98 -19.68
C LYS B 452 -35.15 11.74 -21.00
N GLU B 453 -34.90 13.04 -20.98
CA GLU B 453 -34.90 13.86 -22.18
C GLU B 453 -33.49 14.12 -22.71
N LYS B 454 -32.55 13.21 -22.43
CA LYS B 454 -31.15 13.43 -22.75
C LYS B 454 -30.51 12.29 -23.52
N PHE B 455 -31.28 11.30 -23.94
CA PHE B 455 -30.72 10.22 -24.74
C PHE B 455 -30.55 10.65 -26.19
N SER B 456 -29.48 10.18 -26.81
CA SER B 456 -29.17 10.57 -28.18
C SER B 456 -28.43 9.44 -28.87
N ALA B 457 -28.83 9.12 -30.09
CA ALA B 457 -28.22 8.05 -30.86
C ALA B 457 -27.04 8.52 -31.71
N ASP B 458 -26.66 9.79 -31.59
CA ASP B 458 -25.54 10.35 -32.38
C ASP B 458 -24.30 10.39 -31.50
N LEU B 459 -23.69 9.21 -31.31
CA LEU B 459 -22.51 9.12 -30.47
C LEU B 459 -21.34 9.91 -31.04
N ASP B 460 -21.32 10.15 -32.35
CA ASP B 460 -20.23 10.89 -32.96
C ASP B 460 -20.17 12.33 -32.47
N GLN B 461 -21.27 12.85 -31.93
CA GLN B 461 -21.40 14.25 -31.59
C GLN B 461 -21.05 14.55 -30.14
N PHE B 462 -20.71 13.55 -29.34
CA PHE B 462 -20.42 13.74 -27.94
C PHE B 462 -19.04 13.19 -27.60
N PRO B 463 -18.33 13.82 -26.66
CA PRO B 463 -16.94 13.39 -26.39
C PRO B 463 -16.83 11.94 -25.96
N LEU B 464 -17.62 11.50 -24.99
CA LEU B 464 -17.56 10.10 -24.60
C LEU B 464 -18.11 9.21 -25.71
N GLY B 465 -19.07 9.71 -26.48
CA GLY B 465 -19.57 8.93 -27.60
C GLY B 465 -18.50 8.64 -28.64
N ARG B 466 -17.73 9.66 -29.00
CA ARG B 466 -16.67 9.43 -29.99
C ARG B 466 -15.49 8.69 -29.38
N LYS B 467 -15.27 8.80 -28.07
CA LYS B 467 -14.30 7.94 -27.42
C LYS B 467 -14.73 6.47 -27.52
N PHE B 468 -16.02 6.21 -27.33
CA PHE B 468 -16.52 4.84 -27.45
C PHE B 468 -16.40 4.32 -28.87
N LEU B 469 -16.78 5.14 -29.84
CA LEU B 469 -16.62 4.75 -31.25
C LEU B 469 -15.16 4.42 -31.55
N LEU B 470 -14.24 5.29 -31.13
CA LEU B 470 -12.82 5.07 -31.40
C LEU B 470 -12.32 3.80 -30.74
N GLN B 471 -12.75 3.53 -29.51
CA GLN B 471 -12.30 2.35 -28.80
C GLN B 471 -12.86 1.08 -29.43
N ALA B 472 -14.06 1.16 -30.00
CA ALA B 472 -14.70 0.01 -30.62
C ALA B 472 -14.31 -0.16 -32.09
N GLY B 473 -13.62 0.81 -32.68
CA GLY B 473 -13.39 0.83 -34.11
C GLY B 473 -14.37 1.77 -34.77
N LEU B 474 -15.38 1.21 -35.44
CA LEU B 474 -16.65 1.87 -35.75
C LEU B 474 -16.56 3.37 -36.01
N LYS B 475 -15.81 3.79 -37.02
CA LYS B 475 -15.79 5.20 -37.40
C LYS B 475 -17.15 5.60 -37.95
N ALA B 476 -17.42 6.91 -37.93
CA ALA B 476 -18.70 7.44 -38.40
C ALA B 476 -18.83 7.28 -39.90
N LYS B 477 -20.07 7.14 -40.38
CA LYS B 477 -20.34 7.04 -41.80
C LYS B 477 -19.98 8.34 -42.51
N PRO B 478 -19.18 8.31 -43.57
CA PRO B 478 -18.74 9.55 -44.21
C PRO B 478 -19.86 10.27 -44.92
N LYS B 479 -19.83 11.60 -44.83
CA LYS B 479 -20.81 12.44 -45.50
C LYS B 479 -20.23 13.28 -46.63
N PHE B 480 -18.95 13.63 -46.61
CA PHE B 480 -18.36 14.40 -47.69
C PHE B 480 -17.53 13.50 -48.60
N THR B 481 -17.70 13.67 -49.90
CA THR B 481 -17.01 12.87 -50.91
C THR B 481 -15.49 12.86 -50.72
N MET C 1 -66.87 -6.32 -19.55
CA MET C 1 -65.83 -7.15 -18.94
C MET C 1 -64.55 -6.36 -18.75
N SER C 2 -63.69 -6.39 -19.76
CA SER C 2 -62.43 -5.64 -19.71
C SER C 2 -62.64 -4.27 -20.34
N LEU C 3 -62.73 -3.24 -19.50
CA LEU C 3 -63.02 -1.89 -19.99
C LEU C 3 -61.84 -1.33 -20.78
N TRP C 4 -62.05 -0.13 -21.33
CA TRP C 4 -61.08 0.48 -22.23
C TRP C 4 -60.69 1.87 -21.72
N LEU C 5 -60.32 1.94 -20.44
CA LEU C 5 -59.94 3.20 -19.83
C LEU C 5 -58.88 3.92 -20.64
N PRO C 6 -58.96 5.25 -20.75
CA PRO C 6 -57.95 6.00 -21.48
C PRO C 6 -56.76 6.30 -20.59
N SER C 7 -55.65 6.68 -21.22
CA SER C 7 -54.43 6.95 -20.46
C SER C 7 -53.57 7.95 -21.21
N GLU C 8 -52.66 8.58 -20.47
CA GLU C 8 -51.63 9.41 -21.08
C GLU C 8 -50.49 8.54 -21.57
N ALA C 9 -50.37 8.41 -22.89
CA ALA C 9 -49.38 7.56 -23.53
C ALA C 9 -48.13 8.39 -23.78
N THR C 10 -47.03 7.99 -23.16
CA THR C 10 -45.73 8.65 -23.35
C THR C 10 -44.94 7.86 -24.38
N VAL C 11 -44.55 8.53 -25.46
CA VAL C 11 -43.69 7.93 -26.49
C VAL C 11 -42.49 8.83 -26.68
N TYR C 12 -41.31 8.23 -26.81
CA TYR C 12 -40.09 8.96 -27.11
C TYR C 12 -39.84 8.82 -28.61
N LEU C 13 -40.57 9.60 -29.38
CA LEU C 13 -40.52 9.50 -30.83
C LEU C 13 -39.13 9.83 -31.35
N PRO C 14 -38.71 9.33 -32.50
CA PRO C 14 -37.39 9.65 -33.02
C PRO C 14 -37.31 11.09 -33.49
N PRO C 15 -36.22 11.78 -33.20
CA PRO C 15 -36.15 13.20 -33.51
C PRO C 15 -35.93 13.46 -35.00
N VAL C 16 -35.70 14.72 -35.33
CA VAL C 16 -35.43 15.14 -36.70
C VAL C 16 -33.92 15.17 -36.92
N PRO C 17 -33.41 14.59 -38.01
CA PRO C 17 -31.96 14.61 -38.25
C PRO C 17 -31.48 16.02 -38.55
N VAL C 18 -30.51 16.55 -37.80
CA VAL C 18 -30.28 17.99 -37.85
C VAL C 18 -29.01 18.40 -38.60
N SER C 19 -27.84 18.18 -38.01
CA SER C 19 -26.64 18.73 -38.64
C SER C 19 -25.47 17.77 -38.74
N LYS C 20 -25.21 16.99 -37.69
CA LYS C 20 -24.16 15.98 -37.66
C LYS C 20 -22.81 16.57 -38.08
N VAL C 21 -22.29 17.44 -37.22
CA VAL C 21 -20.92 17.94 -37.32
C VAL C 21 -19.96 16.80 -37.61
N VAL C 22 -19.13 16.95 -38.64
CA VAL C 22 -18.26 15.87 -39.12
C VAL C 22 -16.80 16.23 -38.83
N SER C 23 -15.95 15.22 -38.93
CA SER C 23 -14.52 15.41 -38.75
C SER C 23 -13.94 16.22 -39.90
N THR C 24 -12.79 16.82 -39.65
CA THR C 24 -12.10 17.57 -40.71
C THR C 24 -11.39 16.66 -41.69
N ASP C 25 -11.30 15.35 -41.42
CA ASP C 25 -10.71 14.44 -42.39
C ASP C 25 -11.67 14.11 -43.52
N GLU C 26 -12.91 14.60 -43.46
CA GLU C 26 -13.88 14.27 -44.50
C GLU C 26 -13.79 15.26 -45.67
N TYR C 27 -13.40 16.50 -45.39
CA TYR C 27 -13.35 17.51 -46.44
C TYR C 27 -12.01 18.21 -46.59
N VAL C 28 -11.11 18.11 -45.61
CA VAL C 28 -9.79 18.73 -45.70
C VAL C 28 -8.80 17.64 -46.11
N ALA C 29 -8.31 17.72 -47.35
CA ALA C 29 -7.50 16.67 -47.94
C ALA C 29 -6.01 16.94 -47.69
N ARG C 30 -5.39 16.07 -46.91
CA ARG C 30 -3.98 16.24 -46.59
C ARG C 30 -3.11 16.09 -47.84
N THR C 31 -2.00 16.82 -47.86
CA THR C 31 -0.97 16.65 -48.86
C THR C 31 0.35 16.30 -48.18
N ASN C 32 1.34 15.93 -48.99
CA ASN C 32 2.64 15.50 -48.48
C ASN C 32 3.65 16.63 -48.43
N ILE C 33 3.19 17.86 -48.22
CA ILE C 33 4.08 19.02 -48.15
C ILE C 33 4.10 19.52 -46.72
N TYR C 34 5.28 19.56 -46.11
CA TYR C 34 5.45 19.96 -44.72
C TYR C 34 6.38 21.16 -44.62
N TYR C 35 6.08 22.04 -43.66
CA TYR C 35 6.88 23.22 -43.42
C TYR C 35 7.23 23.32 -41.94
N HIS C 36 8.40 23.86 -41.65
CA HIS C 36 8.82 24.11 -40.29
C HIS C 36 8.73 25.60 -39.99
N ALA C 37 8.27 25.92 -38.78
CA ALA C 37 8.16 27.30 -38.34
C ALA C 37 8.59 27.40 -36.89
N GLY C 38 9.42 28.40 -36.57
CA GLY C 38 9.94 28.53 -35.23
C GLY C 38 10.18 29.98 -34.87
N THR C 39 10.12 30.25 -33.56
CA THR C 39 10.35 31.59 -33.03
C THR C 39 11.82 31.79 -32.73
N SER C 40 12.26 33.04 -32.75
CA SER C 40 13.68 33.30 -32.57
C SER C 40 14.14 32.87 -31.19
N ARG C 41 13.76 33.64 -30.17
CA ARG C 41 13.87 33.23 -28.78
C ARG C 41 13.09 34.22 -27.94
N LEU C 42 12.03 33.76 -27.29
CA LEU C 42 11.12 34.66 -26.60
C LEU C 42 11.54 34.81 -25.15
N LEU C 43 11.96 36.02 -24.77
CA LEU C 43 12.36 36.32 -23.40
C LEU C 43 11.43 37.37 -22.83
N ALA C 44 11.39 37.44 -21.49
CA ALA C 44 10.55 38.43 -20.81
C ALA C 44 11.06 38.60 -19.39
N VAL C 45 11.48 39.81 -19.04
CA VAL C 45 11.95 40.14 -17.70
C VAL C 45 10.97 41.11 -17.07
N GLY C 46 10.74 40.94 -15.77
CA GLY C 46 9.84 41.83 -15.06
C GLY C 46 9.82 41.52 -13.59
N HIS C 47 8.83 42.10 -12.90
CA HIS C 47 8.71 41.87 -11.47
C HIS C 47 7.75 40.69 -11.21
N PRO C 48 8.05 39.86 -10.23
CA PRO C 48 7.21 38.67 -10.02
C PRO C 48 5.85 38.95 -9.38
N TYR C 49 5.73 40.00 -8.57
CA TYR C 49 4.51 40.21 -7.80
C TYR C 49 3.59 41.29 -8.35
N PHE C 50 4.13 42.39 -8.87
CA PHE C 50 3.29 43.49 -9.31
C PHE C 50 4.07 44.30 -10.35
N PRO C 51 3.38 45.05 -11.19
CA PRO C 51 4.06 45.94 -12.12
C PRO C 51 4.61 47.18 -11.43
N ILE C 52 5.74 47.66 -11.94
CA ILE C 52 6.43 48.82 -11.38
C ILE C 52 6.12 50.03 -12.24
N LYS C 53 5.34 50.96 -11.71
CA LYS C 53 4.99 52.18 -12.43
C LYS C 53 5.29 53.38 -11.57
N LYS C 54 5.48 54.52 -12.22
CA LYS C 54 5.83 55.74 -11.51
C LYS C 54 4.68 56.15 -10.58
N PRO C 55 4.97 56.83 -9.47
CA PRO C 55 3.88 57.26 -8.59
C PRO C 55 2.98 58.32 -9.20
N ASN C 56 3.50 59.18 -10.06
CA ASN C 56 2.72 60.25 -10.66
C ASN C 56 1.97 59.80 -11.91
N ASN C 57 2.66 59.15 -12.84
CA ASN C 57 2.07 58.63 -14.06
C ASN C 57 1.64 57.18 -13.82
N ASN C 58 1.12 56.53 -14.85
CA ASN C 58 0.80 55.11 -14.79
C ASN C 58 1.43 54.30 -15.92
N LYS C 59 2.44 54.84 -16.60
CA LYS C 59 3.19 54.06 -17.57
C LYS C 59 4.00 52.99 -16.84
N ILE C 60 3.87 51.74 -17.30
CA ILE C 60 4.54 50.63 -16.63
C ILE C 60 6.03 50.69 -16.96
N LEU C 61 6.86 50.81 -15.93
CA LEU C 61 8.30 50.78 -16.12
C LEU C 61 8.81 49.35 -16.21
N VAL C 62 8.31 48.47 -15.34
CA VAL C 62 8.69 47.07 -15.31
C VAL C 62 7.40 46.26 -15.22
N PRO C 63 7.09 45.42 -16.20
CA PRO C 63 5.82 44.68 -16.16
C PRO C 63 5.85 43.55 -15.15
N LYS C 64 4.69 42.91 -14.98
CA LYS C 64 4.57 41.73 -14.13
C LYS C 64 4.90 40.50 -14.95
N VAL C 65 5.91 39.75 -14.51
CA VAL C 65 6.35 38.54 -15.18
C VAL C 65 6.64 37.51 -14.10
N SER C 66 5.72 36.57 -13.89
CA SER C 66 5.92 35.54 -12.89
C SER C 66 5.71 34.16 -13.52
N GLY C 67 6.24 33.15 -12.86
CA GLY C 67 6.09 31.79 -13.32
C GLY C 67 4.70 31.21 -13.17
N LEU C 68 3.75 32.01 -12.71
CA LEU C 68 2.39 31.55 -12.45
C LEU C 68 1.36 32.20 -13.35
N GLN C 69 1.80 32.86 -14.42
CA GLN C 69 0.88 33.44 -15.37
C GLN C 69 0.66 32.49 -16.54
N TYR C 70 -0.52 32.56 -17.15
CA TYR C 70 -0.75 31.90 -18.41
C TYR C 70 0.06 32.60 -19.49
N ARG C 71 0.76 31.83 -20.31
CA ARG C 71 1.46 32.36 -21.47
C ARG C 71 0.67 31.92 -22.70
N VAL C 72 -0.35 32.69 -23.04
CA VAL C 72 -1.21 32.39 -24.18
C VAL C 72 -0.58 33.06 -25.41
N PHE C 73 0.07 32.26 -26.24
CA PHE C 73 0.67 32.73 -27.47
C PHE C 73 -0.38 32.74 -28.57
N ARG C 74 -0.31 33.72 -29.45
CA ARG C 74 -1.19 33.78 -30.62
C ARG C 74 -0.31 33.70 -31.87
N ILE C 75 -0.15 32.50 -32.39
CA ILE C 75 0.73 32.27 -33.53
C ILE C 75 0.03 32.78 -34.79
N HIS C 76 0.75 33.56 -35.58
CA HIS C 76 0.26 34.05 -36.85
C HIS C 76 0.97 33.32 -37.99
N LEU C 77 0.20 32.74 -38.89
CA LEU C 77 0.76 31.98 -39.98
C LEU C 77 0.58 32.72 -41.30
N PRO C 78 1.43 32.47 -42.29
CA PRO C 78 1.21 33.08 -43.60
C PRO C 78 0.06 32.40 -44.33
N ASP C 79 -0.68 33.18 -45.09
CA ASP C 79 -1.78 32.63 -45.85
C ASP C 79 -1.23 31.69 -46.92
N PRO C 80 -1.52 30.39 -46.86
CA PRO C 80 -0.94 29.47 -47.85
C PRO C 80 -1.52 29.66 -49.24
N ASN C 81 -2.66 30.34 -49.37
CA ASN C 81 -3.13 30.72 -50.69
C ASN C 81 -2.29 31.83 -51.29
N LYS C 82 -1.46 32.48 -50.49
CA LYS C 82 -0.55 33.53 -50.95
C LYS C 82 0.88 33.00 -51.14
N PHE C 83 1.04 31.68 -51.18
CA PHE C 83 2.33 31.06 -51.41
C PHE C 83 2.47 30.84 -52.92
N GLY C 84 3.61 31.26 -53.48
CA GLY C 84 3.84 31.02 -54.88
C GLY C 84 4.53 29.69 -55.10
N PHE C 85 3.76 28.68 -55.40
CA PHE C 85 4.37 27.37 -55.61
C PHE C 85 4.87 27.25 -57.05
N PRO C 86 6.06 26.69 -57.23
CA PRO C 86 6.59 26.54 -58.60
C PRO C 86 5.65 25.77 -59.51
N ASP C 87 4.97 24.75 -58.98
CA ASP C 87 3.88 24.07 -59.68
C ASP C 87 2.61 24.35 -58.88
N THR C 88 2.00 25.50 -59.14
CA THR C 88 0.76 25.87 -58.46
C THR C 88 -0.43 25.07 -58.97
N SER C 89 -0.25 24.38 -60.10
CA SER C 89 -1.31 23.58 -60.70
C SER C 89 -1.74 22.44 -59.79
N PHE C 90 -1.24 22.44 -58.56
CA PHE C 90 -1.57 21.40 -57.58
C PHE C 90 -2.83 21.77 -56.81
N TYR C 91 -3.28 23.01 -56.98
CA TYR C 91 -4.47 23.50 -56.31
C TYR C 91 -5.14 24.59 -57.14
N ASN C 92 -6.41 24.38 -57.47
CA ASN C 92 -7.17 25.34 -58.26
C ASN C 92 -7.69 26.48 -57.40
N PRO C 93 -7.41 27.72 -57.81
CA PRO C 93 -7.85 28.90 -57.05
C PRO C 93 -9.29 29.30 -57.37
N ASP C 94 -9.94 28.60 -58.28
CA ASP C 94 -11.31 28.90 -58.66
C ASP C 94 -12.29 27.86 -58.13
N THR C 95 -11.80 26.96 -57.27
CA THR C 95 -12.65 25.92 -56.70
C THR C 95 -12.08 25.31 -55.42
N GLN C 96 -10.81 25.59 -55.15
CA GLN C 96 -10.17 25.05 -53.94
C GLN C 96 -9.43 26.12 -53.14
N ARG C 97 -9.15 25.80 -51.88
CA ARG C 97 -8.47 26.70 -50.98
C ARG C 97 -7.58 25.89 -50.05
N LEU C 98 -6.50 26.52 -49.60
CA LEU C 98 -5.49 25.84 -48.78
C LEU C 98 -5.61 26.27 -47.33
N VAL C 99 -4.98 25.48 -46.45
CA VAL C 99 -4.98 25.74 -45.02
C VAL C 99 -3.85 24.94 -44.41
N TRP C 100 -3.36 25.37 -43.26
CA TRP C 100 -2.31 24.67 -42.54
C TRP C 100 -2.91 23.75 -41.48
N ALA C 101 -2.30 22.58 -41.32
CA ALA C 101 -2.65 21.66 -40.25
C ALA C 101 -1.43 21.48 -39.36
N CYS C 102 -1.59 21.73 -38.07
CA CYS C 102 -0.48 21.61 -37.13
C CYS C 102 -0.23 20.12 -36.86
N VAL C 103 0.92 19.63 -37.29
CA VAL C 103 1.24 18.21 -37.18
C VAL C 103 2.13 17.92 -35.98
N GLY C 104 3.04 18.83 -35.66
CA GLY C 104 3.92 18.64 -34.53
C GLY C 104 4.26 19.93 -33.82
N VAL C 105 4.37 19.88 -32.50
CA VAL C 105 4.65 21.04 -31.68
C VAL C 105 5.79 20.70 -30.73
N GLU C 106 6.55 21.72 -30.34
CA GLU C 106 7.51 21.59 -29.26
C GLU C 106 7.66 22.94 -28.60
N VAL C 107 7.36 23.01 -27.30
CA VAL C 107 7.48 24.24 -26.54
C VAL C 107 8.79 24.20 -25.76
N GLY C 108 9.80 24.91 -26.25
CA GLY C 108 11.10 24.89 -25.60
C GLY C 108 11.17 25.90 -24.46
N ARG C 109 11.64 25.42 -23.32
CA ARG C 109 11.87 26.25 -22.15
C ARG C 109 13.36 26.35 -21.92
N GLY C 110 13.80 27.48 -21.37
CA GLY C 110 15.21 27.75 -21.32
C GLY C 110 15.86 27.87 -19.96
N GLN C 111 15.13 28.35 -18.97
CA GLN C 111 15.76 28.64 -17.69
C GLN C 111 15.89 27.37 -16.85
N PRO C 112 16.73 27.39 -15.83
CA PRO C 112 16.87 26.20 -14.98
C PRO C 112 15.64 25.96 -14.12
N LEU C 113 15.46 24.69 -13.75
CA LEU C 113 14.36 24.33 -12.87
C LEU C 113 14.51 25.03 -11.53
N GLY C 114 13.40 25.53 -11.01
CA GLY C 114 13.43 26.24 -9.75
C GLY C 114 12.02 26.52 -9.27
N VAL C 115 11.93 26.82 -7.98
CA VAL C 115 10.66 27.15 -7.34
C VAL C 115 10.75 28.58 -6.83
N GLY C 116 9.75 29.39 -7.18
CA GLY C 116 9.64 30.74 -6.67
C GLY C 116 8.84 30.77 -5.38
N ILE C 117 8.65 31.99 -4.88
CA ILE C 117 8.03 32.17 -3.57
C ILE C 117 7.27 33.49 -3.59
N SER C 118 6.05 33.46 -3.06
CA SER C 118 5.22 34.64 -2.99
C SER C 118 4.71 34.82 -1.57
N GLY C 119 4.38 36.06 -1.22
CA GLY C 119 3.90 36.33 0.12
C GLY C 119 3.27 37.70 0.19
N HIS C 120 2.67 37.97 1.34
CA HIS C 120 2.01 39.22 1.62
C HIS C 120 2.65 39.87 2.84
N PRO C 121 3.02 41.15 2.79
CA PRO C 121 3.54 41.80 3.99
C PRO C 121 2.54 41.83 5.14
N LEU C 122 1.24 41.87 4.85
CA LEU C 122 0.20 41.82 5.87
C LEU C 122 -0.82 40.78 5.44
N LEU C 123 -0.56 39.51 5.74
CA LEU C 123 -1.49 38.44 5.42
C LEU C 123 -2.45 38.22 6.56
N ASN C 124 -3.72 38.02 6.24
CA ASN C 124 -4.74 37.85 7.27
C ASN C 124 -4.56 36.47 7.90
N LYS C 125 -3.65 36.40 8.87
CA LYS C 125 -3.42 35.18 9.64
C LYS C 125 -3.57 35.51 11.12
N LEU C 126 -4.23 34.61 11.85
CA LEU C 126 -4.42 34.79 13.28
C LEU C 126 -3.43 33.98 14.10
N ASP C 127 -3.39 32.68 13.91
CA ASP C 127 -2.44 31.83 14.64
C ASP C 127 -2.23 30.55 13.85
N ASP C 128 -1.24 29.77 14.30
CA ASP C 128 -0.95 28.46 13.73
C ASP C 128 -1.79 27.42 14.47
N THR C 129 -2.86 26.96 13.83
CA THR C 129 -3.75 25.98 14.44
C THR C 129 -3.37 24.55 14.10
N GLU C 130 -2.23 24.34 13.44
CA GLU C 130 -1.76 22.99 13.19
C GLU C 130 -1.42 22.29 14.50
N ASN C 131 -0.72 22.99 15.39
CA ASN C 131 -0.39 22.49 16.72
C ASN C 131 -0.37 23.67 17.66
N ALA C 132 -1.43 23.84 18.45
CA ALA C 132 -1.64 25.03 19.26
C ALA C 132 -1.05 24.81 20.64
N SER C 133 -0.08 25.64 21.02
CA SER C 133 0.55 25.55 22.33
C SER C 133 -0.45 25.74 23.46
N ALA C 134 -1.41 26.64 23.29
CA ALA C 134 -2.41 26.95 24.30
C ALA C 134 -3.48 27.81 23.65
N TYR C 135 -4.61 27.96 24.33
CA TYR C 135 -5.66 28.82 23.80
C TYR C 135 -5.17 30.26 23.77
N ALA C 136 -4.85 30.73 22.56
CA ALA C 136 -4.21 32.02 22.39
C ALA C 136 -5.10 33.16 22.89
N ALA C 137 -4.45 34.27 23.24
CA ALA C 137 -5.15 35.46 23.67
C ALA C 137 -6.04 35.97 22.53
N ASN C 138 -7.05 36.76 22.90
CA ASN C 138 -8.00 37.26 21.92
C ASN C 138 -7.33 38.28 21.01
N ALA C 139 -7.68 38.22 19.73
CA ALA C 139 -7.06 39.10 18.74
C ALA C 139 -7.48 40.55 18.98
N GLY C 140 -6.51 41.45 18.87
CA GLY C 140 -6.78 42.87 18.98
C GLY C 140 -7.29 43.44 17.67
N VAL C 141 -6.74 44.58 17.26
CA VAL C 141 -7.07 45.21 15.99
C VAL C 141 -5.85 45.13 15.08
N ASP C 142 -6.06 44.71 13.83
CA ASP C 142 -4.99 44.58 12.85
C ASP C 142 -3.91 43.60 13.32
N ASN C 143 -4.30 42.33 13.41
CA ASN C 143 -3.39 41.25 13.79
C ASN C 143 -2.76 40.55 12.60
N ARG C 144 -2.53 41.27 11.50
CA ARG C 144 -2.00 40.66 10.30
C ARG C 144 -0.49 40.47 10.41
N GLU C 145 0.02 39.49 9.67
CA GLU C 145 1.42 39.11 9.72
C GLU C 145 1.97 38.94 8.32
N CYS C 146 3.30 39.03 8.22
CA CYS C 146 4.01 38.89 6.95
C CYS C 146 4.35 37.42 6.74
N ILE C 147 3.80 36.82 5.70
CA ILE C 147 3.90 35.39 5.48
C ILE C 147 4.09 35.10 4.01
N SER C 148 5.06 34.24 3.69
CA SER C 148 5.33 33.81 2.33
C SER C 148 5.01 32.33 2.18
N MET C 149 4.79 31.91 0.94
CA MET C 149 4.46 30.53 0.63
C MET C 149 4.79 30.27 -0.83
N ASP C 150 5.15 29.01 -1.12
CA ASP C 150 5.29 28.57 -2.50
C ASP C 150 4.01 27.86 -2.91
N TYR C 151 3.62 28.05 -4.16
CA TYR C 151 2.28 27.71 -4.60
C TYR C 151 2.19 26.26 -5.10
N LYS C 152 1.02 25.93 -5.61
CA LYS C 152 0.80 24.67 -6.30
C LYS C 152 1.68 24.61 -7.54
N GLN C 153 2.12 23.39 -7.87
CA GLN C 153 2.94 23.19 -9.05
C GLN C 153 2.06 22.78 -10.22
N THR C 154 2.24 23.46 -11.35
CA THR C 154 1.36 23.27 -12.50
C THR C 154 2.15 23.32 -13.78
N GLN C 155 1.90 22.35 -14.67
CA GLN C 155 2.35 22.39 -16.05
C GLN C 155 1.15 22.08 -16.93
N LEU C 156 0.98 22.86 -18.00
CA LEU C 156 -0.07 22.56 -18.95
C LEU C 156 0.30 23.16 -20.30
N CYS C 157 -0.26 22.58 -21.36
CA CYS C 157 -0.02 23.04 -22.72
C CYS C 157 -1.24 22.72 -23.56
N LEU C 158 -2.09 23.71 -23.79
CA LEU C 158 -3.27 23.56 -24.64
C LEU C 158 -2.97 24.17 -26.01
N ILE C 159 -3.45 23.53 -27.06
CA ILE C 159 -3.23 23.98 -28.43
C ILE C 159 -4.53 23.90 -29.19
N GLY C 160 -4.89 24.98 -29.88
CA GLY C 160 -6.10 25.03 -30.67
C GLY C 160 -6.04 26.17 -31.67
N CYS C 161 -7.14 26.45 -32.37
CA CYS C 161 -7.20 27.57 -33.28
C CYS C 161 -8.07 28.70 -32.77
N LYS C 162 -8.71 28.53 -31.62
CA LYS C 162 -9.40 29.58 -30.90
C LYS C 162 -8.69 29.80 -29.57
N PRO C 163 -8.88 30.95 -28.93
CA PRO C 163 -8.27 31.17 -27.62
C PRO C 163 -8.90 30.24 -26.60
N PRO C 164 -8.16 29.87 -25.57
CA PRO C 164 -8.69 28.91 -24.57
C PRO C 164 -9.79 29.56 -23.75
N ILE C 165 -10.40 28.73 -22.90
CA ILE C 165 -11.56 29.13 -22.10
C ILE C 165 -11.27 28.77 -20.65
N GLY C 166 -11.34 29.77 -19.78
CA GLY C 166 -11.08 29.56 -18.37
C GLY C 166 -12.33 29.62 -17.53
N GLU C 167 -12.24 29.17 -16.28
CA GLU C 167 -13.35 29.24 -15.36
C GLU C 167 -12.87 29.76 -14.01
N HIS C 168 -13.72 30.51 -13.33
CA HIS C 168 -13.43 30.96 -11.98
C HIS C 168 -14.76 31.28 -11.30
N TRP C 169 -14.70 31.44 -9.99
CA TRP C 169 -15.86 31.77 -9.18
C TRP C 169 -15.88 33.27 -8.94
N GLY C 170 -16.89 33.96 -9.49
CA GLY C 170 -17.03 35.38 -9.32
C GLY C 170 -18.21 35.70 -8.42
N LYS C 171 -18.43 37.00 -8.22
CA LYS C 171 -19.55 37.46 -7.42
C LYS C 171 -20.77 37.66 -8.33
N GLY C 172 -21.84 36.95 -8.04
CA GLY C 172 -23.08 37.11 -8.77
C GLY C 172 -23.98 38.17 -8.14
N SER C 173 -25.18 38.26 -8.66
CA SER C 173 -26.15 39.18 -8.07
C SER C 173 -27.18 38.41 -7.26
N PRO C 174 -27.47 38.81 -6.04
CA PRO C 174 -28.48 38.10 -5.25
C PRO C 174 -29.88 38.37 -5.79
N CYS C 175 -30.79 37.44 -5.49
CA CYS C 175 -32.17 37.60 -5.91
C CYS C 175 -32.79 38.83 -5.25
N THR C 176 -33.60 39.55 -6.02
CA THR C 176 -34.10 40.83 -5.55
C THR C 176 -35.33 40.68 -4.65
N ASN C 177 -35.23 39.82 -3.64
CA ASN C 177 -36.22 39.77 -2.57
C ASN C 177 -35.57 39.70 -1.19
N VAL C 178 -34.38 39.12 -1.09
CA VAL C 178 -33.66 39.07 0.18
C VAL C 178 -33.07 40.43 0.47
N ALA C 179 -32.89 40.72 1.76
CA ALA C 179 -32.28 41.98 2.19
C ALA C 179 -30.80 41.77 2.47
N VAL C 180 -29.96 42.51 1.77
CA VAL C 180 -28.51 42.37 1.90
C VAL C 180 -28.01 43.44 2.87
N ASN C 181 -27.43 43.00 3.95
CA ASN C 181 -26.83 43.92 4.91
C ASN C 181 -25.34 44.07 4.66
N PRO C 182 -24.78 45.25 4.88
CA PRO C 182 -23.35 45.46 4.64
C PRO C 182 -22.53 44.49 5.48
N GLY C 183 -21.68 43.72 4.81
CA GLY C 183 -20.97 42.64 5.45
C GLY C 183 -21.49 41.26 5.11
N ASP C 184 -22.38 41.14 4.13
CA ASP C 184 -22.94 39.86 3.76
C ASP C 184 -22.01 39.12 2.82
N CYS C 185 -22.06 37.79 2.89
CA CYS C 185 -21.22 36.95 2.04
C CYS C 185 -21.64 37.10 0.58
N PRO C 186 -20.73 37.48 -0.31
CA PRO C 186 -21.10 37.64 -1.72
C PRO C 186 -21.51 36.32 -2.34
N PRO C 187 -22.60 36.29 -3.11
CA PRO C 187 -23.02 35.04 -3.74
C PRO C 187 -22.13 34.70 -4.91
N LEU C 188 -21.92 33.40 -5.10
CA LEU C 188 -20.93 32.89 -6.04
C LEU C 188 -21.58 32.51 -7.37
N GLU C 189 -20.77 32.51 -8.42
CA GLU C 189 -21.22 32.19 -9.76
C GLU C 189 -20.02 31.72 -10.55
N LEU C 190 -20.18 30.60 -11.27
CA LEU C 190 -19.10 30.08 -12.11
C LEU C 190 -19.09 30.86 -13.42
N ILE C 191 -18.02 31.63 -13.64
CA ILE C 191 -17.90 32.53 -14.77
C ILE C 191 -16.94 31.93 -15.77
N ASN C 192 -17.33 31.91 -17.04
CA ASN C 192 -16.49 31.43 -18.12
C ASN C 192 -15.93 32.61 -18.90
N THR C 193 -14.60 32.65 -19.01
CA THR C 193 -13.92 33.72 -19.70
C THR C 193 -12.87 33.13 -20.63
N VAL C 194 -12.30 33.98 -21.46
CA VAL C 194 -11.19 33.59 -22.33
C VAL C 194 -9.89 33.85 -21.58
N ILE C 195 -9.09 32.81 -21.40
CA ILE C 195 -7.79 32.96 -20.78
C ILE C 195 -6.94 33.87 -21.65
N GLN C 196 -6.37 34.91 -21.06
CA GLN C 196 -5.52 35.85 -21.76
C GLN C 196 -4.09 35.69 -21.29
N ASP C 197 -3.15 36.19 -22.08
CA ASP C 197 -1.76 36.16 -21.68
C ASP C 197 -1.55 37.12 -20.51
N GLY C 198 -1.04 36.60 -19.40
CA GLY C 198 -0.89 37.37 -18.19
C GLY C 198 -1.90 37.07 -17.12
N ASP C 199 -2.92 36.26 -17.42
CA ASP C 199 -3.85 35.81 -16.40
C ASP C 199 -3.13 34.86 -15.45
N MET C 200 -3.54 34.89 -14.19
CA MET C 200 -2.89 34.09 -13.16
C MET C 200 -3.53 32.72 -13.07
N VAL C 201 -2.70 31.69 -13.08
CA VAL C 201 -3.17 30.34 -12.82
C VAL C 201 -3.54 30.21 -11.34
N ASP C 202 -4.42 29.27 -11.03
CA ASP C 202 -4.75 29.05 -9.64
C ASP C 202 -3.55 28.44 -8.91
N THR C 203 -3.45 28.76 -7.62
CA THR C 203 -2.23 28.51 -6.87
C THR C 203 -2.45 27.66 -5.63
N GLY C 204 -3.67 27.17 -5.40
CA GLY C 204 -4.00 26.46 -4.19
C GLY C 204 -5.06 27.13 -3.35
N PHE C 205 -5.53 28.30 -3.74
CA PHE C 205 -6.60 29.01 -3.05
C PHE C 205 -7.90 29.01 -3.85
N GLY C 206 -7.96 28.21 -4.90
CA GLY C 206 -9.16 28.13 -5.73
C GLY C 206 -9.09 29.07 -6.91
N ALA C 207 -9.95 28.80 -7.88
CA ALA C 207 -10.11 29.68 -9.04
C ALA C 207 -11.23 30.66 -8.73
N MET C 208 -10.86 31.82 -8.20
CA MET C 208 -11.86 32.80 -7.80
C MET C 208 -11.36 34.20 -8.12
N ASP C 209 -12.30 35.14 -8.13
CA ASP C 209 -12.01 36.55 -8.38
C ASP C 209 -11.65 37.19 -7.05
N PHE C 210 -10.36 37.24 -6.73
CA PHE C 210 -9.93 37.76 -5.43
C PHE C 210 -10.19 39.25 -5.29
N THR C 211 -10.39 39.97 -6.40
CA THR C 211 -10.61 41.41 -6.30
C THR C 211 -11.97 41.73 -5.71
N THR C 212 -13.00 41.01 -6.14
CA THR C 212 -14.37 41.31 -5.73
C THR C 212 -14.94 40.32 -4.72
N LEU C 213 -14.17 39.30 -4.34
CA LEU C 213 -14.64 38.33 -3.36
C LEU C 213 -13.94 38.46 -2.01
N GLN C 214 -12.81 39.15 -1.95
CA GLN C 214 -12.06 39.34 -0.71
C GLN C 214 -11.71 40.82 -0.60
N ALA C 215 -12.61 41.60 0.01
CA ALA C 215 -12.38 43.03 0.17
C ALA C 215 -11.34 43.32 1.24
N ASN C 216 -11.00 42.33 2.07
CA ASN C 216 -9.90 42.47 3.01
C ASN C 216 -8.61 42.83 2.29
N LYS C 217 -8.44 42.35 1.06
CA LYS C 217 -7.26 42.59 0.24
C LYS C 217 -5.99 42.04 0.88
N SER C 218 -6.15 41.13 1.85
CA SER C 218 -5.01 40.60 2.59
C SER C 218 -5.14 39.11 2.87
N GLU C 219 -5.96 38.39 2.11
CA GLU C 219 -6.18 36.97 2.36
C GLU C 219 -5.22 36.08 1.59
N VAL C 220 -4.70 36.55 0.47
CA VAL C 220 -3.81 35.75 -0.38
C VAL C 220 -2.62 36.62 -0.76
N PRO C 221 -1.50 35.99 -1.17
CA PRO C 221 -0.28 36.76 -1.40
C PRO C 221 -0.40 37.84 -2.46
N LEU C 222 0.68 38.62 -2.62
CA LEU C 222 0.60 39.88 -3.36
C LEU C 222 0.22 39.66 -4.83
N ASP C 223 0.75 38.61 -5.46
CA ASP C 223 0.59 38.48 -6.90
C ASP C 223 -0.82 38.05 -7.28
N ILE C 224 -1.59 37.50 -6.36
CA ILE C 224 -2.95 37.04 -6.65
C ILE C 224 -3.98 37.76 -5.80
N CYS C 225 -3.57 38.71 -4.95
CA CYS C 225 -4.52 39.33 -4.04
C CYS C 225 -5.45 40.30 -4.77
N THR C 226 -5.06 40.73 -5.97
CA THR C 226 -5.87 41.64 -6.76
C THR C 226 -6.20 41.07 -8.13
N SER C 227 -5.75 39.86 -8.42
CA SER C 227 -5.92 39.27 -9.73
C SER C 227 -7.06 38.25 -9.72
N ILE C 228 -7.30 37.63 -10.87
CA ILE C 228 -8.25 36.53 -11.01
C ILE C 228 -7.45 35.27 -11.30
N CYS C 229 -7.67 34.23 -10.52
CA CYS C 229 -7.08 32.93 -10.78
C CYS C 229 -8.05 32.09 -11.59
N LYS C 230 -7.63 31.66 -12.78
CA LYS C 230 -8.48 30.94 -13.69
C LYS C 230 -7.96 29.52 -13.90
N TYR C 231 -8.89 28.58 -14.00
CA TYR C 231 -8.60 27.20 -14.33
C TYR C 231 -9.17 26.89 -15.70
N PRO C 232 -8.44 26.20 -16.57
CA PRO C 232 -8.97 25.89 -17.90
C PRO C 232 -10.23 25.05 -17.80
N ASP C 233 -11.25 25.42 -18.57
CA ASP C 233 -12.53 24.70 -18.56
C ASP C 233 -12.43 23.54 -19.54
N TYR C 234 -11.86 22.44 -19.05
CA TYR C 234 -11.72 21.25 -19.89
C TYR C 234 -13.07 20.68 -20.26
N ILE C 235 -14.02 20.69 -19.32
CA ILE C 235 -15.35 20.15 -19.57
C ILE C 235 -16.06 20.93 -20.66
N LYS C 236 -15.84 22.24 -20.71
CA LYS C 236 -16.52 23.05 -21.71
C LYS C 236 -15.76 23.09 -23.02
N MET C 237 -14.43 23.12 -22.97
CA MET C 237 -13.65 23.14 -24.19
C MET C 237 -13.74 21.82 -24.93
N VAL C 238 -13.92 20.72 -24.21
CA VAL C 238 -14.03 19.42 -24.85
C VAL C 238 -15.43 19.22 -25.44
N SER C 239 -16.46 19.71 -24.76
CA SER C 239 -17.83 19.56 -25.22
C SER C 239 -18.22 20.54 -26.32
N GLU C 240 -17.31 21.42 -26.73
CA GLU C 240 -17.60 22.31 -27.85
C GLU C 240 -17.80 21.48 -29.11
N PRO C 241 -18.83 21.76 -29.91
CA PRO C 241 -19.18 20.82 -31.00
C PRO C 241 -18.10 20.65 -32.05
N TYR C 242 -17.36 21.70 -32.41
CA TYR C 242 -16.38 21.63 -33.48
C TYR C 242 -14.98 21.32 -32.98
N GLY C 243 -14.74 21.39 -31.68
CA GLY C 243 -13.42 21.05 -31.15
C GLY C 243 -12.31 21.98 -31.59
N ASP C 244 -12.52 23.29 -31.48
CA ASP C 244 -11.53 24.26 -31.93
C ASP C 244 -10.71 24.84 -30.80
N SER C 245 -11.33 25.13 -29.64
CA SER C 245 -10.63 25.79 -28.56
C SER C 245 -9.41 25.00 -28.11
N LEU C 246 -9.47 23.67 -28.20
CA LEU C 246 -8.30 22.84 -27.95
C LEU C 246 -8.46 21.56 -28.77
N PHE C 247 -7.37 21.13 -29.39
CA PHE C 247 -7.33 19.80 -29.98
C PHE C 247 -6.12 18.99 -29.52
N PHE C 248 -5.49 19.41 -28.43
CA PHE C 248 -4.44 18.64 -27.76
C PHE C 248 -4.09 19.37 -26.46
N TYR C 249 -3.89 18.62 -25.39
CA TYR C 249 -3.54 19.25 -24.12
C TYR C 249 -2.80 18.28 -23.21
N LEU C 250 -2.08 18.86 -22.25
CA LEU C 250 -1.38 18.13 -21.22
C LEU C 250 -1.53 18.88 -19.90
N ARG C 251 -1.31 18.19 -18.79
CA ARG C 251 -1.41 18.83 -17.48
C ARG C 251 -0.72 17.98 -16.43
N ARG C 252 0.03 18.66 -15.55
CA ARG C 252 0.65 18.03 -14.39
C ARG C 252 0.51 18.95 -13.20
N GLU C 253 -0.43 18.65 -12.31
CA GLU C 253 -0.67 19.47 -11.12
C GLU C 253 -0.33 18.65 -9.88
N GLN C 254 0.18 19.33 -8.85
CA GLN C 254 0.42 18.67 -7.57
C GLN C 254 0.55 19.72 -6.47
N MET C 255 0.13 19.33 -5.27
CA MET C 255 0.03 20.24 -4.14
C MET C 255 -0.17 19.43 -2.87
N PHE C 256 0.47 19.87 -1.79
CA PHE C 256 0.17 19.34 -0.46
C PHE C 256 0.07 20.51 0.51
N VAL C 257 -0.72 20.32 1.57
CA VAL C 257 -0.90 21.36 2.57
C VAL C 257 0.35 21.42 3.45
N ARG C 258 1.01 22.57 3.45
CA ARG C 258 2.22 22.74 4.23
C ARG C 258 1.93 23.24 5.65
N HIS C 259 1.11 24.27 5.76
CA HIS C 259 0.79 24.86 7.06
C HIS C 259 -0.71 25.13 7.15
N LEU C 260 -1.21 25.10 8.39
CA LEU C 260 -2.63 25.25 8.65
C LEU C 260 -2.82 26.46 9.56
N PHE C 261 -3.63 27.41 9.11
CA PHE C 261 -3.75 28.69 9.82
C PHE C 261 -5.19 29.05 10.13
N ASN C 262 -5.40 30.26 10.64
CA ASN C 262 -6.72 30.83 10.92
C ASN C 262 -6.91 32.11 10.10
N ARG C 263 -8.10 32.66 10.20
CA ARG C 263 -8.42 33.96 9.63
C ARG C 263 -8.92 34.88 10.73
N ALA C 264 -8.33 36.06 10.83
CA ALA C 264 -8.69 37.02 11.86
C ALA C 264 -9.70 38.01 11.30
N GLY C 265 -10.84 38.10 11.95
CA GLY C 265 -11.88 39.02 11.52
C GLY C 265 -13.17 38.69 12.21
N ALA C 266 -14.15 39.57 12.03
CA ALA C 266 -15.48 39.33 12.57
C ALA C 266 -16.06 38.08 11.94
N VAL C 267 -16.46 37.13 12.78
CA VAL C 267 -17.02 35.88 12.28
C VAL C 267 -18.27 36.18 11.47
N GLY C 268 -18.41 35.51 10.33
CA GLY C 268 -19.51 35.78 9.44
C GLY C 268 -20.69 34.86 9.68
N GLU C 269 -20.41 33.61 10.02
CA GLU C 269 -21.45 32.62 10.31
C GLU C 269 -21.01 31.85 11.54
N ASN C 270 -21.71 32.07 12.66
CA ASN C 270 -21.31 31.48 13.93
C ASN C 270 -21.55 29.98 13.92
N VAL C 271 -20.66 29.26 14.60
CA VAL C 271 -20.83 27.80 14.74
C VAL C 271 -22.14 27.51 15.43
N PRO C 272 -23.00 26.66 14.87
CA PRO C 272 -24.25 26.31 15.57
C PRO C 272 -23.94 25.63 16.90
N ASP C 273 -24.74 25.96 17.91
CA ASP C 273 -24.49 25.46 19.26
C ASP C 273 -24.79 23.98 19.41
N ASP C 274 -25.22 23.30 18.34
CA ASP C 274 -25.40 21.86 18.37
C ASP C 274 -24.14 21.11 17.99
N LEU C 275 -23.04 21.80 17.70
CA LEU C 275 -21.81 21.16 17.27
C LEU C 275 -20.73 21.11 18.34
N TYR C 276 -20.87 21.90 19.41
CA TYR C 276 -19.85 21.93 20.45
C TYR C 276 -20.52 22.13 21.81
N ILE C 277 -19.75 21.88 22.86
CA ILE C 277 -20.19 22.10 24.24
C ILE C 277 -19.46 23.32 24.76
N LYS C 278 -20.23 24.34 25.14
CA LYS C 278 -19.64 25.63 25.48
C LYS C 278 -18.80 25.54 26.74
N GLY C 279 -17.62 26.14 26.68
CA GLY C 279 -16.74 26.26 27.84
C GLY C 279 -17.02 27.51 28.63
N SER C 280 -16.04 27.89 29.44
CA SER C 280 -16.15 29.12 30.23
C SER C 280 -14.76 29.53 30.70
N GLY C 281 -14.53 30.83 30.75
CA GLY C 281 -13.26 31.37 31.17
C GLY C 281 -12.28 31.51 30.04
N SER C 282 -11.28 30.62 30.00
CA SER C 282 -10.29 30.67 28.93
C SER C 282 -10.92 30.44 27.57
N THR C 283 -11.93 29.55 27.51
CA THR C 283 -12.56 29.16 26.26
C THR C 283 -14.03 29.57 26.20
N ALA C 284 -14.37 30.79 26.64
CA ALA C 284 -15.75 31.22 26.58
C ALA C 284 -16.13 31.69 25.18
N ASN C 285 -15.21 32.35 24.48
CA ASN C 285 -15.40 32.76 23.09
C ASN C 285 -14.60 31.84 22.19
N LEU C 286 -15.26 31.27 21.19
CA LEU C 286 -14.60 30.38 20.25
C LEU C 286 -13.50 31.11 19.50
N ALA C 287 -12.45 30.35 19.15
CA ALA C 287 -11.46 30.87 18.22
C ALA C 287 -12.08 30.96 16.83
N SER C 288 -11.37 31.59 15.91
CA SER C 288 -11.88 31.75 14.56
C SER C 288 -11.92 30.40 13.86
N SER C 289 -13.10 29.99 13.41
CA SER C 289 -13.28 28.72 12.74
C SER C 289 -13.21 28.83 11.23
N ASN C 290 -12.42 29.77 10.71
CA ASN C 290 -12.21 29.92 9.28
C ASN C 290 -10.75 29.59 9.01
N TYR C 291 -10.48 28.32 8.76
CA TYR C 291 -9.13 27.85 8.51
C TYR C 291 -8.78 27.96 7.04
N PHE C 292 -7.51 28.23 6.77
CA PHE C 292 -6.99 28.23 5.43
C PHE C 292 -5.62 27.57 5.43
N PRO C 293 -5.37 26.65 4.51
CA PRO C 293 -4.06 26.01 4.44
C PRO C 293 -3.11 26.76 3.50
N THR C 294 -1.84 26.71 3.86
CA THR C 294 -0.80 27.26 3.01
C THR C 294 -0.37 26.21 2.01
N PRO C 295 -0.53 26.43 0.71
CA PRO C 295 -0.25 25.38 -0.27
C PRO C 295 1.25 25.16 -0.42
N SER C 296 1.59 24.07 -1.08
CA SER C 296 2.99 23.77 -1.37
C SER C 296 3.04 22.79 -2.54
N GLY C 297 3.55 23.25 -3.68
CA GLY C 297 3.90 22.33 -4.74
C GLY C 297 5.27 21.77 -4.45
N SER C 298 5.37 20.45 -4.39
CA SER C 298 6.54 19.80 -3.83
C SER C 298 7.69 19.82 -4.84
N MET C 299 8.70 19.00 -4.57
CA MET C 299 9.90 18.91 -5.39
C MET C 299 9.60 18.98 -6.87
N VAL C 300 10.36 19.82 -7.58
CA VAL C 300 10.33 19.85 -9.04
C VAL C 300 11.47 18.96 -9.55
N THR C 301 11.16 18.11 -10.51
CA THR C 301 12.14 17.17 -11.04
C THR C 301 12.25 17.33 -12.55
N SER C 302 13.36 16.82 -13.09
CA SER C 302 13.57 16.86 -14.53
C SER C 302 12.81 15.76 -15.24
N ASP C 303 12.46 14.68 -14.51
CA ASP C 303 11.74 13.58 -15.12
C ASP C 303 10.30 13.95 -15.43
N ALA C 304 9.68 14.75 -14.57
CA ALA C 304 8.27 15.12 -14.71
C ALA C 304 8.06 16.32 -15.63
N GLN C 305 9.02 16.63 -16.49
CA GLN C 305 8.89 17.81 -17.34
C GLN C 305 8.02 17.52 -18.54
N ILE C 306 7.05 18.40 -18.79
CA ILE C 306 6.18 18.29 -19.95
C ILE C 306 6.84 18.87 -21.19
N PHE C 307 7.67 19.90 -21.02
CA PHE C 307 8.17 20.68 -22.12
C PHE C 307 9.51 20.13 -22.63
N ASN C 308 10.00 20.72 -23.71
CA ASN C 308 11.23 20.30 -24.37
C ASN C 308 11.11 18.90 -24.98
N LYS C 309 9.88 18.48 -25.27
CA LYS C 309 9.62 17.21 -25.92
C LYS C 309 8.73 17.47 -27.13
N PRO C 310 9.02 16.86 -28.28
CA PRO C 310 8.16 17.04 -29.45
C PRO C 310 6.86 16.25 -29.32
N TYR C 311 5.76 16.91 -29.63
CA TYR C 311 4.44 16.28 -29.67
C TYR C 311 3.98 16.14 -31.11
N TRP C 312 3.32 15.03 -31.40
CA TRP C 312 2.84 14.75 -32.75
C TRP C 312 1.32 14.61 -32.69
N LEU C 313 0.61 15.60 -33.23
CA LEU C 313 -0.85 15.62 -33.20
C LEU C 313 -1.36 14.78 -34.35
N GLN C 314 -1.55 13.49 -34.08
CA GLN C 314 -2.06 12.55 -35.10
C GLN C 314 -3.58 12.45 -35.08
N ARG C 315 -4.19 12.33 -33.92
CA ARG C 315 -5.64 12.28 -33.79
C ARG C 315 -6.07 13.23 -32.68
N ALA C 316 -6.70 14.33 -33.06
CA ALA C 316 -7.14 15.35 -32.12
C ALA C 316 -8.34 14.85 -31.33
N GLN C 317 -8.59 15.50 -30.18
CA GLN C 317 -9.65 15.05 -29.30
C GLN C 317 -11.02 15.24 -29.93
N GLY C 318 -11.22 16.35 -30.62
CA GLY C 318 -12.50 16.70 -31.19
C GLY C 318 -12.60 16.37 -32.66
N HIS C 319 -13.43 17.13 -33.37
CA HIS C 319 -13.60 16.93 -34.80
C HIS C 319 -12.58 17.69 -35.62
N ASN C 320 -12.12 18.84 -35.14
CA ASN C 320 -11.04 19.57 -35.78
C ASN C 320 -9.73 18.83 -35.51
N ASN C 321 -9.19 18.18 -36.54
CA ASN C 321 -8.00 17.36 -36.39
C ASN C 321 -6.75 18.17 -36.75
N GLY C 322 -6.60 19.29 -36.05
CA GLY C 322 -5.39 20.08 -36.18
C GLY C 322 -5.41 21.16 -37.23
N ILE C 323 -6.55 21.43 -37.85
CA ILE C 323 -6.61 22.45 -38.89
C ILE C 323 -6.59 23.82 -38.23
N CYS C 324 -5.66 24.68 -38.67
CA CYS C 324 -5.52 26.02 -38.13
C CYS C 324 -6.38 26.96 -38.96
N TRP C 325 -7.67 27.02 -38.62
CA TRP C 325 -8.60 27.85 -39.37
C TRP C 325 -8.27 29.32 -39.20
N GLY C 326 -8.32 30.06 -40.31
CA GLY C 326 -8.01 31.47 -40.25
C GLY C 326 -6.54 31.78 -40.14
N ASN C 327 -5.67 30.80 -40.38
CA ASN C 327 -4.22 30.99 -40.35
C ASN C 327 -3.79 31.52 -38.98
N GLN C 328 -4.01 30.69 -37.96
CA GLN C 328 -3.96 31.14 -36.59
C GLN C 328 -3.86 29.94 -35.67
N LEU C 329 -3.25 30.13 -34.52
CA LEU C 329 -2.98 29.03 -33.61
C LEU C 329 -2.67 29.61 -32.23
N PHE C 330 -3.26 29.03 -31.20
CA PHE C 330 -3.09 29.50 -29.84
C PHE C 330 -2.41 28.41 -29.02
N VAL C 331 -1.30 28.76 -28.39
CA VAL C 331 -0.55 27.85 -27.52
C VAL C 331 -0.56 28.45 -26.13
N THR C 332 -1.23 27.78 -25.20
CA THR C 332 -1.27 28.21 -23.81
C THR C 332 -0.29 27.37 -23.02
N VAL C 333 0.53 28.03 -22.21
CA VAL C 333 1.61 27.37 -21.48
C VAL C 333 1.63 27.90 -20.06
N VAL C 334 1.66 26.99 -19.08
CA VAL C 334 1.92 27.32 -17.69
C VAL C 334 3.05 26.42 -17.22
N ASP C 335 4.11 27.02 -16.71
CA ASP C 335 5.28 26.26 -16.23
C ASP C 335 5.71 26.88 -14.91
N THR C 336 5.17 26.35 -13.81
CA THR C 336 5.54 26.79 -12.47
C THR C 336 6.79 26.09 -11.95
N THR C 337 7.53 25.42 -12.82
CA THR C 337 8.73 24.70 -12.44
C THR C 337 10.00 25.46 -12.78
N ARG C 338 9.88 26.69 -13.27
CA ARG C 338 11.00 27.58 -13.53
C ARG C 338 10.68 28.98 -13.03
N SER C 339 10.01 29.06 -11.89
CA SER C 339 9.49 30.31 -11.37
C SER C 339 10.42 30.99 -10.38
N THR C 340 11.71 30.68 -10.42
CA THR C 340 12.63 31.23 -9.43
C THR C 340 12.87 32.72 -9.70
N ASN C 341 12.63 33.53 -8.68
CA ASN C 341 12.82 34.98 -8.76
C ASN C 341 14.23 35.31 -8.28
N MET C 342 14.99 36.01 -9.11
CA MET C 342 16.37 36.34 -8.78
C MET C 342 16.41 37.62 -7.97
N SER C 343 17.12 37.58 -6.83
CA SER C 343 17.29 38.74 -5.98
C SER C 343 18.41 39.62 -6.51
N LEU C 344 18.10 40.89 -6.73
CA LEU C 344 19.09 41.87 -7.18
C LEU C 344 19.39 42.82 -6.03
N CYS C 345 20.46 43.58 -6.18
CA CYS C 345 20.87 44.53 -5.15
C CYS C 345 21.64 45.67 -5.79
N ALA C 346 21.55 46.82 -5.15
CA ALA C 346 22.24 48.02 -5.61
C ALA C 346 22.82 48.77 -4.42
N ALA C 347 24.04 49.25 -4.58
CA ALA C 347 24.73 49.97 -3.52
C ALA C 347 24.56 51.46 -3.73
N ILE C 348 24.03 52.15 -2.71
CA ILE C 348 23.81 53.59 -2.82
C ILE C 348 25.15 54.32 -2.82
N SER C 349 26.08 53.88 -1.98
CA SER C 349 27.42 54.45 -1.91
C SER C 349 28.42 53.31 -1.87
N THR C 350 29.34 53.30 -2.83
CA THR C 350 30.32 52.23 -2.96
C THR C 350 31.61 52.52 -2.19
N SER C 351 31.63 53.58 -1.38
CA SER C 351 32.86 54.02 -0.74
C SER C 351 33.03 53.42 0.66
N GLU C 352 31.97 53.47 1.46
CA GLU C 352 32.12 53.15 2.89
C GLU C 352 32.50 51.69 3.10
N THR C 353 32.98 51.40 4.31
CA THR C 353 33.63 50.14 4.64
C THR C 353 32.81 49.24 5.55
N THR C 354 31.66 49.72 6.05
CA THR C 354 30.83 48.94 6.95
C THR C 354 29.49 48.65 6.30
N TYR C 355 28.98 47.44 6.53
CA TYR C 355 27.65 47.09 6.04
C TYR C 355 26.58 47.86 6.79
N LYS C 356 25.67 48.48 6.03
CA LYS C 356 24.50 49.14 6.60
C LYS C 356 23.28 48.76 5.79
N ASN C 357 22.22 48.34 6.47
CA ASN C 357 21.00 47.95 5.76
C ASN C 357 20.45 49.11 4.96
N THR C 358 20.49 50.32 5.49
CA THR C 358 20.02 51.50 4.79
C THR C 358 20.89 51.90 3.61
N ASN C 359 21.96 51.15 3.32
CA ASN C 359 22.85 51.46 2.23
C ASN C 359 22.52 50.70 0.95
N PHE C 360 21.88 49.54 1.07
CA PHE C 360 21.62 48.67 -0.08
C PHE C 360 20.13 48.59 -0.35
N LYS C 361 19.74 48.81 -1.60
CA LYS C 361 18.36 48.68 -2.04
C LYS C 361 18.17 47.33 -2.72
N GLU C 362 17.14 46.59 -2.30
CA GLU C 362 16.88 45.25 -2.82
C GLU C 362 15.78 45.29 -3.86
N TYR C 363 15.92 44.46 -4.89
CA TYR C 363 14.93 44.34 -5.95
C TYR C 363 14.66 42.87 -6.23
N LEU C 364 13.47 42.59 -6.75
CA LEU C 364 13.13 41.26 -7.23
C LEU C 364 12.91 41.31 -8.73
N ARG C 365 13.36 40.28 -9.44
CA ARG C 365 13.18 40.18 -10.88
C ARG C 365 12.94 38.72 -11.25
N HIS C 366 12.34 38.53 -12.42
CA HIS C 366 12.06 37.21 -12.94
C HIS C 366 12.26 37.21 -14.44
N GLY C 367 12.90 36.18 -14.96
CA GLY C 367 13.16 36.06 -16.39
C GLY C 367 12.63 34.75 -16.94
N GLU C 368 11.86 34.84 -18.03
CA GLU C 368 11.34 33.68 -18.72
C GLU C 368 12.06 33.52 -20.05
N GLU C 369 11.96 32.33 -20.63
CA GLU C 369 12.60 32.04 -21.91
C GLU C 369 11.82 30.94 -22.61
N TYR C 370 11.16 31.28 -23.71
CA TYR C 370 10.40 30.34 -24.50
C TYR C 370 11.01 30.18 -25.89
N ASP C 371 10.68 29.08 -26.54
CA ASP C 371 11.12 28.84 -27.91
C ASP C 371 10.18 27.82 -28.53
N LEU C 372 9.37 28.27 -29.48
CA LEU C 372 8.30 27.46 -30.05
C LEU C 372 8.69 26.99 -31.45
N GLN C 373 8.42 25.72 -31.74
CA GLN C 373 8.71 25.14 -33.04
C GLN C 373 7.52 24.30 -33.46
N PHE C 374 7.12 24.42 -34.73
CA PHE C 374 5.97 23.70 -35.25
C PHE C 374 6.34 23.06 -36.58
N ILE C 375 5.61 22.01 -36.92
CA ILE C 375 5.66 21.40 -38.25
C ILE C 375 4.25 21.45 -38.82
N PHE C 376 4.08 22.22 -39.88
CA PHE C 376 2.79 22.44 -40.50
C PHE C 376 2.69 21.66 -41.79
N GLN C 377 1.56 21.00 -42.01
CA GLN C 377 1.30 20.26 -43.23
C GLN C 377 0.29 21.04 -44.06
N LEU C 378 0.58 21.20 -45.35
CA LEU C 378 -0.30 21.95 -46.23
C LEU C 378 -1.50 21.10 -46.60
N CYS C 379 -2.70 21.64 -46.38
CA CYS C 379 -3.96 20.96 -46.65
C CYS C 379 -4.73 21.73 -47.70
N LYS C 380 -5.59 21.03 -48.45
CA LYS C 380 -6.41 21.66 -49.46
C LYS C 380 -7.86 21.22 -49.30
N ILE C 381 -8.78 22.14 -49.57
CA ILE C 381 -10.22 21.92 -49.39
C ILE C 381 -10.90 22.23 -50.72
N THR C 382 -11.65 21.25 -51.23
CA THR C 382 -12.42 21.45 -52.46
C THR C 382 -13.79 21.97 -52.07
N LEU C 383 -14.06 23.23 -52.40
CA LEU C 383 -15.25 23.92 -51.92
C LEU C 383 -16.40 23.67 -52.87
N THR C 384 -17.10 22.56 -52.65
CA THR C 384 -18.35 22.28 -53.35
C THR C 384 -19.47 23.07 -52.67
N ALA C 385 -20.73 22.75 -53.00
CA ALA C 385 -21.84 23.45 -52.38
C ALA C 385 -22.09 22.95 -50.96
N ASP C 386 -21.97 21.64 -50.75
CA ASP C 386 -22.17 21.08 -49.42
C ASP C 386 -21.04 21.51 -48.48
N VAL C 387 -19.80 21.51 -48.96
CA VAL C 387 -18.69 21.94 -48.12
C VAL C 387 -18.79 23.43 -47.82
N MET C 388 -19.23 24.22 -48.80
CA MET C 388 -19.41 25.64 -48.57
C MET C 388 -20.49 25.88 -47.52
N THR C 389 -21.59 25.12 -47.58
CA THR C 389 -22.65 25.27 -46.58
C THR C 389 -22.13 24.89 -45.20
N TYR C 390 -21.43 23.75 -45.10
CA TYR C 390 -20.92 23.30 -43.82
C TYR C 390 -19.93 24.30 -43.23
N ILE C 391 -19.09 24.89 -44.07
CA ILE C 391 -18.08 25.81 -43.53
C ILE C 391 -18.71 27.16 -43.18
N HIS C 392 -19.69 27.60 -43.96
CA HIS C 392 -20.39 28.83 -43.59
C HIS C 392 -21.19 28.66 -42.31
N SER C 393 -21.62 27.43 -42.02
CA SER C 393 -22.32 27.21 -40.75
C SER C 393 -21.34 27.01 -39.61
N MET C 394 -20.14 26.50 -39.90
CA MET C 394 -19.12 26.35 -38.87
C MET C 394 -18.56 27.70 -38.46
N ASN C 395 -18.22 28.54 -39.44
CA ASN C 395 -17.64 29.85 -39.17
C ASN C 395 -17.72 30.68 -40.45
N SER C 396 -18.32 31.87 -40.36
CA SER C 396 -18.51 32.68 -41.55
C SER C 396 -17.23 33.38 -41.99
N THR C 397 -16.40 33.78 -41.03
CA THR C 397 -15.15 34.45 -41.36
C THR C 397 -14.17 33.54 -42.10
N ILE C 398 -14.36 32.23 -42.06
CA ILE C 398 -13.49 31.33 -42.82
C ILE C 398 -13.71 31.53 -44.32
N LEU C 399 -14.97 31.53 -44.75
CA LEU C 399 -15.28 31.82 -46.14
C LEU C 399 -15.30 33.32 -46.44
N GLU C 400 -15.18 34.18 -45.43
CA GLU C 400 -15.03 35.60 -45.73
C GLU C 400 -13.57 35.97 -45.98
N ASP C 401 -12.64 35.34 -45.26
CA ASP C 401 -11.22 35.56 -45.50
C ASP C 401 -10.75 34.94 -46.81
N TRP C 402 -11.21 33.73 -47.15
CA TRP C 402 -11.14 33.23 -48.51
C TRP C 402 -12.20 33.90 -49.37
N ASN C 403 -11.79 34.74 -50.31
CA ASN C 403 -12.71 35.52 -51.14
C ASN C 403 -13.76 34.68 -51.88
N PHE C 404 -13.63 33.36 -51.80
CA PHE C 404 -14.35 32.37 -52.63
C PHE C 404 -15.82 32.77 -52.79
N GLY C 405 -16.61 32.82 -51.73
CA GLY C 405 -18.03 33.11 -51.89
C GLY C 405 -18.42 34.45 -51.30
N LEU C 406 -18.78 35.41 -52.14
CA LEU C 406 -19.13 36.73 -51.61
C LEU C 406 -20.61 37.02 -51.77
N GLN C 407 -21.13 36.97 -53.01
CA GLN C 407 -22.57 37.11 -53.24
C GLN C 407 -23.13 38.38 -52.60
N PRO C 408 -22.97 39.52 -53.26
CA PRO C 408 -23.21 40.83 -52.60
C PRO C 408 -24.41 40.84 -51.67
N PRO C 409 -24.25 41.37 -50.46
CA PRO C 409 -25.29 41.23 -49.45
C PRO C 409 -26.48 42.10 -49.76
N PRO C 410 -27.65 41.81 -49.16
CA PRO C 410 -28.88 42.58 -49.44
C PRO C 410 -28.85 43.99 -48.87
N GLY C 411 -28.90 44.97 -49.77
CA GLY C 411 -28.95 46.36 -49.38
C GLY C 411 -27.97 47.22 -50.14
N GLY C 412 -26.88 46.61 -50.60
CA GLY C 412 -25.89 47.31 -51.38
C GLY C 412 -24.99 48.18 -50.51
N THR C 413 -24.16 48.97 -51.18
CA THR C 413 -23.22 49.85 -50.49
C THR C 413 -23.08 51.23 -51.11
N LEU C 414 -24.12 51.77 -51.76
CA LEU C 414 -24.02 53.05 -52.43
C LEU C 414 -23.56 54.14 -51.47
N GLU C 415 -22.44 54.78 -51.80
CA GLU C 415 -21.77 55.73 -50.93
C GLU C 415 -22.03 57.16 -51.42
N ASP C 416 -21.92 58.11 -50.49
CA ASP C 416 -22.10 59.52 -50.81
C ASP C 416 -20.76 60.25 -50.74
N THR C 417 -20.54 61.15 -51.70
CA THR C 417 -19.26 61.83 -51.88
C THR C 417 -19.38 63.33 -52.16
N TYR C 418 -20.07 64.10 -51.31
CA TYR C 418 -20.94 65.22 -51.73
C TYR C 418 -20.28 66.00 -52.86
N ARG C 419 -19.41 66.97 -52.57
CA ARG C 419 -18.31 67.33 -53.44
C ARG C 419 -17.14 67.83 -52.58
N PHE C 420 -17.48 68.57 -51.52
CA PHE C 420 -16.52 69.23 -50.67
C PHE C 420 -16.64 68.71 -49.25
N VAL C 421 -15.65 67.93 -48.80
CA VAL C 421 -15.72 67.39 -47.45
C VAL C 421 -15.40 68.45 -46.40
N THR C 422 -14.70 69.51 -46.81
CA THR C 422 -14.28 70.55 -45.87
C THR C 422 -15.32 71.66 -45.71
N SER C 423 -16.34 71.71 -46.55
CA SER C 423 -17.38 72.74 -46.45
C SER C 423 -18.13 72.55 -45.13
N GLN C 424 -18.79 73.62 -44.68
CA GLN C 424 -19.55 73.54 -43.44
C GLN C 424 -21.05 73.53 -43.65
N ALA C 425 -21.50 73.33 -44.89
CA ALA C 425 -22.90 73.02 -45.17
C ALA C 425 -23.11 71.52 -45.36
N ILE C 426 -22.04 70.75 -45.22
CA ILE C 426 -21.95 69.32 -45.51
C ILE C 426 -21.53 68.65 -44.22
N ALA C 427 -22.09 69.11 -43.10
CA ALA C 427 -21.41 69.28 -41.83
C ALA C 427 -20.27 68.32 -41.52
N CYS C 428 -20.48 67.00 -41.61
CA CYS C 428 -19.41 66.09 -41.26
C CYS C 428 -19.21 65.04 -42.36
N GLN C 429 -17.99 64.98 -42.87
CA GLN C 429 -17.60 63.96 -43.83
C GLN C 429 -16.20 63.43 -43.59
N LYS C 430 -15.82 63.25 -42.32
CA LYS C 430 -14.50 62.72 -41.97
C LYS C 430 -14.66 61.27 -41.52
N HIS C 431 -14.50 60.37 -42.49
CA HIS C 431 -14.73 58.95 -42.24
C HIS C 431 -13.46 58.26 -41.74
N THR C 432 -13.62 57.01 -41.31
CA THR C 432 -12.52 56.17 -40.85
C THR C 432 -11.98 55.37 -42.03
N PRO C 433 -10.73 54.91 -41.98
CA PRO C 433 -10.22 53.98 -43.00
C PRO C 433 -11.18 52.82 -43.20
N PRO C 434 -11.43 52.43 -44.45
CA PRO C 434 -12.48 51.46 -44.73
C PRO C 434 -12.19 50.10 -44.12
N ALA C 435 -13.25 49.44 -43.68
CA ALA C 435 -13.18 48.11 -43.05
C ALA C 435 -12.18 48.04 -41.90
N PRO C 436 -12.43 48.75 -40.78
CA PRO C 436 -11.56 48.58 -39.61
C PRO C 436 -11.98 47.37 -38.78
N LYS C 437 -13.21 46.89 -39.01
CA LYS C 437 -13.75 45.74 -38.28
C LYS C 437 -13.12 44.48 -38.88
N GLU C 438 -11.90 44.19 -38.40
CA GLU C 438 -11.15 43.04 -38.87
C GLU C 438 -10.71 42.10 -37.75
N ASP C 439 -10.69 42.57 -36.50
CA ASP C 439 -10.14 41.80 -35.39
C ASP C 439 -11.19 41.64 -34.31
N PRO C 440 -11.88 40.49 -34.26
CA PRO C 440 -12.81 40.25 -33.14
C PRO C 440 -12.13 39.80 -31.87
N LEU C 441 -10.82 39.54 -31.91
CA LEU C 441 -10.03 39.21 -30.73
C LEU C 441 -9.14 40.38 -30.30
N LYS C 442 -9.60 41.60 -30.53
CA LYS C 442 -8.80 42.79 -30.19
C LYS C 442 -8.90 43.13 -28.72
N LYS C 443 -9.98 42.73 -28.05
CA LYS C 443 -10.16 43.10 -26.64
C LYS C 443 -9.24 42.30 -25.73
N TYR C 444 -8.70 41.17 -26.20
CA TYR C 444 -7.91 40.29 -25.37
C TYR C 444 -6.42 40.55 -25.56
N THR C 445 -5.63 40.09 -24.60
CA THR C 445 -4.19 40.28 -24.60
C THR C 445 -3.49 38.93 -24.77
N PHE C 446 -2.79 38.76 -25.88
CA PHE C 446 -2.03 37.54 -26.14
C PHE C 446 -0.59 37.90 -26.44
N TRP C 447 0.30 36.95 -26.15
CA TRP C 447 1.68 37.09 -26.60
C TRP C 447 1.75 36.78 -28.09
N GLU C 448 1.61 37.81 -28.92
CA GLU C 448 1.48 37.65 -30.35
C GLU C 448 2.81 37.23 -30.95
N VAL C 449 2.83 36.09 -31.62
CA VAL C 449 4.00 35.59 -32.33
C VAL C 449 3.71 35.70 -33.83
N ASN C 450 4.70 36.13 -34.59
CA ASN C 450 4.58 36.31 -36.03
C ASN C 450 5.45 35.29 -36.73
N LEU C 451 4.82 34.28 -37.33
CA LEU C 451 5.53 33.24 -38.07
C LEU C 451 5.30 33.35 -39.57
N LYS C 452 5.03 34.55 -40.08
CA LYS C 452 4.77 34.71 -41.50
C LYS C 452 6.05 34.60 -42.31
N GLU C 453 7.14 35.18 -41.81
CA GLU C 453 8.43 35.14 -42.49
C GLU C 453 9.34 34.05 -41.94
N LYS C 454 8.77 32.95 -41.47
CA LYS C 454 9.54 31.94 -40.76
C LYS C 454 9.32 30.52 -41.28
N PHE C 455 8.51 30.34 -42.33
CA PHE C 455 8.27 29.01 -42.85
C PHE C 455 9.42 28.57 -43.74
N SER C 456 9.78 27.29 -43.61
CA SER C 456 10.90 26.72 -44.36
C SER C 456 10.57 25.29 -44.71
N ALA C 457 10.79 24.93 -45.97
CA ALA C 457 10.37 23.63 -46.49
C ALA C 457 11.40 22.54 -46.30
N ASP C 458 12.64 22.87 -45.94
CA ASP C 458 13.68 21.86 -45.71
C ASP C 458 13.77 21.63 -44.21
N LEU C 459 13.07 20.60 -43.73
CA LEU C 459 12.90 20.39 -42.31
C LEU C 459 14.18 19.91 -41.63
N ASP C 460 15.02 19.13 -42.30
CA ASP C 460 16.17 18.53 -41.64
C ASP C 460 17.19 19.56 -41.20
N GLN C 461 16.97 20.84 -41.48
CA GLN C 461 17.86 21.91 -41.05
C GLN C 461 17.43 22.53 -39.72
N PHE C 462 16.38 22.04 -39.10
CA PHE C 462 15.89 22.50 -37.82
C PHE C 462 15.72 21.30 -36.89
N PRO C 463 15.91 21.49 -35.57
CA PRO C 463 15.87 20.33 -34.67
C PRO C 463 14.55 19.59 -34.69
N LEU C 464 13.43 20.29 -34.54
CA LEU C 464 12.13 19.63 -34.65
C LEU C 464 11.93 19.04 -36.04
N GLY C 465 12.57 19.61 -37.06
CA GLY C 465 12.45 19.06 -38.40
C GLY C 465 13.07 17.69 -38.52
N ARG C 466 14.31 17.54 -38.04
CA ARG C 466 14.93 16.22 -38.11
C ARG C 466 14.27 15.25 -37.13
N LYS C 467 13.73 15.75 -36.02
CA LYS C 467 12.96 14.87 -35.14
C LYS C 467 11.71 14.35 -35.85
N PHE C 468 11.02 15.22 -36.59
CA PHE C 468 9.82 14.80 -37.30
C PHE C 468 10.15 13.81 -38.41
N LEU C 469 11.21 14.09 -39.18
CA LEU C 469 11.66 13.14 -40.18
C LEU C 469 11.97 11.79 -39.53
N LEU C 470 12.93 11.76 -38.61
CA LEU C 470 13.31 10.53 -37.93
C LEU C 470 12.13 9.79 -37.33
N GLN C 471 11.08 10.51 -36.94
CA GLN C 471 9.89 9.83 -36.43
C GLN C 471 9.09 9.21 -37.57
N ALA C 472 9.03 9.90 -38.71
CA ALA C 472 8.36 9.35 -39.88
C ALA C 472 9.30 8.54 -40.78
N GLY C 473 10.57 8.43 -40.42
CA GLY C 473 11.56 7.78 -41.28
C GLY C 473 12.31 8.80 -42.12
N LEU C 474 12.27 8.60 -43.43
CA LEU C 474 12.61 9.63 -44.40
C LEU C 474 13.98 10.27 -44.20
N LYS C 475 15.07 9.51 -44.39
CA LYS C 475 16.37 10.12 -44.55
C LYS C 475 16.30 11.14 -45.70
N ALA C 476 16.96 12.30 -45.50
CA ALA C 476 16.49 13.48 -46.22
C ALA C 476 16.61 13.40 -47.73
N LYS C 477 17.80 13.61 -48.27
CA LYS C 477 18.01 13.54 -49.72
C LYS C 477 18.96 12.42 -50.16
N PRO C 478 20.08 12.23 -49.43
CA PRO C 478 20.98 13.20 -48.79
C PRO C 478 21.71 14.05 -49.83
N LYS C 479 22.18 13.42 -50.90
CA LYS C 479 22.89 14.10 -51.98
C LYS C 479 24.00 15.01 -51.46
N PHE C 480 25.02 14.41 -50.85
CA PHE C 480 26.18 15.17 -50.38
C PHE C 480 26.94 15.80 -51.54
N MET D 1 -15.74 39.24 -57.36
CA MET D 1 -15.17 40.51 -57.81
C MET D 1 -15.79 40.94 -59.14
N SER D 2 -16.31 42.16 -59.18
CA SER D 2 -16.89 42.72 -60.40
C SER D 2 -16.14 43.95 -60.88
N LEU D 3 -15.09 44.34 -60.17
CA LEU D 3 -14.32 45.53 -60.53
C LEU D 3 -12.90 45.13 -60.87
N TRP D 4 -12.32 45.81 -61.85
CA TRP D 4 -10.92 45.61 -62.20
C TRP D 4 -10.06 46.66 -61.51
N LEU D 5 -9.39 46.23 -60.46
CA LEU D 5 -8.60 47.09 -59.59
C LEU D 5 -7.11 46.98 -59.94
N PRO D 6 -6.34 48.05 -59.68
CA PRO D 6 -5.01 48.17 -60.29
C PRO D 6 -4.03 47.05 -59.99
N SER D 7 -3.69 46.83 -58.71
CA SER D 7 -2.51 46.01 -58.43
C SER D 7 -2.82 44.79 -57.56
N GLU D 8 -1.77 44.11 -57.12
CA GLU D 8 -1.89 42.82 -56.45
C GLU D 8 -1.35 42.87 -55.03
N ALA D 9 -1.26 41.71 -54.37
CA ALA D 9 -0.94 41.63 -52.96
C ALA D 9 0.25 40.70 -52.76
N THR D 10 0.48 40.35 -51.49
CA THR D 10 1.65 39.58 -51.10
C THR D 10 1.68 38.22 -51.78
N VAL D 11 2.88 37.81 -52.19
CA VAL D 11 3.13 36.48 -52.75
C VAL D 11 4.43 35.97 -52.13
N TYR D 12 4.33 34.96 -51.28
CA TYR D 12 5.51 34.37 -50.65
C TYR D 12 6.25 33.49 -51.64
N LEU D 13 7.38 33.95 -52.14
CA LEU D 13 8.08 33.29 -53.22
C LEU D 13 9.02 32.22 -52.68
N PRO D 14 9.28 31.17 -53.47
CA PRO D 14 10.19 30.13 -53.01
C PRO D 14 11.61 30.67 -52.88
N PRO D 15 12.31 30.33 -51.81
CA PRO D 15 13.65 30.90 -51.59
C PRO D 15 14.66 30.33 -52.57
N VAL D 16 15.81 30.99 -52.64
CA VAL D 16 16.88 30.60 -53.54
C VAL D 16 17.52 29.32 -53.00
N PRO D 17 18.00 28.42 -53.86
CA PRO D 17 18.62 27.16 -53.40
C PRO D 17 19.84 27.39 -52.53
N VAL D 18 19.77 26.87 -51.31
CA VAL D 18 20.83 27.01 -50.33
C VAL D 18 21.63 25.71 -50.25
N SER D 19 22.92 25.84 -50.01
CA SER D 19 23.76 24.66 -49.76
C SER D 19 23.52 24.17 -48.34
N LYS D 20 22.65 23.18 -48.19
CA LYS D 20 22.20 22.77 -46.87
C LYS D 20 23.31 22.11 -46.07
N VAL D 21 23.11 22.04 -44.76
CA VAL D 21 23.99 21.25 -43.91
C VAL D 21 23.56 19.79 -43.98
N VAL D 22 24.51 18.90 -44.24
CA VAL D 22 24.21 17.49 -44.42
C VAL D 22 24.79 16.71 -43.24
N SER D 23 24.23 15.52 -43.01
CA SER D 23 24.74 14.64 -41.98
C SER D 23 26.13 14.15 -42.32
N THR D 24 26.93 13.88 -41.29
CA THR D 24 28.25 13.33 -41.52
C THR D 24 28.21 11.91 -42.06
N ASP D 25 27.04 11.28 -42.10
CA ASP D 25 26.90 9.96 -42.69
C ASP D 25 27.04 9.98 -44.21
N GLU D 26 27.13 11.16 -44.82
CA GLU D 26 27.12 11.30 -46.27
C GLU D 26 28.50 11.50 -46.86
N TYR D 27 29.46 12.00 -46.08
CA TYR D 27 30.82 12.17 -46.58
C TYR D 27 31.89 11.58 -45.69
N VAL D 28 31.54 11.10 -44.50
CA VAL D 28 32.50 10.47 -43.60
C VAL D 28 32.21 8.97 -43.57
N ALA D 29 33.12 8.19 -44.13
CA ALA D 29 32.94 6.75 -44.26
C ALA D 29 33.55 6.03 -43.07
N ARG D 30 32.78 5.14 -42.47
CA ARG D 30 33.21 4.41 -41.29
C ARG D 30 34.05 3.20 -41.67
N THR D 31 34.90 2.77 -40.74
CA THR D 31 35.69 1.57 -40.88
C THR D 31 35.45 0.66 -39.68
N ASN D 32 36.02 -0.54 -39.72
CA ASN D 32 35.88 -1.51 -38.65
C ASN D 32 36.95 -1.37 -37.57
N ILE D 33 37.73 -0.31 -37.60
CA ILE D 33 38.85 -0.15 -36.67
C ILE D 33 38.39 0.65 -35.46
N TYR D 34 38.24 -0.03 -34.32
CA TYR D 34 37.86 0.61 -33.07
C TYR D 34 39.04 0.64 -32.12
N TYR D 35 39.11 1.69 -31.31
CA TYR D 35 40.20 1.88 -30.36
C TYR D 35 39.62 2.27 -29.01
N HIS D 36 40.25 1.78 -27.95
CA HIS D 36 39.87 2.11 -26.58
C HIS D 36 40.86 3.12 -26.02
N ALA D 37 40.34 4.19 -25.43
CA ALA D 37 41.15 5.20 -24.77
C ALA D 37 40.57 5.48 -23.39
N GLY D 38 41.45 5.73 -22.44
CA GLY D 38 41.01 5.98 -21.08
C GLY D 38 42.03 6.66 -20.19
N THR D 39 41.55 7.49 -19.27
CA THR D 39 42.42 8.17 -18.32
C THR D 39 42.76 7.24 -17.16
N SER D 40 43.89 7.52 -16.52
CA SER D 40 44.35 6.66 -15.44
C SER D 40 43.38 6.69 -14.27
N ARG D 41 43.33 7.83 -13.56
CA ARG D 41 42.32 8.11 -12.56
C ARG D 41 42.48 9.57 -12.17
N LEU D 42 41.41 10.36 -12.25
CA LEU D 42 41.50 11.79 -12.11
C LEU D 42 41.01 12.22 -10.74
N LEU D 43 41.92 12.75 -9.93
CA LEU D 43 41.59 13.20 -8.58
C LEU D 43 41.81 14.70 -8.48
N ALA D 44 41.04 15.34 -7.61
CA ALA D 44 41.17 16.77 -7.35
C ALA D 44 40.77 17.05 -5.91
N VAL D 45 41.71 17.54 -5.12
CA VAL D 45 41.48 17.88 -3.72
C VAL D 45 41.59 19.39 -3.56
N GLY D 46 40.67 19.97 -2.81
CA GLY D 46 40.69 21.40 -2.60
C GLY D 46 39.67 21.83 -1.57
N HIS D 47 39.49 23.14 -1.47
CA HIS D 47 38.51 23.69 -0.54
C HIS D 47 37.16 23.86 -1.24
N PRO D 48 36.06 23.52 -0.56
CA PRO D 48 34.75 23.61 -1.24
C PRO D 48 34.26 25.03 -1.49
N TYR D 49 34.72 26.03 -0.73
CA TYR D 49 34.14 27.36 -0.78
C TYR D 49 35.00 28.39 -1.50
N PHE D 50 36.28 28.49 -1.16
CA PHE D 50 37.15 29.52 -1.72
C PHE D 50 38.55 28.96 -1.88
N PRO D 51 39.36 29.55 -2.76
CA PRO D 51 40.75 29.11 -2.92
C PRO D 51 41.66 29.73 -1.88
N ILE D 52 42.25 28.89 -1.04
CA ILE D 52 43.16 29.35 0.00
C ILE D 52 44.44 29.85 -0.66
N LYS D 53 44.72 31.15 -0.52
CA LYS D 53 45.92 31.73 -1.10
C LYS D 53 46.70 32.47 -0.02
N LYS D 54 47.95 32.77 -0.34
CA LYS D 54 48.85 33.37 0.65
C LYS D 54 48.35 34.75 1.05
N PRO D 55 48.51 35.15 2.31
CA PRO D 55 48.00 36.46 2.74
C PRO D 55 48.77 37.62 2.15
N ASN D 56 50.04 37.43 1.78
CA ASN D 56 50.84 38.48 1.17
C ASN D 56 51.06 38.26 -0.32
N ASN D 57 51.19 37.00 -0.76
CA ASN D 57 51.34 36.67 -2.16
C ASN D 57 49.95 36.52 -2.79
N ASN D 58 49.89 35.99 -4.00
CA ASN D 58 48.64 35.57 -4.61
C ASN D 58 48.69 34.15 -5.16
N LYS D 59 49.79 33.44 -4.93
CA LYS D 59 49.86 32.02 -5.27
C LYS D 59 48.77 31.24 -4.55
N ILE D 60 48.06 30.40 -5.30
CA ILE D 60 46.98 29.61 -4.74
C ILE D 60 47.59 28.36 -4.10
N LEU D 61 47.48 28.27 -2.77
CA LEU D 61 48.02 27.11 -2.08
C LEU D 61 47.06 25.93 -2.14
N VAL D 62 45.77 26.19 -2.01
CA VAL D 62 44.73 25.17 -2.09
C VAL D 62 43.67 25.66 -3.05
N PRO D 63 43.41 24.97 -4.16
CA PRO D 63 42.41 25.44 -5.12
C PRO D 63 41.00 25.21 -4.61
N LYS D 64 40.04 25.73 -5.36
CA LYS D 64 38.63 25.53 -5.06
C LYS D 64 38.15 24.30 -5.81
N VAL D 65 37.64 23.32 -5.08
CA VAL D 65 37.11 22.10 -5.65
C VAL D 65 35.80 21.80 -4.95
N SER D 66 34.68 22.10 -5.60
CA SER D 66 33.36 21.85 -5.06
C SER D 66 32.63 20.86 -5.93
N GLY D 67 31.69 20.13 -5.33
CA GLY D 67 30.83 19.27 -6.11
C GLY D 67 29.84 20.00 -6.98
N LEU D 68 29.74 21.32 -6.83
CA LEU D 68 28.83 22.15 -7.60
C LEU D 68 29.53 22.95 -8.68
N GLN D 69 30.59 22.40 -9.26
CA GLN D 69 31.32 23.05 -10.33
C GLN D 69 31.11 22.29 -11.65
N TYR D 70 31.40 22.97 -12.74
CA TYR D 70 31.40 22.32 -14.04
C TYR D 70 32.75 21.65 -14.27
N ARG D 71 32.73 20.36 -14.55
CA ARG D 71 33.93 19.64 -14.96
C ARG D 71 33.89 19.56 -16.48
N VAL D 72 34.64 20.43 -17.14
CA VAL D 72 34.73 20.44 -18.60
C VAL D 72 36.10 19.92 -18.96
N PHE D 73 36.16 18.68 -19.42
CA PHE D 73 37.40 18.06 -19.85
C PHE D 73 37.64 18.38 -21.32
N ARG D 74 38.88 18.66 -21.67
CA ARG D 74 39.26 18.83 -23.07
C ARG D 74 40.13 17.64 -23.44
N ILE D 75 39.54 16.66 -24.10
CA ILE D 75 40.23 15.42 -24.46
C ILE D 75 41.09 15.68 -25.68
N HIS D 76 42.29 15.12 -25.69
CA HIS D 76 43.20 15.22 -26.83
C HIS D 76 43.40 13.83 -27.42
N LEU D 77 43.06 13.68 -28.68
CA LEU D 77 43.22 12.41 -29.37
C LEU D 77 44.45 12.44 -30.25
N PRO D 78 45.08 11.30 -30.49
CA PRO D 78 46.22 11.29 -31.42
C PRO D 78 45.75 11.49 -32.85
N ASP D 79 46.56 12.20 -33.61
CA ASP D 79 46.22 12.50 -34.99
C ASP D 79 46.21 11.22 -35.81
N PRO D 80 45.05 10.75 -36.29
CA PRO D 80 45.03 9.50 -37.05
C PRO D 80 45.79 9.57 -38.36
N ASN D 81 46.11 10.77 -38.84
CA ASN D 81 46.95 10.93 -40.01
C ASN D 81 48.43 10.77 -39.68
N LYS D 82 48.79 10.88 -38.40
CA LYS D 82 50.14 10.57 -37.94
C LYS D 82 50.21 9.27 -37.14
N PHE D 83 49.07 8.78 -36.66
CA PHE D 83 49.04 7.58 -35.84
C PHE D 83 49.69 6.41 -36.55
N GLY D 84 50.28 5.51 -35.77
CA GLY D 84 50.93 4.34 -36.31
C GLY D 84 50.07 3.10 -36.26
N PHE D 85 49.46 2.75 -37.36
CA PHE D 85 48.65 1.56 -37.44
C PHE D 85 49.49 0.37 -37.88
N PRO D 86 49.11 -0.85 -37.48
CA PRO D 86 49.83 -2.03 -37.98
C PRO D 86 49.79 -2.18 -39.49
N ASP D 87 48.79 -1.59 -40.15
CA ASP D 87 48.67 -1.66 -41.60
C ASP D 87 47.90 -0.45 -42.08
N THR D 88 48.55 0.41 -42.86
CA THR D 88 47.98 1.67 -43.32
C THR D 88 47.44 1.59 -44.74
N SER D 89 47.03 0.39 -45.18
CA SER D 89 46.56 0.20 -46.54
C SER D 89 45.05 0.22 -46.67
N PHE D 90 44.35 0.77 -45.68
CA PHE D 90 42.90 0.91 -45.72
C PHE D 90 42.45 2.26 -46.26
N TYR D 91 43.37 3.21 -46.41
CA TYR D 91 43.03 4.54 -46.91
C TYR D 91 44.19 5.08 -47.73
N ASN D 92 43.88 5.92 -48.69
CA ASN D 92 44.88 6.50 -49.57
C ASN D 92 45.14 7.93 -49.17
N PRO D 93 46.32 8.27 -48.66
CA PRO D 93 46.55 9.63 -48.15
C PRO D 93 46.65 10.70 -49.23
N ASP D 94 46.65 10.32 -50.50
CA ASP D 94 46.70 11.31 -51.57
C ASP D 94 45.34 11.95 -51.81
N THR D 95 44.25 11.26 -51.44
CA THR D 95 42.91 11.76 -51.69
C THR D 95 41.96 11.53 -50.52
N GLN D 96 42.47 11.12 -49.36
CA GLN D 96 41.62 10.87 -48.21
C GLN D 96 42.30 11.41 -46.96
N ARG D 97 41.49 11.65 -45.92
CA ARG D 97 41.99 12.05 -44.61
C ARG D 97 41.18 11.30 -43.55
N LEU D 98 41.83 11.05 -42.41
CA LEU D 98 41.25 10.24 -41.36
C LEU D 98 40.79 11.13 -40.22
N VAL D 99 39.84 10.63 -39.44
CA VAL D 99 39.33 11.34 -38.28
C VAL D 99 38.74 10.32 -37.32
N TRP D 100 38.84 10.62 -36.02
CA TRP D 100 38.29 9.76 -34.98
C TRP D 100 36.82 10.08 -34.76
N ALA D 101 36.01 9.05 -34.55
CA ALA D 101 34.61 9.20 -34.20
C ALA D 101 34.37 8.57 -32.84
N CYS D 102 33.46 9.15 -32.08
CA CYS D 102 33.14 8.66 -30.74
C CYS D 102 31.98 7.68 -30.83
N VAL D 103 32.20 6.46 -30.35
CA VAL D 103 31.21 5.40 -30.43
C VAL D 103 30.62 5.09 -29.06
N GLY D 104 31.44 5.11 -28.02
CA GLY D 104 30.96 4.84 -26.68
C GLY D 104 31.74 5.65 -25.67
N VAL D 105 31.06 6.01 -24.58
CA VAL D 105 31.65 6.83 -23.53
C VAL D 105 31.25 6.26 -22.19
N GLU D 106 32.20 6.24 -21.25
CA GLU D 106 31.93 5.85 -19.88
C GLU D 106 32.56 6.90 -18.97
N VAL D 107 31.71 7.64 -18.26
CA VAL D 107 32.19 8.63 -17.29
C VAL D 107 32.09 8.01 -15.92
N GLY D 108 33.21 7.51 -15.40
CA GLY D 108 33.22 6.82 -14.14
C GLY D 108 33.46 7.77 -12.97
N ARG D 109 32.64 7.62 -11.93
CA ARG D 109 32.75 8.40 -10.72
C ARG D 109 33.20 7.51 -9.58
N GLY D 110 33.97 8.06 -8.66
CA GLY D 110 34.66 7.23 -7.69
C GLY D 110 34.22 7.28 -6.25
N GLN D 111 33.82 8.45 -5.77
CA GLN D 111 33.56 8.63 -4.34
C GLN D 111 32.18 8.13 -3.98
N PRO D 112 31.87 7.99 -2.69
CA PRO D 112 30.52 7.61 -2.30
C PRO D 112 29.53 8.75 -2.48
N LEU D 113 28.26 8.38 -2.59
CA LEU D 113 27.20 9.38 -2.67
C LEU D 113 27.13 10.18 -1.37
N GLY D 114 26.75 11.44 -1.50
CA GLY D 114 26.64 12.29 -0.34
C GLY D 114 26.30 13.70 -0.76
N VAL D 115 25.75 14.45 0.18
CA VAL D 115 25.30 15.82 -0.07
C VAL D 115 26.14 16.75 0.79
N GLY D 116 26.68 17.79 0.17
CA GLY D 116 27.44 18.78 0.88
C GLY D 116 26.66 20.04 1.13
N ILE D 117 27.03 20.74 2.19
CA ILE D 117 26.30 21.92 2.66
C ILE D 117 27.18 23.14 2.49
N SER D 118 26.55 24.24 2.09
CA SER D 118 27.26 25.50 1.92
C SER D 118 26.43 26.61 2.54
N GLY D 119 27.09 27.69 2.95
CA GLY D 119 26.41 28.78 3.59
C GLY D 119 27.33 29.97 3.78
N HIS D 120 26.71 31.10 4.12
CA HIS D 120 27.39 32.36 4.33
C HIS D 120 27.44 32.67 5.81
N PRO D 121 28.58 33.08 6.37
CA PRO D 121 28.61 33.49 7.78
C PRO D 121 27.78 34.72 8.07
N LEU D 122 27.61 35.61 7.09
CA LEU D 122 26.77 36.80 7.22
C LEU D 122 25.83 36.82 6.02
N LEU D 123 24.71 36.12 6.13
CA LEU D 123 23.74 36.04 5.04
C LEU D 123 22.64 37.08 5.25
N ASN D 124 22.26 37.75 4.16
CA ASN D 124 21.25 38.79 4.24
C ASN D 124 19.89 38.14 4.46
N LYS D 125 19.50 37.97 5.72
CA LYS D 125 18.21 37.39 6.07
C LYS D 125 17.61 38.22 7.19
N LEU D 126 16.36 38.63 7.02
CA LEU D 126 15.70 39.43 8.05
C LEU D 126 14.96 38.54 9.04
N ASP D 127 14.00 37.75 8.57
CA ASP D 127 13.26 36.85 9.43
C ASP D 127 12.82 35.63 8.63
N ASP D 128 12.18 34.69 9.33
CA ASP D 128 11.62 33.50 8.72
C ASP D 128 10.13 33.74 8.50
N THR D 129 9.75 34.02 7.26
CA THR D 129 8.38 34.35 6.93
C THR D 129 7.53 33.15 6.60
N GLU D 130 8.03 31.94 6.85
CA GLU D 130 7.23 30.74 6.59
C GLU D 130 6.07 30.65 7.57
N ASN D 131 6.35 30.83 8.85
CA ASN D 131 5.32 30.78 9.89
C ASN D 131 5.70 31.79 10.95
N ALA D 132 5.12 32.99 10.86
CA ALA D 132 5.43 34.09 11.77
C ALA D 132 4.44 34.10 12.92
N SER D 133 4.93 34.37 14.13
CA SER D 133 4.05 34.45 15.29
C SER D 133 3.47 35.84 15.45
N ALA D 134 4.33 36.84 15.61
CA ALA D 134 3.91 38.23 15.72
C ALA D 134 4.62 39.03 14.64
N TYR D 135 4.16 40.26 14.43
CA TYR D 135 4.80 41.09 13.42
C TYR D 135 6.21 41.46 13.86
N ALA D 136 7.09 41.59 12.87
CA ALA D 136 8.51 41.75 13.14
C ALA D 136 8.78 42.96 14.03
N ALA D 137 9.81 42.83 14.85
CA ALA D 137 10.24 43.92 15.71
C ALA D 137 11.07 44.91 14.88
N ASN D 138 11.77 45.82 15.56
CA ASN D 138 12.53 46.84 14.86
C ASN D 138 13.68 46.19 14.08
N ALA D 139 13.77 46.50 12.79
CA ALA D 139 14.90 46.08 11.98
C ALA D 139 16.04 47.07 12.16
N GLY D 140 17.08 46.67 12.87
CA GLY D 140 18.18 47.56 13.15
C GLY D 140 19.15 47.70 12.00
N VAL D 141 20.44 47.67 12.29
CA VAL D 141 21.48 47.79 11.28
C VAL D 141 22.29 46.50 11.28
N ASP D 142 22.56 45.97 10.10
CA ASP D 142 23.32 44.72 9.93
C ASP D 142 22.62 43.56 10.63
N ASN D 143 21.43 43.22 10.11
CA ASN D 143 20.64 42.10 10.59
C ASN D 143 21.04 40.76 9.96
N ARG D 144 22.24 40.65 9.41
CA ARG D 144 22.66 39.43 8.73
C ARG D 144 22.97 38.33 9.75
N GLU D 145 22.83 37.09 9.29
CA GLU D 145 23.03 35.91 10.13
C GLU D 145 23.87 34.87 9.39
N CYS D 146 24.18 33.78 10.09
CA CYS D 146 24.95 32.67 9.52
C CYS D 146 23.96 31.56 9.19
N ILE D 147 23.72 31.36 7.90
CA ILE D 147 22.73 30.40 7.42
C ILE D 147 23.39 29.51 6.38
N SER D 148 23.09 28.21 6.44
CA SER D 148 23.60 27.24 5.49
C SER D 148 22.44 26.57 4.76
N MET D 149 22.75 25.96 3.62
CA MET D 149 21.74 25.33 2.79
C MET D 149 22.41 24.28 1.89
N ASP D 150 21.71 23.18 1.67
CA ASP D 150 22.12 22.24 0.64
C ASP D 150 21.42 22.60 -0.66
N TYR D 151 22.15 22.48 -1.75
CA TYR D 151 21.71 23.08 -3.00
C TYR D 151 20.80 22.14 -3.78
N LYS D 152 20.34 22.64 -4.92
CA LYS D 152 19.61 21.81 -5.88
C LYS D 152 20.49 20.68 -6.37
N GLN D 153 19.89 19.51 -6.54
CA GLN D 153 20.60 18.34 -7.04
C GLN D 153 20.65 18.39 -8.56
N THR D 154 21.83 18.08 -9.11
CA THR D 154 22.04 18.20 -10.55
C THR D 154 23.05 17.17 -11.02
N GLN D 155 22.71 16.48 -12.10
CA GLN D 155 23.64 15.67 -12.85
C GLN D 155 23.48 16.01 -14.32
N LEU D 156 24.58 16.04 -15.05
CA LEU D 156 24.50 16.23 -16.49
C LEU D 156 25.80 15.76 -17.12
N CYS D 157 25.75 15.55 -18.43
CA CYS D 157 26.90 15.11 -19.20
C CYS D 157 26.70 15.50 -20.65
N LEU D 158 27.44 16.49 -21.12
CA LEU D 158 27.38 16.93 -22.52
C LEU D 158 28.67 16.52 -23.21
N ILE D 159 28.55 15.91 -24.38
CA ILE D 159 29.69 15.51 -25.18
C ILE D 159 29.61 16.21 -26.53
N GLY D 160 30.73 16.74 -27.00
CA GLY D 160 30.79 17.37 -28.29
C GLY D 160 32.23 17.64 -28.65
N CYS D 161 32.44 18.18 -29.85
CA CYS D 161 33.77 18.55 -30.29
C CYS D 161 34.04 20.04 -30.21
N LYS D 162 33.09 20.82 -29.72
CA LYS D 162 33.26 22.22 -29.37
C LYS D 162 32.92 22.41 -27.90
N PRO D 163 33.46 23.45 -27.25
CA PRO D 163 33.15 23.65 -25.84
C PRO D 163 31.69 24.04 -25.65
N PRO D 164 31.07 23.63 -24.56
CA PRO D 164 29.64 23.92 -24.37
C PRO D 164 29.39 25.39 -24.10
N ILE D 165 28.15 25.80 -24.31
CA ILE D 165 27.73 27.20 -24.20
C ILE D 165 26.75 27.30 -23.06
N GLY D 166 27.04 28.19 -22.11
CA GLY D 166 26.16 28.38 -20.97
C GLY D 166 25.50 29.74 -20.97
N GLU D 167 24.37 29.85 -20.30
CA GLU D 167 23.64 31.11 -20.22
C GLU D 167 23.56 31.57 -18.78
N HIS D 168 23.46 32.88 -18.60
CA HIS D 168 23.21 33.47 -17.29
C HIS D 168 22.70 34.88 -17.49
N TRP D 169 22.06 35.42 -16.45
CA TRP D 169 21.60 36.80 -16.47
C TRP D 169 22.68 37.71 -15.92
N GLY D 170 23.06 38.71 -16.71
CA GLY D 170 24.09 39.64 -16.34
C GLY D 170 23.56 41.06 -16.28
N LYS D 171 24.47 42.00 -16.12
CA LYS D 171 24.10 43.41 -16.05
C LYS D 171 24.34 44.08 -17.40
N GLY D 172 23.26 44.58 -18.00
CA GLY D 172 23.34 45.40 -19.18
C GLY D 172 23.36 46.87 -18.82
N SER D 173 23.68 47.69 -19.82
CA SER D 173 23.75 49.14 -19.62
C SER D 173 22.42 49.77 -20.04
N PRO D 174 21.76 50.53 -19.18
CA PRO D 174 20.45 51.07 -19.53
C PRO D 174 20.54 52.07 -20.67
N CYS D 175 19.49 52.14 -21.47
CA CYS D 175 19.46 53.07 -22.58
C CYS D 175 19.59 54.50 -22.07
N THR D 176 20.18 55.36 -22.89
CA THR D 176 20.51 56.73 -22.47
C THR D 176 19.28 57.63 -22.54
N ASN D 177 18.20 57.15 -21.92
CA ASN D 177 16.98 57.92 -21.73
C ASN D 177 16.55 58.00 -20.27
N VAL D 178 17.24 57.31 -19.37
CA VAL D 178 16.85 57.23 -17.97
C VAL D 178 17.79 58.10 -17.14
N ALA D 179 17.23 58.86 -16.21
CA ALA D 179 18.03 59.54 -15.20
C ALA D 179 18.44 58.52 -14.14
N VAL D 180 19.63 57.95 -14.30
CA VAL D 180 20.06 56.86 -13.42
C VAL D 180 20.52 57.43 -12.09
N ASN D 181 19.82 57.07 -11.04
CA ASN D 181 20.18 57.42 -9.67
C ASN D 181 21.07 56.32 -9.07
N PRO D 182 21.86 56.64 -8.05
CA PRO D 182 22.55 55.57 -7.31
C PRO D 182 21.54 54.67 -6.62
N GLY D 183 21.91 53.41 -6.45
CA GLY D 183 21.01 52.46 -5.85
C GLY D 183 19.87 52.01 -6.74
N ASP D 184 19.96 52.22 -8.05
CA ASP D 184 18.92 51.78 -8.95
C ASP D 184 19.13 50.32 -9.33
N CYS D 185 18.04 49.68 -9.76
CA CYS D 185 18.11 48.26 -10.09
C CYS D 185 18.87 48.07 -11.40
N PRO D 186 19.80 47.12 -11.46
CA PRO D 186 20.56 46.91 -12.68
C PRO D 186 19.70 46.26 -13.75
N PRO D 187 19.71 46.79 -14.97
CA PRO D 187 18.91 46.17 -16.05
C PRO D 187 19.53 44.86 -16.49
N LEU D 188 18.67 43.85 -16.64
CA LEU D 188 19.12 42.48 -16.87
C LEU D 188 19.33 42.20 -18.35
N GLU D 189 20.17 41.22 -18.64
CA GLU D 189 20.52 40.84 -20.00
C GLU D 189 21.02 39.41 -19.97
N LEU D 190 20.53 38.58 -20.90
CA LEU D 190 20.94 37.19 -20.99
C LEU D 190 22.21 37.10 -21.81
N ILE D 191 23.25 36.47 -21.25
CA ILE D 191 24.55 36.40 -21.88
C ILE D 191 24.90 34.93 -22.11
N ASN D 192 25.54 34.65 -23.24
CA ASN D 192 26.01 33.32 -23.59
C ASN D 192 27.53 33.29 -23.47
N THR D 193 28.05 32.31 -22.73
CA THR D 193 29.48 32.18 -22.53
C THR D 193 29.87 30.72 -22.64
N VAL D 194 31.12 30.48 -23.04
CA VAL D 194 31.63 29.12 -23.09
C VAL D 194 31.86 28.63 -21.65
N ILE D 195 31.23 27.52 -21.31
CA ILE D 195 31.38 26.96 -19.96
C ILE D 195 32.79 26.40 -19.83
N GLN D 196 33.56 26.92 -18.88
CA GLN D 196 34.90 26.46 -18.60
C GLN D 196 34.90 25.59 -17.35
N ASP D 197 35.95 24.77 -17.23
CA ASP D 197 36.09 23.93 -16.05
C ASP D 197 36.30 24.78 -14.81
N GLY D 198 35.37 24.68 -13.87
CA GLY D 198 35.44 25.45 -12.65
C GLY D 198 34.33 26.46 -12.47
N ASP D 199 33.40 26.54 -13.41
CA ASP D 199 32.25 27.43 -13.27
C ASP D 199 31.18 26.79 -12.43
N MET D 200 30.45 27.61 -11.69
CA MET D 200 29.45 27.10 -10.76
C MET D 200 28.13 26.85 -11.48
N VAL D 201 27.47 25.77 -11.11
CA VAL D 201 26.19 25.38 -11.71
C VAL D 201 25.10 26.25 -11.10
N ASP D 202 23.94 26.31 -11.75
CA ASP D 202 22.78 26.90 -11.12
C ASP D 202 22.41 26.07 -9.89
N THR D 203 22.10 26.77 -8.79
CA THR D 203 22.00 26.11 -7.50
C THR D 203 20.67 26.36 -6.80
N GLY D 204 19.68 26.91 -7.49
CA GLY D 204 18.42 27.25 -6.88
C GLY D 204 18.23 28.73 -6.63
N PHE D 205 19.23 29.55 -6.92
CA PHE D 205 19.11 31.00 -6.84
C PHE D 205 19.12 31.65 -8.21
N GLY D 206 19.10 30.87 -9.27
CA GLY D 206 19.06 31.39 -10.62
C GLY D 206 20.42 31.35 -11.28
N ALA D 207 20.41 31.36 -12.61
CA ALA D 207 21.64 31.45 -13.40
C ALA D 207 21.93 32.92 -13.61
N MET D 208 22.69 33.52 -12.70
CA MET D 208 22.90 34.96 -12.73
C MET D 208 24.32 35.27 -12.31
N ASP D 209 24.72 36.52 -12.55
CA ASP D 209 26.05 37.02 -12.19
C ASP D 209 25.97 37.61 -10.79
N PHE D 210 26.44 36.86 -9.79
CA PHE D 210 26.35 37.30 -8.41
C PHE D 210 27.41 38.34 -8.05
N THR D 211 28.26 38.74 -9.00
CA THR D 211 29.27 39.75 -8.71
C THR D 211 28.79 41.14 -9.08
N THR D 212 28.10 41.26 -10.22
CA THR D 212 27.63 42.56 -10.69
C THR D 212 26.18 42.83 -10.37
N LEU D 213 25.41 41.80 -10.02
CA LEU D 213 23.99 41.97 -9.75
C LEU D 213 23.67 42.07 -8.26
N GLN D 214 24.63 41.76 -7.39
CA GLN D 214 24.41 41.83 -5.94
C GLN D 214 25.66 42.46 -5.32
N ALA D 215 25.65 43.79 -5.19
CA ALA D 215 26.72 44.48 -4.49
C ALA D 215 26.66 44.25 -2.99
N ASN D 216 25.56 43.70 -2.49
CA ASN D 216 25.45 43.35 -1.08
C ASN D 216 26.56 42.38 -0.67
N LYS D 217 26.92 41.45 -1.56
CA LYS D 217 27.91 40.41 -1.32
C LYS D 217 27.52 39.50 -0.17
N SER D 218 26.24 39.50 0.21
CA SER D 218 25.80 38.72 1.36
C SER D 218 24.44 38.07 1.18
N GLU D 219 24.04 37.76 -0.06
CA GLU D 219 22.71 37.19 -0.27
C GLU D 219 22.74 35.73 -0.66
N VAL D 220 23.89 35.21 -1.06
CA VAL D 220 24.02 33.80 -1.42
C VAL D 220 25.23 33.24 -0.69
N PRO D 221 25.32 31.92 -0.55
CA PRO D 221 26.42 31.32 0.21
C PRO D 221 27.80 31.61 -0.36
N LEU D 222 28.83 31.14 0.34
CA LEU D 222 30.19 31.62 0.10
C LEU D 222 30.73 31.20 -1.27
N ASP D 223 30.35 30.01 -1.75
CA ASP D 223 30.95 29.52 -2.98
C ASP D 223 30.41 30.26 -4.20
N ILE D 224 29.17 30.68 -4.17
CA ILE D 224 28.56 31.42 -5.27
C ILE D 224 28.41 32.91 -4.94
N CYS D 225 29.11 33.39 -3.91
CA CYS D 225 28.97 34.78 -3.50
C CYS D 225 29.52 35.73 -4.53
N THR D 226 30.62 35.37 -5.18
CA THR D 226 31.22 36.20 -6.21
C THR D 226 31.39 35.49 -7.54
N SER D 227 30.78 34.33 -7.72
CA SER D 227 30.93 33.56 -8.94
C SER D 227 29.81 33.87 -9.92
N ILE D 228 29.85 33.20 -11.07
CA ILE D 228 28.81 33.29 -12.09
C ILE D 228 28.19 31.92 -12.22
N CYS D 229 26.94 31.77 -11.80
CA CYS D 229 26.24 30.51 -11.94
C CYS D 229 25.68 30.40 -13.35
N LYS D 230 26.07 29.35 -14.07
CA LYS D 230 25.74 29.18 -15.47
C LYS D 230 24.87 27.96 -15.67
N TYR D 231 23.91 28.08 -16.58
CA TYR D 231 23.06 26.98 -17.00
C TYR D 231 23.31 26.66 -18.46
N PRO D 232 23.38 25.39 -18.84
CA PRO D 232 23.68 25.06 -20.24
C PRO D 232 22.61 25.60 -21.16
N ASP D 233 23.04 26.16 -22.28
CA ASP D 233 22.13 26.70 -23.29
C ASP D 233 21.75 25.58 -24.24
N TYR D 234 20.73 24.82 -23.85
CA TYR D 234 20.26 23.74 -24.72
C TYR D 234 19.55 24.28 -25.94
N ILE D 235 18.75 25.33 -25.76
CA ILE D 235 18.03 25.93 -26.89
C ILE D 235 18.99 26.40 -27.95
N LYS D 236 20.17 26.88 -27.55
CA LYS D 236 21.13 27.37 -28.51
C LYS D 236 22.05 26.26 -29.01
N MET D 237 22.32 25.25 -28.17
CA MET D 237 23.26 24.22 -28.57
C MET D 237 22.63 23.22 -29.53
N VAL D 238 21.33 22.94 -29.37
CA VAL D 238 20.70 22.01 -30.30
C VAL D 238 20.28 22.72 -31.58
N SER D 239 20.23 24.05 -31.57
CA SER D 239 19.84 24.81 -32.76
C SER D 239 21.03 25.27 -33.59
N GLU D 240 22.25 24.99 -33.15
CA GLU D 240 23.41 25.29 -33.97
C GLU D 240 23.34 24.50 -35.28
N PRO D 241 23.67 25.10 -36.42
CA PRO D 241 23.42 24.42 -37.70
C PRO D 241 24.19 23.11 -37.88
N TYR D 242 25.40 23.02 -37.35
CA TYR D 242 26.23 21.84 -37.60
C TYR D 242 26.21 20.82 -36.48
N GLY D 243 25.82 21.21 -35.26
CA GLY D 243 25.71 20.26 -34.18
C GLY D 243 27.02 19.81 -33.59
N ASP D 244 28.05 20.65 -33.63
CA ASP D 244 29.35 20.27 -33.10
C ASP D 244 29.43 20.42 -31.59
N SER D 245 28.85 21.49 -31.03
CA SER D 245 29.03 21.78 -29.63
C SER D 245 28.35 20.76 -28.74
N LEU D 246 27.39 20.01 -29.28
CA LEU D 246 26.65 19.04 -28.49
C LEU D 246 26.09 17.96 -29.39
N PHE D 247 26.57 16.72 -29.25
CA PHE D 247 25.94 15.61 -29.95
C PHE D 247 25.57 14.46 -29.01
N PHE D 248 25.43 14.75 -27.72
CA PHE D 248 24.85 13.85 -26.74
C PHE D 248 24.74 14.60 -25.42
N TYR D 249 23.64 14.42 -24.70
CA TYR D 249 23.53 15.06 -23.39
C TYR D 249 22.52 14.34 -22.52
N LEU D 250 22.78 14.38 -21.21
CA LEU D 250 21.86 13.91 -20.19
C LEU D 250 21.72 15.00 -19.14
N ARG D 251 20.67 14.91 -18.33
CA ARG D 251 20.48 15.85 -17.24
C ARG D 251 19.44 15.33 -16.28
N ARG D 252 19.73 15.46 -14.98
CA ARG D 252 18.79 15.13 -13.92
C ARG D 252 18.85 16.23 -12.89
N GLU D 253 17.71 16.84 -12.59
CA GLU D 253 17.67 17.98 -11.68
C GLU D 253 16.47 17.84 -10.77
N GLN D 254 16.66 18.22 -9.51
CA GLN D 254 15.55 18.22 -8.57
C GLN D 254 15.84 19.18 -7.43
N MET D 255 14.78 19.78 -6.90
CA MET D 255 14.88 20.83 -5.89
C MET D 255 13.51 21.11 -5.33
N PHE D 256 13.43 21.33 -4.02
CA PHE D 256 12.21 21.83 -3.41
C PHE D 256 12.58 22.99 -2.48
N VAL D 257 11.57 23.78 -2.13
CA VAL D 257 11.76 24.92 -1.24
C VAL D 257 11.74 24.40 0.21
N ARG D 258 12.86 24.56 0.91
CA ARG D 258 12.94 24.07 2.28
C ARG D 258 12.50 25.12 3.29
N HIS D 259 13.13 26.29 3.28
CA HIS D 259 12.76 27.39 4.17
C HIS D 259 12.49 28.64 3.36
N LEU D 260 11.67 29.51 3.93
CA LEU D 260 11.17 30.70 3.25
C LEU D 260 11.50 31.91 4.09
N PHE D 261 12.40 32.76 3.59
CA PHE D 261 13.01 33.83 4.38
C PHE D 261 12.66 35.20 3.79
N ASN D 262 13.28 36.23 4.37
CA ASN D 262 13.12 37.62 3.96
C ASN D 262 14.48 38.22 3.65
N ARG D 263 14.46 39.41 3.05
CA ARG D 263 15.67 40.17 2.81
C ARG D 263 15.65 41.44 3.66
N ALA D 264 16.84 41.95 3.95
CA ALA D 264 17.00 43.18 4.72
C ALA D 264 17.63 44.24 3.83
N GLY D 265 17.10 45.46 3.87
CA GLY D 265 17.64 46.54 3.10
C GLY D 265 16.57 47.53 2.75
N ALA D 266 17.01 48.68 2.24
CA ALA D 266 16.08 49.68 1.75
C ALA D 266 15.21 49.09 0.66
N VAL D 267 13.92 49.44 0.67
CA VAL D 267 13.01 48.92 -0.34
C VAL D 267 13.32 49.58 -1.67
N GLY D 268 13.46 48.77 -2.71
CA GLY D 268 13.70 49.31 -4.03
C GLY D 268 12.41 49.79 -4.67
N GLU D 269 11.41 48.92 -4.68
CA GLU D 269 10.09 49.24 -5.22
C GLU D 269 9.05 48.89 -4.17
N ASN D 270 8.36 49.91 -3.67
CA ASN D 270 7.38 49.69 -2.61
C ASN D 270 6.11 49.07 -3.16
N VAL D 271 5.39 48.36 -2.30
CA VAL D 271 4.12 47.73 -2.67
C VAL D 271 3.12 48.82 -3.03
N PRO D 272 2.50 48.76 -4.21
CA PRO D 272 1.53 49.79 -4.58
C PRO D 272 0.38 49.88 -3.58
N ASP D 273 -0.24 51.05 -3.52
CA ASP D 273 -1.28 51.34 -2.53
C ASP D 273 -2.54 50.50 -2.71
N ASP D 274 -2.71 49.83 -3.86
CA ASP D 274 -3.94 49.09 -4.12
C ASP D 274 -3.77 47.59 -3.94
N LEU D 275 -2.64 47.14 -3.37
CA LEU D 275 -2.44 45.73 -3.12
C LEU D 275 -2.68 45.36 -1.66
N TYR D 276 -2.88 46.34 -0.78
CA TYR D 276 -3.11 46.05 0.64
C TYR D 276 -3.89 47.21 1.23
N ILE D 277 -4.35 47.01 2.47
CA ILE D 277 -4.97 48.06 3.27
C ILE D 277 -3.99 48.45 4.36
N LYS D 278 -3.65 49.73 4.43
CA LYS D 278 -2.63 50.21 5.35
C LYS D 278 -3.01 49.85 6.79
N GLY D 279 -1.99 49.55 7.59
CA GLY D 279 -2.18 49.17 8.97
C GLY D 279 -2.16 50.36 9.91
N SER D 280 -2.01 50.05 11.20
CA SER D 280 -1.98 51.08 12.23
C SER D 280 -1.23 50.54 13.45
N GLY D 281 -0.24 51.28 13.91
CA GLY D 281 0.53 50.87 15.06
C GLY D 281 1.69 49.95 14.72
N SER D 282 1.59 48.68 15.12
CA SER D 282 2.63 47.72 14.81
C SER D 282 2.76 47.49 13.30
N THR D 283 1.64 47.28 12.63
CA THR D 283 1.62 47.04 11.19
C THR D 283 1.48 48.33 10.39
N ALA D 284 1.85 49.47 10.96
CA ALA D 284 1.82 50.72 10.20
C ALA D 284 2.91 50.75 9.15
N ASN D 285 4.02 50.07 9.40
CA ASN D 285 5.10 49.93 8.43
C ASN D 285 5.13 48.51 7.89
N LEU D 286 5.23 48.38 6.58
CA LEU D 286 5.26 47.08 5.94
C LEU D 286 6.59 46.39 6.19
N ALA D 287 6.53 45.07 6.41
CA ALA D 287 7.75 44.29 6.44
C ALA D 287 8.30 44.16 5.02
N SER D 288 9.54 43.68 4.92
CA SER D 288 10.18 43.57 3.62
C SER D 288 9.52 42.46 2.82
N SER D 289 8.94 42.84 1.68
CA SER D 289 8.29 41.90 0.78
C SER D 289 9.24 41.28 -0.23
N ASN D 290 10.54 41.27 0.06
CA ASN D 290 11.54 40.59 -0.78
C ASN D 290 11.80 39.23 -0.18
N TYR D 291 11.13 38.22 -0.69
CA TYR D 291 11.25 36.86 -0.18
C TYR D 291 12.26 36.07 -0.99
N PHE D 292 12.83 35.04 -0.36
CA PHE D 292 13.73 34.16 -1.07
C PHE D 292 13.69 32.80 -0.39
N PRO D 293 13.61 31.71 -1.16
CA PRO D 293 13.66 30.38 -0.55
C PRO D 293 15.06 29.82 -0.56
N THR D 294 15.32 28.93 0.40
CA THR D 294 16.55 28.18 0.39
C THR D 294 16.32 26.86 -0.32
N PRO D 295 17.08 26.52 -1.34
CA PRO D 295 16.82 25.29 -2.10
C PRO D 295 17.17 24.06 -1.29
N SER D 296 16.75 22.91 -1.80
CA SER D 296 17.13 21.64 -1.20
C SER D 296 16.98 20.55 -2.24
N GLY D 297 18.10 20.01 -2.72
CA GLY D 297 18.04 18.79 -3.48
C GLY D 297 17.87 17.62 -2.53
N SER D 298 16.77 16.91 -2.68
CA SER D 298 16.37 15.92 -1.68
C SER D 298 17.23 14.67 -1.86
N MET D 299 16.77 13.57 -1.26
CA MET D 299 17.50 12.29 -1.25
C MET D 299 18.28 12.05 -2.54
N VAL D 300 19.57 11.77 -2.38
CA VAL D 300 20.38 11.26 -3.48
C VAL D 300 20.30 9.74 -3.44
N THR D 301 20.07 9.13 -4.59
CA THR D 301 19.80 7.70 -4.65
C THR D 301 20.74 7.08 -5.66
N SER D 302 21.08 5.80 -5.42
CA SER D 302 21.98 5.10 -6.33
C SER D 302 21.28 4.72 -7.63
N ASP D 303 19.95 4.74 -7.65
CA ASP D 303 19.23 4.33 -8.85
C ASP D 303 19.05 5.48 -9.83
N ALA D 304 19.06 6.72 -9.34
CA ALA D 304 18.98 7.89 -10.20
C ALA D 304 20.33 8.32 -10.74
N GLN D 305 21.34 7.45 -10.67
CA GLN D 305 22.68 7.81 -11.10
C GLN D 305 22.81 7.68 -12.61
N ILE D 306 23.28 8.74 -13.26
CA ILE D 306 23.50 8.67 -14.70
C ILE D 306 24.93 8.30 -15.05
N PHE D 307 25.85 8.32 -14.08
CA PHE D 307 27.23 7.99 -14.36
C PHE D 307 27.48 6.50 -14.16
N ASN D 308 28.72 6.08 -14.41
CA ASN D 308 29.15 4.69 -14.28
C ASN D 308 28.40 3.76 -15.23
N LYS D 309 27.86 4.30 -16.32
CA LYS D 309 27.16 3.52 -17.33
C LYS D 309 27.69 3.87 -18.70
N PRO D 310 27.83 2.88 -19.59
CA PRO D 310 28.30 3.18 -20.94
C PRO D 310 27.18 3.76 -21.80
N TYR D 311 27.53 4.78 -22.57
CA TYR D 311 26.62 5.40 -23.52
C TYR D 311 27.11 5.08 -24.93
N TRP D 312 26.26 4.45 -25.72
CA TRP D 312 26.58 4.05 -27.08
C TRP D 312 25.95 5.06 -28.03
N LEU D 313 26.78 5.92 -28.62
CA LEU D 313 26.30 7.00 -29.49
C LEU D 313 26.08 6.43 -30.88
N GLN D 314 24.83 6.16 -31.21
CA GLN D 314 24.48 5.61 -32.53
C GLN D 314 23.93 6.69 -33.46
N ARG D 315 23.05 7.55 -32.98
CA ARG D 315 22.53 8.66 -33.74
C ARG D 315 22.60 9.91 -32.88
N ALA D 316 23.53 10.81 -33.20
CA ALA D 316 23.67 12.07 -32.50
C ALA D 316 22.45 12.95 -32.74
N GLN D 317 22.28 13.94 -31.86
CA GLN D 317 21.09 14.80 -31.96
C GLN D 317 21.13 15.69 -33.19
N GLY D 318 22.31 16.14 -33.60
CA GLY D 318 22.46 17.03 -34.71
C GLY D 318 22.93 16.33 -35.97
N HIS D 319 23.64 17.09 -36.81
CA HIS D 319 24.14 16.54 -38.06
C HIS D 319 25.51 15.88 -37.86
N ASN D 320 26.31 16.42 -36.95
CA ASN D 320 27.59 15.80 -36.60
C ASN D 320 27.32 14.53 -35.80
N ASN D 321 27.53 13.38 -36.43
CA ASN D 321 27.21 12.09 -35.81
C ASN D 321 28.40 11.56 -35.01
N GLY D 322 28.85 12.39 -34.08
CA GLY D 322 29.91 11.97 -33.20
C GLY D 322 31.29 12.04 -33.79
N ILE D 323 31.49 12.82 -34.84
CA ILE D 323 32.81 12.96 -35.45
C ILE D 323 33.59 13.99 -34.66
N CYS D 324 34.73 13.57 -34.11
CA CYS D 324 35.58 14.45 -33.30
C CYS D 324 36.52 15.21 -34.23
N TRP D 325 36.04 16.33 -34.77
CA TRP D 325 36.87 17.16 -35.62
C TRP D 325 38.03 17.74 -34.83
N GLY D 326 39.12 18.03 -35.52
CA GLY D 326 40.28 18.58 -34.85
C GLY D 326 40.97 17.65 -33.89
N ASN D 327 40.58 16.38 -33.83
CA ASN D 327 41.15 15.40 -32.92
C ASN D 327 41.07 15.90 -31.48
N GLN D 328 39.83 16.07 -31.03
CA GLN D 328 39.55 16.79 -29.80
C GLN D 328 38.09 16.56 -29.40
N LEU D 329 37.86 16.42 -28.10
CA LEU D 329 36.54 16.13 -27.57
C LEU D 329 36.35 16.94 -26.30
N PHE D 330 35.08 17.14 -25.93
CA PHE D 330 34.75 17.95 -24.76
C PHE D 330 33.67 17.24 -23.97
N VAL D 331 34.02 16.72 -22.79
CA VAL D 331 33.09 16.05 -21.90
C VAL D 331 32.83 16.99 -20.73
N THR D 332 31.61 17.53 -20.66
CA THR D 332 31.18 18.38 -19.56
C THR D 332 30.41 17.54 -18.56
N VAL D 333 30.74 17.69 -17.28
CA VAL D 333 30.15 16.86 -16.23
C VAL D 333 29.83 17.74 -15.02
N VAL D 334 28.57 17.71 -14.60
CA VAL D 334 28.16 18.20 -13.29
C VAL D 334 27.64 17.00 -12.50
N ASP D 335 28.07 16.88 -11.25
CA ASP D 335 27.60 15.78 -10.41
C ASP D 335 27.60 16.30 -8.98
N THR D 336 26.45 16.79 -8.51
CA THR D 336 26.29 17.27 -7.15
C THR D 336 25.75 16.19 -6.23
N THR D 337 25.93 14.92 -6.57
CA THR D 337 25.50 13.81 -5.74
C THR D 337 26.65 13.12 -5.03
N ARG D 338 27.88 13.53 -5.31
CA ARG D 338 29.07 13.05 -4.60
C ARG D 338 29.84 14.23 -4.03
N SER D 339 29.11 15.18 -3.45
CA SER D 339 29.69 16.44 -3.00
C SER D 339 29.89 16.49 -1.49
N THR D 340 30.26 15.36 -0.88
CA THR D 340 30.53 15.35 0.55
C THR D 340 31.81 16.12 0.85
N ASN D 341 31.74 17.02 1.82
CA ASN D 341 32.88 17.83 2.22
C ASN D 341 33.44 17.26 3.51
N MET D 342 34.63 16.66 3.44
CA MET D 342 35.25 16.04 4.60
C MET D 342 35.84 17.12 5.49
N SER D 343 35.43 17.16 6.75
CA SER D 343 35.92 18.14 7.69
C SER D 343 37.07 17.56 8.49
N LEU D 344 38.23 18.21 8.39
CA LEU D 344 39.44 17.78 9.08
C LEU D 344 39.64 18.66 10.31
N CYS D 345 40.65 18.30 11.10
CA CYS D 345 41.05 19.09 12.25
C CYS D 345 42.50 18.79 12.56
N ALA D 346 43.15 19.73 13.24
CA ALA D 346 44.54 19.58 13.65
C ALA D 346 44.69 20.12 15.06
N ALA D 347 45.49 19.42 15.87
CA ALA D 347 45.72 19.79 17.26
C ALA D 347 46.95 20.68 17.34
N ILE D 348 46.79 21.88 17.90
CA ILE D 348 47.91 22.80 18.04
C ILE D 348 48.92 22.26 19.04
N SER D 349 48.46 21.56 20.06
CA SER D 349 49.33 20.90 21.02
C SER D 349 48.80 19.51 21.30
N THR D 350 49.65 18.51 21.14
CA THR D 350 49.27 17.12 21.37
C THR D 350 49.40 16.71 22.84
N SER D 351 49.59 17.67 23.74
CA SER D 351 49.80 17.35 25.15
C SER D 351 48.47 17.34 25.91
N GLU D 352 47.70 18.42 25.78
CA GLU D 352 46.56 18.66 26.64
C GLU D 352 45.57 17.50 26.61
N THR D 353 45.10 17.12 27.80
CA THR D 353 44.15 16.02 27.98
C THR D 353 42.76 16.52 28.36
N THR D 354 42.49 17.81 28.16
CA THR D 354 41.17 18.37 28.35
C THR D 354 40.80 19.15 27.09
N TYR D 355 39.56 18.98 26.63
CA TYR D 355 39.15 19.59 25.38
C TYR D 355 39.04 21.11 25.54
N LYS D 356 39.64 21.83 24.60
CA LYS D 356 39.51 23.28 24.52
C LYS D 356 39.31 23.65 23.07
N ASN D 357 38.33 24.51 22.80
CA ASN D 357 38.05 24.91 21.43
C ASN D 357 39.24 25.63 20.80
N THR D 358 40.00 26.36 21.60
CA THR D 358 41.14 27.11 21.09
C THR D 358 42.35 26.23 20.81
N ASN D 359 42.20 24.92 20.87
CA ASN D 359 43.31 23.99 20.67
C ASN D 359 43.31 23.37 19.28
N PHE D 360 42.19 23.39 18.57
CA PHE D 360 42.00 22.66 17.34
C PHE D 360 41.66 23.60 16.20
N LYS D 361 42.39 23.49 15.09
CA LYS D 361 42.08 24.24 13.87
C LYS D 361 41.27 23.35 12.94
N GLU D 362 40.05 23.79 12.61
CA GLU D 362 39.14 23.00 11.78
C GLU D 362 39.22 23.47 10.35
N TYR D 363 39.39 22.53 9.42
CA TYR D 363 39.43 22.80 8.00
C TYR D 363 38.34 22.03 7.29
N LEU D 364 38.00 22.49 6.09
CA LEU D 364 37.11 21.78 5.19
C LEU D 364 37.90 21.36 3.95
N ARG D 365 37.55 20.20 3.40
CA ARG D 365 38.20 19.71 2.20
C ARG D 365 37.17 18.96 1.34
N HIS D 366 37.53 18.76 0.09
CA HIS D 366 36.67 18.05 -0.85
C HIS D 366 37.53 17.30 -1.84
N GLY D 367 37.15 16.07 -2.15
CA GLY D 367 37.90 15.23 -3.07
C GLY D 367 37.00 14.72 -4.18
N GLU D 368 37.49 14.79 -5.41
CA GLU D 368 36.78 14.29 -6.58
C GLU D 368 37.54 13.10 -7.16
N GLU D 369 36.84 12.26 -7.91
CA GLU D 369 37.44 11.10 -8.54
C GLU D 369 36.74 10.83 -9.86
N TYR D 370 37.49 10.86 -10.96
CA TYR D 370 36.95 10.60 -12.28
C TYR D 370 37.78 9.52 -12.96
N ASP D 371 37.17 8.87 -13.95
CA ASP D 371 37.88 7.92 -14.79
C ASP D 371 37.10 7.81 -16.09
N LEU D 372 37.63 8.42 -17.15
CA LEU D 372 36.93 8.51 -18.42
C LEU D 372 37.41 7.42 -19.36
N GLN D 373 36.47 6.78 -20.04
CA GLN D 373 36.79 5.75 -21.04
C GLN D 373 35.95 5.99 -22.27
N PHE D 374 36.59 5.95 -23.43
CA PHE D 374 35.90 6.14 -24.69
C PHE D 374 36.27 5.01 -25.64
N ILE D 375 35.31 4.60 -26.46
CA ILE D 375 35.57 3.75 -27.61
C ILE D 375 35.51 4.63 -28.86
N PHE D 376 36.57 4.60 -29.66
CA PHE D 376 36.70 5.48 -30.82
C PHE D 376 36.77 4.63 -32.08
N GLN D 377 35.98 5.02 -33.08
CA GLN D 377 36.02 4.41 -34.39
C GLN D 377 36.87 5.27 -35.32
N LEU D 378 37.46 4.63 -36.32
CA LEU D 378 38.30 5.31 -37.28
C LEU D 378 37.54 5.55 -38.57
N CYS D 379 37.44 6.82 -38.97
CA CYS D 379 36.68 7.22 -40.15
C CYS D 379 37.60 7.91 -41.14
N LYS D 380 37.26 7.82 -42.41
CA LYS D 380 38.04 8.44 -43.47
C LYS D 380 37.13 9.28 -44.36
N ILE D 381 37.64 10.44 -44.78
CA ILE D 381 36.90 11.36 -45.65
C ILE D 381 37.68 11.49 -46.94
N THR D 382 37.03 11.16 -48.05
CA THR D 382 37.64 11.34 -49.37
C THR D 382 37.35 12.77 -49.84
N LEU D 383 38.37 13.61 -49.81
CA LEU D 383 38.22 15.05 -50.01
C LEU D 383 38.18 15.37 -51.50
N THR D 384 36.98 15.44 -52.04
CA THR D 384 36.76 15.98 -53.37
C THR D 384 36.66 17.49 -53.29
N ALA D 385 36.32 18.12 -54.41
CA ALA D 385 36.12 19.57 -54.40
C ALA D 385 34.91 19.96 -53.58
N ASP D 386 33.83 19.18 -53.68
CA ASP D 386 32.60 19.50 -52.96
C ASP D 386 32.77 19.28 -51.46
N VAL D 387 33.35 18.14 -51.08
CA VAL D 387 33.59 17.89 -49.65
C VAL D 387 34.57 18.91 -49.09
N MET D 388 35.56 19.30 -49.89
CA MET D 388 36.51 20.31 -49.44
C MET D 388 35.82 21.65 -49.21
N THR D 389 34.93 22.05 -50.13
CA THR D 389 34.20 23.30 -49.94
C THR D 389 33.30 23.23 -48.71
N TYR D 390 32.57 22.12 -48.57
CA TYR D 390 31.69 21.96 -47.42
C TYR D 390 32.45 22.05 -46.11
N ILE D 391 33.61 21.39 -46.03
CA ILE D 391 34.37 21.39 -44.78
C ILE D 391 35.01 22.77 -44.55
N HIS D 392 35.49 23.43 -45.60
CA HIS D 392 36.06 24.76 -45.43
C HIS D 392 35.01 25.76 -45.00
N SER D 393 33.74 25.51 -45.34
CA SER D 393 32.68 26.41 -44.89
C SER D 393 32.19 26.05 -43.49
N MET D 394 32.26 24.76 -43.13
CA MET D 394 31.81 24.34 -41.80
C MET D 394 32.79 24.78 -40.73
N ASN D 395 34.05 24.38 -40.85
CA ASN D 395 35.10 24.75 -39.91
C ASN D 395 36.35 25.05 -40.70
N SER D 396 36.87 26.27 -40.55
CA SER D 396 37.97 26.73 -41.39
C SER D 396 39.27 26.00 -41.10
N THR D 397 39.49 25.55 -39.87
CA THR D 397 40.79 25.03 -39.46
C THR D 397 40.94 23.54 -39.66
N ILE D 398 39.87 22.83 -40.03
CA ILE D 398 39.98 21.41 -40.31
C ILE D 398 40.88 21.17 -41.51
N LEU D 399 40.59 21.83 -42.63
CA LEU D 399 41.37 21.65 -43.85
C LEU D 399 42.78 22.21 -43.74
N GLU D 400 43.10 22.96 -42.67
CA GLU D 400 44.46 23.44 -42.49
C GLU D 400 45.24 22.58 -41.51
N ASP D 401 44.58 22.00 -40.52
CA ASP D 401 45.25 21.01 -39.68
C ASP D 401 45.68 19.82 -40.53
N TRP D 402 44.75 19.28 -41.31
CA TRP D 402 45.06 18.16 -42.20
C TRP D 402 45.62 18.72 -43.50
N ASN D 403 46.87 18.35 -43.82
CA ASN D 403 47.53 18.82 -45.03
C ASN D 403 46.69 18.67 -46.31
N PHE D 404 45.88 19.68 -46.58
CA PHE D 404 45.01 19.69 -47.76
C PHE D 404 44.52 21.11 -48.04
N GLY D 405 44.49 21.50 -49.32
CA GLY D 405 44.04 22.82 -49.70
C GLY D 405 44.67 23.37 -50.95
N LEU D 406 45.95 23.04 -51.17
CA LEU D 406 46.70 23.49 -52.33
C LEU D 406 46.57 25.01 -52.55
N GLN D 407 46.36 25.74 -51.46
CA GLN D 407 46.22 27.18 -51.51
C GLN D 407 47.58 27.85 -51.74
N PRO D 408 47.61 29.05 -52.34
CA PRO D 408 48.89 29.66 -52.71
C PRO D 408 49.73 30.00 -51.49
N PRO D 409 51.01 29.66 -51.50
CA PRO D 409 51.86 29.91 -50.33
C PRO D 409 52.05 31.39 -50.05
N PRO D 410 52.54 32.20 -51.01
CA PRO D 410 52.87 33.59 -50.63
C PRO D 410 51.68 34.53 -50.67
N GLY D 411 50.74 34.35 -51.60
CA GLY D 411 49.61 35.23 -51.77
C GLY D 411 49.93 36.72 -51.70
N GLY D 412 51.12 37.11 -52.18
CA GLY D 412 51.59 38.46 -52.03
C GLY D 412 52.00 39.07 -53.36
N THR D 413 51.99 40.40 -53.40
CA THR D 413 52.24 41.15 -54.63
C THR D 413 53.66 41.66 -54.60
N LEU D 414 54.05 42.46 -53.60
CA LEU D 414 55.35 43.14 -53.59
C LEU D 414 55.73 43.46 -52.15
N GLU D 415 56.98 43.19 -51.79
CA GLU D 415 57.49 43.57 -50.49
C GLU D 415 58.65 44.56 -50.66
N ASP D 416 58.74 45.52 -49.74
CA ASP D 416 59.75 46.56 -49.82
C ASP D 416 61.05 46.13 -49.13
N THR D 417 62.20 46.46 -49.73
CA THR D 417 63.49 46.14 -49.13
C THR D 417 64.44 47.30 -49.44
N TYR D 418 64.55 48.22 -48.49
CA TYR D 418 65.43 49.37 -48.63
C TYR D 418 66.88 48.94 -48.58
N ARG D 419 67.66 49.40 -49.55
CA ARG D 419 69.10 49.32 -49.45
C ARG D 419 69.57 50.30 -48.36
N PHE D 420 70.75 50.03 -47.80
CA PHE D 420 71.27 50.77 -46.65
C PHE D 420 70.29 50.67 -45.48
N VAL D 421 70.12 49.44 -45.00
CA VAL D 421 69.15 49.14 -43.96
C VAL D 421 69.67 49.67 -42.63
N THR D 422 70.90 50.19 -42.63
CA THR D 422 71.48 50.71 -41.40
C THR D 422 71.53 52.23 -41.37
N SER D 423 70.88 52.92 -42.29
CA SER D 423 70.93 54.36 -42.38
C SER D 423 70.01 54.98 -41.34
N GLN D 424 70.08 56.31 -41.21
CA GLN D 424 69.30 57.05 -40.23
C GLN D 424 68.19 57.87 -40.89
N ALA D 425 67.95 57.66 -42.18
CA ALA D 425 66.90 58.36 -42.92
C ALA D 425 66.06 57.33 -43.68
N ILE D 426 65.74 56.23 -43.00
CA ILE D 426 65.05 55.11 -43.61
C ILE D 426 63.85 54.73 -42.76
N ALA D 427 63.72 55.36 -41.60
CA ALA D 427 62.56 55.21 -40.72
C ALA D 427 62.37 53.77 -40.27
N CYS D 428 63.37 53.27 -39.54
CA CYS D 428 63.27 52.01 -38.80
C CYS D 428 62.88 50.86 -39.72
N GLN D 429 63.80 50.53 -40.61
CA GLN D 429 63.58 49.47 -41.60
C GLN D 429 64.04 48.12 -41.09
N LYS D 430 63.42 47.61 -40.04
CA LYS D 430 63.71 46.26 -39.54
C LYS D 430 62.59 45.33 -39.97
N HIS D 431 62.91 44.47 -40.93
CA HIS D 431 62.00 43.40 -41.36
C HIS D 431 62.17 42.18 -40.47
N THR D 432 61.70 42.27 -39.22
CA THR D 432 61.90 41.21 -38.24
C THR D 432 60.64 41.12 -37.39
N PRO D 433 59.66 40.36 -37.85
CA PRO D 433 58.35 40.35 -37.19
C PRO D 433 58.27 39.28 -36.13
N PRO D 434 57.50 39.52 -35.07
CA PRO D 434 57.26 38.46 -34.06
C PRO D 434 56.19 37.48 -34.53
N ALA D 435 55.78 36.57 -33.64
CA ALA D 435 54.78 35.57 -33.98
C ALA D 435 53.55 35.82 -33.12
N PRO D 436 52.34 35.69 -33.68
CA PRO D 436 51.13 35.87 -32.89
C PRO D 436 50.67 34.59 -32.18
N LYS D 437 49.51 34.67 -31.53
CA LYS D 437 48.86 33.54 -30.90
C LYS D 437 48.28 32.61 -31.96
N GLU D 438 48.07 31.34 -31.62
CA GLU D 438 47.58 30.37 -32.59
C GLU D 438 46.25 29.73 -32.19
N ASP D 439 46.14 29.27 -30.95
CA ASP D 439 44.98 28.51 -30.52
C ASP D 439 43.87 29.45 -30.05
N PRO D 440 42.65 29.36 -30.62
CA PRO D 440 41.57 30.25 -30.18
C PRO D 440 41.00 29.90 -28.82
N LEU D 441 41.24 28.71 -28.31
CA LEU D 441 40.73 28.29 -27.01
C LEU D 441 41.74 28.51 -25.89
N LYS D 442 42.63 29.49 -26.02
CA LYS D 442 43.60 29.77 -24.97
C LYS D 442 43.00 30.60 -23.85
N LYS D 443 41.91 31.33 -24.12
CA LYS D 443 41.33 32.19 -23.10
C LYS D 443 40.50 31.41 -22.09
N TYR D 444 40.27 30.12 -22.30
CA TYR D 444 39.42 29.33 -21.43
C TYR D 444 40.25 28.30 -20.66
N THR D 445 39.68 27.82 -19.54
CA THR D 445 40.33 26.85 -18.66
C THR D 445 39.54 25.55 -18.69
N PHE D 446 40.18 24.49 -19.17
CA PHE D 446 39.58 23.15 -19.15
C PHE D 446 40.51 22.18 -18.43
N TRP D 447 39.92 21.12 -17.90
CA TRP D 447 40.71 20.01 -17.38
C TRP D 447 41.27 19.22 -18.53
N GLU D 448 42.50 19.54 -18.94
CA GLU D 448 43.10 18.97 -20.13
C GLU D 448 43.45 17.52 -19.90
N VAL D 449 42.98 16.65 -20.80
CA VAL D 449 43.25 15.22 -20.75
C VAL D 449 43.97 14.84 -22.03
N ASN D 450 45.15 14.24 -21.88
CA ASN D 450 46.00 13.90 -23.03
C ASN D 450 45.89 12.39 -23.27
N LEU D 451 44.98 12.00 -24.17
CA LEU D 451 44.80 10.62 -24.57
C LEU D 451 45.63 10.28 -25.81
N LYS D 452 46.76 10.95 -26.01
CA LYS D 452 47.56 10.71 -27.20
C LYS D 452 48.31 9.38 -27.11
N GLU D 453 48.81 9.05 -25.92
CA GLU D 453 49.53 7.80 -25.71
C GLU D 453 48.65 6.70 -25.13
N LYS D 454 47.35 6.93 -25.02
CA LYS D 454 46.46 6.04 -24.30
C LYS D 454 45.56 5.22 -25.22
N PHE D 455 45.77 5.25 -26.52
CA PHE D 455 44.94 4.49 -27.45
C PHE D 455 45.43 3.05 -27.55
N SER D 456 44.50 2.11 -27.45
CA SER D 456 44.79 0.69 -27.55
C SER D 456 43.82 0.05 -28.51
N ALA D 457 44.27 -1.02 -29.17
CA ALA D 457 43.50 -1.67 -30.21
C ALA D 457 42.77 -2.93 -29.75
N ASP D 458 43.20 -3.53 -28.64
CA ASP D 458 42.60 -4.75 -28.11
C ASP D 458 41.61 -4.35 -27.02
N LEU D 459 40.32 -4.32 -27.37
CA LEU D 459 39.31 -3.79 -26.48
C LEU D 459 39.02 -4.70 -25.29
N ASP D 460 39.12 -6.02 -25.46
CA ASP D 460 38.65 -6.93 -24.42
C ASP D 460 39.52 -6.86 -23.17
N GLN D 461 40.63 -6.15 -23.21
CA GLN D 461 41.46 -5.95 -22.03
C GLN D 461 41.01 -4.77 -21.19
N PHE D 462 39.98 -4.04 -21.62
CA PHE D 462 39.50 -2.88 -20.89
C PHE D 462 38.01 -3.05 -20.59
N PRO D 463 37.55 -2.57 -19.43
CA PRO D 463 36.13 -2.79 -19.07
C PRO D 463 35.15 -2.28 -20.12
N LEU D 464 35.28 -1.02 -20.54
CA LEU D 464 34.41 -0.51 -21.58
C LEU D 464 34.66 -1.22 -22.90
N GLY D 465 35.88 -1.67 -23.15
CA GLY D 465 36.14 -2.41 -24.38
C GLY D 465 35.34 -3.69 -24.46
N ARG D 466 35.31 -4.47 -23.38
CA ARG D 466 34.54 -5.71 -23.44
C ARG D 466 33.05 -5.46 -23.27
N LYS D 467 32.64 -4.36 -22.62
CA LYS D 467 31.23 -4.00 -22.67
C LYS D 467 30.80 -3.69 -24.10
N PHE D 468 31.67 -3.02 -24.86
CA PHE D 468 31.35 -2.71 -26.26
C PHE D 468 31.33 -3.97 -27.11
N LEU D 469 32.31 -4.84 -26.93
CA LEU D 469 32.30 -6.11 -27.66
C LEU D 469 31.05 -6.92 -27.35
N LEU D 470 30.62 -6.92 -26.08
CA LEU D 470 29.43 -7.67 -25.70
C LEU D 470 28.16 -7.06 -26.29
N GLN D 471 28.03 -5.73 -26.26
CA GLN D 471 26.85 -5.10 -26.82
C GLN D 471 26.83 -5.17 -28.34
N ALA D 472 27.99 -5.31 -28.97
CA ALA D 472 28.07 -5.37 -30.41
C ALA D 472 28.20 -6.79 -30.95
N GLY D 473 27.90 -7.81 -30.15
CA GLY D 473 27.99 -9.16 -30.66
C GLY D 473 29.36 -9.79 -30.48
N LEU D 474 30.18 -9.63 -31.50
CA LEU D 474 31.44 -10.35 -31.67
C LEU D 474 32.24 -10.46 -30.38
N LYS D 475 32.87 -11.62 -30.20
CA LYS D 475 33.94 -11.82 -29.24
C LYS D 475 35.24 -11.33 -29.87
N ALA D 476 36.37 -11.58 -29.21
CA ALA D 476 37.64 -11.13 -29.77
C ALA D 476 38.74 -12.19 -29.69
N LYS D 477 38.60 -13.15 -28.79
CA LYS D 477 39.70 -14.04 -28.44
C LYS D 477 39.39 -15.49 -28.81
N PRO D 478 39.74 -15.92 -30.02
CA PRO D 478 39.69 -17.36 -30.32
C PRO D 478 40.99 -18.06 -29.93
N LYS D 479 41.49 -17.78 -28.74
CA LYS D 479 42.74 -18.39 -28.29
C LYS D 479 42.46 -19.69 -27.56
N PHE D 480 43.53 -20.43 -27.27
CA PHE D 480 43.45 -21.69 -26.54
C PHE D 480 42.50 -22.69 -27.18
N LEU E 3 69.87 14.11 -55.23
CA LEU E 3 71.09 13.65 -54.61
C LEU E 3 71.05 13.82 -53.11
N TRP E 4 69.92 14.33 -52.60
CA TRP E 4 69.74 14.50 -51.17
C TRP E 4 69.45 13.16 -50.51
N LEU E 5 69.47 13.16 -49.18
CA LEU E 5 69.31 11.93 -48.41
C LEU E 5 68.29 12.12 -47.31
N PRO E 6 67.43 11.12 -47.09
CA PRO E 6 66.39 11.24 -46.06
C PRO E 6 66.99 11.17 -44.67
N SER E 7 66.61 12.11 -43.82
CA SER E 7 67.03 12.16 -42.43
C SER E 7 65.90 12.44 -41.46
N GLU E 8 64.69 12.66 -41.97
CA GLU E 8 63.55 12.91 -41.10
C GLU E 8 62.93 11.59 -40.66
N ALA E 9 62.64 11.48 -39.36
CA ALA E 9 62.07 10.27 -38.78
C ALA E 9 60.55 10.42 -38.79
N THR E 10 59.96 10.38 -39.98
CA THR E 10 58.52 10.45 -40.13
C THR E 10 57.84 9.11 -39.88
N VAL E 11 58.59 8.08 -39.50
CA VAL E 11 58.01 6.76 -39.30
C VAL E 11 57.50 6.63 -37.88
N TYR E 12 56.28 6.13 -37.74
CA TYR E 12 55.67 5.84 -36.45
C TYR E 12 55.18 4.40 -36.44
N LEU E 13 55.61 3.63 -35.45
CA LEU E 13 55.37 2.20 -35.42
C LEU E 13 54.39 1.85 -34.30
N PRO E 14 53.56 0.83 -34.51
CA PRO E 14 52.70 0.37 -33.42
C PRO E 14 53.54 -0.26 -32.33
N PRO E 15 53.09 -0.19 -31.08
CA PRO E 15 53.91 -0.70 -29.98
C PRO E 15 54.10 -2.20 -30.07
N VAL E 16 55.16 -2.67 -29.43
CA VAL E 16 55.44 -4.10 -29.39
C VAL E 16 54.26 -4.82 -28.73
N PRO E 17 53.70 -5.85 -29.36
CA PRO E 17 52.51 -6.50 -28.80
C PRO E 17 52.80 -7.11 -27.43
N VAL E 18 51.83 -6.98 -26.53
CA VAL E 18 51.96 -7.45 -25.17
C VAL E 18 51.14 -8.72 -25.01
N SER E 19 51.34 -9.40 -23.88
CA SER E 19 50.56 -10.58 -23.58
C SER E 19 49.13 -10.20 -23.20
N LYS E 20 48.17 -10.98 -23.67
CA LYS E 20 46.76 -10.67 -23.50
C LYS E 20 46.14 -11.60 -22.48
N VAL E 21 45.24 -11.04 -21.66
CA VAL E 21 44.44 -11.85 -20.76
C VAL E 21 43.24 -12.40 -21.51
N VAL E 22 42.98 -13.69 -21.34
CA VAL E 22 41.87 -14.34 -22.02
C VAL E 22 40.81 -14.69 -20.98
N SER E 23 39.58 -14.85 -21.48
CA SER E 23 38.49 -15.27 -20.62
C SER E 23 38.72 -16.70 -20.14
N THR E 24 38.10 -17.04 -19.01
CA THR E 24 38.22 -18.40 -18.52
C THR E 24 37.42 -19.38 -19.35
N ASP E 25 36.59 -18.90 -20.28
CA ASP E 25 35.86 -19.80 -21.16
C ASP E 25 36.75 -20.47 -22.19
N GLU E 26 38.01 -20.04 -22.29
CA GLU E 26 38.94 -20.66 -23.24
C GLU E 26 39.53 -21.96 -22.69
N TYR E 27 40.19 -21.88 -21.54
CA TYR E 27 40.96 -23.00 -21.03
C TYR E 27 40.27 -23.77 -19.92
N VAL E 28 39.12 -23.31 -19.42
CA VAL E 28 38.40 -23.97 -18.35
C VAL E 28 37.10 -24.55 -18.93
N ALA E 29 37.02 -25.87 -18.97
CA ALA E 29 35.87 -26.57 -19.53
C ALA E 29 34.85 -26.84 -18.44
N ARG E 30 33.58 -26.62 -18.76
CA ARG E 30 32.50 -26.76 -17.79
C ARG E 30 31.95 -28.18 -17.80
N THR E 31 31.75 -28.74 -16.61
CA THR E 31 31.14 -30.06 -16.46
C THR E 31 29.68 -29.90 -16.02
N ASN E 32 28.88 -30.92 -16.30
CA ASN E 32 27.46 -30.90 -15.97
C ASN E 32 27.18 -31.26 -14.52
N ILE E 33 28.19 -31.30 -13.67
CA ILE E 33 28.04 -31.70 -12.28
C ILE E 33 27.94 -30.45 -11.41
N TYR E 34 26.82 -30.32 -10.70
CA TYR E 34 26.58 -29.17 -9.83
C TYR E 34 26.47 -29.63 -8.39
N TYR E 35 26.80 -28.73 -7.46
CA TYR E 35 26.73 -29.02 -6.04
C TYR E 35 26.09 -27.84 -5.31
N HIS E 36 25.51 -28.14 -4.16
CA HIS E 36 24.94 -27.12 -3.28
C HIS E 36 25.81 -27.02 -2.03
N ALA E 37 25.92 -25.81 -1.49
CA ALA E 37 26.71 -25.58 -0.29
C ALA E 37 26.10 -24.43 0.48
N GLY E 38 25.96 -24.60 1.79
CA GLY E 38 25.30 -23.59 2.58
C GLY E 38 25.72 -23.52 4.03
N THR E 39 25.97 -22.31 4.52
CA THR E 39 26.22 -22.11 5.94
C THR E 39 24.95 -22.40 6.73
N SER E 40 25.14 -22.91 7.95
CA SER E 40 23.98 -23.29 8.74
C SER E 40 23.11 -22.08 9.05
N ARG E 41 23.62 -21.19 9.90
CA ARG E 41 23.00 -19.90 10.15
C ARG E 41 24.01 -19.05 10.91
N LEU E 42 24.40 -17.92 10.35
CA LEU E 42 25.51 -17.14 10.88
C LEU E 42 24.96 -16.03 11.76
N LEU E 43 25.05 -16.20 13.07
CA LEU E 43 24.62 -15.21 14.04
C LEU E 43 25.83 -14.51 14.64
N ALA E 44 25.61 -13.28 15.08
CA ALA E 44 26.67 -12.50 15.73
C ALA E 44 26.02 -11.40 16.56
N VAL E 45 26.24 -11.44 17.87
CA VAL E 45 25.70 -10.45 18.79
C VAL E 45 26.85 -9.63 19.36
N GLY E 46 26.58 -8.37 19.65
CA GLY E 46 27.62 -7.53 20.22
C GLY E 46 27.12 -6.11 20.40
N HIS E 47 28.05 -5.24 20.79
CA HIS E 47 27.72 -3.83 20.99
C HIS E 47 27.82 -3.08 19.68
N PRO E 48 26.92 -2.13 19.43
CA PRO E 48 26.92 -1.45 18.13
C PRO E 48 27.99 -0.38 17.98
N TYR E 49 28.42 0.25 19.07
CA TYR E 49 29.27 1.42 18.98
C TYR E 49 30.75 1.15 19.23
N PHE E 50 31.08 0.25 20.15
CA PHE E 50 32.47 0.00 20.51
C PHE E 50 32.55 -1.37 21.17
N PRO E 51 33.74 -1.95 21.28
CA PRO E 51 33.88 -3.22 21.99
C PRO E 51 33.99 -3.02 23.48
N ILE E 52 33.46 -3.97 24.22
CA ILE E 52 33.49 -3.94 25.68
C ILE E 52 34.69 -4.76 26.14
N LYS E 53 35.55 -4.14 26.94
CA LYS E 53 36.78 -4.77 27.39
C LYS E 53 36.87 -4.70 28.89
N LYS E 54 37.54 -5.68 29.49
CA LYS E 54 37.84 -5.61 30.91
C LYS E 54 38.65 -4.34 31.19
N PRO E 55 38.42 -3.69 32.33
CA PRO E 55 39.17 -2.45 32.60
C PRO E 55 40.66 -2.68 32.80
N ASN E 56 41.03 -3.75 33.50
CA ASN E 56 42.45 -4.03 33.73
C ASN E 56 43.07 -4.82 32.59
N ASN E 57 42.26 -5.50 31.79
CA ASN E 57 42.75 -6.36 30.72
C ASN E 57 42.55 -5.70 29.36
N ASN E 58 43.01 -6.40 28.32
CA ASN E 58 42.72 -6.02 26.94
C ASN E 58 41.74 -6.97 26.28
N LYS E 59 41.42 -8.09 26.91
CA LYS E 59 40.51 -9.08 26.32
C LYS E 59 39.14 -8.48 26.09
N ILE E 60 38.53 -8.84 24.96
CA ILE E 60 37.22 -8.32 24.60
C ILE E 60 36.15 -9.25 25.15
N LEU E 61 35.19 -8.68 25.88
CA LEU E 61 34.08 -9.45 26.41
C LEU E 61 32.87 -9.43 25.48
N VAL E 62 32.59 -8.28 24.88
CA VAL E 62 31.49 -8.15 23.92
C VAL E 62 32.07 -7.46 22.69
N PRO E 63 32.12 -8.12 21.54
CA PRO E 63 32.72 -7.50 20.35
C PRO E 63 31.80 -6.45 19.76
N LYS E 64 32.36 -5.66 18.86
CA LYS E 64 31.59 -4.64 18.16
C LYS E 64 30.89 -5.27 16.96
N VAL E 65 29.57 -5.30 17.00
CA VAL E 65 28.76 -5.82 15.90
C VAL E 65 27.73 -4.75 15.56
N SER E 66 27.99 -4.02 14.48
CA SER E 66 27.14 -2.91 14.07
C SER E 66 26.52 -3.20 12.72
N GLY E 67 25.42 -2.52 12.44
CA GLY E 67 24.77 -2.68 11.15
C GLY E 67 25.46 -1.94 10.02
N LEU E 68 26.59 -1.30 10.29
CA LEU E 68 27.29 -0.49 9.30
C LEU E 68 28.72 -0.98 9.06
N GLN E 69 28.99 -2.25 9.34
CA GLN E 69 30.30 -2.82 9.08
C GLN E 69 30.28 -3.62 7.79
N TYR E 70 31.47 -3.91 7.28
CA TYR E 70 31.61 -4.80 6.14
C TYR E 70 31.65 -6.23 6.64
N ARG E 71 30.79 -7.08 6.08
CA ARG E 71 30.78 -8.51 6.36
C ARG E 71 31.49 -9.21 5.19
N VAL E 72 32.78 -9.41 5.31
CA VAL E 72 33.57 -10.09 4.31
C VAL E 72 33.74 -11.53 4.75
N PHE E 73 33.08 -12.45 4.07
CA PHE E 73 33.19 -13.87 4.35
C PHE E 73 34.28 -14.47 3.48
N ARG E 74 35.02 -15.42 4.02
CA ARG E 74 36.06 -16.12 3.27
C ARG E 74 35.65 -17.58 3.18
N ILE E 75 34.94 -17.92 2.12
CA ILE E 75 34.39 -19.25 1.94
C ILE E 75 35.51 -20.21 1.60
N HIS E 76 35.51 -21.38 2.23
CA HIS E 76 36.51 -22.42 1.98
C HIS E 76 35.84 -23.61 1.34
N LEU E 77 36.18 -23.87 0.10
CA LEU E 77 35.57 -24.96 -0.63
C LEU E 77 36.44 -26.21 -0.55
N PRO E 78 35.85 -27.39 -0.62
CA PRO E 78 36.66 -28.61 -0.62
C PRO E 78 37.47 -28.72 -1.90
N ASP E 79 38.60 -29.39 -1.79
CA ASP E 79 39.47 -29.58 -2.95
C ASP E 79 38.83 -30.58 -3.89
N PRO E 80 38.37 -30.17 -5.08
CA PRO E 80 37.71 -31.12 -5.98
C PRO E 80 38.65 -32.15 -6.57
N ASN E 81 39.96 -31.99 -6.42
CA ASN E 81 40.89 -33.02 -6.87
C ASN E 81 40.97 -34.17 -5.87
N LYS E 82 40.59 -33.91 -4.62
CA LYS E 82 40.49 -34.95 -3.60
C LYS E 82 39.10 -35.56 -3.53
N PHE E 83 38.22 -35.18 -4.44
CA PHE E 83 36.84 -35.69 -4.50
C PHE E 83 36.90 -37.06 -5.17
N GLY E 84 36.61 -38.10 -4.39
CA GLY E 84 36.52 -39.43 -4.97
C GLY E 84 35.25 -39.59 -5.78
N PHE E 85 35.38 -39.64 -7.09
CA PHE E 85 34.18 -39.74 -7.89
C PHE E 85 33.90 -41.19 -8.28
N PRO E 86 32.63 -41.57 -8.39
CA PRO E 86 32.33 -42.96 -8.76
C PRO E 86 32.82 -43.32 -10.15
N ASP E 87 32.45 -42.55 -11.17
CA ASP E 87 32.95 -42.72 -12.52
C ASP E 87 33.92 -41.58 -12.81
N THR E 88 35.19 -41.79 -12.47
CA THR E 88 36.22 -40.77 -12.59
C THR E 88 36.83 -40.74 -13.99
N SER E 89 36.14 -41.29 -14.99
CA SER E 89 36.63 -41.30 -16.36
C SER E 89 36.25 -40.05 -17.14
N PHE E 90 35.38 -39.22 -16.57
CA PHE E 90 34.98 -37.99 -17.25
C PHE E 90 36.19 -37.11 -17.47
N TYR E 91 37.16 -37.17 -16.55
CA TYR E 91 38.37 -36.39 -16.64
C TYR E 91 39.61 -37.27 -16.41
N ASN E 92 40.77 -36.80 -16.82
CA ASN E 92 42.00 -37.54 -16.66
C ASN E 92 42.87 -36.86 -15.60
N PRO E 93 42.97 -37.41 -14.40
CA PRO E 93 43.72 -36.71 -13.33
C PRO E 93 45.22 -36.61 -13.60
N ASP E 94 45.73 -37.18 -14.69
CA ASP E 94 47.15 -37.09 -14.96
C ASP E 94 47.52 -35.78 -15.64
N THR E 95 46.62 -35.24 -16.46
CA THR E 95 46.87 -34.00 -17.19
C THR E 95 45.90 -32.89 -16.82
N GLN E 96 44.77 -33.20 -16.20
CA GLN E 96 43.74 -32.22 -15.89
C GLN E 96 43.66 -32.00 -14.38
N ARG E 97 43.09 -30.86 -14.02
CA ARG E 97 42.83 -30.53 -12.62
C ARG E 97 41.47 -29.85 -12.52
N LEU E 98 40.71 -30.23 -11.51
CA LEU E 98 39.35 -29.76 -11.33
C LEU E 98 39.34 -28.50 -10.47
N VAL E 99 38.31 -27.67 -10.69
CA VAL E 99 38.13 -26.44 -9.92
C VAL E 99 36.65 -26.11 -9.92
N TRP E 100 36.19 -25.49 -8.84
CA TRP E 100 34.79 -25.11 -8.73
C TRP E 100 34.54 -23.80 -9.44
N ALA E 101 33.29 -23.59 -9.81
CA ALA E 101 32.85 -22.33 -10.42
C ALA E 101 31.52 -21.95 -9.83
N CYS E 102 31.44 -20.75 -9.26
CA CYS E 102 30.20 -20.28 -8.65
C CYS E 102 29.19 -19.99 -9.75
N VAL E 103 27.99 -20.58 -9.63
CA VAL E 103 26.94 -20.43 -10.62
C VAL E 103 25.75 -19.67 -10.06
N GLY E 104 25.40 -19.90 -8.81
CA GLY E 104 24.34 -19.17 -8.16
C GLY E 104 24.68 -18.93 -6.71
N VAL E 105 24.20 -17.81 -6.19
CA VAL E 105 24.47 -17.39 -4.82
C VAL E 105 23.23 -16.74 -4.25
N GLU E 106 22.99 -16.99 -2.97
CA GLU E 106 21.92 -16.31 -2.25
C GLU E 106 22.44 -15.92 -0.88
N VAL E 107 22.28 -14.64 -0.54
CA VAL E 107 22.67 -14.15 0.78
C VAL E 107 21.41 -13.96 1.62
N GLY E 108 21.20 -14.86 2.56
CA GLY E 108 20.03 -14.76 3.41
C GLY E 108 20.23 -13.73 4.52
N ARG E 109 19.17 -13.01 4.83
CA ARG E 109 19.15 -12.04 5.92
C ARG E 109 17.99 -12.36 6.84
N GLY E 110 18.26 -12.36 8.14
CA GLY E 110 17.29 -12.89 9.08
C GLY E 110 16.47 -11.90 9.87
N GLN E 111 17.10 -10.86 10.38
CA GLN E 111 16.42 -9.99 11.33
C GLN E 111 15.38 -9.12 10.62
N PRO E 112 14.46 -8.51 11.37
CA PRO E 112 13.48 -7.62 10.74
C PRO E 112 14.12 -6.34 10.24
N LEU E 113 13.45 -5.72 9.28
CA LEU E 113 13.92 -4.45 8.74
C LEU E 113 13.82 -3.37 9.80
N GLY E 114 14.83 -2.52 9.87
CA GLY E 114 14.85 -1.46 10.86
C GLY E 114 16.07 -0.57 10.73
N VAL E 115 15.92 0.69 11.07
CA VAL E 115 16.99 1.66 10.97
C VAL E 115 17.59 1.86 12.35
N GLY E 116 18.92 1.95 12.40
CA GLY E 116 19.64 2.18 13.64
C GLY E 116 19.90 3.65 13.87
N ILE E 117 20.72 3.92 14.88
CA ILE E 117 20.98 5.29 15.30
C ILE E 117 22.31 5.31 16.04
N SER E 118 23.12 6.32 15.73
CA SER E 118 24.41 6.48 16.38
C SER E 118 24.58 7.93 16.76
N GLY E 119 25.54 8.20 17.64
CA GLY E 119 25.79 9.56 18.04
C GLY E 119 26.93 9.63 19.03
N HIS E 120 27.35 10.87 19.30
CA HIS E 120 28.42 11.14 20.24
C HIS E 120 27.86 11.84 21.48
N PRO E 121 28.30 11.47 22.68
CA PRO E 121 27.91 12.24 23.86
C PRO E 121 28.42 13.66 23.83
N LEU E 122 29.58 13.91 23.22
CA LEU E 122 30.12 15.26 23.04
C LEU E 122 30.52 15.39 21.57
N LEU E 123 29.58 15.77 20.73
CA LEU E 123 29.84 15.98 19.31
C LEU E 123 30.18 17.45 19.08
N ASN E 124 31.20 17.69 18.24
CA ASN E 124 31.65 19.04 18.01
C ASN E 124 30.66 19.80 17.14
N LYS E 125 29.56 20.24 17.74
CA LYS E 125 28.58 21.08 17.08
C LYS E 125 28.51 22.42 17.80
N LEU E 126 28.47 23.50 17.05
CA LEU E 126 28.37 24.83 17.65
C LEU E 126 26.92 25.28 17.73
N ASP E 127 26.25 25.40 16.58
CA ASP E 127 24.85 25.78 16.55
C ASP E 127 24.23 25.24 15.28
N ASP E 128 22.91 25.42 15.17
CA ASP E 128 22.16 24.97 14.00
C ASP E 128 21.99 26.15 13.05
N THR E 129 22.61 26.05 11.89
CA THR E 129 22.57 27.12 10.89
C THR E 129 21.47 26.94 9.86
N GLU E 130 20.69 25.86 9.97
CA GLU E 130 19.55 25.68 9.08
C GLU E 130 18.64 26.91 9.11
N ASN E 131 18.21 27.31 10.30
CA ASN E 131 17.38 28.48 10.50
C ASN E 131 17.85 29.17 11.77
N ALA E 132 18.64 30.24 11.61
CA ALA E 132 19.25 30.95 12.73
C ALA E 132 18.35 32.11 13.12
N SER E 133 18.06 32.22 14.42
CA SER E 133 17.23 33.31 14.90
C SER E 133 17.94 34.65 14.76
N ALA E 134 19.08 34.80 15.42
CA ALA E 134 19.91 35.99 15.30
C ALA E 134 21.37 35.56 15.38
N TYR E 135 22.26 36.51 15.14
CA TYR E 135 23.68 36.19 15.23
C TYR E 135 24.02 35.76 16.65
N ALA E 136 24.46 34.52 16.78
CA ALA E 136 24.55 33.86 18.07
C ALA E 136 25.64 34.49 18.94
N ALA E 137 25.76 33.95 20.15
CA ALA E 137 26.68 34.48 21.15
C ALA E 137 28.11 34.02 20.83
N ASN E 138 29.01 34.20 21.78
CA ASN E 138 30.41 33.89 21.56
C ASN E 138 30.66 32.39 21.57
N ALA E 139 31.84 32.00 21.06
CA ALA E 139 32.30 30.63 21.19
C ALA E 139 33.07 30.48 22.48
N GLY E 140 32.51 29.75 23.44
CA GLY E 140 33.16 29.56 24.72
C GLY E 140 34.22 28.48 24.66
N VAL E 141 34.31 27.68 25.72
CA VAL E 141 35.23 26.55 25.78
C VAL E 141 34.40 25.28 25.88
N ASP E 142 34.72 24.29 25.05
CA ASP E 142 34.04 22.99 25.08
C ASP E 142 32.54 23.15 24.88
N ASN E 143 32.18 23.60 23.67
CA ASN E 143 30.78 23.77 23.29
C ASN E 143 30.17 22.50 22.71
N ARG E 144 30.76 21.34 22.98
CA ARG E 144 30.29 20.10 22.37
C ARG E 144 28.99 19.64 23.02
N GLU E 145 28.17 18.95 22.23
CA GLU E 145 26.84 18.56 22.62
C GLU E 145 26.59 17.09 22.27
N CYS E 146 25.48 16.56 22.79
CA CYS E 146 25.09 15.17 22.57
C CYS E 146 24.15 15.12 21.38
N ILE E 147 24.65 14.65 20.23
CA ILE E 147 23.89 14.64 18.99
C ILE E 147 23.91 13.24 18.40
N SER E 148 22.75 12.76 17.98
CA SER E 148 22.61 11.45 17.37
C SER E 148 22.11 11.59 15.95
N MET E 149 22.25 10.52 15.17
CA MET E 149 21.90 10.54 13.77
C MET E 149 21.74 9.12 13.27
N ASP E 150 20.94 8.98 12.20
CA ASP E 150 20.86 7.73 11.45
C ASP E 150 21.61 7.93 10.15
N TYR E 151 22.53 7.01 9.85
CA TYR E 151 23.45 7.20 8.75
C TYR E 151 22.77 6.97 7.41
N LYS E 152 23.51 7.19 6.33
CA LYS E 152 23.00 6.89 5.00
C LYS E 152 22.74 5.40 4.85
N GLN E 153 21.69 5.07 4.11
CA GLN E 153 21.28 3.68 3.95
C GLN E 153 22.04 3.06 2.78
N THR E 154 22.64 1.89 3.02
CA THR E 154 23.51 1.25 2.04
C THR E 154 23.29 -0.24 2.06
N GLN E 155 23.16 -0.84 0.89
CA GLN E 155 23.27 -2.28 0.72
C GLN E 155 24.20 -2.57 -0.44
N LEU E 156 24.99 -3.62 -0.31
CA LEU E 156 25.86 -4.02 -1.41
C LEU E 156 26.25 -5.48 -1.23
N CYS E 157 26.80 -6.06 -2.29
CA CYS E 157 27.22 -7.45 -2.30
C CYS E 157 28.25 -7.64 -3.40
N LEU E 158 29.48 -8.01 -3.04
CA LEU E 158 30.51 -8.31 -4.01
C LEU E 158 30.94 -9.75 -3.85
N ILE E 159 31.27 -10.40 -4.96
CA ILE E 159 31.69 -11.79 -4.96
C ILE E 159 32.94 -11.92 -5.83
N GLY E 160 33.90 -12.69 -5.36
CA GLY E 160 35.12 -12.91 -6.10
C GLY E 160 35.97 -13.97 -5.44
N CYS E 161 37.08 -14.29 -6.09
CA CYS E 161 38.05 -15.22 -5.53
C CYS E 161 39.22 -14.50 -4.87
N LYS E 162 39.18 -13.18 -4.82
CA LYS E 162 40.14 -12.35 -4.12
C LYS E 162 39.38 -11.35 -3.26
N PRO E 163 39.98 -10.86 -2.18
CA PRO E 163 39.26 -9.97 -1.29
C PRO E 163 38.92 -8.67 -2.00
N PRO E 164 37.86 -7.98 -1.57
CA PRO E 164 37.54 -6.68 -2.16
C PRO E 164 38.65 -5.68 -1.90
N ILE E 165 38.49 -4.50 -2.51
CA ILE E 165 39.46 -3.43 -2.39
C ILE E 165 38.69 -2.15 -2.09
N GLY E 166 38.96 -1.54 -0.94
CA GLY E 166 38.31 -0.31 -0.55
C GLY E 166 39.24 0.87 -0.69
N GLU E 167 38.63 2.06 -0.68
CA GLU E 167 39.37 3.30 -0.79
C GLU E 167 38.92 4.25 0.32
N HIS E 168 39.86 5.06 0.78
CA HIS E 168 39.56 6.11 1.74
C HIS E 168 40.59 7.21 1.57
N TRP E 169 40.40 8.30 2.30
CA TRP E 169 41.35 9.40 2.33
C TRP E 169 42.14 9.33 3.62
N GLY E 170 43.46 9.44 3.52
CA GLY E 170 44.32 9.36 4.67
C GLY E 170 45.30 10.52 4.71
N LYS E 171 46.09 10.57 5.77
CA LYS E 171 47.09 11.62 5.90
C LYS E 171 48.30 11.29 5.06
N GLY E 172 48.69 12.22 4.19
CA GLY E 172 49.93 12.11 3.45
C GLY E 172 51.02 12.97 4.09
N SER E 173 52.24 12.76 3.59
CA SER E 173 53.37 13.53 4.08
C SER E 173 53.61 14.72 3.16
N PRO E 174 53.68 15.94 3.69
CA PRO E 174 53.87 17.11 2.82
C PRO E 174 55.27 17.15 2.23
N CYS E 175 55.38 17.82 1.10
CA CYS E 175 56.67 18.00 0.45
C CYS E 175 57.58 18.88 1.31
N THR E 176 58.88 18.57 1.30
CA THR E 176 59.85 19.24 2.16
C THR E 176 60.26 20.58 1.55
N ASN E 177 59.28 21.47 1.42
CA ASN E 177 59.51 22.81 0.89
C ASN E 177 59.26 23.89 1.92
N VAL E 178 58.08 23.92 2.52
CA VAL E 178 57.71 24.89 3.54
C VAL E 178 57.42 24.15 4.83
N ALA E 179 57.91 24.70 5.95
CA ALA E 179 57.76 24.04 7.24
C ALA E 179 56.28 23.96 7.63
N VAL E 180 55.93 22.88 8.32
CA VAL E 180 54.55 22.64 8.74
C VAL E 180 54.39 23.17 10.16
N ASN E 181 53.64 24.26 10.29
CA ASN E 181 53.35 24.80 11.61
C ASN E 181 52.48 23.84 12.41
N PRO E 182 52.56 23.88 13.73
CA PRO E 182 51.66 23.04 14.54
C PRO E 182 50.22 23.48 14.36
N GLY E 183 49.37 22.53 14.00
CA GLY E 183 47.98 22.82 13.75
C GLY E 183 47.61 23.02 12.29
N ASP E 184 48.51 22.73 11.37
CA ASP E 184 48.19 22.87 9.95
C ASP E 184 47.35 21.69 9.47
N CYS E 185 46.74 21.87 8.31
CA CYS E 185 45.82 20.87 7.79
C CYS E 185 46.61 19.72 7.18
N PRO E 186 46.28 18.47 7.52
CA PRO E 186 47.01 17.34 6.96
C PRO E 186 46.75 17.21 5.47
N PRO E 187 47.78 16.95 4.67
CA PRO E 187 47.56 16.76 3.23
C PRO E 187 46.92 15.41 2.94
N LEU E 188 45.83 15.44 2.18
CA LEU E 188 45.06 14.25 1.89
C LEU E 188 45.69 13.42 0.78
N GLU E 189 45.33 12.14 0.75
CA GLU E 189 45.85 11.20 -0.21
C GLU E 189 44.95 9.98 -0.22
N LEU E 190 44.52 9.56 -1.41
CA LEU E 190 43.58 8.46 -1.54
C LEU E 190 44.34 7.13 -1.45
N ILE E 191 43.90 6.26 -0.55
CA ILE E 191 44.61 5.03 -0.24
C ILE E 191 43.74 3.85 -0.62
N ASN E 192 44.33 2.86 -1.28
CA ASN E 192 43.67 1.59 -1.56
C ASN E 192 44.09 0.57 -0.52
N THR E 193 43.14 -0.24 -0.08
CA THR E 193 43.42 -1.26 0.92
C THR E 193 42.34 -2.33 0.87
N VAL E 194 42.72 -3.54 1.28
CA VAL E 194 41.76 -4.64 1.32
C VAL E 194 40.71 -4.36 2.37
N ILE E 195 39.45 -4.67 2.04
CA ILE E 195 38.36 -4.49 2.98
C ILE E 195 38.28 -5.72 3.88
N GLN E 196 38.54 -5.54 5.17
CA GLN E 196 38.49 -6.63 6.12
C GLN E 196 37.12 -6.68 6.79
N ASP E 197 36.88 -7.77 7.51
CA ASP E 197 35.60 -7.90 8.22
C ASP E 197 35.61 -7.00 9.45
N GLY E 198 34.53 -6.26 9.62
CA GLY E 198 34.43 -5.30 10.70
C GLY E 198 34.85 -3.91 10.33
N ASP E 199 35.40 -3.70 9.14
CA ASP E 199 35.70 -2.36 8.68
C ASP E 199 34.41 -1.58 8.47
N MET E 200 34.44 -0.30 8.81
CA MET E 200 33.22 0.51 8.78
C MET E 200 32.98 1.01 7.37
N VAL E 201 31.73 0.92 6.92
CA VAL E 201 31.35 1.48 5.64
C VAL E 201 31.19 3.00 5.79
N ASP E 202 31.26 3.71 4.67
CA ASP E 202 31.03 5.14 4.70
C ASP E 202 29.59 5.40 5.13
N THR E 203 29.42 6.43 5.96
CA THR E 203 28.16 6.64 6.66
C THR E 203 27.47 7.95 6.28
N GLY E 204 28.07 8.74 5.42
CA GLY E 204 27.55 10.04 5.06
C GLY E 204 28.48 11.18 5.38
N PHE E 205 29.57 10.92 6.09
CA PHE E 205 30.57 11.93 6.41
C PHE E 205 31.80 11.81 5.53
N GLY E 206 31.78 10.94 4.54
CA GLY E 206 32.91 10.73 3.66
C GLY E 206 33.62 9.42 3.97
N ALA E 207 34.47 9.01 3.02
CA ALA E 207 35.26 7.80 3.17
C ALA E 207 36.68 8.25 3.50
N MET E 208 36.94 8.48 4.79
CA MET E 208 38.21 9.03 5.24
C MET E 208 38.70 8.26 6.45
N ASP E 209 39.91 8.61 6.89
CA ASP E 209 40.52 8.03 8.08
C ASP E 209 40.29 8.98 9.23
N PHE E 210 39.28 8.70 10.05
CA PHE E 210 38.94 9.60 11.15
C PHE E 210 39.94 9.55 12.29
N THR E 211 40.82 8.56 12.33
CA THR E 211 41.77 8.46 13.43
C THR E 211 42.87 9.50 13.30
N THR E 212 43.34 9.75 12.09
CA THR E 212 44.43 10.69 11.85
C THR E 212 43.93 12.05 11.34
N LEU E 213 42.93 12.05 10.48
CA LEU E 213 42.46 13.29 9.88
C LEU E 213 41.65 14.15 10.84
N GLN E 214 41.23 13.62 11.98
CA GLN E 214 40.44 14.37 12.97
C GLN E 214 40.99 14.04 14.36
N ALA E 215 41.94 14.83 14.83
CA ALA E 215 42.44 14.67 16.20
C ALA E 215 41.48 15.23 17.23
N ASN E 216 40.40 15.88 16.80
CA ASN E 216 39.38 16.37 17.72
C ASN E 216 38.74 15.20 18.47
N LYS E 217 38.60 14.05 17.81
CA LYS E 217 37.93 12.88 18.34
C LYS E 217 36.47 13.15 18.68
N SER E 218 35.91 14.26 18.17
CA SER E 218 34.52 14.59 18.49
C SER E 218 33.77 15.16 17.30
N GLU E 219 34.21 14.91 16.07
CA GLU E 219 33.52 15.42 14.89
C GLU E 219 32.54 14.40 14.31
N VAL E 220 32.63 13.14 14.70
CA VAL E 220 31.79 12.08 14.15
C VAL E 220 31.37 11.15 15.28
N PRO E 221 30.26 10.42 15.10
CA PRO E 221 29.73 9.61 16.21
C PRO E 221 30.65 8.49 16.68
N LEU E 222 30.21 7.76 17.70
CA LEU E 222 31.10 6.87 18.44
C LEU E 222 31.54 5.68 17.59
N ASP E 223 30.72 5.25 16.64
CA ASP E 223 31.06 4.02 15.94
C ASP E 223 32.08 4.26 14.82
N ILE E 224 32.21 5.49 14.36
CA ILE E 224 33.16 5.83 13.31
C ILE E 224 34.15 6.90 13.76
N CYS E 225 34.24 7.15 15.07
CA CYS E 225 35.06 8.25 15.55
C CYS E 225 36.55 7.96 15.39
N THR E 226 36.97 6.72 15.66
CA THR E 226 38.37 6.35 15.58
C THR E 226 38.65 5.25 14.56
N SER E 227 37.72 4.94 13.67
CA SER E 227 37.91 3.91 12.66
C SER E 227 37.98 4.54 11.27
N ILE E 228 38.18 3.70 10.27
CA ILE E 228 38.32 4.12 8.88
C ILE E 228 37.05 3.74 8.14
N CYS E 229 36.33 4.72 7.61
CA CYS E 229 35.19 4.45 6.76
C CYS E 229 35.66 4.26 5.33
N LYS E 230 35.35 3.10 4.74
CA LYS E 230 35.86 2.71 3.44
C LYS E 230 34.73 2.54 2.45
N TYR E 231 35.00 2.91 1.19
CA TYR E 231 34.14 2.70 0.05
C TYR E 231 34.81 1.73 -0.91
N PRO E 232 34.06 0.80 -1.50
CA PRO E 232 34.68 -0.15 -2.43
C PRO E 232 35.14 0.57 -3.69
N ASP E 233 36.35 0.22 -4.14
CA ASP E 233 36.94 0.86 -5.32
C ASP E 233 36.51 0.09 -6.55
N TYR E 234 35.30 0.41 -7.03
CA TYR E 234 34.79 -0.26 -8.22
C TYR E 234 35.63 0.09 -9.44
N ILE E 235 36.05 1.34 -9.56
CA ILE E 235 36.84 1.78 -10.70
C ILE E 235 38.12 0.96 -10.80
N LYS E 236 38.72 0.63 -9.66
CA LYS E 236 39.97 -0.13 -9.66
C LYS E 236 39.73 -1.63 -9.69
N MET E 237 38.59 -2.10 -9.18
CA MET E 237 38.35 -3.54 -9.14
C MET E 237 37.90 -4.06 -10.50
N VAL E 238 37.10 -3.28 -11.23
CA VAL E 238 36.67 -3.75 -12.55
C VAL E 238 37.79 -3.56 -13.57
N SER E 239 38.74 -2.67 -13.30
CA SER E 239 39.85 -2.46 -14.22
C SER E 239 41.03 -3.37 -13.95
N GLU E 240 40.93 -4.26 -12.97
CA GLU E 240 41.97 -5.26 -12.76
C GLU E 240 42.06 -6.15 -14.00
N PRO E 241 43.27 -6.54 -14.42
CA PRO E 241 43.38 -7.33 -15.65
C PRO E 241 42.65 -8.65 -15.61
N TYR E 242 42.76 -9.40 -14.51
CA TYR E 242 42.20 -10.75 -14.45
C TYR E 242 40.78 -10.79 -13.91
N GLY E 243 40.30 -9.73 -13.28
CA GLY E 243 38.92 -9.69 -12.82
C GLY E 243 38.60 -10.65 -11.70
N ASP E 244 39.49 -10.77 -10.71
CA ASP E 244 39.28 -11.68 -9.60
C ASP E 244 38.56 -11.03 -8.42
N SER E 245 38.81 -9.75 -8.16
CA SER E 245 38.29 -9.11 -6.95
C SER E 245 36.76 -9.15 -6.91
N LEU E 246 36.12 -8.67 -7.96
CA LEU E 246 34.68 -8.81 -8.11
C LEU E 246 34.39 -9.34 -9.51
N PHE E 247 33.56 -10.38 -9.58
CA PHE E 247 32.94 -10.75 -10.85
C PHE E 247 31.43 -10.68 -10.78
N PHE E 248 30.90 -9.95 -9.81
CA PHE E 248 29.48 -9.66 -9.65
C PHE E 248 29.35 -8.67 -8.51
N TYR E 249 28.39 -7.75 -8.62
CA TYR E 249 28.16 -6.84 -7.51
C TYR E 249 26.82 -6.14 -7.67
N LEU E 250 26.19 -5.84 -6.54
CA LEU E 250 25.01 -4.99 -6.46
C LEU E 250 25.29 -3.87 -5.48
N ARG E 251 24.53 -2.80 -5.58
CA ARG E 251 24.72 -1.65 -4.69
C ARG E 251 23.48 -0.78 -4.72
N ARG E 252 22.97 -0.45 -3.53
CA ARG E 252 21.94 0.56 -3.37
C ARG E 252 22.32 1.44 -2.20
N GLU E 253 22.37 2.75 -2.43
CA GLU E 253 22.70 3.67 -1.35
C GLU E 253 21.91 4.96 -1.54
N GLN E 254 21.20 5.37 -0.49
CA GLN E 254 20.40 6.58 -0.52
C GLN E 254 20.65 7.38 0.74
N MET E 255 20.45 8.70 0.65
CA MET E 255 20.81 9.62 1.71
C MET E 255 20.25 11.00 1.39
N PHE E 256 19.82 11.70 2.43
CA PHE E 256 19.53 13.12 2.31
C PHE E 256 20.08 13.82 3.55
N VAL E 257 20.03 15.15 3.52
CA VAL E 257 20.57 15.97 4.60
C VAL E 257 19.44 16.31 5.56
N ARG E 258 19.55 15.85 6.80
CA ARG E 258 18.50 16.07 7.77
C ARG E 258 18.70 17.38 8.53
N HIS E 259 19.91 17.66 8.99
CA HIS E 259 20.18 18.84 9.77
C HIS E 259 21.51 19.45 9.34
N LEU E 260 21.54 20.78 9.34
CA LEU E 260 22.68 21.56 8.90
C LEU E 260 23.27 22.26 10.12
N PHE E 261 24.53 21.95 10.42
CA PHE E 261 25.11 22.36 11.70
C PHE E 261 26.37 23.20 11.51
N ASN E 262 27.05 23.50 12.61
CA ASN E 262 28.27 24.28 12.61
C ASN E 262 29.34 23.55 13.41
N ARG E 263 30.58 24.00 13.25
CA ARG E 263 31.71 23.42 13.97
C ARG E 263 32.38 24.47 14.85
N ALA E 264 32.88 24.03 16.00
CA ALA E 264 33.53 24.90 16.96
C ALA E 264 35.03 24.64 16.93
N GLY E 265 35.81 25.67 17.16
CA GLY E 265 37.26 25.58 17.13
C GLY E 265 37.85 26.72 16.35
N ALA E 266 39.13 26.96 16.58
CA ALA E 266 39.84 28.02 15.88
C ALA E 266 39.77 27.79 14.37
N VAL E 267 39.41 28.84 13.64
CA VAL E 267 39.31 28.74 12.19
C VAL E 267 40.70 28.49 11.61
N GLY E 268 40.80 27.47 10.76
CA GLY E 268 42.07 27.14 10.15
C GLY E 268 42.37 28.00 8.94
N GLU E 269 41.36 28.23 8.12
CA GLU E 269 41.48 29.05 6.92
C GLU E 269 40.40 30.12 6.96
N ASN E 270 40.82 31.37 7.15
CA ASN E 270 39.87 32.46 7.27
C ASN E 270 39.26 32.79 5.91
N VAL E 271 38.02 33.28 5.94
CA VAL E 271 37.33 33.67 4.72
C VAL E 271 38.04 34.86 4.10
N PRO E 272 38.36 34.84 2.80
CA PRO E 272 38.99 36.00 2.19
C PRO E 272 38.13 37.24 2.34
N ASP E 273 38.78 38.38 2.52
CA ASP E 273 38.05 39.61 2.80
C ASP E 273 37.25 40.10 1.61
N ASP E 274 37.54 39.61 0.39
CA ASP E 274 36.81 40.05 -0.78
C ASP E 274 35.54 39.25 -1.01
N LEU E 275 35.16 38.37 -0.09
CA LEU E 275 33.97 37.54 -0.25
C LEU E 275 32.78 38.04 0.52
N TYR E 276 32.95 39.02 1.40
CA TYR E 276 31.84 39.54 2.20
C TYR E 276 32.14 41.00 2.53
N ILE E 277 31.22 41.63 3.25
CA ILE E 277 31.36 43.01 3.69
C ILE E 277 31.41 43.03 5.21
N LYS E 278 32.44 43.65 5.75
CA LYS E 278 32.68 43.67 7.19
C LYS E 278 31.44 44.09 7.96
N GLY E 279 31.29 43.54 9.16
CA GLY E 279 30.19 43.88 10.04
C GLY E 279 30.58 44.90 11.08
N SER E 280 29.67 45.12 12.03
CA SER E 280 29.90 46.09 13.09
C SER E 280 29.02 45.76 14.29
N GLY E 281 29.64 45.59 15.45
CA GLY E 281 28.89 45.28 16.64
C GLY E 281 28.81 43.79 16.87
N SER E 282 27.59 43.25 16.77
CA SER E 282 27.39 41.81 16.97
C SER E 282 28.06 41.02 15.86
N THR E 283 27.87 41.45 14.61
CA THR E 283 28.41 40.73 13.45
C THR E 283 29.84 41.14 13.11
N ALA E 284 30.53 41.84 14.00
CA ALA E 284 31.92 42.20 13.74
C ALA E 284 32.82 40.97 13.74
N ASN E 285 32.40 39.90 14.40
CA ASN E 285 33.14 38.64 14.43
C ASN E 285 32.40 37.60 13.60
N LEU E 286 33.10 37.00 12.65
CA LEU E 286 32.49 35.98 11.80
C LEU E 286 32.15 34.74 12.60
N ALA E 287 31.00 34.15 12.29
CA ALA E 287 30.68 32.83 12.82
C ALA E 287 31.46 31.78 12.05
N SER E 288 31.38 30.54 12.53
CA SER E 288 32.15 29.46 11.93
C SER E 288 31.58 29.10 10.56
N SER E 289 32.45 29.11 9.55
CA SER E 289 32.08 28.72 8.20
C SER E 289 32.30 27.24 7.94
N ASN E 290 32.59 26.45 8.96
CA ASN E 290 32.77 25.00 8.82
C ASN E 290 31.43 24.34 9.07
N TYR E 291 30.77 23.93 8.00
CA TYR E 291 29.45 23.33 8.07
C TYR E 291 29.55 21.83 7.87
N PHE E 292 28.67 21.08 8.54
CA PHE E 292 28.60 19.65 8.37
C PHE E 292 27.14 19.25 8.47
N PRO E 293 26.63 18.48 7.51
CA PRO E 293 25.24 18.02 7.57
C PRO E 293 25.10 16.76 8.41
N THR E 294 23.91 16.59 8.96
CA THR E 294 23.56 15.34 9.62
C THR E 294 22.86 14.43 8.62
N PRO E 295 23.46 13.30 8.25
CA PRO E 295 22.84 12.46 7.22
C PRO E 295 21.60 11.78 7.73
N SER E 296 20.80 11.28 6.78
CA SER E 296 19.65 10.46 7.14
C SER E 296 19.34 9.56 5.96
N GLY E 297 19.72 8.28 6.06
CA GLY E 297 19.23 7.30 5.12
C GLY E 297 17.74 7.11 5.35
N SER E 298 16.95 7.37 4.31
CA SER E 298 15.52 7.54 4.48
C SER E 298 14.85 6.19 4.67
N MET E 299 13.53 6.16 4.53
CA MET E 299 12.72 4.97 4.74
C MET E 299 13.39 3.72 4.18
N VAL E 300 13.38 2.66 4.97
CA VAL E 300 13.75 1.33 4.50
C VAL E 300 12.47 0.58 4.16
N THR E 301 12.45 -0.06 3.01
CA THR E 301 11.26 -0.75 2.53
C THR E 301 11.63 -2.17 2.14
N SER E 302 10.63 -3.04 2.12
CA SER E 302 10.85 -4.41 1.69
C SER E 302 10.91 -4.55 0.18
N ASP E 303 10.62 -3.47 -0.55
CA ASP E 303 10.63 -3.52 -2.01
C ASP E 303 12.02 -3.32 -2.58
N ALA E 304 12.86 -2.54 -1.90
CA ALA E 304 14.20 -2.21 -2.37
C ALA E 304 15.27 -3.15 -1.83
N GLN E 305 14.89 -4.37 -1.46
CA GLN E 305 15.86 -5.30 -0.88
C GLN E 305 16.64 -6.01 -1.98
N ILE E 306 17.94 -6.15 -1.77
CA ILE E 306 18.78 -6.92 -2.68
C ILE E 306 19.20 -8.26 -2.09
N PHE E 307 18.69 -8.63 -0.93
CA PHE E 307 19.04 -9.88 -0.29
C PHE E 307 17.85 -10.83 -0.33
N ASN E 308 18.08 -12.05 0.15
CA ASN E 308 17.07 -13.11 0.14
C ASN E 308 16.61 -13.44 -1.28
N LYS E 309 17.45 -13.13 -2.26
CA LYS E 309 17.14 -13.37 -3.66
C LYS E 309 18.27 -14.17 -4.29
N PRO E 310 17.95 -15.16 -5.13
CA PRO E 310 19.01 -15.89 -5.84
C PRO E 310 19.61 -15.03 -6.93
N TYR E 311 20.93 -15.05 -7.02
CA TYR E 311 21.67 -14.34 -8.07
C TYR E 311 22.47 -15.36 -8.85
N TRP E 312 22.04 -15.62 -10.08
CA TRP E 312 22.64 -16.65 -10.91
C TRP E 312 23.69 -15.99 -11.81
N LEU E 313 24.95 -16.10 -11.41
CA LEU E 313 26.05 -15.52 -12.17
C LEU E 313 26.19 -16.30 -13.48
N GLN E 314 26.00 -15.62 -14.59
CA GLN E 314 26.08 -16.22 -15.92
C GLN E 314 27.23 -15.65 -16.74
N ARG E 315 27.33 -14.33 -16.83
CA ARG E 315 28.45 -13.67 -17.49
C ARG E 315 29.06 -12.69 -16.51
N ALA E 316 30.22 -13.04 -15.97
CA ALA E 316 30.92 -12.17 -15.04
C ALA E 316 31.34 -10.88 -15.72
N GLN E 317 31.68 -9.88 -14.91
CA GLN E 317 32.04 -8.59 -15.47
C GLN E 317 33.37 -8.65 -16.21
N GLY E 318 34.33 -9.41 -15.69
CA GLY E 318 35.66 -9.45 -16.24
C GLY E 318 35.97 -10.75 -16.95
N HIS E 319 37.23 -11.18 -16.84
CA HIS E 319 37.68 -12.37 -17.55
C HIS E 319 37.50 -13.62 -16.71
N ASN E 320 37.70 -13.54 -15.40
CA ASN E 320 37.43 -14.66 -14.50
C ASN E 320 35.93 -14.82 -14.38
N ASN E 321 35.38 -15.80 -15.11
CA ASN E 321 33.94 -15.97 -15.22
C ASN E 321 33.40 -16.89 -14.13
N GLY E 322 33.73 -16.55 -12.89
CA GLY E 322 33.21 -17.28 -11.76
C GLY E 322 34.05 -18.44 -11.29
N ILE E 323 35.27 -18.58 -11.77
CA ILE E 323 36.13 -19.68 -11.35
C ILE E 323 36.74 -19.32 -10.01
N CYS E 324 36.61 -20.24 -9.04
CA CYS E 324 37.12 -20.03 -7.69
C CYS E 324 38.55 -20.54 -7.62
N TRP E 325 39.50 -19.70 -8.02
CA TRP E 325 40.89 -20.09 -8.05
C TRP E 325 41.41 -20.30 -6.64
N GLY E 326 41.98 -21.48 -6.39
CA GLY E 326 42.52 -21.77 -5.08
C GLY E 326 41.50 -22.25 -4.08
N ASN E 327 40.33 -22.71 -4.54
CA ASN E 327 39.28 -23.25 -3.67
C ASN E 327 38.90 -22.23 -2.60
N GLN E 328 38.38 -21.11 -3.06
CA GLN E 328 38.24 -19.93 -2.22
C GLN E 328 37.18 -19.01 -2.82
N LEU E 329 36.51 -18.28 -1.94
CA LEU E 329 35.52 -17.29 -2.38
C LEU E 329 35.52 -16.17 -1.36
N PHE E 330 35.00 -15.01 -1.76
CA PHE E 330 34.93 -13.85 -0.90
C PHE E 330 33.62 -13.12 -1.16
N VAL E 331 32.72 -13.15 -0.17
CA VAL E 331 31.43 -12.50 -0.27
C VAL E 331 31.45 -11.30 0.67
N THR E 332 31.35 -10.11 0.10
CA THR E 332 31.30 -8.88 0.88
C THR E 332 29.86 -8.40 0.96
N VAL E 333 29.39 -8.10 2.17
CA VAL E 333 28.02 -7.71 2.40
C VAL E 333 27.99 -6.48 3.29
N VAL E 334 27.18 -5.49 2.91
CA VAL E 334 26.80 -4.39 3.78
C VAL E 334 25.28 -4.30 3.75
N ASP E 335 24.67 -4.13 4.91
CA ASP E 335 23.21 -4.04 4.98
C ASP E 335 22.85 -3.13 6.15
N THR E 336 22.59 -1.86 5.84
CA THR E 336 22.16 -0.89 6.83
C THR E 336 20.65 -0.92 7.05
N THR E 337 19.93 -1.78 6.33
CA THR E 337 18.48 -1.84 6.43
C THR E 337 18.00 -2.74 7.55
N ARG E 338 18.89 -3.42 8.26
CA ARG E 338 18.56 -4.25 9.40
C ARG E 338 19.42 -3.89 10.60
N SER E 339 19.69 -2.60 10.78
CA SER E 339 20.64 -2.11 11.77
C SER E 339 19.98 -1.71 13.07
N THR E 340 18.86 -2.35 13.44
CA THR E 340 18.20 -2.02 14.69
C THR E 340 19.03 -2.48 15.88
N ASN E 341 19.29 -1.56 16.80
CA ASN E 341 20.00 -1.85 18.04
C ASN E 341 18.95 -2.06 19.13
N MET E 342 18.90 -3.26 19.69
CA MET E 342 17.98 -3.55 20.77
C MET E 342 18.57 -3.03 22.08
N SER E 343 17.78 -2.22 22.79
CA SER E 343 18.21 -1.61 24.05
C SER E 343 17.72 -2.48 25.21
N LEU E 344 18.66 -3.02 25.98
CA LEU E 344 18.35 -3.89 27.10
C LEU E 344 18.46 -3.11 28.40
N CYS E 345 18.00 -3.73 29.48
CA CYS E 345 18.00 -3.09 30.79
C CYS E 345 17.98 -4.17 31.86
N ALA E 346 18.60 -3.86 33.00
CA ALA E 346 18.69 -4.80 34.10
C ALA E 346 18.56 -4.05 35.42
N ALA E 347 17.70 -4.56 36.29
CA ALA E 347 17.47 -3.97 37.60
C ALA E 347 18.57 -4.39 38.56
N ILE E 348 19.17 -3.41 39.23
CA ILE E 348 20.18 -3.73 40.24
C ILE E 348 19.54 -4.45 41.42
N SER E 349 18.60 -3.80 42.09
CA SER E 349 17.83 -4.43 43.15
C SER E 349 16.39 -4.57 42.67
N THR E 350 15.81 -5.75 42.89
CA THR E 350 14.44 -6.04 42.49
C THR E 350 13.44 -5.88 43.63
N SER E 351 13.73 -5.01 44.59
CA SER E 351 12.84 -4.79 45.73
C SER E 351 12.13 -3.44 45.66
N GLU E 352 12.79 -2.44 45.07
CA GLU E 352 12.23 -1.10 45.05
C GLU E 352 10.92 -1.06 44.26
N THR E 353 9.89 -0.50 44.88
CA THR E 353 8.56 -0.44 44.29
C THR E 353 8.27 0.89 43.61
N THR E 354 9.27 1.76 43.50
CA THR E 354 9.15 3.02 42.78
C THR E 354 10.34 3.17 41.84
N TYR E 355 10.10 3.78 40.68
CA TYR E 355 11.16 3.89 39.69
C TYR E 355 12.24 4.85 40.17
N LYS E 356 13.50 4.45 39.99
CA LYS E 356 14.64 5.31 40.26
C LYS E 356 15.68 5.09 39.18
N ASN E 357 16.19 6.18 38.61
CA ASN E 357 17.15 6.08 37.51
C ASN E 357 18.35 5.23 37.89
N THR E 358 18.89 5.43 39.09
CA THR E 358 20.07 4.69 39.52
C THR E 358 19.78 3.23 39.84
N ASN E 359 18.54 2.79 39.73
CA ASN E 359 18.18 1.41 40.00
C ASN E 359 18.29 0.51 38.78
N PHE E 360 18.43 1.08 37.59
CA PHE E 360 18.39 0.33 36.34
C PHE E 360 19.62 0.65 35.51
N LYS E 361 20.28 -0.38 35.01
CA LYS E 361 21.45 -0.21 34.13
C LYS E 361 21.04 -0.46 32.69
N GLU E 362 21.42 0.46 31.81
CA GLU E 362 21.04 0.39 30.41
C GLU E 362 22.19 -0.12 29.55
N TYR E 363 21.86 -1.03 28.63
CA TYR E 363 22.83 -1.59 27.72
C TYR E 363 22.28 -1.53 26.30
N LEU E 364 23.19 -1.63 25.33
CA LEU E 364 22.83 -1.70 23.93
C LEU E 364 23.40 -2.99 23.34
N ARG E 365 22.62 -3.63 22.46
CA ARG E 365 23.06 -4.85 21.82
C ARG E 365 22.57 -4.84 20.37
N HIS E 366 23.26 -5.59 19.52
CA HIS E 366 22.88 -5.72 18.12
C HIS E 366 23.21 -7.12 17.66
N GLY E 367 22.25 -7.78 17.01
CA GLY E 367 22.47 -9.12 16.51
C GLY E 367 22.21 -9.28 15.04
N GLU E 368 23.19 -9.81 14.31
CA GLU E 368 23.08 -10.05 12.88
C GLU E 368 22.76 -11.51 12.63
N GLU E 369 22.07 -11.79 11.52
CA GLU E 369 21.74 -13.15 11.13
C GLU E 369 21.95 -13.30 9.64
N TYR E 370 22.82 -14.24 9.26
CA TYR E 370 23.15 -14.49 7.86
C TYR E 370 22.88 -15.94 7.52
N ASP E 371 22.75 -16.21 6.23
CA ASP E 371 22.60 -17.56 5.71
C ASP E 371 23.02 -17.54 4.25
N LEU E 372 24.15 -18.15 3.95
CA LEU E 372 24.74 -18.08 2.62
C LEU E 372 24.58 -19.43 1.92
N GLN E 373 24.06 -19.39 0.70
CA GLN E 373 23.86 -20.59 -0.10
C GLN E 373 24.49 -20.39 -1.47
N PHE E 374 25.20 -21.41 -1.94
CA PHE E 374 25.88 -21.34 -3.23
C PHE E 374 25.53 -22.56 -4.06
N ILE E 375 25.63 -22.42 -5.38
CA ILE E 375 25.55 -23.53 -6.31
C ILE E 375 26.84 -23.53 -7.11
N PHE E 376 27.68 -24.53 -6.89
CA PHE E 376 28.97 -24.63 -7.56
C PHE E 376 28.89 -25.64 -8.69
N GLN E 377 29.72 -25.45 -9.70
CA GLN E 377 29.79 -26.32 -10.85
C GLN E 377 31.23 -26.80 -11.02
N LEU E 378 31.39 -28.08 -11.30
CA LEU E 378 32.72 -28.65 -11.49
C LEU E 378 33.26 -28.24 -12.85
N CYS E 379 34.55 -27.89 -12.88
CA CYS E 379 35.21 -27.48 -14.11
C CYS E 379 36.55 -28.18 -14.23
N LYS E 380 36.90 -28.58 -15.45
CA LYS E 380 38.15 -29.27 -15.72
C LYS E 380 39.05 -28.36 -16.56
N ILE E 381 40.36 -28.49 -16.35
CA ILE E 381 41.35 -27.68 -17.04
C ILE E 381 42.38 -28.61 -17.65
N THR E 382 42.37 -28.74 -18.98
CA THR E 382 43.36 -29.56 -19.68
C THR E 382 44.68 -28.81 -19.66
N LEU E 383 45.54 -29.14 -18.71
CA LEU E 383 46.78 -28.41 -18.48
C LEU E 383 47.80 -28.79 -19.54
N THR E 384 47.75 -28.11 -20.68
CA THR E 384 48.77 -28.22 -21.71
C THR E 384 49.92 -27.29 -21.37
N ALA E 385 50.83 -27.10 -22.33
CA ALA E 385 51.98 -26.24 -22.08
C ALA E 385 51.58 -24.77 -22.03
N ASP E 386 50.80 -24.33 -23.02
CA ASP E 386 50.42 -22.92 -23.07
C ASP E 386 49.47 -22.55 -21.93
N VAL E 387 48.52 -23.44 -21.61
CA VAL E 387 47.63 -23.18 -20.50
C VAL E 387 48.40 -23.12 -19.20
N MET E 388 49.39 -24.01 -19.04
CA MET E 388 50.19 -24.01 -17.82
C MET E 388 51.01 -22.72 -17.71
N THR E 389 51.60 -22.27 -18.81
CA THR E 389 52.37 -21.04 -18.77
C THR E 389 51.48 -19.83 -18.49
N TYR E 390 50.28 -19.82 -19.05
CA TYR E 390 49.36 -18.71 -18.80
C TYR E 390 48.92 -18.69 -17.35
N ILE E 391 48.60 -19.85 -16.77
CA ILE E 391 48.20 -19.88 -15.37
C ILE E 391 49.39 -19.57 -14.47
N HIS E 392 50.60 -19.91 -14.90
CA HIS E 392 51.78 -19.57 -14.10
C HIS E 392 52.06 -18.07 -14.12
N SER E 393 51.73 -17.40 -15.23
CA SER E 393 51.86 -15.95 -15.24
C SER E 393 50.73 -15.30 -14.45
N MET E 394 49.54 -15.88 -14.50
CA MET E 394 48.40 -15.33 -13.75
C MET E 394 48.63 -15.45 -12.25
N ASN E 395 48.85 -16.66 -11.76
CA ASN E 395 49.05 -16.91 -10.34
C ASN E 395 49.74 -18.25 -10.19
N SER E 396 50.95 -18.25 -9.66
CA SER E 396 51.74 -19.47 -9.59
C SER E 396 51.36 -20.39 -8.43
N THR E 397 50.77 -19.83 -7.37
CA THR E 397 50.29 -20.69 -6.29
C THR E 397 49.19 -21.62 -6.76
N ILE E 398 48.47 -21.25 -7.82
CA ILE E 398 47.52 -22.17 -8.44
C ILE E 398 48.23 -23.41 -8.93
N LEU E 399 49.28 -23.22 -9.72
CA LEU E 399 50.07 -24.35 -10.21
C LEU E 399 50.87 -25.03 -9.10
N GLU E 400 51.00 -24.41 -7.93
CA GLU E 400 51.68 -25.09 -6.83
C GLU E 400 50.74 -25.97 -6.03
N ASP E 401 49.57 -25.47 -5.65
CA ASP E 401 48.65 -26.24 -4.82
C ASP E 401 48.15 -27.48 -5.54
N TRP E 402 48.05 -27.42 -6.87
CA TRP E 402 48.05 -28.63 -7.68
C TRP E 402 49.49 -29.10 -7.77
N ASN E 403 49.80 -30.25 -7.18
CA ASN E 403 51.20 -30.59 -6.98
C ASN E 403 51.88 -30.85 -8.31
N PHE E 404 52.60 -29.85 -8.82
CA PHE E 404 53.18 -29.91 -10.16
C PHE E 404 54.69 -29.77 -10.15
N GLY E 405 55.21 -28.73 -9.50
CA GLY E 405 56.63 -28.47 -9.53
C GLY E 405 56.99 -27.53 -10.67
N LEU E 406 57.54 -26.37 -10.33
CA LEU E 406 57.73 -25.31 -11.32
C LEU E 406 59.18 -25.27 -11.79
N GLN E 407 59.37 -25.19 -13.09
CA GLN E 407 60.69 -25.07 -13.68
C GLN E 407 61.27 -23.70 -13.37
N PRO E 408 62.30 -23.61 -12.53
CA PRO E 408 62.84 -22.30 -12.16
C PRO E 408 63.69 -21.74 -13.28
N PRO E 409 63.94 -20.43 -13.28
CA PRO E 409 64.76 -19.83 -14.34
C PRO E 409 66.14 -20.45 -14.38
N PRO E 410 66.83 -20.40 -15.54
CA PRO E 410 68.13 -21.05 -15.67
C PRO E 410 69.16 -20.59 -14.64
N GLY E 411 69.49 -19.30 -14.63
CA GLY E 411 70.31 -18.78 -13.56
C GLY E 411 71.48 -17.90 -13.97
N GLY E 412 71.95 -18.02 -15.22
CA GLY E 412 73.18 -17.35 -15.60
C GLY E 412 73.08 -15.85 -15.74
N THR E 413 73.60 -15.12 -14.76
CA THR E 413 73.73 -13.67 -14.85
C THR E 413 75.09 -13.24 -14.31
N LEU E 414 75.81 -14.19 -13.71
CA LEU E 414 77.14 -13.95 -13.12
C LEU E 414 77.09 -12.90 -12.01
N GLU E 415 76.41 -13.25 -10.93
CA GLU E 415 76.28 -12.32 -9.80
C GLU E 415 77.32 -12.58 -8.71
N ASP E 416 78.39 -13.33 -9.01
CA ASP E 416 79.58 -13.35 -8.17
C ASP E 416 79.39 -13.82 -6.73
N THR E 417 79.06 -15.09 -6.55
CA THR E 417 78.85 -15.65 -5.23
C THR E 417 80.16 -15.95 -4.51
N TYR E 418 80.08 -16.10 -3.19
CA TYR E 418 81.26 -16.42 -2.39
C TYR E 418 81.10 -17.77 -1.71
N ARG E 419 81.87 -17.99 -0.64
CA ARG E 419 81.85 -19.26 0.06
C ARG E 419 81.74 -19.08 1.56
N PHE E 420 82.26 -17.97 2.06
CA PHE E 420 82.29 -17.70 3.49
C PHE E 420 81.40 -16.51 3.86
N VAL E 421 80.09 -16.70 3.81
CA VAL E 421 79.14 -15.65 4.14
C VAL E 421 79.28 -15.24 5.60
N THR E 422 80.35 -15.70 6.24
CA THR E 422 80.61 -15.40 7.64
C THR E 422 82.07 -15.09 7.90
N SER E 423 82.80 -14.70 6.86
CA SER E 423 84.19 -14.27 7.01
C SER E 423 84.25 -12.76 6.97
N GLN E 424 85.33 -12.20 7.52
CA GLN E 424 85.49 -10.76 7.62
C GLN E 424 86.51 -10.20 6.62
N ALA E 425 86.53 -10.75 5.41
CA ALA E 425 87.29 -10.16 4.31
C ALA E 425 86.33 -9.77 3.20
N ILE E 426 85.11 -10.29 3.26
CA ILE E 426 84.09 -9.99 2.27
C ILE E 426 83.30 -8.74 2.66
N ALA E 427 83.02 -7.88 1.70
CA ALA E 427 82.27 -6.66 1.95
C ALA E 427 80.79 -6.91 2.18
N CYS E 428 80.46 -7.35 3.39
CA CYS E 428 79.09 -7.66 3.83
C CYS E 428 78.20 -8.34 2.78
N GLN E 429 78.72 -9.42 2.20
CA GLN E 429 77.98 -10.16 1.18
C GLN E 429 76.94 -11.10 1.80
N LYS E 430 75.86 -10.54 2.31
CA LYS E 430 74.79 -11.32 2.91
C LYS E 430 73.45 -10.93 2.30
N HIS E 431 72.67 -10.14 3.04
CA HIS E 431 71.36 -9.67 2.58
C HIS E 431 70.48 -10.81 2.06
N THR E 432 70.42 -11.90 2.84
CA THR E 432 69.70 -13.09 2.43
C THR E 432 68.21 -12.77 2.34
N PRO E 433 67.59 -12.94 1.18
CA PRO E 433 66.23 -12.44 0.99
C PRO E 433 65.15 -13.36 1.55
N PRO E 434 65.35 -14.73 1.62
CA PRO E 434 64.19 -15.63 1.51
C PRO E 434 63.00 -15.26 2.38
N ALA E 435 61.91 -14.89 1.73
CA ALA E 435 60.65 -14.52 2.34
C ALA E 435 59.56 -14.70 1.30
N PRO E 436 59.13 -15.93 1.04
CA PRO E 436 58.22 -16.16 -0.09
C PRO E 436 56.78 -15.78 0.22
N LYS E 437 56.56 -15.07 1.34
CA LYS E 437 55.23 -14.63 1.74
C LYS E 437 54.30 -15.84 1.88
N GLU E 438 54.62 -16.64 2.90
CA GLU E 438 53.97 -17.93 3.18
C GLU E 438 52.46 -17.91 2.95
N ASP E 439 51.80 -16.83 3.36
CA ASP E 439 50.37 -16.65 3.11
C ASP E 439 50.11 -15.16 3.08
N PRO E 440 49.67 -14.62 1.94
CA PRO E 440 49.47 -13.17 1.85
C PRO E 440 48.26 -12.68 2.65
N LEU E 441 47.20 -13.48 2.68
CA LEU E 441 45.95 -13.08 3.30
C LEU E 441 45.87 -13.45 4.78
N LYS E 442 47.01 -13.62 5.45
CA LYS E 442 46.97 -14.00 6.85
C LYS E 442 46.96 -12.79 7.78
N LYS E 443 47.39 -11.63 7.30
CA LYS E 443 47.36 -10.44 8.13
C LYS E 443 45.94 -9.88 8.27
N TYR E 444 45.03 -10.30 7.40
CA TYR E 444 43.68 -9.75 7.38
C TYR E 444 42.75 -10.55 8.26
N THR E 445 41.59 -9.96 8.57
CA THR E 445 40.56 -10.61 9.37
C THR E 445 39.30 -10.74 8.51
N PHE E 446 38.72 -11.94 8.51
CA PHE E 446 37.51 -12.21 7.74
C PHE E 446 36.59 -13.08 8.58
N TRP E 447 35.31 -13.08 8.22
CA TRP E 447 34.36 -14.00 8.86
C TRP E 447 34.44 -15.35 8.16
N GLU E 448 35.41 -16.15 8.56
CA GLU E 448 35.76 -17.38 7.87
C GLU E 448 34.59 -18.35 7.91
N VAL E 449 34.19 -18.84 6.73
CA VAL E 449 33.12 -19.81 6.60
C VAL E 449 33.72 -21.07 5.99
N ASN E 450 33.69 -22.17 6.74
CA ASN E 450 34.24 -23.44 6.28
C ASN E 450 33.11 -24.26 5.67
N LEU E 451 33.12 -24.37 4.33
CA LEU E 451 32.13 -25.13 3.61
C LEU E 451 32.68 -26.45 3.08
N LYS E 452 33.83 -26.90 3.60
CA LYS E 452 34.46 -28.10 3.07
C LYS E 452 33.61 -29.34 3.29
N GLU E 453 32.75 -29.33 4.30
CA GLU E 453 31.88 -30.46 4.58
C GLU E 453 30.40 -30.10 4.46
N LYS E 454 30.07 -29.16 3.57
CA LYS E 454 28.70 -28.72 3.36
C LYS E 454 28.25 -28.93 1.92
N PHE E 455 29.04 -29.63 1.10
CA PHE E 455 28.68 -29.85 -0.28
C PHE E 455 27.71 -31.02 -0.40
N SER E 456 26.79 -30.92 -1.35
CA SER E 456 25.80 -31.96 -1.56
C SER E 456 25.36 -31.94 -3.01
N ALA E 457 25.21 -33.12 -3.60
CA ALA E 457 24.80 -33.24 -4.99
C ALA E 457 23.29 -33.24 -5.17
N ASP E 458 22.52 -33.52 -4.11
CA ASP E 458 21.06 -33.53 -4.18
C ASP E 458 20.58 -32.09 -4.16
N LEU E 459 20.55 -31.48 -5.35
CA LEU E 459 20.16 -30.09 -5.46
C LEU E 459 18.69 -29.87 -5.08
N ASP E 460 17.81 -30.80 -5.43
CA ASP E 460 16.39 -30.58 -5.21
C ASP E 460 16.02 -30.58 -3.72
N GLN E 461 17.01 -30.76 -2.85
CA GLN E 461 16.75 -30.85 -1.41
C GLN E 461 16.97 -29.54 -0.68
N PHE E 462 17.46 -28.50 -1.35
CA PHE E 462 17.75 -27.23 -0.72
C PHE E 462 17.04 -26.11 -1.47
N PRO E 463 16.64 -25.04 -0.77
CA PRO E 463 15.87 -23.97 -1.43
C PRO E 463 16.58 -23.37 -2.64
N LEU E 464 17.84 -22.97 -2.51
CA LEU E 464 18.56 -22.49 -3.67
C LEU E 464 18.79 -23.60 -4.69
N GLY E 465 18.90 -24.84 -4.24
CA GLY E 465 19.04 -25.94 -5.18
C GLY E 465 17.85 -26.08 -6.10
N ARG E 466 16.65 -26.08 -5.54
CA ARG E 466 15.47 -26.21 -6.39
C ARG E 466 15.12 -24.91 -7.11
N LYS E 467 15.53 -23.75 -6.58
CA LYS E 467 15.44 -22.54 -7.38
C LYS E 467 16.32 -22.62 -8.62
N PHE E 468 17.54 -23.15 -8.46
CA PHE E 468 18.43 -23.32 -9.60
C PHE E 468 17.87 -24.32 -10.60
N LEU E 469 17.35 -25.43 -10.10
CA LEU E 469 16.68 -26.38 -10.99
C LEU E 469 15.57 -25.70 -11.77
N LEU E 470 14.61 -25.09 -11.07
CA LEU E 470 13.50 -24.42 -11.72
C LEU E 470 13.96 -23.40 -12.75
N GLN E 471 15.02 -22.65 -12.45
CA GLN E 471 15.49 -21.65 -13.41
C GLN E 471 16.20 -22.30 -14.59
N ALA E 472 16.68 -23.53 -14.43
CA ALA E 472 17.23 -24.28 -15.55
C ALA E 472 16.35 -25.43 -16.00
N GLY E 473 15.21 -25.64 -15.35
CA GLY E 473 14.31 -26.71 -15.74
C GLY E 473 14.72 -28.02 -15.11
N LEU E 474 14.82 -29.06 -15.94
CA LEU E 474 15.45 -30.35 -15.61
C LEU E 474 15.23 -30.78 -14.16
N LYS E 475 13.97 -30.75 -13.69
CA LYS E 475 13.69 -31.14 -12.32
C LYS E 475 14.04 -32.61 -12.11
N ALA E 476 14.21 -32.99 -10.84
CA ALA E 476 14.63 -34.34 -10.50
C ALA E 476 13.58 -35.34 -10.93
N LYS E 477 13.93 -36.19 -11.90
CA LYS E 477 13.01 -37.19 -12.40
C LYS E 477 12.62 -38.18 -11.31
N PRO E 478 11.34 -38.57 -11.27
CA PRO E 478 10.76 -39.10 -10.03
C PRO E 478 11.11 -40.53 -9.70
N LYS E 479 10.73 -40.96 -8.49
CA LYS E 479 10.81 -42.37 -8.11
C LYS E 479 9.41 -42.93 -7.99
N PHE E 480 8.42 -42.05 -7.91
CA PHE E 480 7.02 -42.44 -8.06
C PHE E 480 6.57 -42.07 -9.47
N THR E 481 5.53 -42.72 -10.00
CA THR E 481 5.26 -42.62 -11.43
C THR E 481 4.01 -41.81 -11.76
N LEU E 482 3.13 -41.62 -10.78
CA LEU E 482 1.86 -40.92 -11.01
C LEU E 482 2.07 -39.56 -11.65
N GLY E 483 2.98 -38.75 -11.11
CA GLY E 483 3.27 -37.45 -11.67
C GLY E 483 2.08 -36.50 -11.60
N TYR F 12 -50.86 -24.24 -15.17
CA TYR F 12 -49.75 -24.72 -14.35
C TYR F 12 -50.00 -26.14 -13.88
N LEU F 13 -48.91 -26.84 -13.51
CA LEU F 13 -48.98 -28.17 -12.91
C LEU F 13 -49.80 -29.14 -13.74
N PRO F 14 -49.28 -29.62 -14.86
CA PRO F 14 -50.03 -30.57 -15.71
C PRO F 14 -50.65 -31.71 -14.90
N PRO F 15 -49.94 -32.34 -13.96
CA PRO F 15 -50.59 -33.38 -13.15
C PRO F 15 -51.40 -32.77 -12.02
N VAL F 16 -52.37 -33.55 -11.55
CA VAL F 16 -53.22 -33.11 -10.44
C VAL F 16 -52.69 -33.72 -9.15
N PRO F 17 -52.89 -33.08 -8.01
CA PRO F 17 -52.36 -33.63 -6.75
C PRO F 17 -52.90 -35.02 -6.43
N VAL F 18 -52.02 -35.92 -6.01
CA VAL F 18 -52.45 -37.25 -5.61
C VAL F 18 -53.28 -37.15 -4.34
N SER F 19 -54.51 -37.63 -4.41
CA SER F 19 -55.47 -37.46 -3.32
C SER F 19 -55.35 -38.53 -2.24
N LYS F 20 -54.50 -39.54 -2.44
CA LYS F 20 -54.35 -40.62 -1.48
C LYS F 20 -52.90 -40.76 -1.05
N VAL F 21 -52.69 -41.38 0.10
CA VAL F 21 -51.34 -41.61 0.60
C VAL F 21 -50.77 -42.86 -0.07
N VAL F 22 -49.57 -42.74 -0.64
CA VAL F 22 -48.91 -43.85 -1.30
C VAL F 22 -47.77 -44.32 -0.42
N SER F 23 -47.37 -45.58 -0.62
CA SER F 23 -46.29 -46.16 0.16
C SER F 23 -44.96 -45.63 -0.35
N THR F 24 -43.99 -45.50 0.56
CA THR F 24 -42.68 -44.99 0.18
C THR F 24 -41.97 -45.87 -0.85
N ASP F 25 -42.51 -47.05 -1.13
CA ASP F 25 -41.95 -47.91 -2.17
C ASP F 25 -42.28 -47.43 -3.57
N GLU F 26 -42.89 -46.26 -3.71
CA GLU F 26 -43.29 -45.75 -5.01
C GLU F 26 -42.48 -44.56 -5.48
N TYR F 27 -41.85 -43.82 -4.57
CA TYR F 27 -41.00 -42.70 -4.95
C TYR F 27 -39.61 -42.74 -4.34
N VAL F 28 -39.39 -43.54 -3.31
CA VAL F 28 -38.09 -43.67 -2.66
C VAL F 28 -37.38 -44.86 -3.28
N ALA F 29 -36.35 -44.61 -4.07
CA ALA F 29 -35.57 -45.66 -4.70
C ALA F 29 -34.47 -46.13 -3.76
N ARG F 30 -34.40 -47.43 -3.54
CA ARG F 30 -33.49 -48.01 -2.56
C ARG F 30 -32.21 -48.48 -3.27
N THR F 31 -31.07 -48.22 -2.65
CA THR F 31 -29.78 -48.62 -3.17
C THR F 31 -29.21 -49.77 -2.36
N ASN F 32 -28.14 -50.36 -2.88
CA ASN F 32 -27.48 -51.50 -2.24
C ASN F 32 -26.31 -51.07 -1.36
N ILE F 33 -26.39 -49.87 -0.79
CA ILE F 33 -25.35 -49.35 0.10
C ILE F 33 -25.90 -49.38 1.51
N TYR F 34 -25.30 -50.19 2.38
CA TYR F 34 -25.73 -50.33 3.75
C TYR F 34 -24.66 -49.82 4.70
N TYR F 35 -25.09 -49.24 5.82
CA TYR F 35 -24.19 -48.71 6.82
C TYR F 35 -24.59 -49.25 8.19
N HIS F 36 -23.61 -49.32 9.08
CA HIS F 36 -23.84 -49.73 10.46
C HIS F 36 -23.60 -48.54 11.39
N ALA F 37 -24.52 -48.34 12.32
CA ALA F 37 -24.39 -47.30 13.32
C ALA F 37 -24.66 -47.89 14.69
N GLY F 38 -23.97 -47.37 15.70
CA GLY F 38 -24.16 -47.89 17.04
C GLY F 38 -23.67 -46.97 18.14
N THR F 39 -24.48 -46.82 19.18
CA THR F 39 -24.01 -46.16 20.39
C THR F 39 -22.97 -47.02 21.08
N SER F 40 -22.19 -46.41 21.97
CA SER F 40 -21.12 -47.15 22.62
C SER F 40 -21.66 -47.98 23.79
N ARG F 41 -22.10 -47.32 24.84
CA ARG F 41 -22.83 -47.95 25.93
C ARG F 41 -23.46 -46.86 26.78
N LEU F 42 -24.77 -46.87 26.92
CA LEU F 42 -25.49 -45.78 27.55
C LEU F 42 -25.85 -46.20 28.97
N LEU F 43 -25.21 -45.55 29.94
CA LEU F 43 -25.47 -45.83 31.34
C LEU F 43 -26.24 -44.68 31.97
N ALA F 44 -26.98 -44.99 33.03
CA ALA F 44 -27.76 -43.99 33.74
C ALA F 44 -27.95 -44.48 35.17
N VAL F 45 -27.39 -43.76 36.13
CA VAL F 45 -27.55 -44.07 37.55
C VAL F 45 -28.37 -42.96 38.18
N GLY F 46 -29.23 -43.34 39.13
CA GLY F 46 -30.08 -42.35 39.77
C GLY F 46 -30.89 -42.98 40.87
N HIS F 47 -31.88 -42.25 41.33
CA HIS F 47 -32.78 -42.74 42.36
C HIS F 47 -34.08 -43.25 41.75
N PRO F 48 -34.62 -44.37 42.21
CA PRO F 48 -35.82 -44.91 41.57
C PRO F 48 -37.11 -44.19 41.89
N TYR F 49 -37.23 -43.54 43.04
CA TYR F 49 -38.51 -43.00 43.48
C TYR F 49 -38.67 -41.51 43.24
N PHE F 50 -37.62 -40.73 43.43
CA PHE F 50 -37.73 -39.29 43.27
C PHE F 50 -36.34 -38.72 43.00
N PRO F 51 -36.26 -37.53 42.42
CA PRO F 51 -34.94 -36.90 42.23
C PRO F 51 -34.47 -36.26 43.53
N ILE F 52 -33.23 -36.55 43.91
CA ILE F 52 -32.64 -36.02 45.13
C ILE F 52 -32.24 -34.58 44.86
N LYS F 53 -33.09 -33.65 45.28
CA LYS F 53 -32.85 -32.22 45.09
C LYS F 53 -32.13 -31.65 46.29
N LYS F 54 -31.52 -30.49 46.09
CA LYS F 54 -30.85 -29.80 47.18
C LYS F 54 -31.88 -29.34 48.21
N PRO F 55 -31.51 -29.22 49.48
CA PRO F 55 -32.46 -28.69 50.47
C PRO F 55 -32.74 -27.21 50.29
N ASN F 56 -31.74 -26.42 49.93
CA ASN F 56 -31.90 -24.98 49.74
C ASN F 56 -32.22 -24.62 48.29
N ASN F 57 -31.35 -25.01 47.36
CA ASN F 57 -31.65 -24.86 45.95
C ASN F 57 -32.52 -26.02 45.49
N ASN F 58 -33.03 -25.93 44.27
CA ASN F 58 -33.73 -27.03 43.62
C ASN F 58 -32.97 -27.55 42.41
N LYS F 59 -31.64 -27.64 42.53
CA LYS F 59 -30.82 -28.34 41.56
C LYS F 59 -30.91 -29.83 41.83
N ILE F 60 -30.94 -30.62 40.75
CA ILE F 60 -31.07 -32.06 40.87
C ILE F 60 -29.69 -32.67 41.01
N LEU F 61 -29.42 -33.29 42.15
CA LEU F 61 -28.14 -33.95 42.39
C LEU F 61 -28.13 -35.39 41.93
N VAL F 62 -29.18 -36.14 42.24
CA VAL F 62 -29.34 -37.51 41.74
C VAL F 62 -30.69 -37.58 41.03
N PRO F 63 -30.72 -37.76 39.72
CA PRO F 63 -31.99 -37.76 38.99
C PRO F 63 -32.78 -39.04 39.21
N LYS F 64 -34.01 -39.03 38.71
CA LYS F 64 -34.87 -40.20 38.79
C LYS F 64 -34.57 -41.13 37.62
N VAL F 65 -34.06 -42.32 37.93
CA VAL F 65 -33.75 -43.34 36.93
C VAL F 65 -34.35 -44.64 37.44
N SER F 66 -35.55 -44.97 36.97
CA SER F 66 -36.25 -46.15 37.43
C SER F 66 -36.46 -47.12 36.27
N GLY F 67 -36.95 -48.31 36.60
CA GLY F 67 -37.25 -49.29 35.58
C GLY F 67 -38.62 -49.17 34.97
N LEU F 68 -39.47 -48.30 35.53
CA LEU F 68 -40.83 -48.12 35.04
C LEU F 68 -40.96 -46.92 34.12
N GLN F 69 -39.86 -46.42 33.57
CA GLN F 69 -39.88 -45.20 32.77
C GLN F 69 -39.80 -45.52 31.30
N TYR F 70 -40.39 -44.64 30.49
CA TYR F 70 -40.20 -44.69 29.05
C TYR F 70 -38.83 -44.17 28.71
N ARG F 71 -38.15 -44.83 27.78
CA ARG F 71 -36.83 -44.41 27.32
C ARG F 71 -36.95 -44.10 25.84
N VAL F 72 -37.22 -42.84 25.52
CA VAL F 72 -37.40 -42.41 24.14
C VAL F 72 -36.07 -41.84 23.67
N PHE F 73 -35.33 -42.63 22.90
CA PHE F 73 -34.08 -42.17 22.30
C PHE F 73 -34.39 -41.41 21.03
N ARG F 74 -33.74 -40.28 20.84
CA ARG F 74 -33.90 -39.49 19.62
C ARG F 74 -32.61 -39.60 18.82
N ILE F 75 -32.56 -40.58 17.94
CA ILE F 75 -31.35 -40.87 17.18
C ILE F 75 -31.15 -39.80 16.12
N HIS F 76 -29.94 -39.27 16.02
CA HIS F 76 -29.58 -38.31 14.99
C HIS F 76 -28.67 -38.99 13.98
N LEU F 77 -29.05 -38.98 12.73
CA LEU F 77 -28.23 -39.57 11.69
C LEU F 77 -27.50 -38.48 10.92
N PRO F 78 -26.41 -38.80 10.25
CA PRO F 78 -25.73 -37.81 9.43
C PRO F 78 -26.52 -37.48 8.17
N ASP F 79 -26.41 -36.24 7.73
CA ASP F 79 -27.08 -35.79 6.52
C ASP F 79 -26.45 -36.45 5.31
N PRO F 80 -27.14 -37.37 4.63
CA PRO F 80 -26.52 -38.04 3.48
C PRO F 80 -26.36 -37.15 2.27
N ASN F 81 -26.95 -35.96 2.27
CA ASN F 81 -26.76 -34.99 1.20
C ASN F 81 -25.44 -34.25 1.33
N LYS F 82 -24.58 -34.69 2.25
CA LYS F 82 -23.28 -34.10 2.47
C LYS F 82 -22.25 -35.17 2.81
N PHE F 83 -22.37 -36.32 2.15
CA PHE F 83 -21.46 -37.44 2.39
C PHE F 83 -20.60 -37.73 1.17
N GLY F 84 -19.86 -38.84 1.24
CA GLY F 84 -18.99 -39.25 0.15
C GLY F 84 -18.80 -40.75 0.10
N PHE F 85 -19.72 -41.44 -0.57
CA PHE F 85 -19.66 -42.89 -0.70
C PHE F 85 -18.65 -43.31 -1.77
N PRO F 86 -18.33 -44.61 -1.81
CA PRO F 86 -17.36 -45.08 -2.82
C PRO F 86 -17.80 -44.77 -4.24
N ASP F 87 -18.28 -43.53 -4.42
CA ASP F 87 -18.71 -42.99 -5.70
C ASP F 87 -18.43 -41.50 -5.67
N THR F 88 -18.62 -40.84 -6.82
CA THR F 88 -18.37 -39.40 -6.91
C THR F 88 -19.63 -38.62 -7.30
N SER F 89 -20.34 -39.05 -8.32
CA SER F 89 -21.55 -38.37 -8.77
C SER F 89 -22.64 -39.38 -9.10
N PHE F 90 -22.83 -40.35 -8.21
CA PHE F 90 -23.84 -41.38 -8.41
C PHE F 90 -25.25 -40.81 -8.28
N TYR F 91 -25.35 -39.66 -7.61
CA TYR F 91 -26.63 -38.98 -7.42
C TYR F 91 -26.50 -37.56 -7.94
N ASN F 92 -27.57 -37.03 -8.54
CA ASN F 92 -27.52 -35.69 -9.08
C ASN F 92 -28.15 -34.72 -8.09
N PRO F 93 -27.38 -33.87 -7.41
CA PRO F 93 -27.94 -33.03 -6.35
C PRO F 93 -28.92 -31.98 -6.83
N ASP F 94 -29.13 -31.83 -8.14
CA ASP F 94 -30.09 -30.88 -8.66
C ASP F 94 -31.49 -31.48 -8.80
N THR F 95 -31.59 -32.78 -8.97
CA THR F 95 -32.87 -33.45 -9.14
C THR F 95 -33.18 -34.46 -8.05
N GLN F 96 -32.17 -35.02 -7.39
CA GLN F 96 -32.37 -36.06 -6.40
C GLN F 96 -31.92 -35.62 -5.03
N ARG F 97 -32.42 -36.33 -4.02
CA ARG F 97 -31.96 -36.16 -2.65
C ARG F 97 -31.96 -37.51 -1.96
N LEU F 98 -31.01 -37.71 -1.06
CA LEU F 98 -30.84 -38.98 -0.38
C LEU F 98 -31.47 -38.97 1.00
N VAL F 99 -31.78 -40.16 1.50
CA VAL F 99 -32.41 -40.31 2.81
C VAL F 99 -32.11 -41.71 3.32
N TRP F 100 -32.03 -41.86 4.64
CA TRP F 100 -31.71 -43.13 5.26
C TRP F 100 -32.97 -43.95 5.50
N ALA F 101 -32.87 -45.25 5.30
CA ALA F 101 -33.95 -46.18 5.60
C ALA F 101 -33.46 -47.22 6.59
N CYS F 102 -34.07 -47.27 7.76
CA CYS F 102 -33.71 -48.27 8.77
C CYS F 102 -34.15 -49.64 8.30
N VAL F 103 -33.19 -50.57 8.16
CA VAL F 103 -33.49 -51.94 7.77
C VAL F 103 -33.10 -52.95 8.83
N GLY F 104 -32.76 -52.52 10.04
CA GLY F 104 -32.39 -53.44 11.10
C GLY F 104 -32.10 -52.68 12.37
N VAL F 105 -32.45 -53.30 13.50
CA VAL F 105 -32.25 -52.68 14.80
C VAL F 105 -31.96 -53.79 15.80
N GLU F 106 -31.24 -53.44 16.86
CA GLU F 106 -31.02 -54.33 17.99
C GLU F 106 -30.83 -53.48 19.23
N VAL F 107 -31.73 -53.65 20.20
CA VAL F 107 -31.71 -52.88 21.44
C VAL F 107 -31.01 -53.75 22.48
N GLY F 108 -29.74 -53.45 22.74
CA GLY F 108 -28.99 -54.18 23.73
C GLY F 108 -29.32 -53.72 25.14
N ARG F 109 -29.34 -54.68 26.06
CA ARG F 109 -29.59 -54.41 27.46
C ARG F 109 -28.49 -55.06 28.29
N GLY F 110 -28.09 -54.40 29.37
CA GLY F 110 -26.87 -54.79 30.04
C GLY F 110 -26.96 -55.46 31.40
N GLN F 111 -27.89 -55.04 32.23
CA GLN F 111 -27.84 -55.50 33.60
C GLN F 111 -28.52 -56.86 33.75
N PRO F 112 -28.34 -57.55 34.88
CA PRO F 112 -29.02 -58.83 35.09
C PRO F 112 -30.53 -58.64 35.24
N LEU F 113 -31.25 -59.71 34.96
CA LEU F 113 -32.68 -59.70 35.14
C LEU F 113 -33.03 -59.56 36.62
N GLY F 114 -34.17 -58.96 36.89
CA GLY F 114 -34.59 -58.78 38.26
C GLY F 114 -35.78 -57.87 38.35
N VAL F 115 -36.45 -57.94 39.50
CA VAL F 115 -37.65 -57.18 39.78
C VAL F 115 -37.34 -56.25 40.95
N GLY F 116 -37.82 -55.02 40.86
CA GLY F 116 -37.64 -54.05 41.93
C GLY F 116 -38.95 -53.49 42.42
N ILE F 117 -39.14 -53.52 43.74
CA ILE F 117 -40.39 -53.08 44.31
C ILE F 117 -40.34 -51.59 44.65
N SER F 118 -41.52 -51.03 44.88
CA SER F 118 -41.65 -49.67 45.37
C SER F 118 -42.85 -49.60 46.29
N GLY F 119 -43.07 -48.43 46.89
CA GLY F 119 -44.17 -48.28 47.81
C GLY F 119 -44.23 -46.89 48.37
N HIS F 120 -45.19 -46.68 49.27
CA HIS F 120 -45.45 -45.40 49.90
C HIS F 120 -45.41 -45.55 51.41
N PRO F 121 -44.69 -44.69 52.13
CA PRO F 121 -44.72 -44.75 53.58
C PRO F 121 -46.10 -44.51 54.17
N LEU F 122 -46.93 -43.71 53.51
CA LEU F 122 -48.31 -43.45 53.97
C LEU F 122 -49.24 -43.74 52.79
N LEU F 123 -49.63 -45.00 52.66
CA LEU F 123 -50.49 -45.44 51.57
C LEU F 123 -51.93 -45.51 52.05
N ASN F 124 -52.86 -45.05 51.21
CA ASN F 124 -54.27 -45.00 51.57
C ASN F 124 -54.85 -46.40 51.51
N LYS F 125 -54.56 -47.18 52.56
CA LYS F 125 -55.10 -48.53 52.73
C LYS F 125 -55.82 -48.59 54.06
N LEU F 126 -57.10 -48.94 54.03
CA LEU F 126 -57.85 -49.09 55.27
C LEU F 126 -57.62 -50.46 55.90
N ASP F 127 -58.01 -51.52 55.18
CA ASP F 127 -57.85 -52.87 55.69
C ASP F 127 -57.66 -53.83 54.52
N ASP F 128 -57.37 -55.09 54.87
CA ASP F 128 -57.15 -56.14 53.88
C ASP F 128 -58.46 -56.90 53.69
N THR F 129 -59.20 -56.55 52.63
CA THR F 129 -60.50 -57.15 52.37
C THR F 129 -60.42 -58.47 51.63
N GLU F 130 -59.23 -59.07 51.54
CA GLU F 130 -59.11 -60.36 50.87
C GLU F 130 -59.79 -61.45 51.69
N ASN F 131 -59.30 -61.67 52.91
CA ASN F 131 -59.89 -62.64 53.85
C ASN F 131 -59.97 -61.94 55.20
N ALA F 132 -61.08 -61.25 55.45
CA ALA F 132 -61.26 -60.51 56.69
C ALA F 132 -61.87 -61.41 57.75
N SER F 133 -61.47 -61.15 59.01
CA SER F 133 -61.93 -61.99 60.11
C SER F 133 -63.33 -61.58 60.59
N ALA F 134 -63.54 -60.29 60.82
CA ALA F 134 -64.82 -59.80 61.29
C ALA F 134 -64.95 -58.34 60.86
N TYR F 135 -66.02 -57.69 61.32
CA TYR F 135 -66.30 -56.31 60.95
C TYR F 135 -65.64 -55.38 61.97
N ALA F 136 -64.64 -54.63 61.51
CA ALA F 136 -63.95 -53.68 62.37
C ALA F 136 -64.68 -52.34 62.38
N ALA F 137 -64.31 -51.49 63.34
CA ALA F 137 -64.93 -50.18 63.46
C ALA F 137 -64.62 -49.31 62.24
N ASN F 138 -65.29 -48.17 62.16
CA ASN F 138 -65.07 -47.25 61.06
C ASN F 138 -63.69 -46.60 61.19
N ALA F 139 -63.28 -45.93 60.11
CA ALA F 139 -61.94 -45.35 60.05
C ALA F 139 -61.82 -44.16 60.99
N GLY F 140 -60.65 -44.04 61.61
CA GLY F 140 -60.38 -42.93 62.51
C GLY F 140 -59.80 -41.75 61.76
N VAL F 141 -58.59 -41.34 62.14
CA VAL F 141 -57.90 -40.25 61.47
C VAL F 141 -56.51 -40.74 61.08
N ASP F 142 -56.13 -40.48 59.83
CA ASP F 142 -54.82 -40.85 59.31
C ASP F 142 -54.57 -42.36 59.45
N ASN F 143 -55.37 -43.12 58.72
CA ASN F 143 -55.33 -44.58 58.75
C ASN F 143 -54.36 -45.18 57.73
N ARG F 144 -53.30 -44.46 57.38
CA ARG F 144 -52.38 -44.87 56.32
C ARG F 144 -51.26 -45.74 56.88
N GLU F 145 -50.84 -46.71 56.06
CA GLU F 145 -49.78 -47.64 56.41
C GLU F 145 -48.64 -47.52 55.40
N CYS F 146 -47.56 -48.24 55.69
CA CYS F 146 -46.41 -48.34 54.78
C CYS F 146 -46.55 -49.62 53.99
N ILE F 147 -46.92 -49.49 52.72
CA ILE F 147 -47.20 -50.64 51.86
C ILE F 147 -46.35 -50.52 50.60
N SER F 148 -45.74 -51.63 50.21
CA SER F 148 -44.93 -51.71 49.00
C SER F 148 -45.50 -52.76 48.06
N MET F 149 -45.11 -52.67 46.80
CA MET F 149 -45.67 -53.53 45.77
C MET F 149 -44.76 -53.55 44.55
N ASP F 150 -44.69 -54.71 43.90
CA ASP F 150 -44.04 -54.81 42.61
C ASP F 150 -45.07 -54.62 41.51
N TYR F 151 -44.72 -53.85 40.50
CA TYR F 151 -45.68 -53.41 39.51
C TYR F 151 -45.91 -54.49 38.45
N LYS F 152 -46.74 -54.17 37.47
CA LYS F 152 -46.98 -55.08 36.37
C LYS F 152 -45.79 -55.05 35.42
N GLN F 153 -45.47 -56.21 34.86
CA GLN F 153 -44.29 -56.35 34.03
C GLN F 153 -44.58 -55.96 32.60
N THR F 154 -43.68 -55.16 32.01
CA THR F 154 -43.89 -54.64 30.66
C THR F 154 -42.56 -54.60 29.93
N GLN F 155 -42.63 -54.87 28.63
CA GLN F 155 -41.53 -54.59 27.71
C GLN F 155 -42.14 -54.10 26.41
N LEU F 156 -41.51 -53.11 25.79
CA LEU F 156 -41.97 -52.67 24.48
C LEU F 156 -40.82 -52.03 23.72
N CYS F 157 -40.98 -51.95 22.40
CA CYS F 157 -39.98 -51.34 21.54
C CYS F 157 -40.71 -50.69 20.38
N LEU F 158 -40.99 -49.40 20.49
CA LEU F 158 -41.55 -48.63 19.39
C LEU F 158 -40.43 -47.98 18.60
N ILE F 159 -40.52 -48.08 17.28
CA ILE F 159 -39.54 -47.45 16.40
C ILE F 159 -40.28 -46.66 15.34
N GLY F 160 -39.96 -45.38 15.23
CA GLY F 160 -40.56 -44.53 14.21
C GLY F 160 -39.62 -43.42 13.82
N CYS F 161 -40.10 -42.56 12.93
CA CYS F 161 -39.37 -41.38 12.53
C CYS F 161 -39.96 -40.10 13.11
N LYS F 162 -40.98 -40.23 13.94
CA LYS F 162 -41.60 -39.17 14.72
C LYS F 162 -41.81 -39.69 16.14
N PRO F 163 -41.86 -38.80 17.13
CA PRO F 163 -41.94 -39.27 18.51
C PRO F 163 -43.19 -40.08 18.74
N PRO F 164 -43.19 -40.98 19.72
CA PRO F 164 -44.38 -41.78 19.99
C PRO F 164 -45.53 -40.92 20.50
N ILE F 165 -46.69 -41.53 20.73
CA ILE F 165 -47.88 -40.81 21.15
C ILE F 165 -48.56 -41.64 22.22
N GLY F 166 -48.61 -41.12 23.45
CA GLY F 166 -49.20 -41.83 24.56
C GLY F 166 -50.66 -41.49 24.76
N GLU F 167 -51.21 -42.05 25.83
CA GLU F 167 -52.59 -41.78 26.20
C GLU F 167 -52.72 -41.94 27.71
N HIS F 168 -53.55 -41.11 28.32
CA HIS F 168 -53.82 -41.21 29.74
C HIS F 168 -55.11 -40.47 30.03
N TRP F 169 -55.73 -40.82 31.16
CA TRP F 169 -56.92 -40.12 31.62
C TRP F 169 -56.51 -38.94 32.48
N GLY F 170 -57.03 -37.77 32.13
CA GLY F 170 -56.73 -36.56 32.87
C GLY F 170 -57.98 -36.05 33.54
N LYS F 171 -57.94 -34.77 33.91
CA LYS F 171 -59.12 -34.11 34.45
C LYS F 171 -59.76 -33.27 33.35
N GLY F 172 -61.08 -33.29 33.29
CA GLY F 172 -61.82 -32.51 32.32
C GLY F 172 -62.47 -31.28 32.93
N SER F 173 -63.01 -30.45 32.06
CA SER F 173 -63.75 -29.27 32.49
C SER F 173 -65.23 -29.60 32.47
N PRO F 174 -65.89 -29.66 33.63
CA PRO F 174 -67.31 -30.00 33.64
C PRO F 174 -68.13 -28.93 32.94
N CYS F 175 -69.24 -29.36 32.36
CA CYS F 175 -70.10 -28.45 31.61
C CYS F 175 -70.63 -27.35 32.52
N THR F 176 -70.83 -26.16 31.95
CA THR F 176 -71.27 -25.01 32.73
C THR F 176 -72.77 -25.06 32.94
N ASN F 177 -73.26 -26.19 33.43
CA ASN F 177 -74.65 -26.34 33.86
C ASN F 177 -74.78 -27.00 35.22
N VAL F 178 -73.82 -27.81 35.66
CA VAL F 178 -73.89 -28.48 36.95
C VAL F 178 -73.34 -27.56 38.02
N ALA F 179 -73.88 -27.69 39.24
CA ALA F 179 -73.37 -26.95 40.38
C ALA F 179 -72.40 -27.85 41.15
N VAL F 180 -71.11 -27.51 41.11
CA VAL F 180 -70.08 -28.36 41.68
C VAL F 180 -69.76 -27.89 43.09
N ASN F 181 -69.71 -28.82 44.02
CA ASN F 181 -69.31 -28.58 45.39
C ASN F 181 -67.88 -29.04 45.60
N PRO F 182 -67.18 -28.51 46.60
CA PRO F 182 -65.83 -29.00 46.88
C PRO F 182 -65.87 -30.47 47.27
N GLY F 183 -64.90 -31.24 46.77
CA GLY F 183 -64.86 -32.66 47.00
C GLY F 183 -65.56 -33.50 45.95
N ASP F 184 -66.11 -32.87 44.91
CA ASP F 184 -66.80 -33.62 43.87
C ASP F 184 -65.80 -34.41 43.03
N CYS F 185 -66.32 -35.42 42.35
CA CYS F 185 -65.46 -36.31 41.56
C CYS F 185 -65.03 -35.62 40.27
N PRO F 186 -63.73 -35.55 40.00
CA PRO F 186 -63.27 -34.86 38.80
C PRO F 186 -63.65 -35.62 37.54
N PRO F 187 -64.18 -34.94 36.53
CA PRO F 187 -64.55 -35.64 35.29
C PRO F 187 -63.32 -36.10 34.53
N LEU F 188 -63.44 -37.26 33.88
CA LEU F 188 -62.34 -37.87 33.18
C LEU F 188 -62.35 -37.49 31.71
N GLU F 189 -61.16 -37.49 31.10
CA GLU F 189 -61.01 -37.19 29.69
C GLU F 189 -59.70 -37.79 29.21
N LEU F 190 -59.75 -38.53 28.11
CA LEU F 190 -58.57 -39.20 27.58
C LEU F 190 -57.71 -38.20 26.83
N ILE F 191 -56.49 -37.97 27.33
CA ILE F 191 -55.58 -36.98 26.79
C ILE F 191 -54.52 -37.68 25.95
N ASN F 192 -54.17 -37.09 24.82
CA ASN F 192 -53.11 -37.60 23.96
C ASN F 192 -51.88 -36.70 24.08
N THR F 193 -50.74 -37.30 24.41
CA THR F 193 -49.51 -36.53 24.59
C THR F 193 -48.35 -37.32 24.03
N VAL F 194 -47.35 -36.60 23.52
CA VAL F 194 -46.12 -37.23 23.08
C VAL F 194 -45.40 -37.80 24.29
N ILE F 195 -44.97 -39.06 24.18
CA ILE F 195 -44.20 -39.68 25.25
C ILE F 195 -42.78 -39.14 25.22
N GLN F 196 -42.29 -38.74 26.39
CA GLN F 196 -40.95 -38.20 26.53
C GLN F 196 -40.12 -39.15 27.39
N ASP F 197 -38.80 -39.00 27.29
CA ASP F 197 -37.90 -39.85 28.07
C ASP F 197 -38.04 -39.51 29.53
N GLY F 198 -38.53 -40.46 30.33
CA GLY F 198 -38.75 -40.25 31.74
C GLY F 198 -40.20 -40.32 32.15
N ASP F 199 -41.12 -40.43 31.21
CA ASP F 199 -42.52 -40.63 31.56
C ASP F 199 -42.71 -42.01 32.15
N MET F 200 -43.57 -42.10 33.16
CA MET F 200 -43.81 -43.38 33.82
C MET F 200 -44.77 -44.22 32.99
N VAL F 201 -44.45 -45.50 32.87
CA VAL F 201 -45.33 -46.44 32.21
C VAL F 201 -46.35 -46.95 33.23
N ASP F 202 -47.55 -47.26 32.76
CA ASP F 202 -48.59 -47.70 33.67
C ASP F 202 -48.17 -48.96 34.39
N THR F 203 -48.64 -49.12 35.62
CA THR F 203 -48.09 -50.08 36.54
C THR F 203 -49.12 -51.03 37.12
N GLY F 204 -50.35 -51.01 36.62
CA GLY F 204 -51.44 -51.77 37.19
C GLY F 204 -52.47 -50.92 37.89
N PHE F 205 -52.23 -49.62 38.00
CA PHE F 205 -53.19 -48.68 38.57
C PHE F 205 -53.87 -47.84 37.50
N GLY F 206 -53.57 -48.11 36.23
CA GLY F 206 -54.20 -47.41 35.13
C GLY F 206 -53.28 -46.40 34.50
N ALA F 207 -53.71 -45.88 33.35
CA ALA F 207 -53.01 -44.83 32.65
C ALA F 207 -53.75 -43.53 32.95
N MET F 208 -53.42 -42.91 34.06
CA MET F 208 -54.15 -41.73 34.53
C MET F 208 -53.17 -40.71 35.08
N ASP F 209 -53.65 -39.47 35.20
CA ASP F 209 -52.89 -38.39 35.81
C ASP F 209 -53.05 -38.52 37.32
N PHE F 210 -51.93 -38.69 38.02
CA PHE F 210 -52.01 -38.93 39.46
C PHE F 210 -51.88 -37.63 40.25
N THR F 211 -51.25 -36.61 39.68
CA THR F 211 -51.18 -35.33 40.38
C THR F 211 -52.54 -34.66 40.42
N THR F 212 -53.30 -34.77 39.33
CA THR F 212 -54.58 -34.06 39.21
C THR F 212 -55.75 -34.87 39.76
N LEU F 213 -55.88 -36.13 39.36
CA LEU F 213 -57.04 -36.93 39.71
C LEU F 213 -57.02 -37.42 41.15
N GLN F 214 -55.86 -37.39 41.81
CA GLN F 214 -55.75 -37.85 43.20
C GLN F 214 -55.04 -36.77 44.01
N ALA F 215 -55.80 -35.80 44.51
CA ALA F 215 -55.24 -34.78 45.39
C ALA F 215 -54.78 -35.37 46.71
N ASN F 216 -55.21 -36.59 47.03
CA ASN F 216 -54.77 -37.28 48.23
C ASN F 216 -53.26 -37.41 48.30
N LYS F 217 -52.60 -37.57 47.14
CA LYS F 217 -51.16 -37.82 47.05
C LYS F 217 -50.72 -39.04 47.85
N SER F 218 -51.64 -39.90 48.24
CA SER F 218 -51.31 -40.99 49.16
C SER F 218 -51.97 -42.31 48.78
N GLU F 219 -52.29 -42.54 47.51
CA GLU F 219 -52.95 -43.78 47.13
C GLU F 219 -52.04 -44.72 46.36
N VAL F 220 -51.15 -44.21 45.52
CA VAL F 220 -50.25 -45.05 44.74
C VAL F 220 -48.82 -44.80 45.22
N PRO F 221 -47.86 -45.69 44.91
CA PRO F 221 -46.52 -45.55 45.48
C PRO F 221 -45.78 -44.29 45.10
N LEU F 222 -44.56 -44.13 45.63
CA LEU F 222 -43.87 -42.85 45.59
C LEU F 222 -43.48 -42.45 44.18
N ASP F 223 -43.13 -43.43 43.33
CA ASP F 223 -42.63 -43.10 42.01
C ASP F 223 -43.73 -42.56 41.11
N ILE F 224 -44.97 -42.97 41.35
CA ILE F 224 -46.08 -42.55 40.49
C ILE F 224 -47.11 -41.68 41.21
N CYS F 225 -46.84 -41.26 42.45
CA CYS F 225 -47.86 -40.52 43.19
C CYS F 225 -48.04 -39.11 42.66
N THR F 226 -47.00 -38.53 42.06
CA THR F 226 -47.08 -37.21 41.46
C THR F 226 -46.63 -37.17 40.02
N SER F 227 -47.04 -38.14 39.21
CA SER F 227 -46.59 -38.22 37.82
C SER F 227 -47.69 -38.84 36.98
N ILE F 228 -47.62 -38.59 35.68
CA ILE F 228 -48.58 -39.12 34.71
C ILE F 228 -48.06 -40.46 34.24
N CYS F 229 -48.95 -41.45 34.22
CA CYS F 229 -48.66 -42.78 33.69
C CYS F 229 -49.31 -42.92 32.32
N LYS F 230 -48.50 -43.01 31.28
CA LYS F 230 -48.99 -43.06 29.91
C LYS F 230 -48.89 -44.45 29.33
N TYR F 231 -49.80 -44.74 28.40
CA TYR F 231 -49.81 -45.96 27.61
C TYR F 231 -49.73 -45.58 26.14
N PRO F 232 -48.92 -46.29 25.34
CA PRO F 232 -48.82 -45.94 23.92
C PRO F 232 -50.16 -46.10 23.22
N ASP F 233 -50.52 -45.11 22.43
CA ASP F 233 -51.81 -45.12 21.74
C ASP F 233 -51.64 -45.84 20.40
N TYR F 234 -51.63 -47.17 20.46
CA TYR F 234 -51.48 -47.94 19.24
C TYR F 234 -52.65 -47.71 18.29
N ILE F 235 -53.86 -47.57 18.84
CA ILE F 235 -55.03 -47.29 18.01
C ILE F 235 -54.80 -46.02 17.19
N LYS F 236 -54.24 -44.99 17.83
CA LYS F 236 -54.01 -43.74 17.12
C LYS F 236 -52.71 -43.77 16.32
N MET F 237 -51.70 -44.50 16.79
CA MET F 237 -50.41 -44.50 16.12
C MET F 237 -50.41 -45.32 14.84
N VAL F 238 -51.20 -46.38 14.77
CA VAL F 238 -51.26 -47.17 13.55
C VAL F 238 -52.29 -46.64 12.56
N SER F 239 -53.21 -45.79 13.00
CA SER F 239 -54.26 -45.27 12.14
C SER F 239 -53.95 -43.88 11.60
N GLU F 240 -52.75 -43.34 11.86
CA GLU F 240 -52.38 -42.07 11.27
C GLU F 240 -52.09 -42.26 9.79
N PRO F 241 -52.35 -41.24 8.97
CA PRO F 241 -52.31 -41.45 7.52
C PRO F 241 -50.97 -41.91 6.99
N TYR F 242 -49.88 -41.25 7.36
CA TYR F 242 -48.59 -41.51 6.74
C TYR F 242 -47.78 -42.59 7.44
N GLY F 243 -48.15 -42.99 8.65
CA GLY F 243 -47.46 -44.07 9.32
C GLY F 243 -46.06 -43.74 9.77
N ASP F 244 -45.80 -42.48 10.12
CA ASP F 244 -44.44 -42.06 10.43
C ASP F 244 -44.01 -42.46 11.82
N SER F 245 -44.92 -42.40 12.80
CA SER F 245 -44.52 -42.57 14.19
C SER F 245 -44.48 -44.03 14.61
N LEU F 246 -44.66 -44.98 13.70
CA LEU F 246 -44.61 -46.39 14.05
C LEU F 246 -44.20 -47.18 12.82
N PHE F 247 -42.98 -47.71 12.84
CA PHE F 247 -42.55 -48.67 11.83
C PHE F 247 -42.92 -50.09 12.23
N PHE F 248 -42.57 -50.47 13.45
CA PHE F 248 -42.96 -51.75 14.02
C PHE F 248 -42.88 -51.59 15.53
N TYR F 249 -43.50 -52.52 16.24
CA TYR F 249 -43.46 -52.46 17.69
C TYR F 249 -43.52 -53.87 18.26
N LEU F 250 -43.10 -53.98 19.50
CA LEU F 250 -43.25 -55.20 20.28
C LEU F 250 -43.83 -54.83 21.62
N ARG F 251 -44.52 -55.76 22.26
CA ARG F 251 -45.03 -55.53 23.61
C ARG F 251 -45.32 -56.85 24.28
N ARG F 252 -45.02 -56.92 25.56
CA ARG F 252 -45.21 -58.13 26.36
C ARG F 252 -45.49 -57.70 27.78
N GLU F 253 -46.76 -57.61 28.14
CA GLU F 253 -47.18 -57.19 29.48
C GLU F 253 -47.80 -58.37 30.19
N GLN F 254 -47.71 -58.37 31.52
CA GLN F 254 -48.33 -59.41 32.33
C GLN F 254 -48.49 -58.90 33.75
N MET F 255 -49.59 -59.31 34.38
CA MET F 255 -49.93 -58.84 35.71
C MET F 255 -50.95 -59.78 36.33
N PHE F 256 -50.83 -60.03 37.62
CA PHE F 256 -51.89 -60.66 38.38
C PHE F 256 -52.09 -59.89 39.68
N VAL F 257 -53.31 -59.94 40.20
CA VAL F 257 -53.65 -59.21 41.42
C VAL F 257 -53.13 -59.99 42.62
N ARG F 258 -52.30 -59.35 43.43
CA ARG F 258 -51.66 -60.03 44.54
C ARG F 258 -52.48 -59.92 45.83
N HIS F 259 -52.76 -58.70 46.28
CA HIS F 259 -53.51 -58.46 47.50
C HIS F 259 -54.69 -57.55 47.23
N LEU F 260 -55.83 -57.89 47.81
CA LEU F 260 -57.04 -57.09 47.73
C LEU F 260 -57.08 -56.20 48.97
N PHE F 261 -57.11 -54.89 48.77
CA PHE F 261 -57.08 -53.93 49.87
C PHE F 261 -58.34 -53.08 49.85
N ASN F 262 -58.35 -52.08 50.72
CA ASN F 262 -59.44 -51.13 50.85
C ASN F 262 -58.89 -49.71 50.78
N ARG F 263 -59.77 -48.72 50.95
CA ARG F 263 -59.35 -47.32 50.88
C ARG F 263 -60.15 -46.49 51.86
N ALA F 264 -59.44 -45.76 52.72
CA ALA F 264 -60.07 -44.96 53.75
C ALA F 264 -60.34 -43.55 53.25
N GLY F 265 -61.40 -42.95 53.77
CA GLY F 265 -61.82 -41.62 53.37
C GLY F 265 -63.32 -41.52 53.27
N ALA F 266 -63.77 -40.30 53.04
CA ALA F 266 -65.20 -40.04 52.92
C ALA F 266 -65.76 -40.71 51.68
N VAL F 267 -66.82 -41.49 51.84
CA VAL F 267 -67.44 -42.17 50.71
C VAL F 267 -68.10 -41.12 49.83
N GLY F 268 -67.53 -40.86 48.66
CA GLY F 268 -68.07 -39.84 47.79
C GLY F 268 -69.40 -40.24 47.18
N GLU F 269 -69.54 -41.50 46.80
CA GLU F 269 -70.78 -42.03 46.24
C GLU F 269 -71.17 -43.27 47.02
N ASN F 270 -72.30 -43.19 47.73
CA ASN F 270 -72.70 -44.25 48.64
C ASN F 270 -73.33 -45.40 47.88
N VAL F 271 -73.19 -46.60 48.44
CA VAL F 271 -73.87 -47.77 47.89
C VAL F 271 -75.37 -47.52 47.91
N PRO F 272 -76.10 -47.79 46.83
CA PRO F 272 -77.56 -47.64 46.87
C PRO F 272 -78.17 -48.59 47.89
N ASP F 273 -79.25 -48.14 48.52
CA ASP F 273 -79.93 -48.99 49.50
C ASP F 273 -80.71 -50.13 48.85
N ASP F 274 -80.54 -50.34 47.54
CA ASP F 274 -81.15 -51.47 46.84
C ASP F 274 -80.20 -52.66 46.77
N LEU F 275 -78.90 -52.42 46.71
CA LEU F 275 -77.93 -53.49 46.49
C LEU F 275 -77.58 -54.28 47.74
N TYR F 276 -78.08 -53.89 48.91
CA TYR F 276 -77.76 -54.62 50.13
C TYR F 276 -78.95 -54.55 51.08
N ILE F 277 -78.81 -55.21 52.23
CA ILE F 277 -79.80 -55.21 53.28
C ILE F 277 -79.19 -54.56 54.51
N LYS F 278 -79.86 -53.53 55.03
CA LYS F 278 -79.30 -52.73 56.10
C LYS F 278 -78.94 -53.59 57.31
N GLY F 279 -77.69 -53.44 57.77
CA GLY F 279 -77.20 -54.24 58.87
C GLY F 279 -77.55 -53.65 60.24
N SER F 280 -77.02 -54.28 61.27
CA SER F 280 -77.25 -53.85 62.64
C SER F 280 -75.99 -54.03 63.49
N GLY F 281 -75.91 -53.32 64.61
CA GLY F 281 -74.79 -53.51 65.52
C GLY F 281 -73.49 -52.98 64.95
N SER F 282 -72.49 -53.85 64.87
CA SER F 282 -71.19 -53.44 64.34
C SER F 282 -71.24 -53.23 62.83
N THR F 283 -72.23 -53.80 62.17
CA THR F 283 -72.40 -53.65 60.72
C THR F 283 -73.40 -52.56 60.35
N ALA F 284 -73.53 -51.52 61.19
CA ALA F 284 -74.50 -50.47 60.92
C ALA F 284 -74.06 -49.56 59.78
N ASN F 285 -72.79 -49.16 59.80
CA ASN F 285 -72.24 -48.31 58.75
C ASN F 285 -71.33 -49.15 57.85
N LEU F 286 -71.54 -49.04 56.54
CA LEU F 286 -70.82 -49.87 55.59
C LEU F 286 -69.32 -49.58 55.63
N ALA F 287 -68.51 -50.63 55.66
CA ALA F 287 -67.09 -50.46 55.43
C ALA F 287 -66.87 -49.89 54.03
N SER F 288 -65.73 -49.24 53.84
CA SER F 288 -65.46 -48.58 52.58
C SER F 288 -65.44 -49.60 51.46
N SER F 289 -66.21 -49.32 50.40
CA SER F 289 -66.28 -50.19 49.23
C SER F 289 -65.48 -49.62 48.07
N ASN F 290 -64.41 -48.88 48.38
CA ASN F 290 -63.47 -48.40 47.36
C ASN F 290 -62.28 -49.35 47.40
N TYR F 291 -62.42 -50.48 46.73
CA TYR F 291 -61.38 -51.49 46.72
C TYR F 291 -60.30 -51.14 45.72
N PHE F 292 -59.07 -51.53 46.03
CA PHE F 292 -57.99 -51.38 45.09
C PHE F 292 -57.05 -52.55 45.23
N PRO F 293 -56.62 -53.15 44.11
CA PRO F 293 -55.70 -54.28 44.18
C PRO F 293 -54.26 -53.83 44.09
N THR F 294 -53.37 -54.72 44.52
CA THR F 294 -51.94 -54.47 44.39
C THR F 294 -51.43 -55.26 43.20
N PRO F 295 -50.94 -54.61 42.14
CA PRO F 295 -50.47 -55.35 40.98
C PRO F 295 -49.27 -56.21 41.33
N SER F 296 -48.96 -57.17 40.47
CA SER F 296 -47.75 -57.94 40.62
C SER F 296 -47.38 -58.51 39.25
N GLY F 297 -46.32 -57.99 38.66
CA GLY F 297 -45.77 -58.60 37.47
C GLY F 297 -44.98 -59.81 37.87
N SER F 298 -45.37 -60.98 37.37
CA SER F 298 -44.87 -62.23 37.91
C SER F 298 -43.46 -62.50 37.42
N MET F 299 -43.00 -63.74 37.58
CA MET F 299 -41.67 -64.18 37.20
C MET F 299 -41.17 -63.51 35.92
N VAL F 300 -39.97 -62.94 36.00
CA VAL F 300 -39.24 -62.50 34.81
C VAL F 300 -38.34 -63.64 34.36
N THR F 301 -38.41 -63.98 33.07
CA THR F 301 -37.63 -65.09 32.54
C THR F 301 -36.77 -64.59 31.41
N SER F 302 -35.80 -65.42 31.03
CA SER F 302 -34.88 -65.05 29.95
C SER F 302 -35.43 -65.46 28.59
N ASP F 303 -36.27 -66.47 28.52
CA ASP F 303 -36.82 -66.90 27.25
C ASP F 303 -37.89 -65.95 26.73
N ALA F 304 -38.42 -65.07 27.57
CA ALA F 304 -39.47 -64.15 27.19
C ALA F 304 -38.97 -62.74 26.94
N GLN F 305 -37.70 -62.59 26.56
CA GLN F 305 -37.13 -61.27 26.38
C GLN F 305 -37.41 -60.72 24.99
N ILE F 306 -37.75 -59.44 24.94
CA ILE F 306 -37.92 -58.72 23.69
C ILE F 306 -36.60 -58.19 23.14
N PHE F 307 -35.61 -57.99 23.99
CA PHE F 307 -34.39 -57.28 23.63
C PHE F 307 -33.23 -58.24 23.40
N ASN F 308 -32.08 -57.67 23.06
CA ASN F 308 -30.86 -58.41 22.74
C ASN F 308 -31.02 -59.27 21.49
N LYS F 309 -32.05 -59.03 20.69
CA LYS F 309 -32.27 -59.73 19.44
C LYS F 309 -32.27 -58.74 18.28
N PRO F 310 -31.82 -59.16 17.10
CA PRO F 310 -31.91 -58.29 15.93
C PRO F 310 -33.31 -58.30 15.35
N TYR F 311 -33.75 -57.13 14.87
CA TYR F 311 -35.10 -56.97 14.32
C TYR F 311 -34.97 -56.38 12.94
N TRP F 312 -35.24 -57.19 11.92
CA TRP F 312 -35.11 -56.76 10.54
C TRP F 312 -36.44 -56.25 10.03
N LEU F 313 -36.43 -55.03 9.48
CA LEU F 313 -37.63 -54.43 8.91
C LEU F 313 -37.76 -54.84 7.46
N GLN F 314 -38.61 -55.85 7.22
CA GLN F 314 -38.95 -56.20 5.85
C GLN F 314 -40.06 -55.30 5.32
N ARG F 315 -41.03 -54.98 6.16
CA ARG F 315 -42.20 -54.21 5.74
C ARG F 315 -42.79 -53.54 6.97
N ALA F 316 -42.73 -52.22 7.02
CA ALA F 316 -43.30 -51.50 8.15
C ALA F 316 -44.83 -51.63 8.14
N GLN F 317 -45.45 -51.22 9.25
CA GLN F 317 -46.87 -51.42 9.39
C GLN F 317 -47.67 -50.51 8.47
N GLY F 318 -47.28 -49.24 8.38
CA GLY F 318 -48.00 -48.24 7.63
C GLY F 318 -47.44 -48.04 6.24
N HIS F 319 -47.57 -46.81 5.75
CA HIS F 319 -47.12 -46.48 4.40
C HIS F 319 -45.67 -46.04 4.37
N ASN F 320 -45.15 -45.47 5.45
CA ASN F 320 -43.74 -45.13 5.55
C ASN F 320 -42.98 -46.41 5.87
N ASN F 321 -42.30 -46.97 4.88
CA ASN F 321 -41.66 -48.27 5.01
C ASN F 321 -40.24 -48.16 5.55
N GLY F 322 -40.09 -47.47 6.67
CA GLY F 322 -38.81 -47.38 7.32
C GLY F 322 -37.94 -46.21 6.91
N ILE F 323 -38.46 -45.26 6.16
CA ILE F 323 -37.67 -44.12 5.73
C ILE F 323 -37.54 -43.14 6.88
N CYS F 324 -36.31 -42.75 7.19
CA CYS F 324 -36.02 -41.86 8.33
C CYS F 324 -36.02 -40.43 7.82
N TRP F 325 -37.21 -39.86 7.70
CA TRP F 325 -37.35 -38.49 7.23
C TRP F 325 -36.68 -37.53 8.20
N GLY F 326 -36.13 -36.45 7.65
CA GLY F 326 -35.47 -35.47 8.49
C GLY F 326 -34.22 -35.95 9.18
N ASN F 327 -33.66 -37.08 8.74
CA ASN F 327 -32.46 -37.66 9.33
C ASN F 327 -32.62 -37.84 10.84
N GLN F 328 -33.59 -38.68 11.20
CA GLN F 328 -34.00 -38.82 12.58
C GLN F 328 -34.67 -40.17 12.76
N LEU F 329 -34.74 -40.63 14.00
CA LEU F 329 -35.33 -41.92 14.32
C LEU F 329 -35.55 -41.98 15.82
N PHE F 330 -36.65 -42.58 16.24
CA PHE F 330 -37.02 -42.64 17.64
C PHE F 330 -37.17 -44.10 18.06
N VAL F 331 -36.51 -44.47 19.15
CA VAL F 331 -36.60 -45.81 19.70
C VAL F 331 -37.15 -45.66 21.11
N THR F 332 -38.42 -45.98 21.30
CA THR F 332 -39.01 -46.01 22.62
C THR F 332 -38.80 -47.40 23.22
N VAL F 333 -38.29 -47.45 24.44
CA VAL F 333 -37.95 -48.71 25.07
C VAL F 333 -38.42 -48.68 26.52
N VAL F 334 -39.25 -49.65 26.88
CA VAL F 334 -39.61 -49.90 28.28
C VAL F 334 -39.31 -51.36 28.55
N ASP F 335 -38.70 -51.65 29.69
CA ASP F 335 -38.72 -53.00 30.23
C ASP F 335 -38.52 -52.96 31.73
N THR F 336 -39.49 -53.51 32.45
CA THR F 336 -39.43 -53.64 33.89
C THR F 336 -38.91 -55.00 34.32
N THR F 337 -38.09 -55.63 33.49
CA THR F 337 -37.50 -56.93 33.81
C THR F 337 -36.05 -56.83 34.23
N ARG F 338 -35.49 -55.62 34.27
CA ARG F 338 -34.14 -55.38 34.78
C ARG F 338 -34.16 -54.20 35.74
N SER F 339 -35.19 -54.13 36.58
CA SER F 339 -35.44 -52.97 37.42
C SER F 339 -35.06 -53.20 38.88
N THR F 340 -33.96 -53.92 39.14
CA THR F 340 -33.53 -54.14 40.51
C THR F 340 -32.88 -52.87 41.05
N ASN F 341 -33.45 -52.34 42.13
CA ASN F 341 -32.86 -51.20 42.82
C ASN F 341 -31.78 -51.72 43.75
N MET F 342 -30.58 -51.17 43.64
CA MET F 342 -29.48 -51.61 44.51
C MET F 342 -29.52 -50.83 45.81
N SER F 343 -29.49 -51.56 46.92
CA SER F 343 -29.60 -50.96 48.25
C SER F 343 -28.21 -50.82 48.84
N LEU F 344 -27.64 -49.63 48.74
CA LEU F 344 -26.30 -49.35 49.24
C LEU F 344 -26.38 -48.38 50.40
N CYS F 345 -25.59 -48.66 51.43
CA CYS F 345 -25.58 -47.88 52.66
C CYS F 345 -24.20 -47.32 52.92
N ALA F 346 -24.09 -46.51 53.96
CA ALA F 346 -22.82 -45.93 54.38
C ALA F 346 -22.80 -45.86 55.90
N ALA F 347 -21.61 -45.77 56.46
CA ALA F 347 -21.43 -45.68 57.90
C ALA F 347 -21.13 -44.25 58.31
N ILE F 348 -21.74 -43.79 59.39
CA ILE F 348 -21.47 -42.45 59.89
C ILE F 348 -20.13 -42.42 60.62
N SER F 349 -19.81 -43.46 61.37
CA SER F 349 -18.54 -43.59 62.07
C SER F 349 -18.04 -45.01 61.91
N THR F 350 -16.77 -45.14 61.51
CA THR F 350 -16.14 -46.45 61.38
C THR F 350 -15.52 -46.95 62.67
N SER F 351 -15.51 -46.13 63.72
CA SER F 351 -14.85 -46.48 64.98
C SER F 351 -15.69 -47.42 65.84
N GLU F 352 -16.99 -47.53 65.59
CA GLU F 352 -17.85 -48.33 66.45
C GLU F 352 -17.63 -49.82 66.18
N THR F 353 -17.77 -50.61 67.24
CA THR F 353 -17.58 -52.06 67.15
C THR F 353 -18.85 -52.85 67.37
N THR F 354 -19.96 -52.18 67.67
CA THR F 354 -21.27 -52.80 67.75
C THR F 354 -22.18 -52.22 66.66
N TYR F 355 -23.37 -52.78 66.55
CA TYR F 355 -24.34 -52.32 65.58
C TYR F 355 -25.28 -51.29 66.21
N LYS F 356 -25.73 -50.35 65.40
CA LYS F 356 -26.63 -49.30 65.87
C LYS F 356 -27.38 -48.75 64.68
N ASN F 357 -28.72 -48.80 64.72
CA ASN F 357 -29.51 -48.34 63.58
C ASN F 357 -29.26 -46.86 63.28
N THR F 358 -28.80 -46.09 64.25
CA THR F 358 -28.49 -44.69 64.01
C THR F 358 -27.07 -44.47 63.50
N ASN F 359 -26.32 -45.54 63.24
CA ASN F 359 -24.95 -45.41 62.77
C ASN F 359 -24.82 -45.53 61.27
N PHE F 360 -25.81 -46.10 60.59
CA PHE F 360 -25.72 -46.38 59.16
C PHE F 360 -26.81 -45.63 58.42
N LYS F 361 -26.41 -44.86 57.41
CA LYS F 361 -27.35 -44.11 56.58
C LYS F 361 -27.57 -44.90 55.30
N GLU F 362 -28.82 -45.28 55.05
CA GLU F 362 -29.13 -46.13 53.91
C GLU F 362 -29.60 -45.30 52.72
N TYR F 363 -29.34 -45.82 51.53
CA TYR F 363 -29.64 -45.12 50.28
C TYR F 363 -30.26 -46.11 49.29
N LEU F 364 -30.62 -45.60 48.12
CA LEU F 364 -31.15 -46.42 47.05
C LEU F 364 -30.57 -45.92 45.74
N ARG F 365 -30.34 -46.85 44.81
CA ARG F 365 -29.83 -46.49 43.49
C ARG F 365 -30.44 -47.42 42.46
N HIS F 366 -30.34 -47.03 41.20
CA HIS F 366 -30.77 -47.88 40.09
C HIS F 366 -29.95 -47.51 38.86
N GLY F 367 -29.35 -48.51 38.23
CA GLY F 367 -28.52 -48.25 37.08
C GLY F 367 -28.94 -49.00 35.84
N GLU F 368 -29.31 -48.26 34.79
CA GLU F 368 -29.69 -48.85 33.52
C GLU F 368 -28.50 -48.83 32.57
N GLU F 369 -28.50 -49.78 31.64
CA GLU F 369 -27.44 -49.87 30.64
C GLU F 369 -28.03 -50.29 29.32
N TYR F 370 -27.81 -49.48 28.29
CA TYR F 370 -28.32 -49.72 26.95
C TYR F 370 -27.16 -49.79 25.97
N ASP F 371 -27.44 -50.33 24.79
CA ASP F 371 -26.52 -50.28 23.67
C ASP F 371 -27.33 -50.51 22.41
N LEU F 372 -27.49 -49.49 21.59
CA LEU F 372 -28.31 -49.57 20.38
C LEU F 372 -27.42 -49.68 19.16
N GLN F 373 -27.72 -50.63 18.29
CA GLN F 373 -27.09 -50.75 17.00
C GLN F 373 -28.13 -50.75 15.91
N PHE F 374 -27.80 -50.14 14.77
CA PHE F 374 -28.73 -49.99 13.67
C PHE F 374 -28.03 -50.42 12.39
N ILE F 375 -28.82 -50.65 11.35
CA ILE F 375 -28.33 -50.86 10.00
C ILE F 375 -29.18 -50.04 9.07
N PHE F 376 -28.56 -49.06 8.41
CA PHE F 376 -29.28 -48.16 7.52
C PHE F 376 -28.90 -48.44 6.08
N GLN F 377 -29.77 -47.99 5.17
CA GLN F 377 -29.61 -48.24 3.74
C GLN F 377 -29.90 -46.96 3.00
N LEU F 378 -28.94 -46.47 2.22
CA LEU F 378 -29.11 -45.22 1.50
C LEU F 378 -30.21 -45.35 0.46
N CYS F 379 -31.04 -44.31 0.35
CA CYS F 379 -32.15 -44.27 -0.59
C CYS F 379 -32.14 -42.97 -1.36
N LYS F 380 -32.59 -43.00 -2.62
CA LYS F 380 -32.64 -41.83 -3.48
C LYS F 380 -34.08 -41.47 -3.81
N ILE F 381 -34.37 -40.17 -3.83
CA ILE F 381 -35.70 -39.65 -4.12
C ILE F 381 -35.55 -38.65 -5.26
N THR F 382 -35.83 -39.09 -6.48
CA THR F 382 -35.73 -38.21 -7.64
C THR F 382 -36.90 -37.23 -7.63
N LEU F 383 -36.64 -36.02 -7.12
CA LEU F 383 -37.67 -35.04 -6.85
C LEU F 383 -38.16 -34.42 -8.16
N THR F 384 -39.14 -35.06 -8.78
CA THR F 384 -39.84 -34.48 -9.90
C THR F 384 -40.92 -33.54 -9.39
N ALA F 385 -41.82 -33.10 -10.27
CA ALA F 385 -42.86 -32.16 -9.86
C ALA F 385 -43.83 -32.79 -8.87
N ASP F 386 -44.51 -33.86 -9.28
CA ASP F 386 -45.54 -34.45 -8.43
C ASP F 386 -44.95 -35.04 -7.15
N VAL F 387 -43.75 -35.63 -7.24
CA VAL F 387 -43.09 -36.12 -6.03
C VAL F 387 -42.79 -34.95 -5.10
N MET F 388 -42.47 -33.79 -5.66
CA MET F 388 -42.20 -32.61 -4.83
C MET F 388 -43.46 -32.14 -4.13
N THR F 389 -44.58 -32.06 -4.87
CA THR F 389 -45.83 -31.66 -4.24
C THR F 389 -46.24 -32.64 -3.15
N TYR F 390 -46.05 -33.93 -3.39
CA TYR F 390 -46.39 -34.93 -2.39
C TYR F 390 -45.53 -34.77 -1.14
N ILE F 391 -44.21 -34.72 -1.32
CA ILE F 391 -43.31 -34.60 -0.18
C ILE F 391 -43.59 -33.31 0.58
N HIS F 392 -44.04 -32.26 -0.12
CA HIS F 392 -44.33 -31.00 0.55
C HIS F 392 -45.61 -31.08 1.36
N SER F 393 -46.67 -31.67 0.78
CA SER F 393 -47.94 -31.77 1.49
C SER F 393 -47.84 -32.72 2.67
N MET F 394 -47.01 -33.76 2.55
CA MET F 394 -46.84 -34.70 3.66
C MET F 394 -46.15 -34.03 4.84
N ASN F 395 -45.01 -33.39 4.60
CA ASN F 395 -44.25 -32.69 5.63
C ASN F 395 -43.46 -31.59 4.91
N SER F 396 -43.71 -30.34 5.30
CA SER F 396 -43.06 -29.22 4.65
C SER F 396 -41.58 -29.14 5.05
N THR F 397 -41.29 -29.36 6.33
CA THR F 397 -39.92 -29.25 6.81
C THR F 397 -39.01 -30.28 6.18
N ILE F 398 -39.57 -31.37 5.64
CA ILE F 398 -38.76 -32.32 4.88
C ILE F 398 -38.18 -31.64 3.65
N LEU F 399 -39.06 -31.14 2.78
CA LEU F 399 -38.62 -30.50 1.54
C LEU F 399 -37.88 -29.20 1.80
N GLU F 400 -38.04 -28.60 2.98
CA GLU F 400 -37.38 -27.33 3.26
C GLU F 400 -36.00 -27.52 3.88
N ASP F 401 -35.86 -28.44 4.84
CA ASP F 401 -34.60 -28.58 5.56
C ASP F 401 -33.48 -29.15 4.69
N TRP F 402 -33.78 -29.61 3.48
CA TRP F 402 -32.79 -29.69 2.41
C TRP F 402 -33.21 -28.68 1.35
N ASN F 403 -32.38 -27.68 1.11
CA ASN F 403 -32.75 -26.51 0.33
C ASN F 403 -32.74 -26.89 -1.14
N PHE F 404 -33.84 -27.51 -1.58
CA PHE F 404 -33.92 -28.01 -2.95
C PHE F 404 -34.32 -26.93 -3.94
N GLY F 405 -35.55 -26.42 -3.82
CA GLY F 405 -36.03 -25.42 -4.75
C GLY F 405 -35.94 -24.00 -4.23
N LEU F 406 -34.72 -23.53 -3.94
CA LEU F 406 -34.51 -22.19 -3.41
C LEU F 406 -33.31 -21.54 -4.10
N GLN F 407 -33.49 -20.29 -4.52
CA GLN F 407 -32.36 -19.47 -4.97
C GLN F 407 -31.80 -18.68 -3.81
N PRO F 408 -30.58 -18.15 -3.91
CA PRO F 408 -30.09 -17.21 -2.91
C PRO F 408 -30.94 -15.95 -2.90
N PRO F 409 -31.42 -15.54 -1.73
CA PRO F 409 -32.13 -14.26 -1.63
C PRO F 409 -31.21 -13.11 -1.97
N PRO F 410 -31.75 -12.01 -2.51
CA PRO F 410 -30.89 -10.93 -3.01
C PRO F 410 -30.03 -10.25 -1.94
N GLY F 411 -30.32 -10.51 -0.67
CA GLY F 411 -29.59 -9.84 0.40
C GLY F 411 -28.22 -10.44 0.63
N GLY F 412 -28.17 -11.72 0.99
CA GLY F 412 -26.94 -12.40 1.33
C GLY F 412 -26.96 -12.94 2.75
N THR F 413 -25.93 -13.73 3.04
CA THR F 413 -25.84 -14.41 4.34
C THR F 413 -24.43 -14.27 4.92
N LEU F 414 -23.88 -13.06 4.90
CA LEU F 414 -22.54 -12.80 5.43
C LEU F 414 -22.64 -12.52 6.92
N GLU F 415 -22.51 -13.58 7.72
CA GLU F 415 -22.53 -13.45 9.17
C GLU F 415 -21.34 -12.63 9.66
N ASP F 416 -21.51 -11.97 10.80
CA ASP F 416 -20.41 -11.30 11.49
C ASP F 416 -20.14 -12.04 12.79
N THR F 417 -19.01 -12.74 12.83
CA THR F 417 -18.64 -13.53 13.99
C THR F 417 -17.49 -12.84 14.73
N TYR F 418 -17.66 -12.63 16.03
CA TYR F 418 -16.62 -12.08 16.87
C TYR F 418 -15.83 -13.21 17.51
N ARG F 419 -14.50 -13.09 17.53
CA ARG F 419 -13.65 -14.17 18.04
C ARG F 419 -13.70 -14.34 19.54
N PHE F 420 -14.15 -13.34 20.31
CA PHE F 420 -14.29 -13.47 21.75
C PHE F 420 -15.74 -13.11 22.08
N VAL F 421 -16.65 -14.08 21.93
CA VAL F 421 -18.03 -13.80 22.29
C VAL F 421 -18.31 -14.30 23.71
N THR F 422 -17.75 -13.61 24.69
CA THR F 422 -18.28 -13.56 26.04
C THR F 422 -17.98 -12.17 26.58
N SER F 423 -17.10 -11.46 25.89
CA SER F 423 -16.46 -10.26 26.42
C SER F 423 -17.47 -9.12 26.54
N GLN F 424 -17.05 -8.09 27.25
CA GLN F 424 -17.85 -6.89 27.39
C GLN F 424 -17.52 -5.96 26.23
N ALA F 425 -18.47 -5.08 25.93
CA ALA F 425 -18.35 -4.08 24.86
C ALA F 425 -18.35 -4.71 23.47
N ILE F 426 -19.06 -5.84 23.32
CA ILE F 426 -19.67 -6.10 22.02
C ILE F 426 -21.13 -6.51 22.19
N ALA F 427 -21.96 -5.55 22.54
CA ALA F 427 -23.38 -5.42 22.22
C ALA F 427 -24.30 -6.58 22.58
N CYS F 428 -23.80 -7.81 22.71
CA CYS F 428 -24.66 -8.98 22.92
C CYS F 428 -23.83 -10.24 22.81
N GLN F 429 -24.51 -11.38 23.00
CA GLN F 429 -24.04 -12.66 22.49
C GLN F 429 -24.48 -12.81 21.03
N LYS F 430 -25.41 -11.94 20.62
CA LYS F 430 -25.88 -11.75 19.23
C LYS F 430 -26.74 -12.88 18.69
N HIS F 431 -26.91 -13.97 19.44
CA HIS F 431 -27.85 -15.00 18.98
C HIS F 431 -28.77 -15.45 20.09
N THR F 432 -29.80 -14.67 20.38
CA THR F 432 -30.91 -15.07 21.24
C THR F 432 -32.05 -15.79 20.51
N PRO F 433 -32.56 -15.28 19.40
CA PRO F 433 -33.83 -15.80 18.87
C PRO F 433 -33.62 -17.04 18.01
N PRO F 434 -34.35 -18.12 18.28
CA PRO F 434 -34.23 -19.33 17.44
C PRO F 434 -35.13 -19.23 16.21
N ALA F 435 -34.73 -18.41 15.25
CA ALA F 435 -35.53 -18.25 14.04
C ALA F 435 -35.35 -19.39 13.04
N PRO F 436 -34.13 -19.72 12.60
CA PRO F 436 -34.00 -20.69 11.51
C PRO F 436 -33.79 -22.12 12.01
N LYS F 437 -34.42 -23.07 11.31
CA LYS F 437 -34.24 -24.51 11.51
C LYS F 437 -34.29 -24.86 13.01
N GLU F 438 -35.46 -24.66 13.59
CA GLU F 438 -35.74 -25.08 14.96
C GLU F 438 -36.85 -26.12 14.92
N ASP F 439 -36.48 -27.38 15.08
CA ASP F 439 -37.45 -28.46 15.09
C ASP F 439 -38.43 -28.24 16.24
N PRO F 440 -39.73 -28.50 16.02
CA PRO F 440 -40.73 -28.20 17.07
C PRO F 440 -40.62 -29.09 18.29
N LEU F 441 -39.61 -29.96 18.37
CA LEU F 441 -39.37 -30.76 19.57
C LEU F 441 -38.50 -30.03 20.58
N LYS F 442 -38.43 -28.71 20.50
CA LYS F 442 -37.82 -27.86 21.50
C LYS F 442 -38.40 -28.16 22.88
N LYS F 443 -39.69 -28.50 22.91
CA LYS F 443 -40.45 -28.61 24.15
C LYS F 443 -40.24 -29.93 24.87
N TYR F 444 -39.90 -31.00 24.15
CA TYR F 444 -39.84 -32.34 24.73
C TYR F 444 -38.40 -32.71 25.05
N THR F 445 -38.25 -33.59 26.03
CA THR F 445 -36.94 -34.06 26.49
C THR F 445 -36.76 -35.52 26.10
N PHE F 446 -35.77 -35.79 25.26
CA PHE F 446 -35.44 -37.13 24.81
C PHE F 446 -34.01 -37.46 25.23
N TRP F 447 -33.65 -38.73 25.06
CA TRP F 447 -32.27 -39.19 25.30
C TRP F 447 -31.50 -39.02 24.00
N GLU F 448 -31.20 -37.76 23.67
CA GLU F 448 -30.62 -37.43 22.38
C GLU F 448 -29.34 -38.22 22.14
N VAL F 449 -29.36 -39.09 21.13
CA VAL F 449 -28.23 -39.92 20.75
C VAL F 449 -27.70 -39.41 19.43
N ASN F 450 -26.41 -39.13 19.37
CA ASN F 450 -25.78 -38.49 18.21
C ASN F 450 -24.96 -39.53 17.47
N LEU F 451 -25.51 -40.05 16.36
CA LEU F 451 -24.84 -41.03 15.52
C LEU F 451 -24.27 -40.42 14.25
N LYS F 452 -23.81 -39.17 14.32
CA LYS F 452 -23.24 -38.53 13.15
C LYS F 452 -21.82 -38.97 12.86
N GLU F 453 -21.07 -39.39 13.89
CA GLU F 453 -19.70 -39.83 13.73
C GLU F 453 -19.55 -41.33 13.85
N LYS F 454 -20.66 -42.07 13.83
CA LYS F 454 -20.66 -43.48 14.14
C LYS F 454 -21.04 -44.38 12.97
N PHE F 455 -21.26 -43.84 11.78
CA PHE F 455 -21.60 -44.67 10.63
C PHE F 455 -20.34 -45.32 10.07
N SER F 456 -20.49 -46.57 9.63
CA SER F 456 -19.37 -47.33 9.11
C SER F 456 -19.87 -48.32 8.06
N ALA F 457 -19.26 -48.28 6.88
CA ALA F 457 -19.65 -49.19 5.81
C ALA F 457 -19.05 -50.58 5.97
N ASP F 458 -18.15 -50.77 6.93
CA ASP F 458 -17.60 -52.08 7.25
C ASP F 458 -18.62 -52.83 8.09
N LEU F 459 -19.48 -53.60 7.43
CA LEU F 459 -20.57 -54.25 8.15
C LEU F 459 -20.05 -55.40 9.01
N ASP F 460 -19.20 -56.26 8.46
CA ASP F 460 -18.83 -57.48 9.17
C ASP F 460 -17.94 -57.23 10.37
N GLN F 461 -17.63 -55.99 10.71
CA GLN F 461 -16.78 -55.70 11.86
C GLN F 461 -17.57 -55.52 13.14
N PHE F 462 -18.89 -55.42 13.07
CA PHE F 462 -19.74 -55.18 14.21
C PHE F 462 -20.72 -56.33 14.38
N PRO F 463 -21.16 -56.60 15.61
CA PRO F 463 -22.03 -57.78 15.82
C PRO F 463 -23.32 -57.75 15.02
N LEU F 464 -24.07 -56.64 15.06
CA LEU F 464 -25.26 -56.56 14.22
C LEU F 464 -24.89 -56.53 12.74
N GLY F 465 -23.71 -56.02 12.40
CA GLY F 465 -23.30 -56.02 11.01
C GLY F 465 -23.15 -57.42 10.45
N ARG F 466 -22.48 -58.30 11.19
CA ARG F 466 -22.31 -59.66 10.70
C ARG F 466 -23.56 -60.50 10.91
N LYS F 467 -24.41 -60.16 11.88
CA LYS F 467 -25.74 -60.77 11.91
C LYS F 467 -26.53 -60.45 10.66
N PHE F 468 -26.49 -59.19 10.22
CA PHE F 468 -27.17 -58.80 9.00
C PHE F 468 -26.56 -59.49 7.79
N LEU F 469 -25.24 -59.60 7.75
CA LEU F 469 -24.59 -60.30 6.65
C LEU F 469 -25.03 -61.75 6.58
N LEU F 470 -25.12 -62.42 7.74
CA LEU F 470 -25.64 -63.78 7.77
C LEU F 470 -27.07 -63.85 7.24
N GLN F 471 -27.95 -63.02 7.80
CA GLN F 471 -29.36 -63.05 7.40
C GLN F 471 -29.52 -62.81 5.90
N ALA F 472 -28.69 -61.92 5.33
CA ALA F 472 -28.73 -61.66 3.90
C ALA F 472 -28.03 -62.74 3.10
N GLY F 473 -27.15 -63.51 3.72
CA GLY F 473 -26.44 -64.58 3.04
C GLY F 473 -25.10 -64.20 2.47
N LEU F 474 -24.57 -63.03 2.80
CA LEU F 474 -23.34 -62.53 2.23
C LEU F 474 -22.18 -62.74 3.19
N LYS F 475 -20.98 -62.39 2.72
CA LYS F 475 -19.78 -62.38 3.54
C LYS F 475 -18.75 -61.52 2.85
N ALA F 476 -17.91 -60.86 3.65
CA ALA F 476 -16.91 -59.96 3.10
C ALA F 476 -15.95 -60.70 2.19
N LYS F 477 -15.53 -60.05 1.11
CA LYS F 477 -14.60 -60.67 0.19
C LYS F 477 -13.26 -60.91 0.90
N PRO F 478 -12.62 -62.04 0.67
CA PRO F 478 -11.47 -62.42 1.49
C PRO F 478 -10.30 -61.47 1.32
N LYS F 479 -9.64 -61.17 2.45
CA LYS F 479 -8.38 -60.44 2.40
C LYS F 479 -7.20 -61.38 2.22
N PHE F 480 -7.37 -62.65 2.57
CA PHE F 480 -6.35 -63.67 2.42
C PHE F 480 -6.78 -64.70 1.38
N THR F 481 -5.79 -65.34 0.77
CA THR F 481 -6.03 -66.33 -0.28
C THR F 481 -6.42 -67.66 0.35
N LEU F 482 -6.34 -68.75 -0.44
CA LEU F 482 -6.80 -70.07 -0.03
C LEU F 482 -6.33 -70.47 1.35
N GLY F 483 -7.11 -71.30 2.03
CA GLY F 483 -6.94 -71.59 3.44
C GLY F 483 -8.29 -71.66 4.09
N LYS F 484 -9.34 -71.52 3.26
CA LYS F 484 -10.72 -71.46 3.72
C LYS F 484 -11.14 -72.68 4.53
N ARG F 485 -12.25 -72.53 5.26
CA ARG F 485 -12.68 -73.48 6.29
C ARG F 485 -11.61 -73.60 7.37
#